data_3CLW
#
_entry.id   3CLW
#
_cell.length_a   87.530
_cell.length_b   116.258
_cell.length_c   393.350
_cell.angle_alpha   90.000
_cell.angle_beta   90.000
_cell.angle_gamma   90.000
#
_symmetry.space_group_name_H-M   'P 21 21 21'
#
loop_
_entity.id
_entity.type
_entity.pdbx_description
1 polymer 'Conserved exported protein'
2 water water
#
_entity_poly.entity_id   1
_entity_poly.type   'polypeptide(L)'
_entity_poly.pdbx_seq_one_letter_code
;MSLNKKVFIIDKQTVYQEIDNFSASDAWRCAFIGKNWPQEKKEKIADLLFKREFDEKGNPIGMALTNWRVNIGAGSYENR
EAKEVDNSWNRTECFLSPDGKYDFTKQAGQQWFMKAARERGMNNFLFFTNSAPYFMTRSASTVSTDQDCINLQNDKFDDF
ARFLVKSAQHFREQGFHVNYISPNNEPNGQWHANSFQEGSFATKADLYRMVEELDKAISEAQIDTKILIPEVGDMKYLFE
IDSIAKTPDDIIHSMFYKDGQYSVLKFKNLFNCVAAHDYWSAYPATLLVDIRNRIHKELSANGHNTKFWASEYCILEKNE
EITMPASPERSINLGLYVARIIHNDLTLANASAWQWWTAVSLGEDVPIQLLPLEGSNGLSLQYDGEISTTKMLWTTANYS
FFVRPGMKRIAIKPTYKISDLEAATSLMISSYTDGKEVVTVAINYSKENQVISLNCDHAQKGKVYLTTIDKNLRYMGEQP
LKKLQLPARSVATIVVEDNEGHHHHHH
;
_entity_poly.pdbx_strand_id   A,B,C,D,E,F
#
# COMPACT_ATOMS: atom_id res chain seq x y z
N LYS A 5 54.69 12.62 -16.45
CA LYS A 5 53.43 13.29 -15.97
C LYS A 5 52.54 13.78 -17.13
N LYS A 6 51.23 13.52 -17.02
CA LYS A 6 50.31 13.78 -18.11
C LYS A 6 49.37 14.93 -17.76
N VAL A 7 48.98 15.71 -18.76
CA VAL A 7 48.20 16.93 -18.53
C VAL A 7 46.89 16.92 -19.30
N PHE A 8 45.78 17.13 -18.56
CA PHE A 8 44.45 17.07 -19.15
C PHE A 8 43.76 18.40 -19.01
N ILE A 9 43.18 18.86 -20.11
CA ILE A 9 42.43 20.10 -20.13
C ILE A 9 40.96 19.80 -20.29
N ILE A 10 40.18 20.31 -19.34
CA ILE A 10 38.74 20.19 -19.30
C ILE A 10 38.15 21.36 -20.08
N ASP A 11 37.23 21.05 -20.99
CA ASP A 11 36.61 22.09 -21.80
C ASP A 11 35.07 22.14 -21.60
N LYS A 12 34.65 23.05 -20.73
CA LYS A 12 33.23 23.26 -20.42
C LYS A 12 32.37 23.69 -21.62
N GLN A 13 33.02 24.12 -22.70
CA GLN A 13 32.33 24.56 -23.89
C GLN A 13 32.00 23.46 -24.88
N THR A 14 32.66 22.31 -24.74
CA THR A 14 32.40 21.15 -25.58
C THR A 14 31.57 20.15 -24.77
N VAL A 15 30.28 20.08 -25.07
CA VAL A 15 29.30 19.33 -24.30
C VAL A 15 28.84 18.09 -25.09
N TYR A 16 28.77 16.94 -24.42
CA TYR A 16 28.18 15.73 -25.01
C TYR A 16 26.78 15.41 -24.46
N GLN A 17 26.52 14.14 -24.12
CA GLN A 17 25.18 13.68 -23.69
C GLN A 17 24.80 14.18 -22.29
N GLU A 18 23.50 14.24 -22.05
CA GLU A 18 22.92 14.44 -20.73
C GLU A 18 22.89 13.09 -19.98
N ILE A 19 23.24 13.11 -18.70
CA ILE A 19 23.14 11.89 -17.85
C ILE A 19 21.72 11.72 -17.31
N ASP A 20 21.16 10.53 -17.52
CA ASP A 20 19.86 10.17 -16.95
C ASP A 20 20.03 9.56 -15.56
N ASN A 21 20.78 8.46 -15.45
CA ASN A 21 20.90 7.73 -14.16
C ASN A 21 21.99 6.70 -14.17
N PHE A 22 22.22 6.12 -13.00
CA PHE A 22 22.90 4.86 -12.85
C PHE A 22 21.90 4.01 -12.07
N SER A 23 21.84 2.74 -12.40
CA SER A 23 20.75 1.94 -11.96
C SER A 23 21.20 0.52 -11.60
N ALA A 24 20.29 -0.25 -11.02
CA ALA A 24 20.46 -1.69 -10.87
C ALA A 24 19.06 -2.28 -10.79
N SER A 25 19.00 -3.61 -10.65
CA SER A 25 17.76 -4.33 -10.80
C SER A 25 17.38 -5.04 -9.48
N ASP A 26 16.08 -5.08 -9.19
CA ASP A 26 15.53 -5.80 -8.04
C ASP A 26 15.28 -7.31 -8.25
N ALA A 27 15.71 -7.84 -9.40
CA ALA A 27 15.17 -9.13 -9.88
C ALA A 27 15.52 -10.29 -8.94
N TRP A 28 14.53 -11.18 -8.74
CA TRP A 28 14.73 -12.47 -8.08
C TRP A 28 14.90 -12.40 -6.57
N ARG A 29 15.94 -11.70 -6.11
CA ARG A 29 16.38 -11.75 -4.72
C ARG A 29 15.76 -10.74 -3.76
N CYS A 30 15.47 -9.54 -4.28
CA CYS A 30 14.90 -8.48 -3.47
C CYS A 30 13.51 -8.79 -2.95
N ALA A 31 12.78 -9.65 -3.67
CA ALA A 31 11.50 -10.14 -3.16
C ALA A 31 11.71 -10.84 -1.80
N PHE A 32 12.82 -11.57 -1.66
CA PHE A 32 13.09 -12.30 -0.42
C PHE A 32 13.64 -11.39 0.65
N ILE A 33 14.61 -10.57 0.28
CA ILE A 33 15.25 -9.67 1.20
C ILE A 33 14.25 -8.66 1.77
N GLY A 34 13.44 -8.07 0.89
CA GLY A 34 12.51 -7.05 1.33
C GLY A 34 11.40 -7.59 2.20
N LYS A 35 11.11 -8.87 2.08
CA LYS A 35 10.04 -9.48 2.83
C LYS A 35 10.50 -10.17 4.11
N ASN A 36 11.67 -10.81 4.05
CA ASN A 36 12.13 -11.71 5.09
C ASN A 36 13.34 -11.29 5.90
N TRP A 37 14.27 -10.56 5.28
CA TRP A 37 15.53 -10.28 5.98
C TRP A 37 15.29 -9.38 7.20
N PRO A 38 16.18 -9.46 8.22
CA PRO A 38 16.16 -8.53 9.35
C PRO A 38 16.17 -7.06 8.92
N GLN A 39 15.37 -6.26 9.59
CA GLN A 39 15.18 -4.84 9.30
C GLN A 39 16.49 -4.12 9.09
N GLU A 40 17.42 -4.32 10.01
CA GLU A 40 18.67 -3.56 9.96
C GLU A 40 19.49 -3.91 8.75
N LYS A 41 19.42 -5.16 8.32
CA LYS A 41 20.15 -5.60 7.12
C LYS A 41 19.51 -5.07 5.81
N LYS A 42 18.20 -5.23 5.66
CA LYS A 42 17.37 -4.54 4.64
C LYS A 42 17.76 -3.06 4.47
N GLU A 43 17.79 -2.35 5.60
CA GLU A 43 18.05 -0.91 5.62
C GLU A 43 19.45 -0.60 5.18
N LYS A 44 20.40 -1.39 5.66
CA LYS A 44 21.79 -1.28 5.25
C LYS A 44 21.97 -1.46 3.73
N ILE A 45 21.35 -2.49 3.16
CA ILE A 45 21.38 -2.71 1.69
C ILE A 45 20.80 -1.45 1.00
N ALA A 46 19.61 -1.02 1.43
CA ALA A 46 19.00 0.19 0.88
C ALA A 46 19.91 1.44 0.95
N ASP A 47 20.62 1.61 2.06
CA ASP A 47 21.60 2.67 2.15
C ASP A 47 22.73 2.53 1.10
N LEU A 48 23.32 1.33 0.97
CA LEU A 48 24.41 1.09 -0.02
C LEU A 48 23.97 1.40 -1.45
N LEU A 49 22.67 1.23 -1.71
CA LEU A 49 22.12 1.36 -3.07
C LEU A 49 21.73 2.79 -3.41
N PHE A 50 21.09 3.49 -2.47
CA PHE A 50 20.31 4.69 -2.78
C PHE A 50 20.71 5.98 -2.07
N LYS A 51 21.36 5.87 -0.91
CA LYS A 51 21.47 7.02 -0.01
C LYS A 51 22.68 7.85 -0.40
N ARG A 52 22.43 9.09 -0.81
CA ARG A 52 23.52 9.96 -1.23
C ARG A 52 24.03 10.80 -0.04
N GLU A 53 24.86 10.19 0.80
CA GLU A 53 25.40 10.84 2.00
C GLU A 53 26.83 10.39 2.22
N PHE A 54 27.54 11.17 3.03
CA PHE A 54 28.89 10.84 3.46
C PHE A 54 28.79 10.35 4.88
N ASP A 55 29.66 9.41 5.24
CA ASP A 55 29.84 8.99 6.62
C ASP A 55 30.56 10.09 7.43
N GLU A 56 30.96 9.73 8.65
CA GLU A 56 31.52 10.70 9.63
C GLU A 56 32.86 11.28 9.14
N LYS A 57 33.61 10.47 8.39
CA LYS A 57 34.95 10.86 7.90
C LYS A 57 34.98 11.43 6.47
N GLY A 58 33.81 11.60 5.86
CA GLY A 58 33.70 12.26 4.55
C GLY A 58 33.66 11.31 3.37
N ASN A 59 33.47 10.01 3.65
CA ASN A 59 33.42 8.95 2.62
C ASN A 59 32.00 8.70 2.17
N PRO A 60 31.77 8.60 0.84
CA PRO A 60 30.45 8.26 0.30
C PRO A 60 29.96 6.95 0.91
N ILE A 61 28.68 6.84 1.24
CA ILE A 61 28.24 5.62 1.90
C ILE A 61 27.85 4.48 0.96
N GLY A 62 27.79 4.76 -0.34
CA GLY A 62 27.26 3.80 -1.30
C GLY A 62 27.25 4.29 -2.73
N MET A 63 26.54 3.58 -3.60
CA MET A 63 26.42 3.96 -5.00
C MET A 63 25.55 5.20 -5.21
N ALA A 64 24.58 5.43 -4.32
CA ALA A 64 23.52 6.41 -4.50
C ALA A 64 22.96 6.37 -5.95
N LEU A 65 22.50 5.19 -6.34
CA LEU A 65 21.83 5.00 -7.61
C LEU A 65 20.65 5.95 -7.80
N THR A 66 20.38 6.28 -9.05
CA THR A 66 19.42 7.30 -9.37
C THR A 66 18.30 6.82 -10.27
N ASN A 67 18.27 5.53 -10.55
CA ASN A 67 17.11 4.83 -11.10
C ASN A 67 17.10 3.46 -10.41
N TRP A 68 15.95 2.79 -10.40
CA TRP A 68 15.84 1.42 -9.84
C TRP A 68 14.95 0.61 -10.77
N ARG A 69 15.44 -0.56 -11.20
CA ARG A 69 14.65 -1.36 -12.14
C ARG A 69 13.84 -2.43 -11.39
N VAL A 70 12.51 -2.36 -11.52
CA VAL A 70 11.59 -3.27 -10.86
C VAL A 70 11.04 -4.33 -11.84
N ASN A 71 11.25 -5.60 -11.49
CA ASN A 71 10.74 -6.73 -12.27
C ASN A 71 9.27 -6.98 -11.95
N ILE A 72 8.41 -6.54 -12.86
CA ILE A 72 7.00 -6.82 -12.78
C ILE A 72 6.82 -8.30 -13.13
N GLY A 73 6.30 -9.06 -12.18
CA GLY A 73 6.15 -10.50 -12.32
C GLY A 73 5.11 -10.97 -13.32
N ALA A 74 5.30 -12.19 -13.80
CA ALA A 74 4.52 -12.78 -14.88
C ALA A 74 3.79 -13.98 -14.32
N GLY A 75 4.00 -14.26 -13.02
CA GLY A 75 3.25 -15.26 -12.30
C GLY A 75 3.75 -16.68 -12.43
N SER A 76 5.03 -16.86 -12.69
CA SER A 76 5.57 -18.20 -12.70
C SER A 76 5.47 -18.83 -11.27
N TYR A 77 5.28 -18.00 -10.26
CA TYR A 77 5.05 -18.50 -8.91
C TYR A 77 3.64 -19.08 -8.75
N GLU A 78 2.58 -18.33 -9.09
CA GLU A 78 1.21 -18.90 -9.05
C GLU A 78 1.09 -20.13 -9.98
N ASN A 79 1.84 -20.16 -11.08
CA ASN A 79 1.69 -21.16 -12.12
C ASN A 79 2.72 -22.26 -11.95
N ARG A 80 3.31 -22.37 -10.76
CA ARG A 80 4.51 -23.20 -10.62
C ARG A 80 4.32 -24.71 -10.81
N GLU A 81 3.10 -25.22 -10.66
CA GLU A 81 2.78 -26.65 -10.91
C GLU A 81 2.82 -27.02 -12.40
N ALA A 82 2.88 -26.00 -13.28
CA ALA A 82 2.98 -26.17 -14.72
C ALA A 82 4.43 -26.46 -15.10
N LYS A 83 4.75 -26.47 -16.39
CA LYS A 83 6.15 -26.55 -16.84
C LYS A 83 6.75 -25.14 -16.77
N GLU A 84 7.13 -24.74 -15.56
CA GLU A 84 7.47 -23.35 -15.26
C GLU A 84 8.93 -23.18 -14.84
N VAL A 85 9.29 -21.96 -14.43
CA VAL A 85 10.60 -21.71 -13.80
C VAL A 85 10.88 -22.80 -12.77
N ASP A 86 12.08 -23.36 -12.85
CA ASP A 86 12.39 -24.61 -12.12
C ASP A 86 12.97 -24.44 -10.71
N ASN A 87 12.95 -23.22 -10.18
CA ASN A 87 13.53 -22.96 -8.88
C ASN A 87 12.77 -21.83 -8.19
N SER A 88 12.95 -21.75 -6.87
CA SER A 88 12.15 -20.88 -6.05
C SER A 88 12.66 -19.44 -6.01
N TRP A 89 13.94 -19.24 -6.29
CA TRP A 89 14.50 -17.88 -6.32
C TRP A 89 13.89 -17.01 -7.43
N ASN A 90 13.71 -17.62 -8.61
CA ASN A 90 13.52 -16.89 -9.86
C ASN A 90 12.07 -16.81 -10.33
N ARG A 91 11.17 -17.40 -9.55
CA ARG A 91 9.73 -17.31 -9.80
C ARG A 91 9.21 -15.96 -9.33
N THR A 92 8.17 -15.47 -10.00
CA THR A 92 7.57 -14.17 -9.68
C THR A 92 6.08 -14.32 -9.48
N GLU A 93 5.50 -13.54 -8.58
CA GLU A 93 4.07 -13.41 -8.56
C GLU A 93 3.56 -12.54 -9.73
N CYS A 94 2.25 -12.47 -9.91
CA CYS A 94 1.67 -11.59 -10.91
C CYS A 94 0.53 -10.83 -10.25
N PHE A 95 0.52 -9.51 -10.40
CA PHE A 95 -0.61 -8.70 -9.91
C PHE A 95 -1.97 -9.13 -10.53
N LEU A 96 -1.94 -9.59 -11.78
CA LEU A 96 -3.15 -9.95 -12.48
C LEU A 96 -3.32 -11.46 -12.49
N SER A 97 -4.56 -11.90 -12.33
CA SER A 97 -4.88 -13.30 -12.36
C SER A 97 -5.75 -13.66 -13.58
N PRO A 98 -5.81 -14.97 -13.92
CA PRO A 98 -6.52 -15.35 -15.14
C PRO A 98 -8.01 -14.92 -15.19
N ASP A 99 -8.65 -14.72 -14.04
CA ASP A 99 -9.98 -14.11 -14.03
C ASP A 99 -10.03 -12.59 -14.26
N GLY A 100 -8.87 -11.96 -14.49
CA GLY A 100 -8.84 -10.53 -14.75
C GLY A 100 -8.90 -9.63 -13.52
N LYS A 101 -8.79 -10.20 -12.32
CA LYS A 101 -8.71 -9.41 -11.09
C LYS A 101 -7.27 -9.04 -10.71
N TYR A 102 -7.12 -7.90 -10.04
CA TYR A 102 -5.80 -7.41 -9.66
C TYR A 102 -5.60 -7.56 -8.17
N ASP A 103 -4.43 -8.08 -7.80
CA ASP A 103 -4.02 -8.12 -6.40
C ASP A 103 -2.69 -7.38 -6.23
N PHE A 104 -2.76 -6.12 -5.81
CA PHE A 104 -1.55 -5.32 -5.64
C PHE A 104 -0.80 -5.54 -4.30
N THR A 105 -1.23 -6.53 -3.52
CA THR A 105 -0.49 -6.86 -2.30
C THR A 105 0.63 -7.85 -2.59
N LYS A 106 0.71 -8.36 -3.83
CA LYS A 106 1.79 -9.27 -4.21
C LYS A 106 3.09 -8.49 -4.49
N GLN A 107 4.21 -9.19 -4.71
CA GLN A 107 5.50 -8.53 -4.93
C GLN A 107 5.88 -7.61 -3.74
N ALA A 108 5.53 -8.04 -2.51
CA ALA A 108 5.68 -7.24 -1.29
C ALA A 108 7.13 -6.87 -1.02
N GLY A 109 8.04 -7.84 -1.15
CA GLY A 109 9.45 -7.59 -0.89
C GLY A 109 9.99 -6.50 -1.83
N GLN A 110 9.60 -6.58 -3.09
CA GLN A 110 10.01 -5.57 -4.06
C GLN A 110 9.40 -4.20 -3.78
N GLN A 111 8.15 -4.19 -3.29
CA GLN A 111 7.53 -2.92 -2.91
C GLN A 111 8.21 -2.30 -1.71
N TRP A 112 8.69 -3.12 -0.78
CA TRP A 112 9.51 -2.61 0.33
C TRP A 112 10.72 -1.83 -0.21
N PHE A 113 11.45 -2.42 -1.17
CA PHE A 113 12.59 -1.76 -1.82
C PHE A 113 12.25 -0.44 -2.50
N MET A 114 11.12 -0.39 -3.20
CA MET A 114 10.61 0.90 -3.73
C MET A 114 10.45 1.93 -2.63
N LYS A 115 9.79 1.55 -1.54
CA LYS A 115 9.57 2.45 -0.42
C LYS A 115 10.88 2.90 0.23
N ALA A 116 11.85 2.00 0.35
CA ALA A 116 13.15 2.31 0.94
C ALA A 116 13.97 3.27 0.09
N ALA A 117 13.93 3.07 -1.22
CA ALA A 117 14.54 3.98 -2.19
C ALA A 117 13.95 5.39 -2.06
N ARG A 118 12.62 5.49 -2.12
CA ARG A 118 11.97 6.81 -2.07
C ARG A 118 12.35 7.53 -0.77
N GLU A 119 12.32 6.77 0.33
CA GLU A 119 12.71 7.26 1.67
C GLU A 119 14.08 7.90 1.69
N ARG A 120 14.97 7.37 0.85
CA ARG A 120 16.33 7.87 0.71
C ARG A 120 16.49 8.87 -0.43
N GLY A 121 15.37 9.38 -0.94
CA GLY A 121 15.41 10.50 -1.90
C GLY A 121 15.59 10.06 -3.36
N MET A 122 15.33 8.78 -3.63
CA MET A 122 15.44 8.27 -4.99
C MET A 122 14.02 7.83 -5.40
N ASN A 123 13.38 8.63 -6.25
CA ASN A 123 12.02 8.31 -6.69
C ASN A 123 11.98 8.33 -8.24
N ASN A 124 12.61 7.34 -8.84
CA ASN A 124 12.73 7.23 -10.27
C ASN A 124 12.79 5.76 -10.60
N PHE A 125 11.69 5.22 -11.10
CA PHE A 125 11.59 3.80 -11.32
C PHE A 125 11.34 3.40 -12.79
N LEU A 126 11.89 2.24 -13.16
CA LEU A 126 11.61 1.59 -14.44
C LEU A 126 10.99 0.25 -14.09
N PHE A 127 9.87 -0.06 -14.73
CA PHE A 127 9.18 -1.37 -14.63
C PHE A 127 9.52 -2.23 -15.84
N PHE A 128 10.01 -3.44 -15.60
CA PHE A 128 10.40 -4.33 -16.70
C PHE A 128 9.80 -5.72 -16.51
N THR A 129 9.50 -6.38 -17.64
CA THR A 129 9.01 -7.73 -17.67
C THR A 129 9.93 -8.63 -18.51
N ASN A 130 10.01 -9.87 -18.03
CA ASN A 130 10.68 -10.99 -18.63
C ASN A 130 9.71 -11.92 -19.36
N SER A 131 8.44 -11.76 -19.06
CA SER A 131 7.41 -12.51 -19.77
C SER A 131 6.11 -11.78 -19.52
N ALA A 132 5.17 -11.99 -20.44
CA ALA A 132 3.79 -11.60 -20.25
C ALA A 132 3.21 -12.59 -19.25
N PRO A 133 2.12 -12.21 -18.56
CA PRO A 133 1.51 -13.11 -17.58
C PRO A 133 1.28 -14.50 -18.16
N TYR A 134 1.52 -15.56 -17.36
CA TYR A 134 1.49 -16.91 -17.91
C TYR A 134 0.24 -17.21 -18.77
N PHE A 135 -0.91 -16.74 -18.31
CA PHE A 135 -2.18 -17.02 -18.93
C PHE A 135 -2.44 -16.30 -20.27
N MET A 136 -1.54 -15.40 -20.66
CA MET A 136 -1.63 -14.65 -21.91
C MET A 136 -0.70 -15.29 -22.94
N THR A 137 0.13 -16.23 -22.51
CA THR A 137 1.21 -16.70 -23.37
C THR A 137 0.73 -17.83 -24.29
N ARG A 138 1.52 -18.15 -25.31
CA ARG A 138 1.22 -19.28 -26.20
C ARG A 138 1.45 -20.64 -25.49
N SER A 139 2.44 -20.70 -24.58
CA SER A 139 2.81 -21.95 -23.94
C SER A 139 2.08 -22.21 -22.63
N ALA A 140 1.19 -21.29 -22.25
CA ALA A 140 0.55 -21.26 -20.93
C ALA A 140 1.56 -21.24 -19.75
N SER A 141 2.69 -20.57 -19.98
CA SER A 141 3.76 -20.56 -19.02
C SER A 141 4.72 -19.40 -19.35
N THR A 142 5.43 -18.92 -18.33
CA THR A 142 6.47 -17.91 -18.55
C THR A 142 7.69 -18.57 -19.22
N VAL A 143 7.76 -19.91 -19.17
CA VAL A 143 8.74 -20.63 -20.00
C VAL A 143 8.11 -20.97 -21.35
N SER A 144 8.63 -20.30 -22.39
CA SER A 144 8.17 -20.45 -23.76
C SER A 144 8.58 -21.83 -24.27
N THR A 145 7.98 -22.28 -25.38
CA THR A 145 8.30 -23.60 -25.91
C THR A 145 8.70 -23.60 -27.39
N ASP A 146 9.08 -22.43 -27.92
CA ASP A 146 9.58 -22.27 -29.26
C ASP A 146 10.32 -20.95 -29.46
N GLN A 147 11.00 -20.83 -30.60
CA GLN A 147 11.57 -19.57 -31.01
C GLN A 147 10.92 -18.98 -32.28
N ASP A 148 9.61 -19.15 -32.47
CA ASP A 148 8.94 -18.63 -33.68
C ASP A 148 8.74 -17.12 -33.68
N CYS A 149 8.29 -16.63 -32.53
CA CYS A 149 7.98 -15.24 -32.26
C CYS A 149 7.69 -15.18 -30.77
N ILE A 150 7.22 -14.02 -30.31
CA ILE A 150 6.96 -13.72 -28.92
C ILE A 150 6.04 -14.78 -28.33
N ASN A 151 6.35 -15.24 -27.11
CA ASN A 151 5.46 -16.14 -26.40
C ASN A 151 4.28 -15.34 -25.78
N LEU A 152 3.45 -14.80 -26.66
CA LEU A 152 2.28 -13.98 -26.30
C LEU A 152 1.23 -14.18 -27.39
N GLN A 153 0.00 -14.37 -26.98
CA GLN A 153 -1.04 -14.62 -27.95
C GLN A 153 -1.30 -13.39 -28.82
N ASN A 154 -1.71 -13.64 -30.06
CA ASN A 154 -1.80 -12.61 -31.10
C ASN A 154 -2.74 -11.46 -30.80
N ASP A 155 -3.74 -11.71 -29.99
CA ASP A 155 -4.69 -10.68 -29.64
C ASP A 155 -4.46 -10.16 -28.22
N LYS A 156 -3.29 -10.43 -27.64
CA LYS A 156 -3.00 -10.01 -26.25
C LYS A 156 -1.90 -8.94 -26.12
N PHE A 157 -1.50 -8.33 -27.22
CA PHE A 157 -0.55 -7.24 -27.16
C PHE A 157 -1.22 -6.08 -26.47
N ASP A 158 -2.50 -5.85 -26.74
CA ASP A 158 -3.21 -4.78 -26.05
C ASP A 158 -3.47 -5.10 -24.55
N ASP A 159 -3.90 -6.33 -24.27
CA ASP A 159 -4.08 -6.81 -22.89
C ASP A 159 -2.79 -6.66 -22.07
N PHE A 160 -1.68 -7.10 -22.63
CA PHE A 160 -0.40 -7.01 -21.96
C PHE A 160 0.00 -5.54 -21.73
N ALA A 161 -0.08 -4.73 -22.79
CA ALA A 161 0.20 -3.28 -22.65
C ALA A 161 -0.68 -2.65 -21.58
N ARG A 162 -1.96 -3.04 -21.54
CA ARG A 162 -2.85 -2.51 -20.53
C ARG A 162 -2.47 -2.93 -19.09
N PHE A 163 -2.02 -4.18 -18.95
CA PHE A 163 -1.52 -4.72 -17.70
C PHE A 163 -0.31 -3.92 -17.19
N LEU A 164 0.68 -3.73 -18.06
CA LEU A 164 1.87 -2.92 -17.75
C LEU A 164 1.56 -1.46 -17.41
N VAL A 165 0.63 -0.85 -18.13
CA VAL A 165 0.23 0.52 -17.86
C VAL A 165 -0.56 0.65 -16.57
N LYS A 166 -1.52 -0.24 -16.33
CA LYS A 166 -2.28 -0.24 -15.07
C LYS A 166 -1.38 -0.41 -13.82
N SER A 167 -0.37 -1.27 -13.93
CA SER A 167 0.61 -1.51 -12.85
C SER A 167 1.42 -0.24 -12.55
N ALA A 168 1.96 0.36 -13.61
CA ALA A 168 2.66 1.64 -13.47
C ALA A 168 1.74 2.70 -12.87
N GLN A 169 0.53 2.77 -13.36
CA GLN A 169 -0.41 3.79 -12.88
C GLN A 169 -0.74 3.58 -11.42
N HIS A 170 -0.96 2.33 -11.03
CA HIS A 170 -1.16 1.99 -9.62
C HIS A 170 -0.06 2.55 -8.74
N PHE A 171 1.18 2.29 -9.12
CA PHE A 171 2.31 2.76 -8.31
C PHE A 171 2.52 4.28 -8.39
N ARG A 172 2.14 4.90 -9.53
CA ARG A 172 2.13 6.37 -9.59
C ARG A 172 1.15 6.97 -8.59
N GLU A 173 -0.01 6.33 -8.48
CA GLU A 173 -1.08 6.80 -7.56
C GLU A 173 -0.73 6.56 -6.06
N GLN A 174 0.29 5.73 -5.83
CA GLN A 174 0.93 5.58 -4.54
C GLN A 174 2.15 6.48 -4.32
N GLY A 175 2.45 7.37 -5.27
CA GLY A 175 3.54 8.29 -5.09
C GLY A 175 4.89 7.81 -5.61
N PHE A 176 4.90 6.76 -6.43
CA PHE A 176 6.16 6.32 -7.02
C PHE A 176 6.30 6.79 -8.50
N HIS A 177 7.40 7.46 -8.85
CA HIS A 177 7.53 8.00 -10.24
C HIS A 177 8.05 6.89 -11.13
N VAL A 178 7.14 6.04 -11.58
CA VAL A 178 7.46 5.02 -12.55
C VAL A 178 7.48 5.74 -13.89
N ASN A 179 8.69 6.04 -14.35
CA ASN A 179 8.85 6.87 -15.53
C ASN A 179 9.08 6.09 -16.84
N TYR A 180 9.36 4.80 -16.73
CA TYR A 180 9.69 3.97 -17.90
C TYR A 180 9.10 2.57 -17.77
N ILE A 181 8.73 1.99 -18.91
CA ILE A 181 8.25 0.61 -19.01
C ILE A 181 9.03 -0.08 -20.08
N SER A 182 9.65 -1.19 -19.72
CA SER A 182 10.43 -2.00 -20.64
C SER A 182 9.76 -3.37 -20.84
N PRO A 183 8.98 -3.53 -21.93
CA PRO A 183 8.12 -4.72 -22.08
C PRO A 183 8.87 -6.01 -22.44
N ASN A 184 10.05 -5.88 -23.03
CA ASN A 184 10.73 -7.08 -23.54
C ASN A 184 12.20 -7.10 -23.15
N ASN A 185 12.67 -8.28 -22.71
CA ASN A 185 14.06 -8.46 -22.34
C ASN A 185 14.77 -9.41 -23.27
N GLU A 186 15.97 -9.04 -23.67
CA GLU A 186 16.79 -9.87 -24.55
C GLU A 186 15.93 -10.68 -25.56
N PRO A 187 15.17 -9.97 -26.42
CA PRO A 187 14.29 -10.67 -27.37
C PRO A 187 15.03 -11.47 -28.45
N ASN A 188 16.32 -11.23 -28.61
CA ASN A 188 17.22 -12.07 -29.43
C ASN A 188 17.39 -13.50 -28.89
N GLY A 189 17.16 -13.68 -27.59
CA GLY A 189 17.55 -14.91 -26.93
C GLY A 189 16.67 -16.10 -27.23
N GLN A 190 17.31 -17.27 -27.27
CA GLN A 190 16.57 -18.53 -27.34
C GLN A 190 16.11 -18.94 -25.95
N TRP A 191 15.06 -18.28 -25.48
CA TRP A 191 14.51 -18.52 -24.14
C TRP A 191 13.83 -19.87 -23.93
N HIS A 192 13.33 -20.49 -25.00
CA HIS A 192 12.62 -21.76 -24.83
C HIS A 192 13.55 -22.91 -24.37
N ALA A 193 14.85 -22.74 -24.58
CA ALA A 193 15.86 -23.67 -24.06
C ALA A 193 16.24 -23.49 -22.54
N ASN A 194 15.50 -22.64 -21.82
CA ASN A 194 15.93 -22.19 -20.49
C ASN A 194 14.74 -22.14 -19.55
N SER A 195 14.75 -22.97 -18.51
CA SER A 195 13.64 -22.97 -17.56
C SER A 195 14.12 -22.47 -16.19
N PHE A 196 15.32 -21.89 -16.16
CA PHE A 196 15.91 -21.31 -14.94
C PHE A 196 15.24 -19.97 -14.56
N GLN A 197 14.38 -19.47 -15.43
CA GLN A 197 14.08 -18.05 -15.52
C GLN A 197 12.93 -17.79 -16.52
N GLU A 198 12.11 -16.79 -16.23
CA GLU A 198 11.13 -16.25 -17.17
C GLU A 198 11.80 -15.63 -18.40
N GLY A 199 11.17 -15.78 -19.57
CA GLY A 199 11.76 -15.21 -20.79
C GLY A 199 10.90 -15.37 -22.01
N SER A 200 11.21 -14.57 -23.02
CA SER A 200 10.70 -14.77 -24.39
C SER A 200 11.55 -14.13 -25.49
N PHE A 201 11.83 -14.93 -26.51
CA PHE A 201 12.26 -14.46 -27.81
C PHE A 201 11.21 -13.47 -28.33
N ALA A 202 11.62 -12.52 -29.14
CA ALA A 202 10.64 -11.71 -29.86
C ALA A 202 11.25 -11.11 -31.12
N THR A 203 10.43 -10.94 -32.15
CA THR A 203 10.88 -10.35 -33.41
C THR A 203 10.66 -8.82 -33.39
N LYS A 204 11.24 -8.12 -34.35
CA LYS A 204 11.02 -6.69 -34.44
C LYS A 204 9.55 -6.39 -34.69
N ALA A 205 8.86 -7.25 -35.43
CA ALA A 205 7.41 -7.08 -35.59
C ALA A 205 6.70 -7.15 -34.24
N ASP A 206 7.12 -8.08 -33.39
CA ASP A 206 6.60 -8.21 -32.03
C ASP A 206 6.88 -6.93 -31.22
N LEU A 207 8.11 -6.47 -31.28
CA LEU A 207 8.54 -5.31 -30.54
C LEU A 207 7.76 -4.08 -30.96
N TYR A 208 7.57 -3.93 -32.28
CA TYR A 208 6.84 -2.80 -32.83
C TYR A 208 5.40 -2.77 -32.32
N ARG A 209 4.77 -3.94 -32.28
CA ARG A 209 3.40 -4.02 -31.77
C ARG A 209 3.32 -3.65 -30.31
N MET A 210 4.26 -4.14 -29.49
CA MET A 210 4.27 -3.82 -28.09
C MET A 210 4.43 -2.31 -27.93
N VAL A 211 5.32 -1.70 -28.69
CA VAL A 211 5.44 -0.24 -28.62
C VAL A 211 4.13 0.45 -29.00
N GLU A 212 3.53 0.00 -30.09
CA GLU A 212 2.30 0.58 -30.59
C GLU A 212 1.20 0.47 -29.53
N GLU A 213 1.02 -0.73 -28.97
CA GLU A 213 -0.03 -0.92 -27.97
C GLU A 213 0.24 -0.17 -26.64
N LEU A 214 1.49 -0.19 -26.19
CA LEU A 214 1.86 0.57 -24.97
C LEU A 214 1.62 2.06 -25.20
N ASP A 215 2.03 2.56 -26.35
CA ASP A 215 1.81 3.96 -26.72
C ASP A 215 0.34 4.34 -26.54
N LYS A 216 -0.55 3.54 -27.11
CA LYS A 216 -1.98 3.77 -27.02
C LYS A 216 -2.49 3.69 -25.58
N ALA A 217 -2.07 2.66 -24.85
CA ALA A 217 -2.47 2.47 -23.46
C ALA A 217 -1.98 3.62 -22.54
N ILE A 218 -0.77 4.11 -22.76
CA ILE A 218 -0.24 5.24 -21.95
C ILE A 218 -1.04 6.53 -22.19
N SER A 219 -1.49 6.71 -23.44
CA SER A 219 -2.25 7.89 -23.84
C SER A 219 -3.62 7.84 -23.20
N GLU A 220 -4.27 6.68 -23.23
CA GLU A 220 -5.56 6.49 -22.56
C GLU A 220 -5.48 6.71 -21.04
N ALA A 221 -4.40 6.22 -20.42
CA ALA A 221 -4.21 6.37 -18.98
C ALA A 221 -3.76 7.79 -18.62
N GLN A 222 -3.14 8.49 -19.57
CA GLN A 222 -2.51 9.80 -19.34
C GLN A 222 -1.51 9.78 -18.18
N ILE A 223 -0.64 8.77 -18.16
CA ILE A 223 0.46 8.72 -17.19
C ILE A 223 1.73 9.26 -17.85
N ASP A 224 2.54 9.93 -17.04
CA ASP A 224 3.83 10.48 -17.48
C ASP A 224 4.89 9.38 -17.51
N THR A 225 4.74 8.43 -18.43
CA THR A 225 5.62 7.25 -18.53
C THR A 225 6.00 6.98 -19.98
N LYS A 226 7.24 6.54 -20.23
CA LYS A 226 7.71 6.28 -21.56
C LYS A 226 8.21 4.85 -21.77
N ILE A 227 8.25 4.45 -23.04
CA ILE A 227 8.48 3.06 -23.43
C ILE A 227 9.93 2.88 -23.87
N LEU A 228 10.61 1.90 -23.26
CA LEU A 228 12.01 1.63 -23.54
C LEU A 228 12.20 0.25 -24.15
N ILE A 229 12.90 0.22 -25.29
CA ILE A 229 13.23 -1.03 -25.99
C ILE A 229 14.65 -0.87 -26.52
N PRO A 230 15.27 -1.95 -27.05
CA PRO A 230 14.83 -3.36 -27.07
C PRO A 230 15.43 -4.28 -26.02
N GLU A 231 16.39 -3.80 -25.23
CA GLU A 231 17.04 -4.65 -24.20
C GLU A 231 17.67 -5.89 -24.81
N VAL A 232 18.28 -5.73 -25.98
CA VAL A 232 19.00 -6.85 -26.60
C VAL A 232 20.18 -7.36 -25.73
N GLY A 233 20.34 -8.68 -25.68
CA GLY A 233 21.36 -9.27 -24.81
C GLY A 233 22.81 -8.99 -25.18
N ASP A 234 23.01 -8.62 -26.44
CA ASP A 234 24.34 -8.39 -27.00
C ASP A 234 24.22 -7.18 -27.91
N MET A 235 25.15 -6.22 -27.78
CA MET A 235 25.08 -4.99 -28.57
C MET A 235 25.17 -5.28 -30.10
N LYS A 236 25.53 -6.50 -30.48
CA LYS A 236 25.71 -6.82 -31.92
C LYS A 236 24.38 -6.82 -32.63
N TYR A 237 23.30 -7.13 -31.90
CA TYR A 237 21.95 -7.09 -32.44
C TYR A 237 21.46 -5.67 -32.76
N LEU A 238 22.24 -4.66 -32.38
CA LEU A 238 21.89 -3.29 -32.75
C LEU A 238 22.15 -3.01 -34.26
N PHE A 239 22.94 -3.88 -34.87
CA PHE A 239 23.28 -3.83 -36.29
C PHE A 239 22.88 -5.17 -36.94
N GLU A 240 22.85 -5.22 -38.27
CA GLU A 240 22.40 -6.43 -38.96
C GLU A 240 23.51 -7.47 -38.89
N ILE A 241 23.16 -8.70 -38.52
CA ILE A 241 24.15 -9.77 -38.29
C ILE A 241 23.91 -11.13 -38.97
N ASP A 242 22.70 -11.37 -39.48
CA ASP A 242 22.43 -12.62 -40.20
C ASP A 242 21.44 -12.42 -41.37
N SER A 243 20.99 -13.54 -41.95
CA SER A 243 20.00 -13.57 -43.03
C SER A 243 18.67 -14.21 -42.59
N ILE A 244 18.50 -14.29 -41.27
CA ILE A 244 17.30 -14.86 -40.70
C ILE A 244 16.23 -13.76 -40.44
N ALA A 245 15.14 -13.86 -41.18
CA ALA A 245 14.06 -12.87 -41.14
C ALA A 245 13.60 -12.53 -39.72
N LYS A 246 13.42 -13.57 -38.91
CA LYS A 246 12.83 -13.43 -37.58
C LYS A 246 13.75 -12.69 -36.56
N THR A 247 15.06 -12.73 -36.78
CA THR A 247 16.04 -12.17 -35.85
C THR A 247 15.83 -10.68 -35.57
N PRO A 248 15.62 -10.32 -34.26
CA PRO A 248 15.58 -8.91 -33.88
C PRO A 248 16.97 -8.29 -33.85
N ASP A 249 17.67 -8.38 -34.97
CA ASP A 249 18.90 -7.62 -35.17
C ASP A 249 18.56 -6.34 -35.91
N ASP A 250 19.59 -5.63 -36.33
CA ASP A 250 19.43 -4.38 -37.09
C ASP A 250 18.53 -3.36 -36.40
N ILE A 251 18.55 -3.38 -35.06
CA ILE A 251 17.68 -2.52 -34.24
C ILE A 251 17.82 -1.03 -34.58
N ILE A 252 19.03 -0.52 -34.64
CA ILE A 252 19.18 0.91 -34.87
C ILE A 252 18.49 1.37 -36.18
N HIS A 253 18.81 0.74 -37.31
CA HIS A 253 18.33 1.24 -38.60
C HIS A 253 16.87 0.89 -38.84
N SER A 254 16.49 -0.30 -38.42
CA SER A 254 15.14 -0.79 -38.67
C SER A 254 14.09 -0.14 -37.76
N MET A 255 14.50 0.22 -36.54
CA MET A 255 13.58 0.72 -35.49
C MET A 255 13.80 2.20 -35.15
N PHE A 256 15.03 2.69 -35.27
CA PHE A 256 15.34 4.03 -34.81
C PHE A 256 15.87 4.98 -35.92
N TYR A 257 15.58 4.63 -37.17
CA TYR A 257 15.64 5.56 -38.32
C TYR A 257 14.23 5.78 -38.84
N LYS A 258 13.97 6.94 -39.42
CA LYS A 258 12.60 7.30 -39.72
C LYS A 258 12.03 6.50 -40.86
N ASP A 259 12.91 5.95 -41.70
CA ASP A 259 12.48 5.13 -42.82
C ASP A 259 12.70 3.65 -42.56
N GLY A 260 12.98 3.26 -41.32
CA GLY A 260 13.21 1.84 -41.01
C GLY A 260 11.92 1.05 -41.07
N GLN A 261 12.02 -0.21 -41.47
CA GLN A 261 10.83 -1.07 -41.61
C GLN A 261 9.92 -1.07 -40.39
N TYR A 262 10.53 -1.04 -39.22
CA TYR A 262 9.75 -1.08 -38.00
C TYR A 262 10.08 0.14 -37.17
N SER A 263 10.13 1.29 -37.83
CA SER A 263 10.45 2.55 -37.16
C SER A 263 9.41 2.85 -36.08
N VAL A 264 9.89 3.13 -34.87
CA VAL A 264 9.01 3.44 -33.73
C VAL A 264 9.06 4.92 -33.36
N LEU A 265 9.87 5.67 -34.10
CA LEU A 265 10.19 7.07 -33.78
C LEU A 265 8.94 7.95 -33.68
N LYS A 266 7.92 7.59 -34.45
CA LYS A 266 6.64 8.29 -34.52
C LYS A 266 5.78 8.22 -33.26
N PHE A 267 5.99 7.19 -32.44
CA PHE A 267 5.16 6.99 -31.27
C PHE A 267 5.47 8.02 -30.20
N LYS A 268 4.44 8.78 -29.86
CA LYS A 268 4.46 9.87 -28.87
C LYS A 268 5.07 9.44 -27.52
N ASN A 269 4.76 8.23 -27.07
CA ASN A 269 5.12 7.82 -25.70
C ASN A 269 6.37 6.96 -25.65
N LEU A 270 7.06 6.87 -26.80
CA LEU A 270 8.35 6.20 -26.86
C LEU A 270 9.37 7.04 -26.12
N PHE A 271 10.15 6.39 -25.26
CA PHE A 271 11.37 7.00 -24.76
C PHE A 271 12.39 6.97 -25.88
N ASN A 272 12.87 8.15 -26.28
CA ASN A 272 13.73 8.28 -27.44
C ASN A 272 15.16 7.90 -27.09
N CYS A 273 15.40 6.60 -27.10
CA CYS A 273 16.57 5.97 -26.49
C CYS A 273 16.54 4.50 -26.87
N VAL A 274 17.71 3.97 -27.18
CA VAL A 274 17.89 2.54 -27.47
C VAL A 274 18.58 1.90 -26.24
N ALA A 275 18.03 0.80 -25.74
CA ALA A 275 18.63 0.05 -24.63
C ALA A 275 19.23 -1.27 -25.08
N ALA A 276 20.49 -1.46 -24.75
CA ALA A 276 21.14 -2.76 -24.96
C ALA A 276 22.05 -3.10 -23.77
N HIS A 277 22.37 -4.38 -23.65
CA HIS A 277 23.20 -4.91 -22.57
C HIS A 277 24.65 -5.05 -23.00
N ASP A 278 25.54 -4.90 -22.03
CA ASP A 278 27.00 -4.97 -22.22
C ASP A 278 27.56 -6.38 -22.42
N TYR A 279 26.75 -7.39 -22.17
CA TYR A 279 27.22 -8.77 -22.24
C TYR A 279 27.98 -9.12 -23.53
N TRP A 280 29.04 -9.93 -23.39
CA TRP A 280 29.85 -10.48 -24.51
C TRP A 280 30.59 -9.49 -25.38
N SER A 281 30.71 -8.25 -24.93
CA SER A 281 31.35 -7.25 -25.73
C SER A 281 32.33 -6.43 -24.90
N ALA A 282 32.61 -6.89 -23.68
CA ALA A 282 33.49 -6.14 -22.76
C ALA A 282 34.94 -6.57 -22.81
N TYR A 283 35.22 -7.60 -23.60
CA TYR A 283 36.55 -8.18 -23.78
C TYR A 283 36.58 -8.89 -25.12
N PRO A 284 37.71 -8.81 -25.87
CA PRO A 284 38.90 -8.01 -25.55
C PRO A 284 38.69 -6.54 -25.84
N ALA A 285 39.69 -5.73 -25.51
CA ALA A 285 39.60 -4.27 -25.64
C ALA A 285 39.27 -3.79 -27.06
N THR A 286 39.74 -4.52 -28.06
CA THR A 286 39.44 -4.12 -29.45
C THR A 286 37.92 -4.17 -29.70
N LEU A 287 37.30 -5.27 -29.30
CA LEU A 287 35.86 -5.40 -29.40
C LEU A 287 35.15 -4.34 -28.55
N LEU A 288 35.61 -4.17 -27.30
CA LEU A 288 35.04 -3.21 -26.36
C LEU A 288 34.88 -1.85 -27.03
N VAL A 289 35.97 -1.33 -27.57
CA VAL A 289 35.94 0.04 -28.08
C VAL A 289 35.27 0.21 -29.46
N ASP A 290 35.53 -0.74 -30.38
CA ASP A 290 34.94 -0.74 -31.73
C ASP A 290 33.41 -0.78 -31.73
N ILE A 291 32.83 -1.77 -31.04
CA ILE A 291 31.39 -1.90 -31.03
C ILE A 291 30.68 -0.68 -30.43
N ARG A 292 31.26 -0.10 -29.38
CA ARG A 292 30.66 1.07 -28.74
C ARG A 292 30.80 2.35 -29.56
N ASN A 293 31.93 2.49 -30.26
CA ASN A 293 32.08 3.57 -31.26
C ASN A 293 31.06 3.42 -32.38
N ARG A 294 30.83 2.19 -32.81
CA ARG A 294 29.85 1.95 -33.85
C ARG A 294 28.44 2.39 -33.46
N ILE A 295 28.08 2.14 -32.19
CA ILE A 295 26.77 2.52 -31.67
C ILE A 295 26.55 4.01 -31.86
N HIS A 296 27.50 4.81 -31.35
CA HIS A 296 27.40 6.24 -31.45
C HIS A 296 27.41 6.76 -32.90
N LYS A 297 28.26 6.17 -33.74
CA LYS A 297 28.33 6.54 -35.17
C LYS A 297 26.96 6.32 -35.84
N GLU A 298 26.42 5.11 -35.75
CA GLU A 298 25.14 4.79 -36.40
C GLU A 298 23.97 5.49 -35.75
N LEU A 299 23.94 5.49 -34.41
CA LEU A 299 22.79 6.10 -33.72
C LEU A 299 22.74 7.61 -33.88
N SER A 300 23.88 8.28 -33.82
CA SER A 300 23.83 9.75 -33.89
C SER A 300 23.51 10.30 -35.31
N ALA A 301 23.70 9.48 -36.34
CA ALA A 301 23.31 9.90 -37.70
C ALA A 301 21.81 9.68 -38.01
N ASN A 302 21.01 9.29 -37.01
CA ASN A 302 19.57 9.12 -37.23
C ASN A 302 18.77 10.43 -37.30
N GLY A 303 19.45 11.54 -36.97
CA GLY A 303 18.85 12.87 -37.11
C GLY A 303 17.77 13.16 -36.09
N HIS A 304 17.79 12.39 -35.00
CA HIS A 304 16.70 12.44 -34.01
C HIS A 304 17.11 12.68 -32.56
N ASN A 305 18.43 12.77 -32.34
CA ASN A 305 19.00 12.99 -31.01
CA ASN A 305 19.01 12.97 -31.02
C ASN A 305 18.62 11.84 -30.06
N THR A 306 18.62 10.62 -30.56
CA THR A 306 18.25 9.45 -29.79
C THR A 306 19.34 9.14 -28.80
N LYS A 307 18.93 8.91 -27.56
CA LYS A 307 19.85 8.47 -26.50
C LYS A 307 20.25 6.97 -26.60
N PHE A 308 21.34 6.63 -25.92
CA PHE A 308 21.65 5.24 -25.64
C PHE A 308 21.67 4.97 -24.11
N TRP A 309 21.17 3.80 -23.71
CA TRP A 309 21.25 3.29 -22.32
C TRP A 309 21.88 1.90 -22.34
N ALA A 310 22.95 1.73 -21.56
CA ALA A 310 23.46 0.40 -21.27
C ALA A 310 22.59 -0.10 -20.09
N SER A 311 21.75 -1.09 -20.35
CA SER A 311 20.63 -1.33 -19.43
C SER A 311 20.69 -2.64 -18.63
N GLU A 312 21.76 -3.40 -18.80
CA GLU A 312 21.98 -4.61 -17.99
C GLU A 312 23.38 -5.11 -18.17
N TYR A 313 24.05 -5.41 -17.05
CA TYR A 313 25.31 -6.14 -17.05
C TYR A 313 25.56 -6.82 -15.71
N CYS A 314 26.24 -7.97 -15.76
CA CYS A 314 26.93 -8.56 -14.60
C CYS A 314 28.09 -9.42 -15.13
N ILE A 315 29.06 -9.76 -14.28
CA ILE A 315 30.16 -10.63 -14.67
C ILE A 315 29.62 -12.00 -15.00
N LEU A 316 29.74 -12.36 -16.27
CA LEU A 316 29.19 -13.59 -16.80
C LEU A 316 30.24 -14.28 -17.62
N GLU A 317 31.06 -13.49 -18.32
CA GLU A 317 32.10 -14.03 -19.15
C GLU A 317 33.33 -14.46 -18.34
N LYS A 318 34.22 -15.14 -19.05
CA LYS A 318 35.44 -15.67 -18.48
C LYS A 318 36.59 -15.25 -19.36
N ASN A 319 37.68 -14.84 -18.73
CA ASN A 319 38.89 -14.39 -19.40
C ASN A 319 40.02 -14.21 -18.39
N GLU A 320 41.25 -14.11 -18.88
CA GLU A 320 42.45 -14.00 -18.03
C GLU A 320 42.45 -12.82 -17.07
N GLU A 321 41.72 -11.75 -17.39
CA GLU A 321 41.69 -10.57 -16.54
C GLU A 321 40.90 -10.75 -15.22
N ILE A 322 39.87 -11.60 -15.27
CA ILE A 322 38.89 -11.68 -14.18
C ILE A 322 38.62 -13.09 -13.67
N THR A 323 39.15 -14.10 -14.37
CA THR A 323 38.91 -15.51 -14.00
C THR A 323 40.12 -16.12 -13.22
N MET A 324 39.86 -16.41 -11.95
CA MET A 324 40.89 -16.45 -10.94
C MET A 324 40.29 -16.97 -9.65
N PRO A 325 41.08 -17.66 -8.81
CA PRO A 325 40.51 -17.93 -7.49
C PRO A 325 40.27 -16.61 -6.74
N ALA A 326 39.33 -16.64 -5.80
CA ALA A 326 38.98 -15.44 -5.05
C ALA A 326 40.20 -14.89 -4.32
N SER A 327 40.37 -13.58 -4.36
CA SER A 327 41.51 -12.92 -3.76
C SER A 327 41.23 -11.42 -3.75
N PRO A 328 41.94 -10.65 -2.90
CA PRO A 328 41.87 -9.18 -2.98
C PRO A 328 42.29 -8.62 -4.36
N GLU A 329 43.17 -9.34 -5.06
CA GLU A 329 43.57 -8.97 -6.41
C GLU A 329 42.43 -9.25 -7.39
N ARG A 330 41.79 -10.42 -7.28
CA ARG A 330 40.65 -10.69 -8.13
C ARG A 330 39.60 -9.59 -7.89
N SER A 331 39.38 -9.26 -6.62
CA SER A 331 38.33 -8.31 -6.25
C SER A 331 38.44 -6.95 -6.94
N ILE A 332 39.62 -6.32 -6.85
CA ILE A 332 39.88 -5.05 -7.55
C ILE A 332 39.95 -5.19 -9.10
N ASN A 333 40.35 -6.37 -9.58
CA ASN A 333 40.36 -6.65 -11.01
C ASN A 333 38.96 -6.58 -11.59
N LEU A 334 38.00 -7.15 -10.85
CA LEU A 334 36.60 -7.10 -11.23
C LEU A 334 36.08 -5.67 -11.19
N GLY A 335 36.39 -4.96 -10.10
CA GLY A 335 36.01 -3.56 -9.99
C GLY A 335 36.52 -2.68 -11.14
N LEU A 336 37.79 -2.84 -11.52
CA LEU A 336 38.36 -2.08 -12.64
C LEU A 336 37.87 -2.57 -14.00
N TYR A 337 37.62 -3.86 -14.17
CA TYR A 337 37.08 -4.40 -15.41
C TYR A 337 35.72 -3.76 -15.75
N VAL A 338 34.88 -3.61 -14.72
CA VAL A 338 33.55 -3.07 -14.90
C VAL A 338 33.62 -1.57 -15.03
N ALA A 339 34.47 -0.91 -14.24
CA ALA A 339 34.67 0.52 -14.41
C ALA A 339 35.09 0.89 -15.85
N ARG A 340 35.81 -0.01 -16.51
CA ARG A 340 36.22 0.18 -17.91
C ARG A 340 35.03 0.08 -18.87
N ILE A 341 34.14 -0.89 -18.63
CA ILE A 341 32.90 -0.91 -19.36
C ILE A 341 32.16 0.41 -19.20
N ILE A 342 32.06 0.89 -17.95
CA ILE A 342 31.33 2.12 -17.69
C ILE A 342 31.92 3.29 -18.48
N HIS A 343 33.24 3.48 -18.36
CA HIS A 343 33.90 4.59 -19.01
C HIS A 343 33.67 4.62 -20.53
N ASN A 344 33.81 3.46 -21.17
CA ASN A 344 33.64 3.33 -22.61
C ASN A 344 32.18 3.49 -23.05
N ASP A 345 31.25 2.98 -22.25
CA ASP A 345 29.84 3.27 -22.50
C ASP A 345 29.52 4.76 -22.50
N LEU A 346 30.03 5.45 -21.48
CA LEU A 346 29.81 6.90 -21.33
C LEU A 346 30.54 7.75 -22.38
N THR A 347 31.75 7.34 -22.74
CA THR A 347 32.60 8.18 -23.58
C THR A 347 32.62 7.75 -25.05
N LEU A 348 32.40 6.48 -25.34
CA LEU A 348 32.40 6.01 -26.72
C LEU A 348 30.98 5.84 -27.26
N ALA A 349 30.11 5.18 -26.49
CA ALA A 349 28.73 4.97 -26.89
C ALA A 349 27.86 6.15 -26.48
N ASN A 350 28.46 7.12 -25.77
CA ASN A 350 27.77 8.30 -25.24
C ASN A 350 26.50 7.95 -24.46
N ALA A 351 26.56 6.90 -23.64
CA ALA A 351 25.37 6.39 -22.99
C ALA A 351 24.83 7.43 -22.04
N SER A 352 23.51 7.59 -21.98
CA SER A 352 22.93 8.45 -20.94
C SER A 352 22.65 7.76 -19.59
N ALA A 353 22.77 6.43 -19.55
CA ALA A 353 22.55 5.65 -18.33
C ALA A 353 23.41 4.42 -18.40
N TRP A 354 23.83 3.92 -17.23
CA TRP A 354 24.52 2.62 -17.10
C TRP A 354 23.83 1.84 -15.98
N GLN A 355 23.39 0.61 -16.27
CA GLN A 355 22.54 -0.13 -15.33
C GLN A 355 23.05 -1.55 -15.07
N TRP A 356 23.23 -1.86 -13.79
CA TRP A 356 23.53 -3.23 -13.36
C TRP A 356 22.35 -4.16 -13.60
N TRP A 357 22.62 -5.45 -13.68
CA TRP A 357 21.62 -6.48 -13.45
C TRP A 357 21.33 -6.49 -11.91
N THR A 358 21.06 -7.65 -11.33
CA THR A 358 20.70 -7.68 -9.90
C THR A 358 21.74 -6.94 -9.00
N ALA A 359 21.26 -6.02 -8.15
CA ALA A 359 22.11 -5.36 -7.16
C ALA A 359 22.82 -6.36 -6.19
N VAL A 360 22.17 -7.49 -5.92
CA VAL A 360 22.69 -8.49 -4.99
C VAL A 360 22.77 -9.84 -5.71
N SER A 361 23.68 -10.68 -5.22
CA SER A 361 24.02 -11.93 -5.85
C SER A 361 24.71 -12.79 -4.82
N LEU A 362 24.70 -14.09 -5.05
CA LEU A 362 25.45 -15.02 -4.21
C LEU A 362 26.90 -15.09 -4.67
N GLY A 363 27.17 -14.63 -5.89
CA GLY A 363 28.51 -14.70 -6.49
C GLY A 363 29.18 -13.36 -6.36
N GLU A 364 30.40 -13.24 -6.88
CA GLU A 364 31.12 -11.95 -6.88
C GLU A 364 31.03 -11.34 -8.29
N ASP A 365 29.83 -10.93 -8.67
CA ASP A 365 29.56 -10.55 -10.07
C ASP A 365 28.70 -9.29 -10.20
N VAL A 366 28.39 -8.65 -9.07
CA VAL A 366 27.58 -7.42 -9.01
C VAL A 366 28.07 -6.64 -7.76
N PRO A 367 27.47 -5.47 -7.46
CA PRO A 367 27.84 -4.64 -6.29
C PRO A 367 27.83 -5.35 -4.90
N ILE A 368 26.79 -6.11 -4.61
CA ILE A 368 26.62 -6.70 -3.29
C ILE A 368 26.58 -8.21 -3.41
N GLN A 369 27.49 -8.85 -2.67
CA GLN A 369 27.50 -10.29 -2.52
C GLN A 369 26.89 -10.68 -1.16
N LEU A 370 26.02 -11.67 -1.21
CA LEU A 370 25.23 -12.11 -0.08
C LEU A 370 25.91 -13.39 0.36
N LEU A 371 26.32 -13.47 1.63
CA LEU A 371 27.05 -14.66 2.13
C LEU A 371 26.16 -15.41 3.13
N PRO A 372 25.99 -16.72 2.95
CA PRO A 372 25.18 -17.44 3.94
C PRO A 372 25.76 -17.21 5.34
N LEU A 373 24.91 -17.13 6.37
CA LEU A 373 25.43 -17.18 7.74
C LEU A 373 26.22 -18.48 7.91
N GLU A 374 27.11 -18.55 8.89
CA GLU A 374 28.06 -19.66 8.88
C GLU A 374 27.40 -21.02 9.02
N GLY A 375 27.91 -21.96 8.23
CA GLY A 375 27.37 -23.30 8.17
C GLY A 375 26.07 -23.49 7.40
N SER A 376 25.55 -22.39 6.81
CA SER A 376 24.24 -22.40 6.16
C SER A 376 24.40 -22.54 4.66
N ASN A 377 23.33 -22.98 3.99
CA ASN A 377 23.39 -23.16 2.54
C ASN A 377 22.93 -21.89 1.78
N GLY A 378 22.90 -21.95 0.45
CA GLY A 378 22.48 -20.81 -0.38
C GLY A 378 21.00 -20.52 -0.28
N LEU A 379 20.19 -21.55 -0.07
CA LEU A 379 18.74 -21.38 0.10
C LEU A 379 18.39 -20.65 1.38
N SER A 380 19.29 -20.69 2.37
CA SER A 380 19.03 -20.00 3.62
C SER A 380 19.02 -18.49 3.40
N LEU A 381 19.71 -18.02 2.36
CA LEU A 381 19.74 -16.59 1.96
C LEU A 381 18.37 -16.03 1.62
N GLN A 382 17.38 -16.89 1.40
CA GLN A 382 15.98 -16.40 1.24
C GLN A 382 15.46 -15.70 2.54
N TYR A 383 16.10 -16.04 3.66
CA TYR A 383 15.65 -15.60 4.98
C TYR A 383 16.54 -14.61 5.70
N ASP A 384 17.85 -14.77 5.58
CA ASP A 384 18.86 -13.98 6.32
C ASP A 384 20.23 -14.27 5.69
N GLY A 385 21.23 -13.41 5.94
CA GLY A 385 22.55 -13.64 5.39
C GLY A 385 23.47 -12.50 5.77
N GLU A 386 24.68 -12.52 5.25
CA GLU A 386 25.67 -11.47 5.47
C GLU A 386 25.89 -10.65 4.18
N ILE A 387 25.94 -9.33 4.34
CA ILE A 387 26.17 -8.39 3.26
C ILE A 387 27.69 -8.19 3.05
N SER A 388 28.16 -8.38 1.82
CA SER A 388 29.56 -8.10 1.49
C SER A 388 29.63 -7.18 0.25
N THR A 389 30.22 -6.00 0.37
CA THR A 389 30.38 -5.12 -0.80
C THR A 389 31.51 -5.61 -1.69
N THR A 390 31.36 -5.51 -3.01
CA THR A 390 32.43 -5.87 -3.90
C THR A 390 33.12 -4.59 -4.33
N LYS A 391 34.28 -4.71 -4.96
CA LYS A 391 34.94 -3.52 -5.50
C LYS A 391 34.15 -2.90 -6.67
N MET A 392 33.27 -3.71 -7.27
CA MET A 392 32.38 -3.31 -8.33
C MET A 392 31.40 -2.31 -7.78
N LEU A 393 30.99 -2.49 -6.52
CA LEU A 393 30.09 -1.50 -5.95
C LEU A 393 30.82 -0.17 -5.89
N TRP A 394 32.04 -0.17 -5.37
CA TRP A 394 32.79 1.06 -5.17
C TRP A 394 33.25 1.75 -6.48
N THR A 395 33.62 0.97 -7.48
CA THR A 395 34.04 1.57 -8.75
C THR A 395 32.84 2.15 -9.49
N THR A 396 31.66 1.52 -9.35
CA THR A 396 30.42 2.13 -9.88
C THR A 396 30.15 3.44 -9.17
N ALA A 397 30.29 3.42 -7.85
CA ALA A 397 30.07 4.62 -7.02
C ALA A 397 30.96 5.80 -7.39
N ASN A 398 32.19 5.54 -7.86
CA ASN A 398 33.07 6.61 -8.37
C ASN A 398 32.30 7.43 -9.38
N TYR A 399 31.48 6.75 -10.18
CA TYR A 399 30.60 7.41 -11.13
C TYR A 399 29.28 7.82 -10.51
N SER A 400 28.50 6.81 -10.08
CA SER A 400 27.11 7.01 -9.69
C SER A 400 26.89 8.01 -8.57
N PHE A 401 27.78 8.03 -7.59
CA PHE A 401 27.59 8.89 -6.38
C PHE A 401 27.79 10.39 -6.73
N PHE A 402 28.65 10.65 -7.72
CA PHE A 402 29.06 12.00 -8.11
C PHE A 402 28.47 12.51 -9.48
N VAL A 403 28.20 11.58 -10.38
CA VAL A 403 27.61 11.91 -11.70
C VAL A 403 26.09 11.83 -11.65
N ARG A 404 25.45 12.95 -11.38
CA ARG A 404 24.02 13.01 -11.02
C ARG A 404 23.11 13.32 -12.22
N PRO A 405 21.82 12.89 -12.15
CA PRO A 405 20.87 13.17 -13.25
C PRO A 405 20.89 14.63 -13.69
N GLY A 406 21.01 14.87 -14.98
CA GLY A 406 20.94 16.25 -15.48
C GLY A 406 22.31 16.80 -15.84
N MET A 407 23.38 16.19 -15.30
CA MET A 407 24.73 16.64 -15.60
C MET A 407 25.00 16.32 -17.05
N LYS A 408 25.88 17.07 -17.67
CA LYS A 408 26.28 16.72 -19.01
C LYS A 408 27.73 16.31 -19.02
N ARG A 409 28.06 15.30 -19.82
CA ARG A 409 29.42 14.98 -20.12
C ARG A 409 30.05 16.13 -20.94
N ILE A 410 31.28 16.49 -20.60
CA ILE A 410 31.98 17.58 -21.26
C ILE A 410 33.34 17.05 -21.68
N ALA A 411 34.05 17.80 -22.52
CA ALA A 411 35.35 17.35 -23.04
C ALA A 411 36.46 17.41 -21.98
N ILE A 412 37.33 16.41 -22.02
CA ILE A 412 38.57 16.43 -21.25
C ILE A 412 39.62 15.73 -22.13
N LYS A 413 40.52 16.51 -22.70
CA LYS A 413 41.49 15.98 -23.66
C LYS A 413 42.91 16.05 -23.10
N PRO A 414 43.69 15.01 -23.33
CA PRO A 414 45.09 15.16 -22.94
C PRO A 414 45.87 16.04 -23.94
N THR A 415 47.06 16.49 -23.55
CA THR A 415 47.89 17.26 -24.45
C THR A 415 48.50 16.32 -25.49
N TYR A 416 48.73 15.07 -25.11
CA TYR A 416 49.19 14.06 -26.06
C TYR A 416 48.05 13.07 -26.36
N LYS A 417 47.65 13.02 -27.63
CA LYS A 417 46.58 12.14 -28.11
C LYS A 417 46.86 10.67 -27.82
N ILE A 418 45.86 9.97 -27.28
CA ILE A 418 45.90 8.52 -27.09
C ILE A 418 44.74 7.92 -27.87
N SER A 419 44.88 6.69 -28.36
CA SER A 419 43.74 6.01 -29.00
C SER A 419 42.78 5.39 -27.96
N ASP A 420 41.52 5.24 -28.36
CA ASP A 420 40.50 4.59 -27.57
C ASP A 420 41.05 3.28 -27.06
N LEU A 421 41.71 2.55 -27.96
CA LEU A 421 42.28 1.23 -27.69
C LEU A 421 43.43 1.27 -26.70
N GLU A 422 44.25 2.31 -26.75
CA GLU A 422 45.41 2.37 -25.88
C GLU A 422 44.95 2.76 -24.50
N ALA A 423 44.03 3.72 -24.45
CA ALA A 423 43.43 4.14 -23.18
C ALA A 423 42.85 2.97 -22.40
N ALA A 424 42.21 2.03 -23.09
CA ALA A 424 41.57 0.86 -22.46
C ALA A 424 42.50 -0.01 -21.58
N THR A 425 43.80 0.04 -21.83
CA THR A 425 44.73 -0.78 -21.04
C THR A 425 45.66 0.08 -20.21
N SER A 426 45.49 1.40 -20.29
CA SER A 426 46.31 2.31 -19.50
C SER A 426 45.47 3.27 -18.64
N LEU A 427 45.04 4.39 -19.20
CA LEU A 427 44.40 5.44 -18.42
C LEU A 427 43.15 6.03 -19.11
N MET A 428 42.01 5.91 -18.43
CA MET A 428 40.70 6.35 -18.93
C MET A 428 40.18 7.46 -18.04
N ILE A 429 39.71 8.53 -18.63
CA ILE A 429 39.26 9.66 -17.86
C ILE A 429 38.20 10.43 -18.64
N SER A 430 37.19 10.90 -17.90
CA SER A 430 36.01 11.56 -18.46
C SER A 430 35.54 12.58 -17.44
N SER A 431 34.80 13.60 -17.90
CA SER A 431 34.30 14.66 -17.03
C SER A 431 32.84 15.00 -17.27
N TYR A 432 32.19 15.57 -16.26
CA TYR A 432 30.73 15.78 -16.29
C TYR A 432 30.50 16.99 -15.46
N THR A 433 29.46 17.74 -15.75
CA THR A 433 29.16 18.94 -14.95
C THR A 433 27.67 19.29 -14.88
N ASP A 434 27.28 19.94 -13.80
CA ASP A 434 25.97 20.59 -13.73
C ASP A 434 26.10 22.12 -13.72
N GLY A 435 27.29 22.63 -14.07
CA GLY A 435 27.56 24.05 -13.99
C GLY A 435 27.93 24.57 -12.60
N LYS A 436 27.92 23.71 -11.58
CA LYS A 436 28.30 24.10 -10.22
C LYS A 436 29.48 23.28 -9.73
N GLU A 437 29.51 22.00 -10.11
CA GLU A 437 30.58 21.05 -9.82
C GLU A 437 31.10 20.54 -11.14
N VAL A 438 32.41 20.29 -11.22
CA VAL A 438 32.96 19.51 -12.31
C VAL A 438 33.53 18.22 -11.71
N VAL A 439 33.04 17.08 -12.23
CA VAL A 439 33.34 15.75 -11.74
C VAL A 439 34.19 15.02 -12.78
N THR A 440 35.35 14.55 -12.37
CA THR A 440 36.23 13.82 -13.26
C THR A 440 36.53 12.43 -12.68
N VAL A 441 36.43 11.41 -13.51
CA VAL A 441 36.67 10.06 -13.04
C VAL A 441 37.76 9.45 -13.89
N ALA A 442 38.85 9.09 -13.23
CA ALA A 442 40.05 8.59 -13.86
C ALA A 442 40.29 7.15 -13.48
N ILE A 443 40.42 6.30 -14.48
CA ILE A 443 40.79 4.91 -14.21
C ILE A 443 42.23 4.70 -14.58
N ASN A 444 43.03 4.28 -13.58
CA ASN A 444 44.39 3.84 -13.84
C ASN A 444 44.46 2.31 -13.96
N TYR A 445 44.39 1.85 -15.22
CA TYR A 445 44.26 0.43 -15.51
C TYR A 445 45.62 -0.23 -15.50
N SER A 446 46.68 0.59 -15.57
CA SER A 446 48.06 0.09 -15.67
C SER A 446 48.56 -0.35 -14.31
N LYS A 447 49.69 -1.04 -14.31
CA LYS A 447 50.36 -1.45 -13.07
C LYS A 447 51.35 -0.42 -12.52
N GLU A 448 51.33 0.78 -13.08
CA GLU A 448 52.22 1.85 -12.65
C GLU A 448 51.43 3.05 -12.14
N ASN A 449 51.88 3.61 -11.02
CA ASN A 449 51.32 4.83 -10.49
C ASN A 449 51.54 5.94 -11.51
N GLN A 450 50.53 6.76 -11.75
CA GLN A 450 50.67 7.84 -12.72
C GLN A 450 50.38 9.17 -12.05
N VAL A 451 50.99 10.25 -12.53
CA VAL A 451 50.72 11.59 -12.02
C VAL A 451 50.12 12.40 -13.15
N ILE A 452 49.07 13.16 -12.85
CA ILE A 452 48.40 13.96 -13.86
C ILE A 452 48.22 15.41 -13.43
N SER A 453 48.04 16.29 -14.41
CA SER A 453 47.64 17.67 -14.16
C SER A 453 46.25 17.88 -14.72
N LEU A 454 45.38 18.44 -13.89
CA LEU A 454 44.01 18.66 -14.30
C LEU A 454 43.79 20.15 -14.47
N ASN A 455 43.53 20.57 -15.69
CA ASN A 455 43.37 21.97 -16.03
C ASN A 455 41.90 22.26 -16.25
N CYS A 456 41.31 22.99 -15.30
CA CYS A 456 39.86 23.13 -15.24
C CYS A 456 39.49 24.58 -14.93
N ASP A 457 39.36 25.39 -15.98
CA ASP A 457 39.24 26.87 -15.86
C ASP A 457 40.39 27.44 -15.03
N HIS A 458 40.07 28.02 -13.89
CA HIS A 458 41.09 28.63 -13.05
C HIS A 458 41.21 27.97 -11.69
N ALA A 459 40.60 26.79 -11.58
CA ALA A 459 40.59 26.00 -10.34
C ALA A 459 41.96 25.42 -10.01
N GLN A 460 42.27 25.44 -8.72
CA GLN A 460 43.53 24.95 -8.16
C GLN A 460 43.38 23.61 -7.43
N LYS A 461 42.22 23.38 -6.80
CA LYS A 461 42.01 22.15 -6.03
C LYS A 461 40.69 21.40 -6.28
N GLY A 462 40.72 20.10 -5.97
CA GLY A 462 39.54 19.26 -5.94
C GLY A 462 39.59 18.20 -4.86
N LYS A 463 38.42 17.76 -4.41
CA LYS A 463 38.30 16.64 -3.50
C LYS A 463 38.50 15.32 -4.24
N VAL A 464 39.29 14.44 -3.64
CA VAL A 464 39.63 13.20 -4.29
C VAL A 464 39.02 12.06 -3.51
N TYR A 465 38.41 11.12 -4.26
CA TYR A 465 37.81 9.89 -3.73
C TYR A 465 38.38 8.72 -4.50
N LEU A 466 38.85 7.70 -3.78
CA LEU A 466 39.74 6.69 -4.34
C LEU A 466 39.34 5.25 -3.98
N THR A 467 39.25 4.42 -5.03
CA THR A 467 39.00 2.97 -4.92
C THR A 467 40.22 2.17 -5.44
N THR A 468 40.77 1.34 -4.57
CA THR A 468 41.89 0.50 -4.92
C THR A 468 41.66 -0.89 -4.33
N ILE A 469 42.68 -1.74 -4.43
CA ILE A 469 42.68 -3.03 -3.74
C ILE A 469 42.44 -2.87 -2.23
N ASP A 470 42.88 -1.75 -1.65
CA ASP A 470 42.75 -1.47 -0.21
C ASP A 470 41.60 -0.51 0.19
N LYS A 471 41.06 0.24 -0.78
CA LYS A 471 40.18 1.36 -0.49
C LYS A 471 38.81 1.25 -1.16
N ASN A 472 37.73 1.42 -0.39
CA ASN A 472 36.38 1.51 -0.93
C ASN A 472 35.98 2.98 -1.04
N LEU A 473 36.24 3.60 -2.18
CA LEU A 473 35.87 5.01 -2.40
C LEU A 473 36.14 5.87 -1.16
N ARG A 474 37.41 5.94 -0.81
CA ARG A 474 37.86 6.65 0.39
C ARG A 474 38.13 8.09 0.05
N TYR A 475 37.65 8.98 0.89
CA TYR A 475 37.91 10.39 0.69
C TYR A 475 39.37 10.71 1.02
N MET A 476 40.05 11.40 0.10
CA MET A 476 41.48 11.64 0.23
C MET A 476 41.84 13.11 0.46
N GLY A 477 40.86 13.92 0.85
CA GLY A 477 41.08 15.35 1.09
C GLY A 477 41.13 16.20 -0.18
N GLU A 478 41.23 17.52 -0.01
CA GLU A 478 41.42 18.41 -1.15
C GLU A 478 42.85 18.31 -1.65
N GLN A 479 42.97 18.18 -2.96
CA GLN A 479 44.24 17.88 -3.62
C GLN A 479 44.56 18.96 -4.64
N PRO A 480 45.86 19.29 -4.80
CA PRO A 480 46.18 20.24 -5.89
C PRO A 480 45.91 19.59 -7.24
N LEU A 481 45.20 20.29 -8.12
CA LEU A 481 44.90 19.77 -9.46
C LEU A 481 46.11 19.57 -10.38
N LYS A 482 47.14 20.39 -10.18
CA LYS A 482 48.35 20.35 -11.02
C LYS A 482 49.16 19.06 -10.81
N LYS A 483 48.96 18.42 -9.66
CA LYS A 483 49.69 17.21 -9.29
C LYS A 483 48.77 16.24 -8.55
N LEU A 484 48.10 15.39 -9.32
CA LEU A 484 47.15 14.42 -8.80
C LEU A 484 47.78 13.05 -8.96
N GLN A 485 47.98 12.36 -7.84
CA GLN A 485 48.63 11.05 -7.86
C GLN A 485 47.60 9.92 -8.06
N LEU A 486 47.72 9.22 -9.19
CA LEU A 486 46.82 8.12 -9.50
C LEU A 486 47.53 6.79 -9.25
N PRO A 487 47.13 6.06 -8.18
CA PRO A 487 47.77 4.78 -7.88
C PRO A 487 47.54 3.81 -9.02
N ALA A 488 48.47 2.88 -9.22
CA ALA A 488 48.27 1.80 -10.18
C ALA A 488 47.00 1.06 -9.78
N ARG A 489 46.24 0.59 -10.77
CA ARG A 489 45.07 -0.25 -10.54
C ARG A 489 43.98 0.39 -9.62
N SER A 490 43.61 1.63 -9.96
CA SER A 490 42.71 2.44 -9.14
C SER A 490 41.68 3.18 -9.98
N VAL A 491 40.58 3.58 -9.32
CA VAL A 491 39.67 4.56 -9.88
C VAL A 491 39.61 5.77 -8.95
N ALA A 492 39.81 6.96 -9.49
CA ALA A 492 39.72 8.20 -8.69
C ALA A 492 38.61 9.07 -9.22
N THR A 493 37.80 9.62 -8.31
CA THR A 493 36.92 10.70 -8.68
C THR A 493 37.47 12.00 -8.08
N ILE A 494 37.53 13.02 -8.94
CA ILE A 494 38.00 14.35 -8.58
C ILE A 494 36.87 15.35 -8.78
N VAL A 495 36.48 15.99 -7.68
CA VAL A 495 35.35 16.92 -7.69
C VAL A 495 35.81 18.36 -7.48
N VAL A 496 35.47 19.24 -8.42
CA VAL A 496 35.96 20.64 -8.39
C VAL A 496 34.90 21.67 -7.96
N LYS B 5 3.71 -69.07 48.45
CA LYS B 5 3.15 -67.73 48.83
C LYS B 5 4.20 -66.75 49.36
N LYS B 6 3.95 -65.45 49.13
CA LYS B 6 4.93 -64.39 49.38
C LYS B 6 4.40 -63.22 50.21
N VAL B 7 5.21 -62.80 51.17
CA VAL B 7 4.86 -61.64 52.00
C VAL B 7 5.75 -60.42 51.71
N PHE B 8 5.12 -59.25 51.68
CA PHE B 8 5.77 -57.97 51.36
C PHE B 8 5.37 -56.96 52.42
N ILE B 9 6.35 -56.23 52.93
CA ILE B 9 6.11 -55.24 54.00
C ILE B 9 6.31 -53.80 53.49
N ILE B 10 5.24 -53.03 53.51
CA ILE B 10 5.28 -51.61 53.16
C ILE B 10 5.83 -50.82 54.35
N ASP B 11 6.86 -50.01 54.08
CA ASP B 11 7.47 -49.16 55.09
C ASP B 11 7.30 -47.65 54.72
N LYS B 12 6.24 -47.04 55.24
CA LYS B 12 5.98 -45.61 55.05
C LYS B 12 7.07 -44.66 55.57
N GLN B 13 8.02 -45.20 56.33
CA GLN B 13 9.15 -44.41 56.83
C GLN B 13 10.33 -44.38 55.85
N THR B 14 10.39 -45.35 54.94
CA THR B 14 11.41 -45.32 53.91
C THR B 14 10.82 -44.73 52.62
N VAL B 15 11.13 -43.45 52.41
CA VAL B 15 10.57 -42.63 51.34
C VAL B 15 11.58 -42.38 50.21
N TYR B 16 11.11 -42.47 48.97
CA TYR B 16 11.98 -42.26 47.80
C TYR B 16 11.62 -40.98 47.03
N GLN B 17 11.56 -41.08 45.70
CA GLN B 17 11.29 -39.93 44.83
C GLN B 17 9.83 -39.48 44.83
N GLU B 18 9.62 -38.22 44.48
CA GLU B 18 8.28 -37.65 44.25
C GLU B 18 7.83 -37.96 42.83
N ILE B 19 6.55 -38.23 42.65
CA ILE B 19 6.02 -38.52 41.34
C ILE B 19 5.55 -37.20 40.79
N ASP B 20 6.01 -36.88 39.57
CA ASP B 20 5.48 -35.72 38.85
C ASP B 20 4.28 -36.10 38.00
N ASN B 21 4.45 -37.10 37.15
CA ASN B 21 3.40 -37.43 36.19
C ASN B 21 3.66 -38.69 35.39
N PHE B 22 2.59 -39.18 34.78
CA PHE B 22 2.70 -40.12 33.65
C PHE B 22 2.11 -39.39 32.45
N SER B 23 2.76 -39.55 31.29
CA SER B 23 2.46 -38.68 30.15
C SER B 23 2.37 -39.38 28.83
N ALA B 24 1.91 -38.65 27.82
CA ALA B 24 2.06 -39.09 26.43
C ALA B 24 2.21 -37.89 25.46
N SER B 25 2.36 -38.19 24.18
CA SER B 25 2.69 -37.16 23.20
C SER B 25 1.61 -37.01 22.14
N ASP B 26 1.33 -35.76 21.76
CA ASP B 26 0.41 -35.45 20.65
C ASP B 26 0.98 -35.59 19.25
N ALA B 27 2.27 -35.90 19.16
CA ALA B 27 2.99 -35.72 17.92
C ALA B 27 2.36 -36.38 16.71
N TRP B 28 2.42 -35.66 15.57
CA TRP B 28 2.01 -36.16 14.24
C TRP B 28 0.51 -36.37 14.06
N ARG B 29 -0.06 -37.23 14.88
CA ARG B 29 -1.33 -37.83 14.51
C ARG B 29 -2.52 -37.08 15.08
N CYS B 30 -2.28 -36.40 16.21
CA CYS B 30 -3.32 -35.70 16.96
C CYS B 30 -3.78 -34.43 16.29
N ALA B 31 -2.92 -33.87 15.42
CA ALA B 31 -3.33 -32.74 14.56
C ALA B 31 -4.55 -33.15 13.72
N PHE B 32 -4.46 -34.32 13.11
CA PHE B 32 -5.50 -34.86 12.25
C PHE B 32 -6.77 -35.29 13.00
N ILE B 33 -6.61 -36.06 14.08
CA ILE B 33 -7.74 -36.48 14.90
C ILE B 33 -8.44 -35.24 15.49
N GLY B 34 -7.65 -34.34 16.07
CA GLY B 34 -8.20 -33.17 16.76
C GLY B 34 -8.99 -32.27 15.83
N LYS B 35 -8.63 -32.28 14.54
CA LYS B 35 -9.24 -31.37 13.55
C LYS B 35 -10.33 -32.04 12.71
N ASN B 36 -10.06 -33.28 12.30
CA ASN B 36 -10.82 -33.96 11.28
C ASN B 36 -11.82 -35.05 11.75
N TRP B 37 -11.48 -35.71 12.86
CA TRP B 37 -12.22 -36.89 13.31
C TRP B 37 -13.57 -36.55 13.95
N PRO B 38 -14.57 -37.45 13.81
CA PRO B 38 -15.89 -37.22 14.41
C PRO B 38 -15.78 -36.85 15.88
N GLN B 39 -16.64 -35.93 16.32
CA GLN B 39 -16.68 -35.49 17.71
C GLN B 39 -16.64 -36.61 18.74
N GLU B 40 -17.47 -37.64 18.52
CA GLU B 40 -17.61 -38.71 19.52
C GLU B 40 -16.29 -39.44 19.72
N LYS B 41 -15.59 -39.69 18.61
CA LYS B 41 -14.33 -40.43 18.65
C LYS B 41 -13.23 -39.63 19.35
N LYS B 42 -13.06 -38.39 18.90
CA LYS B 42 -12.27 -37.34 19.57
C LYS B 42 -12.46 -37.35 21.09
N GLU B 43 -13.71 -37.20 21.51
CA GLU B 43 -14.06 -37.16 22.92
C GLU B 43 -13.72 -38.48 23.63
N LYS B 44 -13.91 -39.59 22.92
CA LYS B 44 -13.58 -40.94 23.43
C LYS B 44 -12.09 -41.09 23.71
N ILE B 45 -11.27 -40.67 22.76
CA ILE B 45 -9.82 -40.67 22.96
C ILE B 45 -9.42 -39.74 24.10
N ALA B 46 -10.08 -38.59 24.21
CA ALA B 46 -9.79 -37.70 25.34
C ALA B 46 -10.14 -38.36 26.71
N ASP B 47 -11.30 -39.02 26.78
CA ASP B 47 -11.67 -39.81 27.96
C ASP B 47 -10.61 -40.87 28.29
N LEU B 48 -10.21 -41.66 27.30
CA LEU B 48 -9.19 -42.71 27.50
C LEU B 48 -7.83 -42.20 27.96
N LEU B 49 -7.50 -40.96 27.58
CA LEU B 49 -6.21 -40.36 27.90
C LEU B 49 -6.14 -39.62 29.22
N PHE B 50 -7.24 -38.95 29.62
CA PHE B 50 -7.17 -37.94 30.67
C PHE B 50 -8.19 -38.04 31.81
N LYS B 51 -9.36 -38.61 31.52
CA LYS B 51 -10.48 -38.63 32.48
C LYS B 51 -10.24 -39.66 33.59
N ARG B 52 -10.22 -39.17 34.82
CA ARG B 52 -9.98 -39.99 35.98
C ARG B 52 -11.36 -40.24 36.58
N GLU B 53 -12.09 -41.18 35.97
CA GLU B 53 -13.44 -41.60 36.38
C GLU B 53 -13.54 -43.14 36.37
N PHE B 54 -14.53 -43.66 37.12
CA PHE B 54 -14.87 -45.10 37.10
C PHE B 54 -16.23 -45.34 36.42
N ASP B 55 -16.38 -46.47 35.74
CA ASP B 55 -17.68 -46.79 35.16
C ASP B 55 -18.73 -47.31 36.19
N GLU B 56 -19.89 -47.73 35.69
CA GLU B 56 -21.00 -48.22 36.52
C GLU B 56 -20.60 -49.35 37.52
N LYS B 57 -19.77 -50.31 37.06
CA LYS B 57 -19.26 -51.34 37.98
C LYS B 57 -17.89 -51.08 38.60
N GLY B 58 -17.49 -49.82 38.69
CA GLY B 58 -16.21 -49.44 39.30
C GLY B 58 -14.92 -49.74 38.53
N ASN B 59 -15.02 -49.93 37.21
CA ASN B 59 -13.86 -50.02 36.33
C ASN B 59 -13.37 -48.63 35.88
N PRO B 60 -12.07 -48.32 36.10
CA PRO B 60 -11.47 -47.06 35.65
C PRO B 60 -11.56 -46.92 34.11
N ILE B 61 -11.83 -45.71 33.63
CA ILE B 61 -12.18 -45.58 32.21
C ILE B 61 -11.00 -45.49 31.26
N GLY B 62 -9.81 -45.20 31.77
CA GLY B 62 -8.60 -45.06 30.93
C GLY B 62 -7.37 -44.81 31.77
N MET B 63 -6.37 -44.14 31.18
CA MET B 63 -5.05 -43.93 31.79
C MET B 63 -5.02 -42.77 32.77
N ALA B 64 -5.98 -41.84 32.61
CA ALA B 64 -5.98 -40.63 33.42
C ALA B 64 -4.55 -40.06 33.50
N LEU B 65 -3.92 -39.88 32.35
CA LEU B 65 -2.60 -39.25 32.26
C LEU B 65 -2.58 -37.91 32.94
N THR B 66 -1.42 -37.59 33.50
CA THR B 66 -1.33 -36.41 34.35
C THR B 66 -0.34 -35.39 33.79
N ASN B 67 0.31 -35.73 32.69
CA ASN B 67 0.98 -34.73 31.83
C ASN B 67 0.51 -34.92 30.39
N TRP B 68 0.81 -33.93 29.55
CA TRP B 68 0.62 -34.06 28.09
C TRP B 68 1.68 -33.23 27.37
N ARG B 69 2.33 -33.86 26.40
CA ARG B 69 3.47 -33.32 25.70
C ARG B 69 2.98 -32.84 24.36
N VAL B 70 3.15 -31.54 24.12
CA VAL B 70 2.68 -30.90 22.88
C VAL B 70 3.84 -30.55 21.94
N ASN B 71 3.88 -31.20 20.76
CA ASN B 71 4.84 -30.84 19.74
C ASN B 71 4.59 -29.44 19.10
N ILE B 72 5.47 -28.50 19.45
CA ILE B 72 5.44 -27.20 18.82
C ILE B 72 6.07 -27.37 17.46
N GLY B 73 5.25 -27.07 16.45
CA GLY B 73 5.68 -27.20 15.07
C GLY B 73 6.83 -26.30 14.64
N ALA B 74 7.46 -26.72 13.56
CA ALA B 74 8.67 -26.09 13.03
C ALA B 74 8.47 -25.63 11.58
N GLY B 75 7.28 -25.90 11.01
CA GLY B 75 7.00 -25.43 9.66
C GLY B 75 7.34 -26.35 8.49
N SER B 76 7.51 -27.65 8.74
CA SER B 76 7.73 -28.58 7.62
C SER B 76 6.54 -28.60 6.66
N TYR B 77 5.36 -28.30 7.21
CA TYR B 77 4.14 -28.15 6.42
C TYR B 77 4.28 -26.95 5.47
N GLU B 78 4.43 -25.73 6.01
CA GLU B 78 4.60 -24.52 5.15
C GLU B 78 5.77 -24.64 4.21
N ASN B 79 6.83 -25.32 4.64
CA ASN B 79 8.04 -25.39 3.87
C ASN B 79 8.11 -26.60 2.96
N ARG B 80 6.98 -27.26 2.76
CA ARG B 80 6.97 -28.61 2.23
C ARG B 80 7.43 -28.80 0.79
N GLU B 81 7.47 -27.73 -0.02
CA GLU B 81 7.99 -27.82 -1.38
C GLU B 81 9.52 -27.86 -1.40
N ALA B 82 10.15 -27.51 -0.28
CA ALA B 82 11.61 -27.61 -0.18
C ALA B 82 12.01 -29.07 0.12
N LYS B 83 13.25 -29.30 0.54
CA LYS B 83 13.71 -30.66 0.85
C LYS B 83 13.37 -30.93 2.31
N GLU B 84 12.15 -31.38 2.50
CA GLU B 84 11.54 -31.38 3.82
C GLU B 84 11.03 -32.79 4.18
N VAL B 85 10.37 -32.89 5.33
CA VAL B 85 9.63 -34.10 5.75
C VAL B 85 8.83 -34.64 4.56
N ASP B 86 8.94 -35.94 4.32
CA ASP B 86 8.63 -36.50 3.02
C ASP B 86 7.22 -37.10 2.97
N ASN B 87 6.44 -36.89 4.03
CA ASN B 87 5.10 -37.46 4.15
C ASN B 87 4.14 -36.50 4.88
N SER B 88 2.84 -36.59 4.54
CA SER B 88 1.80 -35.71 5.12
C SER B 88 1.51 -35.83 6.64
N TRP B 89 1.70 -37.02 7.19
CA TRP B 89 1.46 -37.30 8.60
C TRP B 89 2.41 -36.55 9.55
N ASN B 90 3.70 -36.54 9.20
CA ASN B 90 4.74 -36.03 10.11
C ASN B 90 5.15 -34.56 9.98
N ARG B 91 4.52 -33.83 9.06
CA ARG B 91 4.78 -32.40 8.86
C ARG B 91 4.07 -31.60 9.91
N THR B 92 4.64 -30.45 10.26
CA THR B 92 4.03 -29.61 11.26
C THR B 92 3.92 -28.15 10.79
N GLU B 93 2.95 -27.45 11.36
CA GLU B 93 2.75 -26.04 11.07
C GLU B 93 3.66 -25.32 12.05
N CYS B 94 3.92 -24.05 11.79
CA CYS B 94 4.69 -23.21 12.69
C CYS B 94 3.92 -21.93 12.91
N PHE B 95 3.79 -21.52 14.17
CA PHE B 95 3.09 -20.30 14.51
C PHE B 95 3.81 -19.06 13.90
N LEU B 96 5.13 -19.13 13.78
CA LEU B 96 5.92 -18.01 13.29
C LEU B 96 6.26 -18.21 11.84
N SER B 97 6.19 -17.12 11.08
CA SER B 97 6.53 -17.14 9.68
C SER B 97 7.82 -16.35 9.44
N PRO B 98 8.48 -16.57 8.30
CA PRO B 98 9.80 -15.97 8.02
C PRO B 98 9.83 -14.45 8.05
N ASP B 99 8.65 -13.83 7.94
CA ASP B 99 8.51 -12.39 8.00
C ASP B 99 8.20 -11.89 9.42
N GLY B 100 8.20 -12.81 10.39
CA GLY B 100 8.17 -12.43 11.82
C GLY B 100 6.78 -12.30 12.43
N LYS B 101 5.78 -12.72 11.67
CA LYS B 101 4.43 -12.71 12.17
C LYS B 101 4.06 -14.06 12.82
N TYR B 102 3.23 -13.97 13.85
CA TYR B 102 2.65 -15.11 14.54
C TYR B 102 1.24 -15.35 14.06
N ASP B 103 0.90 -16.62 13.87
CA ASP B 103 -0.48 -17.02 13.60
C ASP B 103 -0.73 -18.23 14.50
N PHE B 104 -1.28 -17.99 15.69
CA PHE B 104 -1.66 -19.04 16.62
C PHE B 104 -2.98 -19.75 16.31
N THR B 105 -3.58 -19.46 15.15
CA THR B 105 -4.73 -20.28 14.77
C THR B 105 -4.23 -21.60 14.13
N LYS B 106 -2.90 -21.71 13.97
CA LYS B 106 -2.27 -22.90 13.44
C LYS B 106 -2.14 -24.00 14.52
N GLN B 107 -1.83 -25.23 14.09
CA GLN B 107 -1.81 -26.41 15.00
C GLN B 107 -3.18 -26.60 15.69
N ALA B 108 -4.24 -26.62 14.88
CA ALA B 108 -5.62 -26.56 15.37
C ALA B 108 -6.03 -27.86 16.11
N GLY B 109 -5.78 -29.01 15.50
CA GLY B 109 -5.99 -30.29 16.18
C GLY B 109 -5.33 -30.46 17.54
N GLN B 110 -4.03 -30.12 17.63
CA GLN B 110 -3.30 -30.14 18.90
C GLN B 110 -3.90 -29.25 20.01
N GLN B 111 -4.32 -28.04 19.65
CA GLN B 111 -5.02 -27.18 20.62
C GLN B 111 -6.41 -27.70 21.05
N TRP B 112 -7.08 -28.47 20.18
CA TRP B 112 -8.29 -29.15 20.64
C TRP B 112 -7.94 -30.11 21.77
N PHE B 113 -6.91 -30.93 21.57
CA PHE B 113 -6.51 -31.89 22.59
C PHE B 113 -6.17 -31.25 23.91
N MET B 114 -5.54 -30.08 23.85
CA MET B 114 -5.19 -29.40 25.06
C MET B 114 -6.50 -28.96 25.76
N LYS B 115 -7.49 -28.55 24.97
CA LYS B 115 -8.77 -28.08 25.51
C LYS B 115 -9.47 -29.28 26.19
N ALA B 116 -9.50 -30.41 25.48
CA ALA B 116 -10.10 -31.67 25.96
C ALA B 116 -9.45 -32.15 27.25
N ALA B 117 -8.13 -32.11 27.30
CA ALA B 117 -7.37 -32.46 28.48
C ALA B 117 -7.77 -31.62 29.69
N ARG B 118 -7.78 -30.31 29.50
CA ARG B 118 -8.07 -29.36 30.56
C ARG B 118 -9.49 -29.51 31.13
N GLU B 119 -10.42 -29.75 30.22
CA GLU B 119 -11.83 -29.95 30.51
C GLU B 119 -12.05 -31.17 31.42
N ARG B 120 -11.11 -32.11 31.36
CA ARG B 120 -11.11 -33.32 32.18
C ARG B 120 -10.18 -33.18 33.38
N GLY B 121 -9.91 -31.94 33.79
CA GLY B 121 -9.09 -31.69 34.97
C GLY B 121 -7.63 -32.05 34.80
N MET B 122 -7.15 -32.13 33.56
CA MET B 122 -5.70 -32.26 33.32
C MET B 122 -5.17 -30.96 32.68
N ASN B 123 -4.50 -30.14 33.47
CA ASN B 123 -3.93 -28.88 33.01
C ASN B 123 -2.43 -28.81 33.38
N ASN B 124 -1.64 -29.67 32.75
CA ASN B 124 -0.18 -29.76 32.98
C ASN B 124 0.49 -30.11 31.67
N PHE B 125 1.13 -29.11 31.05
CA PHE B 125 1.68 -29.32 29.70
C PHE B 125 3.18 -29.13 29.59
N LEU B 126 3.78 -29.92 28.69
CA LEU B 126 5.14 -29.71 28.24
C LEU B 126 5.13 -29.38 26.74
N PHE B 127 5.85 -28.32 26.37
CA PHE B 127 6.07 -27.98 24.95
C PHE B 127 7.43 -28.50 24.53
N PHE B 128 7.44 -29.28 23.44
CA PHE B 128 8.67 -29.82 22.88
C PHE B 128 8.77 -29.56 21.37
N THR B 129 10.02 -29.35 20.93
CA THR B 129 10.31 -29.17 19.52
C THR B 129 11.28 -30.22 19.06
N ASN B 130 11.04 -30.70 17.85
CA ASN B 130 11.94 -31.57 17.09
C ASN B 130 12.87 -30.79 16.16
N SER B 131 12.52 -29.53 15.90
CA SER B 131 13.32 -28.62 15.07
C SER B 131 12.98 -27.17 15.39
N ALA B 132 13.99 -26.31 15.27
CA ALA B 132 13.78 -24.85 15.13
C ALA B 132 12.95 -24.63 13.89
N PRO B 133 12.23 -23.49 13.84
CA PRO B 133 11.49 -23.15 12.61
C PRO B 133 12.38 -23.15 11.36
N TYR B 134 11.90 -23.75 10.27
CA TYR B 134 12.72 -23.96 9.07
C TYR B 134 13.57 -22.76 8.66
N PHE B 135 13.04 -21.55 8.86
CA PHE B 135 13.72 -20.35 8.34
C PHE B 135 14.90 -19.88 9.23
N MET B 136 15.06 -20.52 10.40
CA MET B 136 16.15 -20.26 11.35
C MET B 136 17.27 -21.28 11.22
N THR B 137 17.05 -22.31 10.40
CA THR B 137 17.97 -23.46 10.36
C THR B 137 19.10 -23.22 9.37
N ARG B 138 20.13 -24.06 9.41
CA ARG B 138 21.28 -23.87 8.51
C ARG B 138 21.02 -24.50 7.15
N SER B 139 20.16 -25.52 7.12
CA SER B 139 19.78 -26.18 5.86
C SER B 139 18.53 -25.55 5.25
N ALA B 140 17.92 -24.61 5.96
CA ALA B 140 16.67 -23.96 5.49
C ALA B 140 15.53 -24.99 5.41
N SER B 141 15.58 -25.96 6.33
CA SER B 141 14.63 -27.09 6.40
C SER B 141 14.67 -27.70 7.79
N THR B 142 13.54 -28.24 8.25
CA THR B 142 13.48 -29.04 9.47
C THR B 142 14.19 -30.39 9.27
N VAL B 143 14.49 -30.71 8.02
CA VAL B 143 15.38 -31.82 7.71
C VAL B 143 16.79 -31.25 7.52
N SER B 144 17.67 -31.56 8.47
CA SER B 144 19.08 -31.14 8.41
C SER B 144 19.86 -31.86 7.31
N THR B 145 21.04 -31.37 7.00
CA THR B 145 21.85 -31.93 5.94
C THR B 145 23.29 -32.19 6.41
N ASP B 146 23.52 -32.11 7.72
CA ASP B 146 24.80 -32.57 8.31
C ASP B 146 24.69 -32.92 9.80
N GLN B 147 25.78 -33.45 10.36
CA GLN B 147 25.84 -33.80 11.77
C GLN B 147 27.00 -33.09 12.46
N ASP B 148 27.31 -31.87 12.02
CA ASP B 148 28.41 -31.10 12.62
C ASP B 148 28.03 -30.42 13.92
N CYS B 149 26.77 -30.00 13.99
CA CYS B 149 26.23 -29.33 15.16
C CYS B 149 24.75 -29.10 14.90
N ILE B 150 24.08 -28.46 15.85
CA ILE B 150 22.67 -28.19 15.74
C ILE B 150 22.31 -27.48 14.40
N ASN B 151 21.21 -27.91 13.79
CA ASN B 151 20.62 -27.27 12.59
C ASN B 151 19.91 -25.94 12.95
N LEU B 152 20.67 -24.99 13.45
CA LEU B 152 20.15 -23.72 13.90
C LEU B 152 21.32 -22.78 13.69
N GLN B 153 21.08 -21.66 13.03
CA GLN B 153 22.10 -20.64 12.83
C GLN B 153 22.64 -20.06 14.16
N ASN B 154 23.91 -19.69 14.15
CA ASN B 154 24.67 -19.29 15.36
C ASN B 154 24.09 -18.09 16.10
N ASP B 155 23.41 -17.22 15.36
CA ASP B 155 22.80 -16.04 15.98
C ASP B 155 21.32 -16.21 16.25
N LYS B 156 20.81 -17.45 16.07
CA LYS B 156 19.38 -17.67 16.28
C LYS B 156 19.00 -18.49 17.52
N PHE B 157 19.98 -18.76 18.38
CA PHE B 157 19.69 -19.40 19.67
C PHE B 157 18.73 -18.54 20.49
N ASP B 158 18.99 -17.23 20.57
CA ASP B 158 18.10 -16.35 21.31
C ASP B 158 16.75 -16.27 20.62
N ASP B 159 16.76 -16.21 19.29
CA ASP B 159 15.54 -16.18 18.49
C ASP B 159 14.66 -17.42 18.72
N PHE B 160 15.30 -18.58 18.74
CA PHE B 160 14.58 -19.82 18.96
C PHE B 160 14.05 -19.83 20.39
N ALA B 161 14.88 -19.37 21.33
CA ALA B 161 14.47 -19.22 22.73
C ALA B 161 13.24 -18.36 22.90
N ARG B 162 13.25 -17.15 22.33
CA ARG B 162 12.09 -16.27 22.45
C ARG B 162 10.83 -16.84 21.76
N PHE B 163 11.03 -17.58 20.66
CA PHE B 163 9.93 -18.24 19.96
C PHE B 163 9.21 -19.24 20.87
N LEU B 164 10.00 -20.06 21.56
CA LEU B 164 9.47 -21.08 22.46
C LEU B 164 8.75 -20.44 23.62
N VAL B 165 9.36 -19.40 24.14
CA VAL B 165 8.81 -18.70 25.29
C VAL B 165 7.52 -17.93 24.92
N LYS B 166 7.52 -17.30 23.74
CA LYS B 166 6.34 -16.54 23.34
C LYS B 166 5.20 -17.51 23.11
N SER B 167 5.51 -18.65 22.52
CA SER B 167 4.54 -19.72 22.33
C SER B 167 3.99 -20.19 23.69
N ALA B 168 4.87 -20.43 24.65
CA ALA B 168 4.42 -20.89 25.97
C ALA B 168 3.59 -19.83 26.63
N GLN B 169 4.02 -18.58 26.50
CA GLN B 169 3.35 -17.43 27.10
C GLN B 169 1.93 -17.24 26.58
N HIS B 170 1.74 -17.43 25.26
CA HIS B 170 0.43 -17.31 24.62
C HIS B 170 -0.60 -18.30 25.20
N PHE B 171 -0.18 -19.54 25.41
CA PHE B 171 -1.06 -20.54 25.97
C PHE B 171 -1.28 -20.38 27.47
N ARG B 172 -0.24 -19.94 28.20
CA ARG B 172 -0.37 -19.65 29.61
C ARG B 172 -1.40 -18.55 29.84
N GLU B 173 -1.46 -17.61 28.92
CA GLU B 173 -2.42 -16.50 29.01
C GLU B 173 -3.82 -16.96 28.69
N GLN B 174 -3.97 -18.14 28.08
CA GLN B 174 -5.30 -18.71 27.84
C GLN B 174 -5.75 -19.59 29.04
N GLY B 175 -4.89 -19.68 30.07
CA GLY B 175 -5.14 -20.53 31.25
C GLY B 175 -4.57 -21.96 31.16
N PHE B 176 -3.71 -22.21 30.16
CA PHE B 176 -3.08 -23.51 30.03
C PHE B 176 -1.74 -23.47 30.73
N HIS B 177 -1.56 -24.38 31.68
CA HIS B 177 -0.33 -24.38 32.46
C HIS B 177 0.76 -25.07 31.68
N VAL B 178 1.46 -24.29 30.85
CA VAL B 178 2.62 -24.78 30.15
C VAL B 178 3.75 -24.66 31.14
N ASN B 179 4.22 -25.79 31.67
CA ASN B 179 5.16 -25.79 32.78
C ASN B 179 6.56 -26.20 32.36
N TYR B 180 6.70 -26.80 31.19
CA TYR B 180 7.98 -27.33 30.78
C TYR B 180 8.19 -27.00 29.30
N ILE B 181 9.41 -26.63 28.94
CA ILE B 181 9.81 -26.51 27.54
C ILE B 181 11.00 -27.39 27.33
N SER B 182 10.90 -28.28 26.36
CA SER B 182 12.01 -29.13 26.00
C SER B 182 12.41 -28.82 24.58
N PRO B 183 13.56 -28.11 24.40
CA PRO B 183 13.98 -27.55 23.10
C PRO B 183 14.66 -28.50 22.15
N ASN B 184 15.15 -29.62 22.63
CA ASN B 184 15.90 -30.53 21.77
C ASN B 184 15.42 -31.96 21.95
N ASN B 185 15.31 -32.66 20.84
CA ASN B 185 14.92 -34.03 20.85
C ASN B 185 16.01 -34.92 20.34
N GLU B 186 16.27 -36.00 21.08
CA GLU B 186 17.32 -36.98 20.73
C GLU B 186 18.55 -36.35 20.03
N PRO B 187 19.23 -35.41 20.71
CA PRO B 187 20.40 -34.72 20.13
C PRO B 187 21.55 -35.61 19.69
N ASN B 188 21.58 -36.85 20.18
CA ASN B 188 22.58 -37.83 19.77
C ASN B 188 22.38 -38.26 18.31
N GLY B 189 21.14 -38.17 17.83
CA GLY B 189 20.76 -38.81 16.57
C GLY B 189 21.41 -38.25 15.31
N GLN B 190 21.60 -39.13 14.32
CA GLN B 190 22.02 -38.72 12.98
C GLN B 190 20.76 -38.36 12.17
N TRP B 191 20.14 -37.27 12.56
CA TRP B 191 18.88 -36.83 11.99
C TRP B 191 18.91 -36.48 10.49
N HIS B 192 20.08 -36.12 9.97
CA HIS B 192 20.20 -35.69 8.59
C HIS B 192 20.10 -36.84 7.62
N ALA B 193 20.07 -38.07 8.14
CA ALA B 193 19.88 -39.26 7.31
C ALA B 193 18.41 -39.70 7.32
N ASN B 194 17.57 -38.92 7.99
CA ASN B 194 16.17 -39.25 8.18
C ASN B 194 15.31 -38.09 7.68
N SER B 195 14.49 -38.33 6.66
CA SER B 195 13.56 -37.33 6.12
C SER B 195 12.11 -37.69 6.42
N PHE B 196 11.92 -38.72 7.24
CA PHE B 196 10.60 -39.18 7.66
C PHE B 196 9.97 -38.16 8.61
N GLN B 197 10.79 -37.31 9.19
CA GLN B 197 10.34 -36.58 10.36
C GLN B 197 11.23 -35.34 10.56
N GLU B 198 10.75 -34.36 11.36
CA GLU B 198 11.59 -33.24 11.78
C GLU B 198 12.66 -33.68 12.79
N GLY B 199 13.87 -33.15 12.67
CA GLY B 199 14.85 -33.36 13.73
C GLY B 199 16.16 -32.60 13.56
N SER B 200 16.94 -32.57 14.66
CA SER B 200 18.32 -32.11 14.61
C SER B 200 19.25 -32.74 15.68
N PHE B 201 20.42 -33.17 15.22
CA PHE B 201 21.61 -33.40 16.03
C PHE B 201 21.89 -32.16 16.87
N ALA B 202 22.52 -32.35 18.02
CA ALA B 202 23.04 -31.24 18.77
C ALA B 202 24.18 -31.73 19.66
N THR B 203 25.21 -30.90 19.77
CA THR B 203 26.25 -31.12 20.74
C THR B 203 25.90 -30.55 22.12
N LYS B 204 26.72 -30.92 23.11
CA LYS B 204 26.57 -30.41 24.45
C LYS B 204 26.76 -28.89 24.50
N ALA B 205 27.72 -28.39 23.72
CA ALA B 205 27.93 -26.94 23.57
C ALA B 205 26.60 -26.28 23.15
N ASP B 206 25.95 -26.88 22.15
CA ASP B 206 24.65 -26.44 21.61
C ASP B 206 23.56 -26.42 22.68
N LEU B 207 23.36 -27.57 23.34
CA LEU B 207 22.34 -27.72 24.36
C LEU B 207 22.54 -26.70 25.49
N TYR B 208 23.80 -26.44 25.81
CA TYR B 208 24.18 -25.51 26.86
C TYR B 208 23.74 -24.09 26.47
N ARG B 209 24.01 -23.69 25.23
CA ARG B 209 23.47 -22.41 24.71
C ARG B 209 21.95 -22.37 24.67
N MET B 210 21.31 -23.43 24.13
CA MET B 210 19.84 -23.51 24.24
C MET B 210 19.34 -23.26 25.69
N VAL B 211 20.03 -23.85 26.68
CA VAL B 211 19.60 -23.65 28.08
C VAL B 211 19.84 -22.22 28.49
N GLU B 212 21.04 -21.73 28.15
CA GLU B 212 21.43 -20.37 28.49
C GLU B 212 20.44 -19.34 27.94
N GLU B 213 20.15 -19.45 26.64
CA GLU B 213 19.22 -18.53 25.98
C GLU B 213 17.75 -18.66 26.44
N LEU B 214 17.27 -19.90 26.63
CA LEU B 214 15.94 -20.12 27.20
C LEU B 214 15.85 -19.61 28.63
N ASP B 215 16.90 -19.85 29.41
CA ASP B 215 16.88 -19.40 30.79
C ASP B 215 16.71 -17.89 30.78
N LYS B 216 17.43 -17.24 29.84
CA LYS B 216 17.41 -15.77 29.71
C LYS B 216 16.03 -15.29 29.24
N ALA B 217 15.43 -16.03 28.32
CA ALA B 217 14.14 -15.64 27.74
C ALA B 217 12.99 -15.81 28.75
N ILE B 218 13.05 -16.87 29.57
CA ILE B 218 11.98 -17.12 30.55
C ILE B 218 11.97 -16.00 31.63
N SER B 219 13.17 -15.65 32.14
CA SER B 219 13.33 -14.55 33.11
C SER B 219 12.77 -13.24 32.54
N GLU B 220 13.13 -12.93 31.30
CA GLU B 220 12.64 -11.73 30.59
C GLU B 220 11.11 -11.72 30.53
N ALA B 221 10.52 -12.85 30.15
CA ALA B 221 9.06 -12.95 30.01
C ALA B 221 8.33 -13.11 31.35
N GLN B 222 9.12 -13.38 32.40
CA GLN B 222 8.61 -13.69 33.77
C GLN B 222 7.55 -14.81 33.77
N ILE B 223 7.77 -15.89 33.04
CA ILE B 223 6.86 -17.04 33.11
C ILE B 223 7.34 -18.12 34.07
N ASP B 224 6.37 -18.91 34.52
CA ASP B 224 6.56 -19.96 35.50
C ASP B 224 6.68 -21.26 34.70
N THR B 225 7.78 -21.39 33.96
CA THR B 225 8.01 -22.53 33.07
C THR B 225 9.49 -22.89 33.20
N LYS B 226 9.79 -24.19 33.21
CA LYS B 226 11.18 -24.61 33.40
C LYS B 226 11.69 -25.36 32.19
N ILE B 227 13.01 -25.51 32.13
CA ILE B 227 13.69 -26.14 31.00
C ILE B 227 14.07 -27.60 31.23
N LEU B 228 13.70 -28.45 30.29
CA LEU B 228 14.04 -29.86 30.38
C LEU B 228 14.92 -30.28 29.23
N ILE B 229 16.06 -30.89 29.56
CA ILE B 229 16.98 -31.47 28.58
C ILE B 229 17.55 -32.84 29.10
N PRO B 230 18.29 -33.59 28.26
CA PRO B 230 18.54 -33.42 26.83
C PRO B 230 17.75 -34.39 25.95
N GLU B 231 16.89 -35.23 26.54
CA GLU B 231 15.99 -36.11 25.77
C GLU B 231 16.75 -37.08 24.89
N VAL B 232 17.94 -37.48 25.32
CA VAL B 232 18.74 -38.40 24.50
C VAL B 232 17.93 -39.64 24.13
N GLY B 233 18.12 -40.09 22.89
CA GLY B 233 17.39 -41.24 22.37
C GLY B 233 17.72 -42.58 23.02
N ASP B 234 18.88 -42.66 23.66
CA ASP B 234 19.39 -43.90 24.28
C ASP B 234 20.04 -43.58 25.61
N MET B 235 19.74 -44.39 26.63
CA MET B 235 20.18 -44.09 28.00
C MET B 235 21.70 -44.08 28.11
N LYS B 236 22.38 -44.77 27.20
CA LYS B 236 23.83 -44.78 27.20
C LYS B 236 24.49 -43.39 27.16
N TYR B 237 23.86 -42.43 26.48
CA TYR B 237 24.48 -41.08 26.28
C TYR B 237 24.52 -40.29 27.59
N LEU B 238 23.92 -40.83 28.64
CA LEU B 238 24.03 -40.23 29.96
C LEU B 238 25.44 -40.36 30.54
N PHE B 239 26.21 -41.29 29.97
CA PHE B 239 27.58 -41.52 30.41
C PHE B 239 28.52 -41.36 29.25
N GLU B 240 29.82 -41.31 29.56
CA GLU B 240 30.85 -41.24 28.55
C GLU B 240 30.86 -42.54 27.77
N ILE B 241 30.83 -42.44 26.44
CA ILE B 241 30.84 -43.66 25.63
C ILE B 241 31.78 -43.65 24.44
N ASP B 242 32.37 -42.51 24.12
CA ASP B 242 33.26 -42.39 22.93
C ASP B 242 34.12 -41.10 22.89
N SER B 243 35.00 -41.03 21.90
CA SER B 243 36.08 -40.05 21.87
C SER B 243 35.81 -38.85 20.99
N ILE B 244 34.84 -38.98 20.08
CA ILE B 244 34.45 -37.87 19.21
C ILE B 244 33.82 -36.76 20.07
N ALA B 245 34.51 -35.62 20.09
CA ALA B 245 34.14 -34.48 20.93
C ALA B 245 32.72 -33.92 20.72
N LYS B 246 32.18 -33.97 19.50
CA LYS B 246 30.82 -33.45 19.24
C LYS B 246 29.67 -34.27 19.84
N THR B 247 29.91 -35.57 20.05
CA THR B 247 28.89 -36.48 20.55
C THR B 247 28.35 -36.01 21.90
N PRO B 248 27.02 -35.81 22.01
CA PRO B 248 26.46 -35.34 23.26
C PRO B 248 26.29 -36.52 24.24
N ASP B 249 27.39 -37.21 24.54
CA ASP B 249 27.41 -38.26 25.55
C ASP B 249 27.77 -37.61 26.89
N ASP B 250 28.10 -38.43 27.88
CA ASP B 250 28.53 -37.94 29.20
C ASP B 250 27.60 -36.87 29.78
N ILE B 251 26.31 -36.98 29.52
CA ILE B 251 25.40 -35.93 29.94
C ILE B 251 25.43 -35.69 31.44
N ILE B 252 25.33 -36.79 32.23
CA ILE B 252 25.20 -36.65 33.71
C ILE B 252 26.33 -35.85 34.31
N HIS B 253 27.58 -36.21 34.00
CA HIS B 253 28.68 -35.49 34.62
C HIS B 253 28.92 -34.12 34.01
N SER B 254 29.05 -34.07 32.67
CA SER B 254 29.25 -32.79 31.92
C SER B 254 28.18 -31.73 32.22
N MET B 255 26.91 -32.11 32.26
CA MET B 255 25.86 -31.10 32.28
C MET B 255 25.18 -30.96 33.65
N PHE B 256 25.20 -32.04 34.43
CA PHE B 256 24.46 -32.11 35.69
C PHE B 256 25.34 -32.40 36.92
N TYR B 257 26.65 -32.23 36.77
CA TYR B 257 27.52 -32.11 37.92
C TYR B 257 28.02 -30.65 37.92
N LYS B 258 28.09 -30.04 39.10
CA LYS B 258 28.34 -28.59 39.20
C LYS B 258 29.69 -28.16 38.61
N ASP B 259 30.65 -29.09 38.55
CA ASP B 259 31.94 -28.84 37.93
C ASP B 259 32.05 -29.46 36.52
N GLY B 260 30.93 -29.92 35.99
CA GLY B 260 30.91 -30.39 34.61
C GLY B 260 31.24 -29.27 33.61
N GLN B 261 32.00 -29.63 32.58
CA GLN B 261 32.41 -28.69 31.52
C GLN B 261 31.27 -27.86 30.96
N TYR B 262 30.10 -28.50 30.84
CA TYR B 262 28.89 -27.89 30.32
C TYR B 262 27.76 -27.84 31.32
N SER B 263 28.09 -27.54 32.57
CA SER B 263 27.12 -27.63 33.65
C SER B 263 26.06 -26.55 33.59
N VAL B 264 24.81 -26.99 33.58
CA VAL B 264 23.68 -26.07 33.52
C VAL B 264 22.96 -25.86 34.84
N LEU B 265 23.46 -26.51 35.91
CA LEU B 265 22.78 -26.52 37.21
C LEU B 265 22.62 -25.11 37.75
N LYS B 266 23.54 -24.24 37.35
CA LYS B 266 23.55 -22.83 37.76
C LYS B 266 22.32 -22.01 37.26
N PHE B 267 21.65 -22.50 36.21
CA PHE B 267 20.58 -21.73 35.57
C PHE B 267 19.28 -21.80 36.33
N LYS B 268 18.83 -20.65 36.76
CA LYS B 268 17.61 -20.48 37.56
C LYS B 268 16.35 -21.20 37.01
N ASN B 269 16.21 -21.27 35.69
CA ASN B 269 15.01 -21.87 35.09
C ASN B 269 15.17 -23.28 34.54
N LEU B 270 16.34 -23.90 34.76
CA LEU B 270 16.52 -25.33 34.49
C LEU B 270 15.54 -26.12 35.33
N PHE B 271 14.95 -27.14 34.74
CA PHE B 271 14.21 -28.13 35.52
C PHE B 271 15.30 -29.08 36.04
N ASN B 272 15.42 -29.21 37.36
CA ASN B 272 16.50 -30.01 37.95
C ASN B 272 16.18 -31.48 37.83
N CYS B 273 16.39 -31.99 36.61
CA CYS B 273 15.88 -33.27 36.17
C CYS B 273 16.45 -33.51 34.79
N VAL B 274 16.90 -34.74 34.56
CA VAL B 274 17.52 -35.22 33.34
C VAL B 274 16.50 -36.07 32.60
N ALA B 275 16.26 -35.77 31.32
CA ALA B 275 15.35 -36.57 30.52
C ALA B 275 16.09 -37.51 29.57
N ALA B 276 15.65 -38.77 29.57
CA ALA B 276 16.18 -39.75 28.62
C ALA B 276 15.06 -40.66 28.18
N HIS B 277 15.29 -41.34 27.06
CA HIS B 277 14.28 -42.17 26.43
C HIS B 277 14.63 -43.65 26.67
N ASP B 278 13.62 -44.48 26.80
CA ASP B 278 13.82 -45.87 27.24
C ASP B 278 14.37 -46.74 26.13
N TYR B 279 14.41 -46.22 24.90
CA TYR B 279 14.73 -47.01 23.72
C TYR B 279 16.05 -47.78 23.87
N TRP B 280 16.02 -49.01 23.36
CA TRP B 280 17.20 -49.89 23.24
C TRP B 280 17.86 -50.38 24.54
N SER B 281 17.20 -50.14 25.67
CA SER B 281 17.72 -50.56 26.97
C SER B 281 16.64 -51.27 27.80
N ALA B 282 15.61 -51.80 27.13
CA ALA B 282 14.48 -52.40 27.84
C ALA B 282 14.63 -53.93 27.88
N TYR B 283 15.73 -54.39 27.30
CA TYR B 283 15.98 -55.79 26.96
C TYR B 283 17.45 -55.95 26.50
N PRO B 284 18.13 -57.05 26.94
CA PRO B 284 17.64 -58.05 27.89
C PRO B 284 17.54 -57.50 29.32
N ALA B 285 17.06 -58.37 30.21
CA ALA B 285 16.83 -58.01 31.59
C ALA B 285 18.08 -57.49 32.31
N THR B 286 19.25 -57.94 31.91
CA THR B 286 20.49 -57.50 32.57
C THR B 286 20.74 -56.04 32.23
N LEU B 287 20.77 -55.76 30.92
CA LEU B 287 20.77 -54.40 30.41
C LEU B 287 19.75 -53.51 31.12
N LEU B 288 18.48 -53.88 31.02
CA LEU B 288 17.38 -53.19 31.72
C LEU B 288 17.72 -52.80 33.14
N VAL B 289 18.17 -53.74 33.95
CA VAL B 289 18.40 -53.44 35.37
C VAL B 289 19.70 -52.66 35.59
N ASP B 290 20.75 -53.06 34.88
CA ASP B 290 22.07 -52.46 35.04
C ASP B 290 22.04 -50.97 34.78
N ILE B 291 21.55 -50.57 33.60
CA ILE B 291 21.61 -49.15 33.20
C ILE B 291 20.83 -48.23 34.15
N ARG B 292 19.66 -48.68 34.60
CA ARG B 292 18.82 -47.85 35.46
C ARG B 292 19.38 -47.69 36.86
N ASN B 293 20.00 -48.75 37.40
CA ASN B 293 20.79 -48.63 38.63
C ASN B 293 21.98 -47.67 38.41
N ARG B 294 22.72 -47.88 37.32
CA ARG B 294 23.83 -46.96 36.98
C ARG B 294 23.39 -45.47 36.93
N ILE B 295 22.17 -45.23 36.44
CA ILE B 295 21.61 -43.88 36.38
C ILE B 295 21.53 -43.31 37.80
N HIS B 296 20.94 -44.09 38.70
CA HIS B 296 20.65 -43.65 40.06
C HIS B 296 21.95 -43.42 40.80
N LYS B 297 22.87 -44.35 40.56
CA LYS B 297 24.20 -44.34 41.16
C LYS B 297 24.90 -43.00 40.86
N GLU B 298 25.10 -42.73 39.57
CA GLU B 298 25.80 -41.52 39.10
C GLU B 298 25.00 -40.24 39.32
N LEU B 299 23.69 -40.29 39.10
CA LEU B 299 22.88 -39.08 39.28
C LEU B 299 22.87 -38.61 40.71
N SER B 300 22.51 -39.49 41.64
CA SER B 300 22.37 -39.07 43.04
C SER B 300 23.69 -38.67 43.68
N ALA B 301 24.81 -39.16 43.16
CA ALA B 301 26.11 -38.72 43.65
C ALA B 301 26.43 -37.22 43.39
N ASN B 302 25.59 -36.51 42.64
CA ASN B 302 25.92 -35.11 42.22
C ASN B 302 25.70 -34.07 43.32
N GLY B 303 25.14 -34.55 44.44
CA GLY B 303 24.81 -33.72 45.59
C GLY B 303 23.76 -32.65 45.30
N HIS B 304 22.91 -32.90 44.32
CA HIS B 304 21.97 -31.87 43.90
C HIS B 304 20.51 -32.29 43.90
N ASN B 305 20.22 -33.56 44.22
CA ASN B 305 18.83 -33.99 44.40
C ASN B 305 18.11 -33.86 43.03
N THR B 306 18.84 -34.18 41.97
CA THR B 306 18.33 -34.10 40.60
C THR B 306 17.37 -35.25 40.31
N LYS B 307 16.17 -34.91 39.83
CA LYS B 307 15.21 -35.90 39.35
C LYS B 307 15.65 -36.61 38.06
N PHE B 308 14.94 -37.69 37.71
CA PHE B 308 15.08 -38.31 36.40
C PHE B 308 13.70 -38.50 35.81
N TRP B 309 13.59 -38.29 34.51
CA TRP B 309 12.33 -38.50 33.85
C TRP B 309 12.64 -39.43 32.70
N ALA B 310 11.87 -40.51 32.59
CA ALA B 310 11.93 -41.35 31.42
C ALA B 310 10.87 -40.73 30.50
N SER B 311 11.32 -40.16 29.36
CA SER B 311 10.50 -39.13 28.67
C SER B 311 9.95 -39.49 27.30
N GLU B 312 10.32 -40.67 26.81
CA GLU B 312 9.78 -41.19 25.58
C GLU B 312 10.06 -42.69 25.41
N TYR B 313 9.02 -43.42 25.04
CA TYR B 313 9.18 -44.79 24.62
C TYR B 313 7.95 -45.18 23.81
N CYS B 314 8.18 -46.11 22.88
CA CYS B 314 7.13 -46.89 22.24
C CYS B 314 7.89 -48.14 21.80
N ILE B 315 7.17 -49.19 21.41
CA ILE B 315 7.84 -50.44 21.01
C ILE B 315 8.50 -50.28 19.64
N LEU B 316 9.83 -50.39 19.64
CA LEU B 316 10.61 -50.15 18.45
C LEU B 316 11.47 -51.37 18.18
N GLU B 317 12.04 -51.92 19.25
CA GLU B 317 12.82 -53.14 19.21
C GLU B 317 12.05 -54.42 18.87
N LYS B 318 12.80 -55.39 18.36
CA LYS B 318 12.30 -56.73 18.08
C LYS B 318 13.06 -57.75 18.95
N ASN B 319 12.30 -58.61 19.64
CA ASN B 319 12.85 -59.75 20.42
C ASN B 319 11.82 -60.87 20.65
N GLU B 320 12.26 -62.00 21.23
CA GLU B 320 11.38 -63.18 21.38
C GLU B 320 10.15 -62.95 22.27
N GLU B 321 10.24 -62.05 23.25
CA GLU B 321 9.11 -61.80 24.16
C GLU B 321 7.92 -61.10 23.52
N ILE B 322 8.16 -60.42 22.40
CA ILE B 322 7.17 -59.50 21.82
C ILE B 322 6.98 -59.62 20.29
N THR B 323 7.98 -60.12 19.59
CA THR B 323 7.92 -60.17 18.13
C THR B 323 7.32 -61.50 17.67
N MET B 324 6.11 -61.39 17.11
CA MET B 324 5.13 -62.45 17.16
C MET B 324 4.00 -62.03 16.22
N PRO B 325 3.34 -62.99 15.55
CA PRO B 325 2.09 -62.67 14.85
C PRO B 325 1.06 -62.16 15.85
N ALA B 326 0.10 -61.36 15.41
CA ALA B 326 -0.87 -60.76 16.33
C ALA B 326 -1.70 -61.85 17.00
N SER B 327 -2.02 -61.67 18.28
CA SER B 327 -2.74 -62.68 19.09
C SER B 327 -3.10 -62.09 20.45
N PRO B 328 -4.13 -62.67 21.14
CA PRO B 328 -4.44 -62.16 22.49
C PRO B 328 -3.24 -62.27 23.43
N GLU B 329 -2.37 -63.25 23.15
CA GLU B 329 -1.17 -63.50 23.95
C GLU B 329 -0.12 -62.43 23.71
N ARG B 330 0.19 -62.17 22.46
CA ARG B 330 1.07 -61.06 22.08
C ARG B 330 0.63 -59.72 22.71
N SER B 331 -0.67 -59.43 22.66
CA SER B 331 -1.20 -58.18 23.26
C SER B 331 -0.89 -58.04 24.75
N ILE B 332 -0.98 -59.15 25.48
CA ILE B 332 -0.72 -59.10 26.93
C ILE B 332 0.81 -59.05 27.16
N ASN B 333 1.57 -59.73 26.32
CA ASN B 333 3.01 -59.73 26.40
C ASN B 333 3.57 -58.33 26.31
N LEU B 334 3.03 -57.56 25.35
CA LEU B 334 3.41 -56.18 25.10
C LEU B 334 3.12 -55.38 26.34
N GLY B 335 1.92 -55.56 26.89
CA GLY B 335 1.48 -54.83 28.09
C GLY B 335 2.41 -55.05 29.28
N LEU B 336 2.81 -56.31 29.48
CA LEU B 336 3.69 -56.69 30.58
C LEU B 336 5.11 -56.22 30.36
N TYR B 337 5.58 -56.39 29.14
CA TYR B 337 6.90 -55.92 28.75
C TYR B 337 7.08 -54.46 29.09
N VAL B 338 6.03 -53.67 28.87
CA VAL B 338 6.13 -52.23 29.09
C VAL B 338 5.97 -51.90 30.55
N ALA B 339 5.04 -52.58 31.22
CA ALA B 339 4.88 -52.42 32.68
C ALA B 339 6.23 -52.66 33.35
N ARG B 340 6.94 -53.68 32.86
CA ARG B 340 8.30 -53.96 33.32
C ARG B 340 9.19 -52.71 33.21
N ILE B 341 9.22 -52.10 32.03
CA ILE B 341 10.04 -50.88 31.80
C ILE B 341 9.68 -49.82 32.83
N ILE B 342 8.39 -49.62 33.02
CA ILE B 342 7.89 -48.60 33.95
C ILE B 342 8.33 -48.93 35.38
N HIS B 343 8.11 -50.17 35.80
CA HIS B 343 8.49 -50.57 37.17
C HIS B 343 9.96 -50.27 37.43
N ASN B 344 10.82 -50.73 36.54
CA ASN B 344 12.24 -50.55 36.72
C ASN B 344 12.71 -49.07 36.67
N ASP B 345 12.09 -48.27 35.79
CA ASP B 345 12.30 -46.81 35.81
C ASP B 345 11.94 -46.19 37.13
N LEU B 346 10.77 -46.54 37.64
CA LEU B 346 10.28 -46.00 38.92
C LEU B 346 11.09 -46.48 40.13
N THR B 347 11.58 -47.71 40.09
CA THR B 347 12.26 -48.34 41.26
C THR B 347 13.81 -48.36 41.22
N LEU B 348 14.40 -48.49 40.04
CA LEU B 348 15.85 -48.51 39.94
C LEU B 348 16.45 -47.14 39.54
N ALA B 349 15.88 -46.52 38.50
CA ALA B 349 16.33 -45.19 38.08
C ALA B 349 15.64 -44.13 38.93
N ASN B 350 14.75 -44.57 39.82
CA ASN B 350 13.97 -43.67 40.67
C ASN B 350 13.37 -42.48 39.89
N ALA B 351 12.78 -42.79 38.75
CA ALA B 351 12.13 -41.80 37.87
C ALA B 351 10.91 -41.12 38.50
N SER B 352 10.82 -39.79 38.33
CA SER B 352 9.66 -39.00 38.80
C SER B 352 8.56 -38.87 37.73
N ALA B 353 8.83 -39.36 36.54
CA ALA B 353 7.80 -39.36 35.49
C ALA B 353 8.11 -40.46 34.51
N TRP B 354 7.05 -41.07 33.97
CA TRP B 354 7.20 -42.01 32.87
C TRP B 354 6.32 -41.56 31.71
N GLN B 355 6.90 -41.48 30.51
CA GLN B 355 6.20 -40.82 29.37
C GLN B 355 6.18 -41.58 28.06
N TRP B 356 4.98 -41.79 27.56
CA TRP B 356 4.84 -42.43 26.26
C TRP B 356 5.28 -41.46 25.13
N TRP B 357 5.62 -42.04 23.99
CA TRP B 357 5.67 -41.35 22.72
C TRP B 357 4.22 -41.11 22.30
N THR B 358 3.91 -41.14 21.02
CA THR B 358 2.54 -40.89 20.57
C THR B 358 1.50 -41.74 21.33
N ALA B 359 0.55 -41.08 21.96
CA ALA B 359 -0.60 -41.77 22.52
C ALA B 359 -1.30 -42.68 21.50
N VAL B 360 -1.29 -42.29 20.22
CA VAL B 360 -1.96 -43.10 19.22
C VAL B 360 -1.02 -43.48 18.09
N SER B 361 -1.31 -44.61 17.46
CA SER B 361 -0.46 -45.10 16.39
C SER B 361 -1.21 -46.08 15.50
N LEU B 362 -0.68 -46.32 14.31
CA LEU B 362 -1.20 -47.34 13.39
C LEU B 362 -0.81 -48.79 13.76
N GLY B 363 0.28 -48.98 14.49
CA GLY B 363 0.70 -50.32 14.94
C GLY B 363 0.22 -50.62 16.36
N GLU B 364 0.55 -51.80 16.86
CA GLU B 364 0.29 -52.10 18.26
C GLU B 364 1.57 -51.86 19.08
N ASP B 365 1.91 -50.60 19.31
CA ASP B 365 3.20 -50.23 19.91
C ASP B 365 3.12 -49.10 20.92
N VAL B 366 1.89 -48.67 21.23
CA VAL B 366 1.55 -47.56 22.17
C VAL B 366 0.14 -47.82 22.78
N PRO B 367 -0.32 -46.97 23.71
CA PRO B 367 -1.65 -47.16 24.34
C PRO B 367 -2.85 -47.36 23.41
N ILE B 368 -3.05 -46.49 22.41
CA ILE B 368 -4.19 -46.61 21.48
C ILE B 368 -3.75 -47.01 20.08
N GLN B 369 -4.38 -48.03 19.52
CA GLN B 369 -4.21 -48.34 18.11
C GLN B 369 -5.43 -47.87 17.31
N LEU B 370 -5.10 -47.33 16.14
CA LEU B 370 -6.00 -46.71 15.20
C LEU B 370 -6.13 -47.69 14.07
N LEU B 371 -7.35 -48.09 13.79
CA LEU B 371 -7.62 -49.07 12.74
C LEU B 371 -8.40 -48.39 11.65
N PRO B 372 -8.02 -48.56 10.38
CA PRO B 372 -8.85 -47.95 9.33
C PRO B 372 -10.27 -48.50 9.39
N LEU B 373 -11.26 -47.67 9.12
CA LEU B 373 -12.61 -48.20 8.86
C LEU B 373 -12.46 -49.25 7.79
N GLU B 374 -13.38 -50.23 7.75
CA GLU B 374 -13.10 -51.42 6.96
C GLU B 374 -13.04 -51.17 5.48
N GLY B 375 -12.01 -51.74 4.86
CA GLY B 375 -11.77 -51.58 3.43
C GLY B 375 -10.90 -50.37 3.16
N SER B 376 -10.63 -49.58 4.21
CA SER B 376 -9.90 -48.31 4.07
C SER B 376 -8.40 -48.42 4.32
N ASN B 377 -7.62 -47.53 3.71
CA ASN B 377 -6.16 -47.54 3.90
C ASN B 377 -5.75 -46.76 5.12
N GLY B 378 -4.44 -46.76 5.39
CA GLY B 378 -3.91 -46.00 6.53
C GLY B 378 -4.06 -44.49 6.37
N LEU B 379 -3.81 -43.95 5.17
CA LEU B 379 -4.05 -42.49 4.92
C LEU B 379 -5.44 -42.03 5.31
N SER B 380 -6.44 -42.89 5.08
CA SER B 380 -7.81 -42.59 5.52
C SER B 380 -7.89 -42.23 7.01
N LEU B 381 -6.95 -42.70 7.82
CA LEU B 381 -6.97 -42.37 9.26
C LEU B 381 -6.76 -40.89 9.56
N GLN B 382 -6.35 -40.12 8.54
CA GLN B 382 -6.30 -38.66 8.70
C GLN B 382 -7.67 -38.07 8.91
N TYR B 383 -8.72 -38.81 8.54
CA TYR B 383 -10.09 -38.25 8.55
C TYR B 383 -11.09 -38.96 9.43
N ASP B 384 -10.82 -40.22 9.73
CA ASP B 384 -11.67 -41.02 10.61
C ASP B 384 -11.10 -42.43 10.75
N GLY B 385 -11.47 -43.10 11.83
CA GLY B 385 -11.07 -44.49 12.02
C GLY B 385 -11.65 -45.11 13.27
N GLU B 386 -11.09 -46.27 13.63
CA GLU B 386 -11.60 -47.05 14.77
C GLU B 386 -10.62 -47.08 15.94
N ILE B 387 -11.15 -46.81 17.14
CA ILE B 387 -10.33 -46.81 18.34
C ILE B 387 -10.18 -48.23 18.92
N SER B 388 -8.95 -48.71 18.99
CA SER B 388 -8.62 -49.95 19.65
C SER B 388 -7.64 -49.71 20.81
N THR B 389 -8.03 -50.04 22.04
CA THR B 389 -7.12 -49.91 23.16
C THR B 389 -6.21 -51.15 23.18
N THR B 390 -4.92 -50.94 23.42
CA THR B 390 -4.02 -52.07 23.49
C THR B 390 -3.91 -52.43 24.97
N LYS B 391 -3.32 -53.58 25.29
CA LYS B 391 -3.04 -53.92 26.70
C LYS B 391 -2.01 -52.98 27.35
N MET B 392 -1.19 -52.30 26.53
CA MET B 392 -0.22 -51.34 27.08
C MET B 392 -0.91 -50.10 27.65
N LEU B 393 -2.13 -49.83 27.16
CA LEU B 393 -2.92 -48.73 27.70
C LEU B 393 -3.24 -49.05 29.16
N TRP B 394 -3.73 -50.27 29.34
CA TRP B 394 -4.26 -50.71 30.63
C TRP B 394 -3.16 -50.96 31.65
N THR B 395 -2.05 -51.53 31.22
CA THR B 395 -0.93 -51.72 32.14
C THR B 395 -0.27 -50.42 32.56
N THR B 396 -0.23 -49.44 31.66
CA THR B 396 0.22 -48.11 32.01
C THR B 396 -0.72 -47.56 33.04
N ALA B 397 -2.02 -47.74 32.80
CA ALA B 397 -3.06 -47.21 33.68
C ALA B 397 -3.00 -47.79 35.09
N ASN B 398 -2.71 -49.10 35.20
CA ASN B 398 -2.39 -49.73 36.50
C ASN B 398 -1.58 -48.75 37.37
N TYR B 399 -0.56 -48.12 36.75
CA TYR B 399 0.23 -47.09 37.41
C TYR B 399 -0.46 -45.73 37.39
N SER B 400 -0.69 -45.20 36.19
CA SER B 400 -1.00 -43.77 36.02
C SER B 400 -2.35 -43.36 36.57
N PHE B 401 -3.36 -44.21 36.38
CA PHE B 401 -4.69 -43.92 36.94
C PHE B 401 -4.65 -43.77 38.48
N PHE B 402 -3.67 -44.41 39.11
CA PHE B 402 -3.69 -44.51 40.60
C PHE B 402 -2.58 -43.77 41.25
N VAL B 403 -1.41 -43.78 40.61
CA VAL B 403 -0.24 -43.06 41.11
C VAL B 403 -0.27 -41.62 40.55
N ARG B 404 -0.65 -40.70 41.44
CA ARG B 404 -0.94 -39.30 41.12
C ARG B 404 0.24 -38.37 41.45
N PRO B 405 0.28 -37.17 40.80
CA PRO B 405 1.36 -36.21 41.07
C PRO B 405 1.45 -35.79 42.55
N GLY B 406 2.67 -35.78 43.08
CA GLY B 406 2.88 -35.41 44.47
C GLY B 406 3.06 -36.61 45.38
N MET B 407 2.47 -37.74 45.03
CA MET B 407 2.69 -38.97 45.80
C MET B 407 4.19 -39.22 45.81
N LYS B 408 4.63 -40.06 46.75
CA LYS B 408 6.01 -40.51 46.72
C LYS B 408 6.12 -42.03 46.72
N ARG B 409 7.15 -42.52 46.05
CA ARG B 409 7.48 -43.93 46.16
C ARG B 409 7.95 -44.19 47.61
N ILE B 410 7.46 -45.29 48.18
CA ILE B 410 7.91 -45.77 49.49
C ILE B 410 8.30 -47.22 49.41
N ALA B 411 9.13 -47.68 50.34
CA ALA B 411 9.61 -49.07 50.31
C ALA B 411 8.49 -50.11 50.49
N ILE B 412 8.65 -51.22 49.79
CA ILE B 412 7.85 -52.39 49.99
C ILE B 412 8.84 -53.49 49.82
N LYS B 413 9.07 -54.22 50.92
CA LYS B 413 10.17 -55.17 50.98
C LYS B 413 9.64 -56.57 51.21
N PRO B 414 10.08 -57.53 50.37
CA PRO B 414 9.78 -58.93 50.59
C PRO B 414 10.60 -59.49 51.77
N THR B 415 10.10 -60.58 52.35
CA THR B 415 10.80 -61.30 53.41
C THR B 415 11.98 -62.11 52.88
N TYR B 416 11.90 -62.55 51.62
CA TYR B 416 13.04 -63.18 50.93
C TYR B 416 13.76 -62.17 50.02
N LYS B 417 15.08 -62.02 50.19
CA LYS B 417 15.89 -61.19 49.29
C LYS B 417 15.90 -61.72 47.85
N ILE B 418 15.27 -60.96 46.94
CA ILE B 418 15.41 -61.15 45.47
C ILE B 418 16.26 -60.02 44.85
N SER B 419 17.12 -60.36 43.90
CA SER B 419 17.89 -59.33 43.18
C SER B 419 17.01 -58.69 42.11
N ASP B 420 17.32 -57.43 41.76
CA ASP B 420 16.67 -56.72 40.65
C ASP B 420 16.51 -57.62 39.43
N LEU B 421 17.60 -58.27 39.02
CA LEU B 421 17.57 -59.19 37.88
C LEU B 421 16.56 -60.34 38.00
N GLU B 422 16.43 -60.90 39.20
CA GLU B 422 15.51 -62.02 39.43
C GLU B 422 14.05 -61.58 39.33
N ALA B 423 13.72 -60.46 39.95
CA ALA B 423 12.36 -59.89 39.93
C ALA B 423 11.91 -59.52 38.51
N ALA B 424 12.86 -59.08 37.68
CA ALA B 424 12.58 -58.69 36.29
C ALA B 424 11.97 -59.79 35.42
N THR B 425 12.06 -61.04 35.87
CA THR B 425 11.51 -62.15 35.09
C THR B 425 10.45 -62.93 35.89
N SER B 426 10.19 -62.47 37.10
CA SER B 426 9.26 -63.19 37.96
C SER B 426 8.14 -62.30 38.49
N LEU B 427 8.49 -61.44 39.43
CA LEU B 427 7.49 -60.66 40.16
C LEU B 427 8.08 -59.34 40.56
N MET B 428 7.36 -58.28 40.25
CA MET B 428 7.85 -56.92 40.50
C MET B 428 6.77 -56.16 41.22
N ILE B 429 7.16 -55.38 42.20
CA ILE B 429 6.17 -54.69 42.98
C ILE B 429 6.74 -53.40 43.59
N SER B 430 5.87 -52.38 43.75
CA SER B 430 6.24 -51.04 44.25
C SER B 430 5.02 -50.34 44.81
N SER B 431 5.31 -49.38 45.69
CA SER B 431 4.28 -48.69 46.44
C SER B 431 4.58 -47.22 46.47
N TYR B 432 3.51 -46.46 46.60
CA TYR B 432 3.48 -45.00 46.47
C TYR B 432 2.37 -44.55 47.44
N THR B 433 2.48 -43.34 47.95
CA THR B 433 1.45 -42.80 48.82
C THR B 433 1.39 -41.27 48.79
N ASP B 434 0.21 -40.74 49.05
CA ASP B 434 0.09 -39.31 49.30
C ASP B 434 -0.06 -39.07 50.80
N GLY B 435 -0.04 -40.17 51.57
CA GLY B 435 -0.24 -40.16 53.01
C GLY B 435 -1.70 -40.39 53.35
N LYS B 436 -2.52 -40.58 52.32
CA LYS B 436 -3.94 -40.83 52.51
C LYS B 436 -4.33 -42.19 51.90
N GLU B 437 -3.89 -42.43 50.67
CA GLU B 437 -4.04 -43.71 49.98
C GLU B 437 -2.64 -44.32 49.87
N VAL B 438 -2.55 -45.65 49.90
CA VAL B 438 -1.30 -46.33 49.59
C VAL B 438 -1.61 -47.26 48.45
N VAL B 439 -0.88 -47.03 47.35
CA VAL B 439 -1.10 -47.68 46.07
C VAL B 439 0.06 -48.61 45.79
N THR B 440 -0.28 -49.86 45.50
CA THR B 440 0.72 -50.88 45.21
C THR B 440 0.46 -51.55 43.86
N VAL B 441 1.52 -51.62 43.06
CA VAL B 441 1.41 -52.19 41.72
C VAL B 441 2.36 -53.38 41.61
N ALA B 442 1.78 -54.52 41.24
CA ALA B 442 2.53 -55.76 41.16
C ALA B 442 2.44 -56.33 39.77
N ILE B 443 3.61 -56.64 39.21
CA ILE B 443 3.66 -57.35 37.97
C ILE B 443 4.07 -58.80 38.22
N ASN B 444 3.18 -59.71 37.82
CA ASN B 444 3.49 -61.12 37.86
C ASN B 444 3.94 -61.44 36.46
N TYR B 445 5.25 -61.35 36.25
CA TYR B 445 5.82 -61.62 34.94
C TYR B 445 5.90 -63.12 34.66
N SER B 446 5.75 -63.93 35.72
CA SER B 446 5.83 -65.38 35.59
C SER B 446 4.56 -66.01 35.01
N LYS B 447 4.74 -67.21 34.47
CA LYS B 447 3.67 -68.09 33.98
C LYS B 447 2.84 -68.76 35.09
N GLU B 448 3.11 -68.41 36.35
CA GLU B 448 2.44 -69.04 37.48
C GLU B 448 1.65 -68.05 38.33
N ASN B 449 0.40 -68.39 38.67
CA ASN B 449 -0.36 -67.58 39.65
C ASN B 449 0.41 -67.49 40.98
N GLN B 450 0.18 -66.41 41.71
CA GLN B 450 0.92 -66.12 42.93
C GLN B 450 0.01 -65.48 43.97
N VAL B 451 0.09 -65.96 45.21
CA VAL B 451 -0.61 -65.33 46.31
C VAL B 451 0.40 -64.54 47.13
N ILE B 452 -0.03 -63.35 47.56
CA ILE B 452 0.82 -62.48 48.34
C ILE B 452 0.07 -61.92 49.54
N SER B 453 0.81 -61.67 50.60
CA SER B 453 0.24 -60.98 51.75
C SER B 453 0.81 -59.59 51.71
N LEU B 454 -0.06 -58.60 51.59
CA LEU B 454 0.37 -57.23 51.65
C LEU B 454 0.38 -56.80 53.11
N ASN B 455 1.55 -56.43 53.61
CA ASN B 455 1.70 -55.95 54.99
C ASN B 455 1.89 -54.43 55.09
N CYS B 456 0.81 -53.73 55.45
CA CYS B 456 0.77 -52.27 55.34
C CYS B 456 0.16 -51.60 56.57
N ASP B 457 1.01 -51.30 57.56
CA ASP B 457 0.57 -50.84 58.89
C ASP B 457 -0.49 -51.78 59.52
N HIS B 458 -1.66 -51.26 59.87
CA HIS B 458 -2.71 -52.08 60.49
C HIS B 458 -3.89 -52.34 59.52
N ALA B 459 -3.65 -52.20 58.22
CA ALA B 459 -4.71 -52.29 57.22
C ALA B 459 -5.01 -53.73 56.84
N GLN B 460 -6.28 -54.03 56.59
CA GLN B 460 -6.74 -55.40 56.42
C GLN B 460 -7.31 -55.71 55.03
N LYS B 461 -7.87 -54.70 54.36
CA LYS B 461 -8.45 -54.89 53.01
C LYS B 461 -8.00 -53.83 51.99
N GLY B 462 -8.16 -54.15 50.71
CA GLY B 462 -7.84 -53.21 49.64
C GLY B 462 -8.60 -53.50 48.36
N LYS B 463 -8.75 -52.47 47.53
CA LYS B 463 -9.42 -52.64 46.24
C LYS B 463 -8.39 -53.12 45.21
N VAL B 464 -8.84 -54.01 44.32
CA VAL B 464 -7.94 -54.67 43.38
C VAL B 464 -8.47 -54.40 41.97
N TYR B 465 -7.54 -54.02 41.09
CA TYR B 465 -7.80 -53.70 39.69
C TYR B 465 -6.76 -54.46 38.91
N LEU B 466 -7.22 -55.19 37.90
CA LEU B 466 -6.39 -56.21 37.31
C LEU B 466 -6.42 -56.23 35.79
N THR B 467 -5.22 -56.32 35.18
CA THR B 467 -5.07 -56.44 33.73
C THR B 467 -4.46 -57.77 33.38
N THR B 468 -5.06 -58.49 32.44
CA THR B 468 -4.56 -59.78 32.01
C THR B 468 -4.92 -59.87 30.56
N ILE B 469 -4.64 -61.04 29.96
CA ILE B 469 -5.05 -61.39 28.59
C ILE B 469 -6.56 -61.19 28.29
N ASP B 470 -7.36 -61.10 29.37
CA ASP B 470 -8.81 -61.19 29.39
C ASP B 470 -9.39 -59.93 29.98
N LYS B 471 -8.55 -59.15 30.65
CA LYS B 471 -9.08 -58.09 31.50
C LYS B 471 -8.39 -56.75 31.25
N ASN B 472 -9.19 -55.72 30.96
CA ASN B 472 -8.68 -54.36 30.81
C ASN B 472 -8.87 -53.62 32.13
N LEU B 473 -7.83 -53.56 32.95
CA LEU B 473 -7.90 -53.00 34.31
C LEU B 473 -9.30 -53.17 34.98
N ARG B 474 -9.70 -54.45 35.18
CA ARG B 474 -11.01 -54.79 35.74
C ARG B 474 -10.94 -54.69 37.25
N TYR B 475 -11.98 -54.09 37.84
CA TYR B 475 -12.15 -54.08 39.30
C TYR B 475 -12.55 -55.47 39.83
N MET B 476 -11.79 -55.95 40.81
CA MET B 476 -12.03 -57.27 41.40
C MET B 476 -12.67 -57.19 42.81
N GLY B 477 -13.25 -56.04 43.15
CA GLY B 477 -13.88 -55.82 44.46
C GLY B 477 -12.89 -55.69 45.61
N GLU B 478 -13.42 -55.40 46.82
CA GLU B 478 -12.58 -55.31 48.02
C GLU B 478 -12.02 -56.68 48.39
N GLN B 479 -10.74 -56.69 48.75
CA GLN B 479 -9.98 -57.93 48.89
C GLN B 479 -9.13 -57.92 50.17
N PRO B 480 -9.03 -59.09 50.85
CA PRO B 480 -8.15 -59.17 52.03
C PRO B 480 -6.65 -59.10 51.71
N LEU B 481 -5.97 -58.11 52.28
CA LEU B 481 -4.53 -57.90 52.05
C LEU B 481 -3.65 -59.11 52.35
N LYS B 482 -4.04 -59.88 53.39
CA LYS B 482 -3.30 -61.09 53.83
C LYS B 482 -3.24 -62.20 52.76
N LYS B 483 -4.25 -62.24 51.89
CA LYS B 483 -4.31 -63.23 50.81
C LYS B 483 -4.74 -62.61 49.48
N LEU B 484 -3.77 -62.19 48.68
CA LEU B 484 -4.06 -61.56 47.37
C LEU B 484 -3.61 -62.43 46.20
N GLN B 485 -4.58 -62.73 45.32
CA GLN B 485 -4.35 -63.60 44.18
C GLN B 485 -3.80 -62.79 43.00
N LEU B 486 -2.52 -63.00 42.68
CA LEU B 486 -1.92 -62.41 41.49
C LEU B 486 -1.83 -63.47 40.39
N PRO B 487 -2.75 -63.41 39.38
CA PRO B 487 -2.77 -64.40 38.31
C PRO B 487 -1.48 -64.37 37.52
N ALA B 488 -1.16 -65.48 36.87
CA ALA B 488 -0.01 -65.54 35.96
C ALA B 488 -0.12 -64.42 34.91
N ARG B 489 1.00 -63.74 34.69
CA ARG B 489 1.15 -62.73 33.62
C ARG B 489 0.05 -61.66 33.62
N SER B 490 0.06 -60.91 34.72
CA SER B 490 -0.95 -59.94 35.03
C SER B 490 -0.26 -58.75 35.66
N VAL B 491 -0.97 -57.62 35.70
CA VAL B 491 -0.54 -56.50 36.50
C VAL B 491 -1.69 -56.19 37.44
N ALA B 492 -1.37 -55.94 38.69
CA ALA B 492 -2.42 -55.62 39.64
C ALA B 492 -2.14 -54.37 40.43
N THR B 493 -3.19 -53.58 40.63
CA THR B 493 -3.13 -52.44 41.50
C THR B 493 -4.04 -52.62 42.73
N ILE B 494 -3.42 -52.48 43.90
CA ILE B 494 -4.09 -52.62 45.20
C ILE B 494 -4.11 -51.28 45.93
N VAL B 495 -5.29 -50.66 45.97
CA VAL B 495 -5.45 -49.39 46.64
C VAL B 495 -5.96 -49.59 48.07
N VAL B 496 -5.23 -49.06 49.04
CA VAL B 496 -5.60 -49.24 50.45
C VAL B 496 -6.34 -48.05 51.07
N LYS C 6 -41.67 -41.90 -51.42
CA LYS C 6 -41.95 -42.53 -50.08
C LYS C 6 -42.87 -41.63 -49.23
N VAL C 7 -43.82 -42.23 -48.52
CA VAL C 7 -44.84 -41.43 -47.81
C VAL C 7 -45.17 -41.93 -46.39
N PHE C 8 -45.29 -40.97 -45.46
CA PHE C 8 -45.45 -41.24 -44.03
C PHE C 8 -46.70 -40.57 -43.52
N ILE C 9 -47.30 -41.16 -42.49
CA ILE C 9 -48.54 -40.67 -41.94
C ILE C 9 -48.40 -40.54 -40.44
N ILE C 10 -48.50 -39.29 -39.97
CA ILE C 10 -48.47 -38.99 -38.54
C ILE C 10 -49.80 -39.37 -37.92
N ASP C 11 -49.73 -40.04 -36.77
CA ASP C 11 -50.94 -40.40 -36.05
C ASP C 11 -50.90 -39.81 -34.63
N LYS C 12 -51.73 -38.78 -34.42
CA LYS C 12 -51.79 -38.06 -33.16
C LYS C 12 -52.49 -38.86 -32.06
N GLN C 13 -52.96 -40.06 -32.41
CA GLN C 13 -53.57 -40.98 -31.44
C GLN C 13 -52.59 -42.02 -30.91
N THR C 14 -51.68 -42.51 -31.76
CA THR C 14 -50.60 -43.35 -31.25
C THR C 14 -49.61 -42.43 -30.55
N VAL C 15 -49.63 -42.49 -29.23
CA VAL C 15 -48.84 -41.63 -28.37
C VAL C 15 -47.81 -42.50 -27.62
N TYR C 16 -46.57 -42.03 -27.55
CA TYR C 16 -45.51 -42.76 -26.87
C TYR C 16 -45.04 -42.01 -25.63
N GLN C 17 -43.71 -41.95 -25.45
CA GLN C 17 -43.07 -41.37 -24.27
C GLN C 17 -43.15 -39.84 -24.22
N GLU C 18 -43.15 -39.31 -23.00
CA GLU C 18 -43.05 -37.88 -22.76
C GLU C 18 -41.57 -37.42 -22.80
N ILE C 19 -41.31 -36.28 -23.45
CA ILE C 19 -39.96 -35.72 -23.50
C ILE C 19 -39.62 -34.87 -22.25
N ASP C 20 -38.50 -35.20 -21.59
CA ASP C 20 -38.02 -34.44 -20.43
C ASP C 20 -37.04 -33.33 -20.84
N ASN C 21 -36.00 -33.68 -21.60
CA ASN C 21 -34.95 -32.72 -21.92
C ASN C 21 -33.95 -33.26 -22.90
N PHE C 22 -33.20 -32.35 -23.50
CA PHE C 22 -31.89 -32.64 -24.10
C PHE C 22 -30.81 -31.92 -23.27
N SER C 23 -29.64 -32.55 -23.14
CA SER C 23 -28.66 -32.12 -22.16
C SER C 23 -27.19 -32.29 -22.61
N ALA C 24 -26.31 -31.76 -21.78
CA ALA C 24 -24.88 -31.89 -21.95
C ALA C 24 -24.28 -31.65 -20.57
N SER C 25 -22.98 -31.86 -20.47
CA SER C 25 -22.27 -31.84 -19.18
C SER C 25 -21.27 -30.67 -19.12
N ASP C 26 -21.14 -30.04 -17.94
CA ASP C 26 -20.15 -28.96 -17.72
C ASP C 26 -18.72 -29.45 -17.39
N ALA C 27 -18.55 -30.77 -17.37
CA ALA C 27 -17.48 -31.39 -16.63
C ALA C 27 -16.08 -31.02 -17.14
N TRP C 28 -15.19 -30.77 -16.17
CA TRP C 28 -13.75 -30.55 -16.41
C TRP C 28 -13.42 -29.16 -17.02
N ARG C 29 -13.98 -28.88 -18.19
CA ARG C 29 -13.61 -27.73 -19.00
C ARG C 29 -14.44 -26.48 -18.74
N CYS C 30 -15.69 -26.64 -18.33
CA CYS C 30 -16.53 -25.46 -18.04
C CYS C 30 -16.08 -24.64 -16.84
N ALA C 31 -15.48 -25.27 -15.83
CA ALA C 31 -14.83 -24.54 -14.73
C ALA C 31 -13.78 -23.53 -15.21
N PHE C 32 -13.02 -23.87 -16.23
CA PHE C 32 -11.99 -22.96 -16.72
C PHE C 32 -12.59 -21.85 -17.59
N ILE C 33 -13.53 -22.24 -18.45
CA ILE C 33 -14.18 -21.31 -19.36
C ILE C 33 -14.96 -20.28 -18.57
N GLY C 34 -15.72 -20.75 -17.60
CA GLY C 34 -16.59 -19.90 -16.80
C GLY C 34 -15.85 -18.90 -15.93
N LYS C 35 -14.65 -19.25 -15.52
CA LYS C 35 -13.87 -18.42 -14.62
C LYS C 35 -12.84 -17.58 -15.37
N ASN C 36 -12.27 -18.13 -16.45
CA ASN C 36 -11.14 -17.52 -17.11
C ASN C 36 -11.35 -16.86 -18.47
N TRP C 37 -12.27 -17.36 -19.29
CA TRP C 37 -12.35 -16.96 -20.72
C TRP C 37 -12.92 -15.56 -20.90
N PRO C 38 -12.53 -14.84 -22.00
CA PRO C 38 -13.15 -13.55 -22.34
C PRO C 38 -14.69 -13.62 -22.31
N GLN C 39 -15.31 -12.68 -21.59
CA GLN C 39 -16.78 -12.56 -21.49
C GLN C 39 -17.58 -12.89 -22.78
N GLU C 40 -17.24 -12.26 -23.90
CA GLU C 40 -17.94 -12.45 -25.14
C GLU C 40 -17.89 -13.90 -25.66
N LYS C 41 -16.80 -14.59 -25.35
CA LYS C 41 -16.66 -15.97 -25.77
C LYS C 41 -17.53 -16.93 -24.92
N LYS C 42 -17.46 -16.78 -23.59
CA LYS C 42 -18.35 -17.42 -22.62
C LYS C 42 -19.81 -17.25 -22.99
N GLU C 43 -20.19 -16.04 -23.34
CA GLU C 43 -21.60 -15.73 -23.69
C GLU C 43 -22.02 -16.40 -25.00
N LYS C 44 -21.14 -16.38 -26.00
CA LYS C 44 -21.33 -17.10 -27.27
C LYS C 44 -21.51 -18.60 -26.98
N ILE C 45 -20.52 -19.22 -26.32
CA ILE C 45 -20.67 -20.60 -25.89
C ILE C 45 -22.05 -20.80 -25.21
N ALA C 46 -22.39 -19.97 -24.24
CA ALA C 46 -23.67 -20.13 -23.53
C ALA C 46 -24.89 -19.88 -24.41
N ASP C 47 -24.72 -19.11 -25.48
CA ASP C 47 -25.81 -18.84 -26.40
C ASP C 47 -26.09 -20.09 -27.21
N LEU C 48 -24.99 -20.74 -27.63
CA LEU C 48 -25.05 -21.94 -28.44
C LEU C 48 -25.63 -23.12 -27.67
N LEU C 49 -25.52 -23.08 -26.34
CA LEU C 49 -25.99 -24.17 -25.49
C LEU C 49 -27.43 -24.01 -25.05
N PHE C 50 -27.84 -22.78 -24.70
CA PHE C 50 -29.11 -22.61 -24.00
C PHE C 50 -30.23 -21.76 -24.64
N LYS C 51 -29.91 -20.92 -25.62
CA LYS C 51 -30.81 -19.84 -26.04
C LYS C 51 -31.76 -20.30 -27.14
N ARG C 52 -33.06 -20.27 -26.86
CA ARG C 52 -34.03 -20.69 -27.86
C ARG C 52 -34.49 -19.45 -28.62
N GLU C 53 -33.70 -19.08 -29.63
CA GLU C 53 -33.95 -17.90 -30.44
C GLU C 53 -33.42 -18.19 -31.81
N PHE C 54 -33.92 -17.43 -32.80
CA PHE C 54 -33.43 -17.49 -34.18
C PHE C 54 -32.55 -16.26 -34.46
N ASP C 55 -31.73 -16.34 -35.50
CA ASP C 55 -30.97 -15.18 -35.93
C ASP C 55 -31.87 -14.29 -36.81
N GLU C 56 -31.25 -13.45 -37.65
CA GLU C 56 -32.00 -12.51 -38.49
C GLU C 56 -32.73 -13.25 -39.61
N LYS C 57 -32.03 -14.15 -40.30
CA LYS C 57 -32.61 -14.87 -41.43
C LYS C 57 -33.46 -16.09 -40.99
N GLY C 58 -33.79 -16.17 -39.71
CA GLY C 58 -34.59 -17.26 -39.15
C GLY C 58 -33.87 -18.60 -38.92
N ASN C 59 -32.53 -18.58 -38.92
CA ASN C 59 -31.74 -19.76 -38.55
C ASN C 59 -31.64 -19.89 -37.03
N PRO C 60 -31.88 -21.12 -36.48
CA PRO C 60 -31.74 -21.35 -35.03
C PRO C 60 -30.32 -21.08 -34.53
N ILE C 61 -30.19 -20.51 -33.33
CA ILE C 61 -28.88 -20.02 -32.88
C ILE C 61 -27.97 -21.11 -32.27
N GLY C 62 -28.57 -22.19 -31.74
CA GLY C 62 -27.84 -23.39 -31.34
C GLY C 62 -28.74 -24.54 -30.89
N MET C 63 -28.29 -25.31 -29.89
CA MET C 63 -28.98 -26.51 -29.44
C MET C 63 -30.13 -26.19 -28.50
N ALA C 64 -30.06 -25.03 -27.85
CA ALA C 64 -31.06 -24.68 -26.86
C ALA C 64 -31.40 -25.88 -26.00
N LEU C 65 -30.39 -26.49 -25.41
CA LEU C 65 -30.58 -27.59 -24.46
C LEU C 65 -31.52 -27.16 -23.34
N THR C 66 -32.15 -28.15 -22.70
CA THR C 66 -33.21 -27.94 -21.72
C THR C 66 -32.92 -28.69 -20.44
N ASN C 67 -31.70 -29.19 -20.34
CA ASN C 67 -31.15 -29.59 -19.06
C ASN C 67 -29.66 -29.33 -19.14
N TRP C 68 -29.01 -29.20 -17.99
CA TRP C 68 -27.57 -29.00 -17.96
C TRP C 68 -27.07 -29.87 -16.84
N ARG C 69 -26.08 -30.71 -17.12
CA ARG C 69 -25.53 -31.60 -16.08
C ARG C 69 -24.35 -30.91 -15.41
N VAL C 70 -24.46 -30.72 -14.08
CA VAL C 70 -23.44 -30.04 -13.25
C VAL C 70 -22.62 -31.01 -12.36
N ASN C 71 -21.33 -31.09 -12.61
CA ASN C 71 -20.44 -31.98 -11.87
C ASN C 71 -20.09 -31.39 -10.55
N ILE C 72 -20.68 -31.93 -9.49
CA ILE C 72 -20.36 -31.55 -8.13
C ILE C 72 -19.06 -32.22 -7.74
N GLY C 73 -18.15 -31.45 -7.15
CA GLY C 73 -16.75 -31.85 -6.98
C GLY C 73 -16.48 -32.73 -5.76
N ALA C 74 -15.45 -33.56 -5.87
CA ALA C 74 -15.09 -34.47 -4.78
C ALA C 74 -13.75 -34.08 -4.20
N GLY C 75 -13.15 -32.98 -4.69
CA GLY C 75 -12.02 -32.37 -4.02
C GLY C 75 -10.67 -32.93 -4.43
N SER C 76 -10.60 -33.50 -5.63
CA SER C 76 -9.30 -33.93 -6.12
C SER C 76 -8.31 -32.76 -6.31
N TYR C 77 -8.83 -31.54 -6.41
CA TYR C 77 -8.00 -30.35 -6.49
C TYR C 77 -7.33 -30.05 -5.14
N GLU C 78 -8.12 -29.83 -4.09
CA GLU C 78 -7.57 -29.64 -2.74
C GLU C 78 -6.61 -30.78 -2.32
N ASN C 79 -6.93 -32.01 -2.74
CA ASN C 79 -6.21 -33.23 -2.33
C ASN C 79 -5.08 -33.60 -3.31
N ARG C 80 -4.83 -32.72 -4.30
CA ARG C 80 -4.00 -33.08 -5.49
C ARG C 80 -2.58 -33.56 -5.18
N GLU C 81 -2.12 -33.28 -3.97
CA GLU C 81 -0.79 -33.72 -3.51
C GLU C 81 -0.77 -35.20 -3.12
N ALA C 82 -1.96 -35.78 -2.89
CA ALA C 82 -2.11 -37.22 -2.68
C ALA C 82 -1.92 -37.92 -4.01
N LYS C 83 -2.23 -39.22 -4.06
CA LYS C 83 -2.21 -39.99 -5.30
C LYS C 83 -3.57 -39.78 -5.95
N GLU C 84 -3.70 -38.68 -6.71
CA GLU C 84 -4.98 -38.19 -7.17
C GLU C 84 -5.11 -38.09 -8.68
N VAL C 85 -6.20 -37.48 -9.15
CA VAL C 85 -6.32 -37.16 -10.56
C VAL C 85 -5.03 -36.48 -11.07
N ASP C 86 -4.51 -36.97 -12.19
CA ASP C 86 -3.13 -36.73 -12.63
C ASP C 86 -2.95 -35.60 -13.64
N ASN C 87 -3.92 -34.69 -13.74
CA ASN C 87 -3.81 -33.56 -14.67
C ASN C 87 -4.71 -32.43 -14.16
N SER C 88 -4.40 -31.20 -14.51
CA SER C 88 -5.11 -30.03 -13.96
C SER C 88 -6.52 -29.87 -14.51
N TRP C 89 -6.73 -30.33 -15.73
CA TRP C 89 -8.02 -30.18 -16.38
C TRP C 89 -9.16 -30.85 -15.57
N ASN C 90 -8.91 -32.04 -15.03
CA ASN C 90 -9.98 -32.95 -14.59
C ASN C 90 -10.15 -33.03 -13.08
N ARG C 91 -9.40 -32.22 -12.34
CA ARG C 91 -9.54 -32.12 -10.89
C ARG C 91 -10.68 -31.19 -10.60
N THR C 92 -11.29 -31.35 -9.43
CA THR C 92 -12.42 -30.56 -9.06
C THR C 92 -12.19 -30.12 -7.63
N GLU C 93 -12.86 -29.04 -7.24
CA GLU C 93 -12.89 -28.62 -5.84
C GLU C 93 -14.12 -29.21 -5.12
N CYS C 94 -14.13 -29.13 -3.80
CA CYS C 94 -15.26 -29.67 -3.08
C CYS C 94 -15.77 -28.66 -2.08
N PHE C 95 -17.09 -28.39 -2.10
CA PHE C 95 -17.72 -27.40 -1.21
C PHE C 95 -17.45 -27.72 0.25
N LEU C 96 -17.20 -28.99 0.54
CA LEU C 96 -17.07 -29.47 1.89
C LEU C 96 -15.63 -29.86 2.16
N SER C 97 -15.13 -29.47 3.32
CA SER C 97 -13.78 -29.81 3.70
C SER C 97 -13.82 -30.87 4.81
N PRO C 98 -12.67 -31.58 5.05
CA PRO C 98 -12.55 -32.61 6.09
C PRO C 98 -12.93 -32.19 7.51
N ASP C 99 -12.85 -30.90 7.83
CA ASP C 99 -13.28 -30.42 9.17
C ASP C 99 -14.75 -30.05 9.18
N GLY C 100 -15.44 -30.29 8.07
CA GLY C 100 -16.90 -30.14 8.01
C GLY C 100 -17.46 -28.78 7.63
N LYS C 101 -16.61 -27.87 7.17
CA LYS C 101 -17.07 -26.54 6.78
C LYS C 101 -17.40 -26.53 5.31
N TYR C 102 -18.42 -25.74 4.96
CA TYR C 102 -18.82 -25.53 3.56
C TYR C 102 -18.26 -24.23 3.01
N ASP C 103 -17.81 -24.26 1.76
CA ASP C 103 -17.36 -23.05 1.07
C ASP C 103 -17.95 -23.07 -0.34
N PHE C 104 -19.09 -22.42 -0.50
CA PHE C 104 -19.74 -22.44 -1.82
C PHE C 104 -19.18 -21.40 -2.80
N THR C 105 -18.02 -20.82 -2.50
CA THR C 105 -17.42 -19.86 -3.45
C THR C 105 -16.63 -20.66 -4.47
N LYS C 106 -16.39 -21.93 -4.14
CA LYS C 106 -15.64 -22.85 -4.98
C LYS C 106 -16.46 -23.24 -6.21
N GLN C 107 -15.83 -23.88 -7.19
CA GLN C 107 -16.53 -24.23 -8.47
C GLN C 107 -17.16 -23.03 -9.18
N ALA C 108 -16.44 -21.91 -9.19
CA ALA C 108 -16.96 -20.62 -9.69
C ALA C 108 -17.23 -20.63 -11.19
N GLY C 109 -16.33 -21.21 -11.96
CA GLY C 109 -16.60 -21.42 -13.38
C GLY C 109 -17.94 -22.13 -13.67
N GLN C 110 -18.22 -23.16 -12.89
CA GLN C 110 -19.46 -23.95 -13.06
C GLN C 110 -20.70 -23.21 -12.58
N GLN C 111 -20.60 -22.50 -11.46
CA GLN C 111 -21.67 -21.57 -11.09
C GLN C 111 -21.85 -20.49 -12.16
N TRP C 112 -20.79 -20.12 -12.88
CA TRP C 112 -21.03 -19.13 -13.93
C TRP C 112 -21.99 -19.68 -15.01
N PHE C 113 -21.74 -20.90 -15.48
CA PHE C 113 -22.61 -21.50 -16.49
C PHE C 113 -24.05 -21.68 -16.01
N MET C 114 -24.25 -22.12 -14.77
CA MET C 114 -25.61 -22.18 -14.20
C MET C 114 -26.33 -20.81 -14.38
N LYS C 115 -25.73 -19.73 -13.85
CA LYS C 115 -26.26 -18.35 -14.06
C LYS C 115 -26.50 -17.96 -15.54
N ALA C 116 -25.57 -18.29 -16.43
CA ALA C 116 -25.69 -17.93 -17.85
C ALA C 116 -26.86 -18.70 -18.50
N ALA C 117 -27.12 -19.90 -17.96
CA ALA C 117 -28.21 -20.75 -18.48
C ALA C 117 -29.56 -20.23 -18.02
N ARG C 118 -29.68 -19.87 -16.73
CA ARG C 118 -30.92 -19.37 -16.20
C ARG C 118 -31.35 -18.12 -16.96
N GLU C 119 -30.36 -17.26 -17.21
CA GLU C 119 -30.54 -15.97 -17.83
C GLU C 119 -31.12 -16.12 -19.21
N ARG C 120 -30.84 -17.26 -19.83
CA ARG C 120 -31.30 -17.56 -21.19
C ARG C 120 -32.53 -18.46 -21.17
N GLY C 121 -33.22 -18.47 -20.03
CA GLY C 121 -34.46 -19.20 -19.86
C GLY C 121 -34.40 -20.72 -19.74
N MET C 122 -33.28 -21.24 -19.22
CA MET C 122 -33.11 -22.68 -18.99
C MET C 122 -32.70 -22.85 -17.54
N ASN C 123 -33.68 -23.13 -16.69
CA ASN C 123 -33.43 -23.28 -15.25
C ASN C 123 -33.77 -24.71 -14.79
N ASN C 124 -33.10 -25.69 -15.42
CA ASN C 124 -33.27 -27.12 -15.13
C ASN C 124 -31.93 -27.84 -14.91
N PHE C 125 -31.61 -28.15 -13.66
CA PHE C 125 -30.28 -28.66 -13.30
C PHE C 125 -30.20 -30.12 -12.79
N LEU C 126 -29.30 -30.91 -13.37
CA LEU C 126 -28.87 -32.17 -12.74
C LEU C 126 -27.48 -32.01 -12.13
N PHE C 127 -27.35 -32.50 -10.89
CA PHE C 127 -26.09 -32.57 -10.17
C PHE C 127 -25.53 -34.01 -10.17
N PHE C 128 -24.42 -34.27 -10.84
CA PHE C 128 -23.79 -35.61 -10.70
C PHE C 128 -22.41 -35.62 -10.03
N THR C 129 -22.06 -36.76 -9.42
CA THR C 129 -20.73 -37.00 -8.90
C THR C 129 -20.05 -38.24 -9.47
N ASN C 130 -18.75 -38.10 -9.70
CA ASN C 130 -17.87 -39.17 -10.11
C ASN C 130 -17.14 -39.79 -8.94
N SER C 131 -17.28 -39.18 -7.79
CA SER C 131 -16.64 -39.66 -6.60
C SER C 131 -17.24 -38.91 -5.46
N ALA C 132 -17.22 -39.51 -4.27
CA ALA C 132 -17.57 -38.80 -3.02
C ALA C 132 -16.32 -38.05 -2.62
N PRO C 133 -16.49 -37.04 -1.75
CA PRO C 133 -15.34 -36.28 -1.31
C PRO C 133 -14.21 -37.20 -0.84
N TYR C 134 -12.99 -36.90 -1.27
CA TYR C 134 -11.80 -37.71 -1.04
C TYR C 134 -11.63 -38.17 0.40
N PHE C 135 -12.18 -37.41 1.34
CA PHE C 135 -11.99 -37.71 2.74
C PHE C 135 -13.01 -38.72 3.29
N MET C 136 -14.08 -38.95 2.50
CA MET C 136 -15.07 -40.00 2.82
C MET C 136 -14.73 -41.33 2.16
N THR C 137 -13.73 -41.35 1.29
CA THR C 137 -13.39 -42.53 0.54
C THR C 137 -12.58 -43.57 1.33
N ARG C 138 -12.39 -44.74 0.74
CA ARG C 138 -11.62 -45.78 1.37
C ARG C 138 -10.13 -45.63 1.02
N SER C 139 -9.85 -45.02 -0.14
CA SER C 139 -8.45 -44.80 -0.56
C SER C 139 -7.87 -43.42 -0.18
N ALA C 140 -8.63 -42.62 0.57
CA ALA C 140 -8.27 -41.22 0.87
C ALA C 140 -8.04 -40.35 -0.38
N SER C 141 -8.74 -40.67 -1.46
CA SER C 141 -8.48 -40.05 -2.77
C SER C 141 -9.67 -40.33 -3.68
N THR C 142 -9.90 -39.46 -4.66
CA THR C 142 -11.04 -39.68 -5.55
C THR C 142 -10.66 -40.74 -6.59
N VAL C 143 -9.36 -41.05 -6.62
CA VAL C 143 -8.85 -42.18 -7.38
C VAL C 143 -8.86 -43.41 -6.44
N SER C 144 -9.78 -44.33 -6.73
CA SER C 144 -9.95 -45.58 -5.96
C SER C 144 -8.75 -46.50 -6.18
N THR C 145 -8.55 -47.48 -5.29
CA THR C 145 -7.39 -48.37 -5.40
C THR C 145 -7.73 -49.88 -5.46
N ASP C 146 -9.03 -50.17 -5.60
CA ASP C 146 -9.54 -51.55 -5.82
C ASP C 146 -10.92 -51.51 -6.50
N GLN C 147 -11.45 -52.70 -6.84
CA GLN C 147 -12.75 -52.84 -7.46
C GLN C 147 -13.63 -53.78 -6.64
N ASP C 148 -13.49 -53.72 -5.31
CA ASP C 148 -14.19 -54.65 -4.42
C ASP C 148 -15.62 -54.20 -4.24
N CYS C 149 -15.78 -52.87 -4.15
CA CYS C 149 -17.06 -52.21 -3.94
C CYS C 149 -16.83 -50.72 -4.15
N ILE C 150 -17.70 -49.90 -3.56
CA ILE C 150 -17.66 -48.47 -3.75
C ILE C 150 -16.59 -47.85 -2.87
N ASN C 151 -15.67 -47.11 -3.51
CA ASN C 151 -14.65 -46.34 -2.78
C ASN C 151 -15.27 -45.29 -1.89
N LEU C 152 -16.16 -45.72 -1.01
CA LEU C 152 -16.75 -44.86 0.00
C LEU C 152 -16.80 -45.69 1.27
N GLN C 153 -16.50 -45.07 2.40
CA GLN C 153 -16.44 -45.77 3.66
C GLN C 153 -17.82 -46.20 4.08
N ASN C 154 -17.91 -47.44 4.58
CA ASN C 154 -19.19 -48.12 4.90
C ASN C 154 -20.21 -47.31 5.69
N ASP C 155 -19.73 -46.45 6.59
CA ASP C 155 -20.63 -45.61 7.35
C ASP C 155 -20.73 -44.17 6.85
N LYS C 156 -20.25 -43.95 5.60
CA LYS C 156 -20.26 -42.59 4.99
C LYS C 156 -21.27 -42.38 3.84
N PHE C 157 -22.03 -43.43 3.51
CA PHE C 157 -23.27 -43.29 2.72
C PHE C 157 -24.20 -42.15 3.20
N ASP C 158 -24.52 -42.11 4.50
CA ASP C 158 -25.35 -41.02 5.00
C ASP C 158 -24.69 -39.65 4.82
N ASP C 159 -23.38 -39.57 5.07
CA ASP C 159 -22.67 -38.30 4.99
C ASP C 159 -22.69 -37.77 3.55
N PHE C 160 -22.37 -38.65 2.62
CA PHE C 160 -22.32 -38.33 1.22
C PHE C 160 -23.70 -37.90 0.69
N ALA C 161 -24.72 -38.71 0.97
CA ALA C 161 -26.12 -38.31 0.73
C ALA C 161 -26.47 -36.91 1.26
N ARG C 162 -26.09 -36.58 2.49
CA ARG C 162 -26.39 -35.25 3.06
C ARG C 162 -25.57 -34.12 2.37
N PHE C 163 -24.30 -34.41 2.07
CA PHE C 163 -23.45 -33.46 1.36
C PHE C 163 -24.13 -33.07 0.04
N LEU C 164 -24.60 -34.08 -0.69
CA LEU C 164 -25.21 -33.84 -2.00
C LEU C 164 -26.50 -33.06 -1.90
N VAL C 165 -27.17 -33.23 -0.77
CA VAL C 165 -28.49 -32.67 -0.58
C VAL C 165 -28.33 -31.23 -0.11
N LYS C 166 -27.40 -31.02 0.84
CA LYS C 166 -26.97 -29.68 1.22
C LYS C 166 -26.59 -28.86 -0.03
N SER C 167 -25.73 -29.41 -0.89
CA SER C 167 -25.40 -28.73 -2.13
C SER C 167 -26.64 -28.39 -2.94
N ALA C 168 -27.49 -29.39 -3.19
CA ALA C 168 -28.67 -29.13 -4.02
C ALA C 168 -29.48 -28.00 -3.39
N GLN C 169 -29.64 -28.09 -2.08
CA GLN C 169 -30.42 -27.14 -1.30
C GLN C 169 -29.86 -25.73 -1.46
N HIS C 170 -28.56 -25.59 -1.21
CA HIS C 170 -27.89 -24.28 -1.35
C HIS C 170 -28.26 -23.57 -2.66
N PHE C 171 -28.19 -24.30 -3.77
CA PHE C 171 -28.46 -23.71 -5.07
C PHE C 171 -29.95 -23.56 -5.41
N ARG C 172 -30.81 -24.44 -4.89
CA ARG C 172 -32.25 -24.27 -4.98
C ARG C 172 -32.68 -22.99 -4.25
N GLU C 173 -32.04 -22.70 -3.11
CA GLU C 173 -32.39 -21.51 -2.35
C GLU C 173 -31.86 -20.23 -3.00
N GLN C 174 -31.15 -20.38 -4.12
CA GLN C 174 -30.73 -19.22 -4.90
C GLN C 174 -31.56 -19.13 -6.19
N GLY C 175 -32.50 -20.07 -6.34
CA GLY C 175 -33.47 -20.03 -7.44
C GLY C 175 -33.05 -20.92 -8.57
N PHE C 176 -32.00 -21.70 -8.37
CA PHE C 176 -31.65 -22.73 -9.35
C PHE C 176 -32.46 -23.98 -9.07
N HIS C 177 -33.14 -24.47 -10.11
CA HIS C 177 -33.92 -25.67 -9.99
C HIS C 177 -33.05 -26.89 -10.15
N VAL C 178 -32.49 -27.34 -9.04
CA VAL C 178 -31.69 -28.55 -9.07
C VAL C 178 -32.72 -29.66 -8.92
N ASN C 179 -33.09 -30.25 -10.05
CA ASN C 179 -34.20 -31.20 -10.08
C ASN C 179 -33.77 -32.65 -9.84
N TYR C 180 -32.54 -32.97 -10.22
CA TYR C 180 -32.01 -34.33 -10.17
C TYR C 180 -30.69 -34.42 -9.38
N ILE C 181 -30.38 -35.62 -8.91
CA ILE C 181 -29.09 -35.94 -8.30
C ILE C 181 -28.72 -37.33 -8.75
N SER C 182 -27.64 -37.43 -9.51
CA SER C 182 -27.09 -38.68 -9.98
C SER C 182 -25.77 -39.02 -9.26
N PRO C 183 -25.82 -39.78 -8.13
CA PRO C 183 -24.69 -39.98 -7.20
C PRO C 183 -23.56 -40.88 -7.70
N ASN C 184 -23.82 -41.67 -8.73
CA ASN C 184 -22.85 -42.67 -9.15
C ASN C 184 -22.76 -42.71 -10.65
N ASN C 185 -21.53 -42.70 -11.13
CA ASN C 185 -21.28 -42.67 -12.56
C ASN C 185 -20.61 -43.97 -12.97
N GLU C 186 -20.99 -44.50 -14.14
CA GLU C 186 -20.49 -45.77 -14.67
C GLU C 186 -19.99 -46.75 -13.57
N PRO C 187 -20.89 -47.15 -12.66
CA PRO C 187 -20.49 -48.00 -11.51
C PRO C 187 -19.90 -49.38 -11.91
N ASN C 188 -20.10 -49.80 -13.16
CA ASN C 188 -19.44 -50.98 -13.73
C ASN C 188 -17.93 -50.89 -13.97
N GLY C 189 -17.41 -49.67 -14.17
CA GLY C 189 -16.04 -49.51 -14.70
C GLY C 189 -14.97 -49.93 -13.71
N GLN C 190 -13.84 -50.40 -14.23
CA GLN C 190 -12.63 -50.60 -13.42
C GLN C 190 -11.92 -49.23 -13.22
N TRP C 191 -12.46 -48.46 -12.28
CA TRP C 191 -12.02 -47.09 -12.15
C TRP C 191 -10.63 -46.96 -11.52
N HIS C 192 -10.30 -47.87 -10.60
CA HIS C 192 -9.01 -47.84 -9.92
C HIS C 192 -7.84 -47.97 -10.90
N ALA C 193 -8.12 -48.38 -12.14
CA ALA C 193 -7.10 -48.44 -13.19
C ALA C 193 -6.92 -47.13 -13.97
N ASN C 194 -7.66 -46.09 -13.54
CA ASN C 194 -7.74 -44.80 -14.24
C ASN C 194 -7.40 -43.65 -13.30
N SER C 195 -6.29 -42.96 -13.56
CA SER C 195 -5.96 -41.71 -12.84
C SER C 195 -6.16 -40.41 -13.66
N PHE C 196 -6.84 -40.52 -14.80
CA PHE C 196 -7.17 -39.38 -15.67
C PHE C 196 -8.28 -38.54 -15.09
N GLN C 197 -8.92 -39.05 -14.05
CA GLN C 197 -10.26 -38.64 -13.75
C GLN C 197 -10.72 -39.22 -12.41
N GLU C 198 -11.71 -38.59 -11.77
CA GLU C 198 -12.40 -39.11 -10.61
C GLU C 198 -13.38 -40.19 -11.03
N GLY C 199 -13.54 -41.20 -10.20
CA GLY C 199 -14.46 -42.27 -10.52
C GLY C 199 -14.55 -43.34 -9.45
N SER C 200 -15.65 -44.07 -9.45
CA SER C 200 -15.77 -45.25 -8.61
C SER C 200 -16.68 -46.33 -9.19
N PHE C 201 -16.10 -47.54 -9.23
CA PHE C 201 -16.82 -48.82 -9.26
C PHE C 201 -17.83 -48.82 -8.14
N ALA C 202 -18.96 -49.48 -8.36
CA ALA C 202 -19.93 -49.71 -7.29
C ALA C 202 -20.89 -50.85 -7.65
N THR C 203 -21.28 -51.62 -6.61
CA THR C 203 -22.21 -52.77 -6.70
C THR C 203 -23.64 -52.28 -6.51
N LYS C 204 -24.61 -53.03 -7.04
CA LYS C 204 -26.04 -52.73 -6.86
C LYS C 204 -26.38 -52.56 -5.38
N ALA C 205 -25.79 -53.37 -4.51
CA ALA C 205 -25.93 -53.14 -3.05
C ALA C 205 -25.36 -51.78 -2.60
N ASP C 206 -24.33 -51.29 -3.29
CA ASP C 206 -23.81 -49.93 -3.04
C ASP C 206 -24.84 -48.94 -3.54
N LEU C 207 -25.19 -49.08 -4.83
CA LEU C 207 -26.25 -48.26 -5.44
C LEU C 207 -27.53 -48.21 -4.61
N TYR C 208 -27.94 -49.37 -4.07
CA TYR C 208 -29.14 -49.47 -3.23
C TYR C 208 -29.08 -48.53 -2.04
N ARG C 209 -27.97 -48.60 -1.31
CA ARG C 209 -27.81 -47.84 -0.09
C ARG C 209 -27.78 -46.33 -0.41
N MET C 210 -27.15 -45.98 -1.54
CA MET C 210 -27.05 -44.58 -1.91
C MET C 210 -28.43 -43.98 -2.14
N VAL C 211 -29.30 -44.70 -2.86
CA VAL C 211 -30.70 -44.25 -3.06
C VAL C 211 -31.45 -44.24 -1.73
N GLU C 212 -31.25 -45.29 -0.95
CA GLU C 212 -31.82 -45.40 0.39
C GLU C 212 -31.45 -44.17 1.25
N GLU C 213 -30.17 -43.81 1.27
CA GLU C 213 -29.69 -42.67 2.05
C GLU C 213 -30.08 -41.32 1.41
N LEU C 214 -30.03 -41.25 0.09
CA LEU C 214 -30.44 -40.01 -0.57
C LEU C 214 -31.93 -39.75 -0.36
N ASP C 215 -32.73 -40.82 -0.43
CA ASP C 215 -34.18 -40.72 -0.22
C ASP C 215 -34.42 -40.06 1.14
N LYS C 216 -33.78 -40.60 2.16
CA LYS C 216 -33.91 -40.13 3.56
C LYS C 216 -33.43 -38.68 3.74
N ALA C 217 -32.29 -38.36 3.15
CA ALA C 217 -31.75 -36.99 3.20
C ALA C 217 -32.64 -35.98 2.46
N ILE C 218 -33.09 -36.31 1.25
CA ILE C 218 -34.01 -35.43 0.49
C ILE C 218 -35.27 -35.14 1.31
N SER C 219 -35.83 -36.20 1.89
CA SER C 219 -37.05 -36.09 2.71
C SER C 219 -36.80 -35.22 3.93
N GLU C 220 -35.68 -35.45 4.62
CA GLU C 220 -35.27 -34.61 5.74
C GLU C 220 -35.22 -33.12 5.41
N ALA C 221 -34.65 -32.78 4.25
CA ALA C 221 -34.43 -31.38 3.88
C ALA C 221 -35.60 -30.75 3.13
N GLN C 222 -36.47 -31.59 2.56
CA GLN C 222 -37.77 -31.18 1.99
C GLN C 222 -37.64 -30.45 0.65
N ILE C 223 -36.73 -30.92 -0.19
CA ILE C 223 -36.47 -30.34 -1.50
C ILE C 223 -37.09 -31.18 -2.63
N ASP C 224 -37.70 -30.52 -3.60
CA ASP C 224 -38.29 -31.21 -4.72
CA ASP C 224 -38.30 -31.21 -4.70
C ASP C 224 -37.19 -31.64 -5.69
N THR C 225 -36.42 -32.66 -5.26
CA THR C 225 -35.33 -33.23 -6.05
C THR C 225 -35.45 -34.75 -6.03
N LYS C 226 -35.19 -35.39 -7.16
CA LYS C 226 -35.28 -36.84 -7.25
C LYS C 226 -33.93 -37.48 -7.62
N ILE C 227 -33.78 -38.77 -7.29
CA ILE C 227 -32.56 -39.52 -7.52
C ILE C 227 -32.55 -40.25 -8.86
N LEU C 228 -31.48 -40.06 -9.63
CA LEU C 228 -31.27 -40.81 -10.87
C LEU C 228 -30.05 -41.75 -10.87
N ILE C 229 -30.30 -43.05 -11.10
CA ILE C 229 -29.29 -44.10 -11.27
C ILE C 229 -29.57 -44.92 -12.54
N PRO C 230 -28.61 -45.79 -12.96
CA PRO C 230 -27.26 -46.03 -12.42
C PRO C 230 -26.07 -45.41 -13.20
N GLU C 231 -26.32 -44.85 -14.38
CA GLU C 231 -25.26 -44.25 -15.21
C GLU C 231 -24.22 -45.28 -15.67
N VAL C 232 -24.68 -46.50 -15.96
CA VAL C 232 -23.80 -47.55 -16.43
C VAL C 232 -23.23 -47.17 -17.78
N GLY C 233 -21.95 -47.50 -18.00
CA GLY C 233 -21.20 -46.96 -19.14
C GLY C 233 -21.47 -47.67 -20.45
N ASP C 234 -22.20 -48.78 -20.34
CA ASP C 234 -22.59 -49.65 -21.47
C ASP C 234 -24.00 -50.13 -21.18
N MET C 235 -24.85 -50.20 -22.20
CA MET C 235 -26.25 -50.59 -21.96
C MET C 235 -26.39 -52.07 -21.55
N LYS C 236 -25.38 -52.86 -21.89
CA LYS C 236 -25.33 -54.28 -21.52
C LYS C 236 -25.52 -54.53 -20.02
N TYR C 237 -25.07 -53.59 -19.18
CA TYR C 237 -25.22 -53.76 -17.73
C TYR C 237 -26.67 -53.57 -17.31
N LEU C 238 -27.53 -53.33 -18.28
CA LEU C 238 -28.95 -53.22 -18.00
C LEU C 238 -29.58 -54.64 -17.81
N PHE C 239 -28.84 -55.63 -18.30
CA PHE C 239 -29.28 -57.03 -18.36
C PHE C 239 -28.21 -57.91 -17.71
N GLU C 240 -28.64 -59.06 -17.17
CA GLU C 240 -27.72 -59.98 -16.51
C GLU C 240 -26.70 -60.50 -17.52
N ILE C 241 -25.41 -60.43 -17.17
CA ILE C 241 -24.35 -60.85 -18.11
C ILE C 241 -23.20 -61.66 -17.50
N ASP C 242 -23.09 -61.70 -16.18
CA ASP C 242 -22.10 -62.59 -15.54
C ASP C 242 -22.52 -63.24 -14.21
N SER C 243 -21.69 -64.20 -13.78
CA SER C 243 -21.91 -64.98 -12.57
C SER C 243 -21.38 -64.27 -11.32
N ILE C 244 -20.41 -63.37 -11.54
CA ILE C 244 -19.76 -62.65 -10.43
C ILE C 244 -20.78 -61.70 -9.81
N ALA C 245 -21.02 -61.92 -8.52
CA ALA C 245 -22.02 -61.15 -7.76
C ALA C 245 -21.79 -59.64 -7.76
N LYS C 246 -20.54 -59.22 -7.53
CA LYS C 246 -20.23 -57.78 -7.38
C LYS C 246 -20.64 -56.93 -8.60
N THR C 247 -20.51 -57.50 -9.81
CA THR C 247 -20.77 -56.82 -11.08
C THR C 247 -22.14 -56.15 -11.10
N PRO C 248 -22.19 -54.84 -11.36
CA PRO C 248 -23.50 -54.19 -11.38
C PRO C 248 -24.15 -54.31 -12.76
N ASP C 249 -24.39 -55.56 -13.16
CA ASP C 249 -25.22 -55.87 -14.33
C ASP C 249 -26.67 -56.10 -13.87
N ASP C 250 -27.54 -56.51 -14.81
CA ASP C 250 -28.96 -56.83 -14.53
C ASP C 250 -29.69 -55.75 -13.72
N ILE C 251 -29.58 -54.50 -14.16
CA ILE C 251 -30.12 -53.38 -13.41
C ILE C 251 -31.64 -53.25 -13.54
N ILE C 252 -32.17 -53.45 -14.74
CA ILE C 252 -33.63 -53.36 -14.92
C ILE C 252 -34.32 -54.35 -13.99
N HIS C 253 -34.01 -55.64 -14.16
CA HIS C 253 -34.65 -56.66 -13.30
C HIS C 253 -34.32 -56.52 -11.82
N SER C 254 -33.04 -56.42 -11.48
CA SER C 254 -32.63 -56.38 -10.07
C SER C 254 -33.05 -55.13 -9.29
N MET C 255 -33.00 -53.97 -9.96
CA MET C 255 -33.22 -52.67 -9.29
C MET C 255 -34.55 -52.05 -9.68
N PHE C 256 -34.98 -52.30 -10.91
CA PHE C 256 -36.16 -51.61 -11.45
C PHE C 256 -37.39 -52.50 -11.73
N TYR C 257 -37.42 -53.69 -11.11
CA TYR C 257 -38.66 -54.47 -10.93
C TYR C 257 -38.99 -54.54 -9.44
N LYS C 258 -40.26 -54.44 -9.07
CA LYS C 258 -40.59 -54.30 -7.63
C LYS C 258 -40.19 -55.49 -6.71
N ASP C 259 -39.98 -56.64 -7.32
CA ASP C 259 -39.55 -57.82 -6.56
C ASP C 259 -38.05 -58.15 -6.75
N GLY C 260 -37.33 -57.33 -7.53
CA GLY C 260 -35.90 -57.50 -7.70
C GLY C 260 -35.16 -57.46 -6.35
N GLN C 261 -33.99 -58.10 -6.33
CA GLN C 261 -33.17 -58.17 -5.12
C GLN C 261 -32.94 -56.78 -4.54
N TYR C 262 -32.66 -55.84 -5.43
CA TYR C 262 -32.31 -54.48 -5.04
C TYR C 262 -33.30 -53.44 -5.56
N SER C 263 -34.55 -53.86 -5.77
CA SER C 263 -35.62 -52.93 -6.13
C SER C 263 -35.45 -51.57 -5.41
N VAL C 264 -35.49 -50.50 -6.21
CA VAL C 264 -35.45 -49.14 -5.68
C VAL C 264 -36.80 -48.44 -5.88
N LEU C 265 -37.65 -49.04 -6.73
CA LEU C 265 -39.00 -48.52 -7.05
C LEU C 265 -39.87 -48.13 -5.84
N LYS C 266 -39.53 -48.65 -4.66
CA LYS C 266 -40.26 -48.35 -3.43
C LYS C 266 -39.98 -46.95 -2.89
N PHE C 267 -38.86 -46.37 -3.32
CA PHE C 267 -38.34 -45.14 -2.68
C PHE C 267 -39.05 -43.90 -3.18
N LYS C 268 -39.64 -43.18 -2.22
CA LYS C 268 -40.39 -41.96 -2.48
C LYS C 268 -39.66 -40.98 -3.43
N ASN C 269 -38.36 -40.80 -3.18
CA ASN C 269 -37.61 -39.73 -3.87
C ASN C 269 -36.89 -40.17 -5.13
N LEU C 270 -37.02 -41.45 -5.47
CA LEU C 270 -36.50 -41.96 -6.72
C LEU C 270 -37.14 -41.27 -7.90
N PHE C 271 -36.35 -41.06 -8.93
CA PHE C 271 -36.85 -40.57 -10.18
C PHE C 271 -37.09 -41.85 -10.98
N ASN C 272 -38.35 -42.04 -11.37
CA ASN C 272 -38.82 -43.26 -12.00
C ASN C 272 -38.24 -43.38 -13.40
N CYS C 273 -36.92 -43.47 -13.44
CA CYS C 273 -36.16 -43.48 -14.69
C CYS C 273 -34.89 -44.31 -14.50
N VAL C 274 -34.46 -44.98 -15.57
CA VAL C 274 -33.17 -45.65 -15.56
C VAL C 274 -32.29 -44.80 -16.44
N ALA C 275 -31.00 -44.71 -16.07
CA ALA C 275 -30.04 -43.91 -16.82
C ALA C 275 -28.88 -44.74 -17.33
N ALA C 276 -28.55 -44.59 -18.60
CA ALA C 276 -27.48 -45.37 -19.19
C ALA C 276 -26.81 -44.66 -20.37
N HIS C 277 -25.54 -45.00 -20.60
CA HIS C 277 -24.73 -44.30 -21.58
C HIS C 277 -24.65 -45.09 -22.88
N ASP C 278 -24.60 -44.39 -24.00
CA ASP C 278 -24.67 -45.02 -25.30
C ASP C 278 -23.36 -45.67 -25.73
N TYR C 279 -22.38 -45.67 -24.84
CA TYR C 279 -21.05 -46.10 -25.23
C TYR C 279 -21.01 -47.55 -25.74
N TRP C 280 -20.25 -47.75 -26.82
CA TRP C 280 -19.93 -49.08 -27.34
C TRP C 280 -21.10 -49.88 -27.96
N SER C 281 -22.31 -49.29 -27.99
CA SER C 281 -23.48 -49.90 -28.63
C SER C 281 -24.11 -49.07 -29.75
N ALA C 282 -23.29 -48.32 -30.49
CA ALA C 282 -23.81 -47.44 -31.53
C ALA C 282 -23.38 -47.97 -32.89
N TYR C 283 -22.57 -49.01 -32.87
CA TYR C 283 -22.05 -49.65 -34.08
C TYR C 283 -21.80 -51.14 -33.80
N PRO C 284 -22.04 -52.00 -34.81
CA PRO C 284 -22.78 -51.70 -36.03
C PRO C 284 -24.30 -51.60 -35.78
N ALA C 285 -25.03 -51.32 -36.87
CA ALA C 285 -26.48 -51.09 -36.84
C ALA C 285 -27.29 -52.22 -36.17
N THR C 286 -26.90 -53.47 -36.39
CA THR C 286 -27.54 -54.61 -35.71
C THR C 286 -27.52 -54.45 -34.19
N LEU C 287 -26.33 -54.22 -33.63
CA LEU C 287 -26.16 -53.97 -32.20
C LEU C 287 -26.93 -52.73 -31.81
N LEU C 288 -26.74 -51.68 -32.61
CA LEU C 288 -27.45 -50.43 -32.43
C LEU C 288 -28.93 -50.66 -32.14
N VAL C 289 -29.64 -51.30 -33.07
CA VAL C 289 -31.10 -51.47 -32.94
C VAL C 289 -31.54 -52.55 -31.90
N ASP C 290 -30.82 -53.67 -31.89
CA ASP C 290 -31.12 -54.78 -31.00
C ASP C 290 -31.14 -54.39 -29.52
N ILE C 291 -30.02 -53.86 -29.01
CA ILE C 291 -29.94 -53.50 -27.57
C ILE C 291 -31.03 -52.51 -27.13
N ARG C 292 -31.31 -51.52 -27.98
CA ARG C 292 -32.23 -50.44 -27.63
C ARG C 292 -33.67 -50.96 -27.58
N ASN C 293 -34.02 -51.78 -28.57
CA ASN C 293 -35.25 -52.58 -28.51
C ASN C 293 -35.35 -53.39 -27.23
N ARG C 294 -34.29 -54.15 -26.93
CA ARG C 294 -34.27 -54.96 -25.72
C ARG C 294 -34.50 -54.11 -24.47
N ILE C 295 -33.89 -52.91 -24.44
CA ILE C 295 -34.08 -51.97 -23.32
C ILE C 295 -35.55 -51.67 -23.14
N HIS C 296 -36.20 -51.30 -24.25
CA HIS C 296 -37.64 -51.00 -24.21
C HIS C 296 -38.49 -52.23 -23.85
N LYS C 297 -38.21 -53.36 -24.51
CA LYS C 297 -38.90 -54.63 -24.20
C LYS C 297 -38.98 -54.90 -22.69
N GLU C 298 -37.83 -54.92 -22.01
CA GLU C 298 -37.79 -55.29 -20.59
C GLU C 298 -38.34 -54.22 -19.62
N LEU C 299 -37.99 -52.95 -19.84
CA LEU C 299 -38.41 -51.88 -18.93
C LEU C 299 -39.90 -51.54 -19.04
N SER C 300 -40.47 -51.68 -20.24
CA SER C 300 -41.92 -51.47 -20.42
C SER C 300 -42.75 -52.50 -19.64
N ALA C 301 -42.24 -53.74 -19.55
CA ALA C 301 -42.92 -54.82 -18.84
C ALA C 301 -42.90 -54.68 -17.33
N ASN C 302 -42.25 -53.65 -16.78
CA ASN C 302 -42.06 -53.60 -15.33
C ASN C 302 -43.27 -53.14 -14.51
N GLY C 303 -44.34 -52.73 -15.20
CA GLY C 303 -45.59 -52.32 -14.53
C GLY C 303 -45.50 -51.06 -13.69
N HIS C 304 -44.48 -50.23 -13.94
CA HIS C 304 -44.32 -48.97 -13.22
C HIS C 304 -44.30 -47.66 -14.02
N ASN C 305 -44.36 -47.76 -15.36
CA ASN C 305 -44.32 -46.58 -16.23
C ASN C 305 -42.93 -45.86 -16.12
N THR C 306 -41.88 -46.68 -16.05
CA THR C 306 -40.52 -46.21 -15.83
C THR C 306 -39.89 -45.61 -17.09
N LYS C 307 -39.32 -44.42 -16.94
CA LYS C 307 -38.64 -43.73 -18.04
C LYS C 307 -37.23 -44.26 -18.28
N PHE C 308 -36.69 -44.02 -19.48
CA PHE C 308 -35.28 -44.28 -19.77
C PHE C 308 -34.60 -42.96 -20.21
N TRP C 309 -33.35 -42.75 -19.77
CA TRP C 309 -32.57 -41.59 -20.20
C TRP C 309 -31.25 -42.07 -20.79
N ALA C 310 -30.99 -41.70 -22.04
CA ALA C 310 -29.66 -41.86 -22.62
C ALA C 310 -28.82 -40.70 -22.07
N SER C 311 -28.02 -40.98 -21.04
CA SER C 311 -27.50 -39.91 -20.17
C SER C 311 -26.00 -39.56 -20.32
N GLU C 312 -25.38 -39.94 -21.42
CA GLU C 312 -24.00 -39.56 -21.66
C GLU C 312 -23.49 -40.23 -22.89
N TYR C 313 -23.03 -39.45 -23.84
CA TYR C 313 -22.33 -39.98 -24.98
C TYR C 313 -21.31 -38.98 -25.48
N CYS C 314 -20.24 -39.50 -26.07
CA CYS C 314 -19.37 -38.77 -27.01
C CYS C 314 -18.61 -39.80 -27.86
N ILE C 315 -18.17 -39.36 -29.03
CA ILE C 315 -17.39 -40.19 -29.94
C ILE C 315 -16.09 -40.73 -29.35
N LEU C 316 -16.17 -41.96 -28.81
CA LEU C 316 -15.02 -42.67 -28.27
C LEU C 316 -14.53 -43.74 -29.26
N GLU C 317 -15.47 -44.39 -29.94
CA GLU C 317 -15.17 -45.53 -30.84
C GLU C 317 -14.49 -45.15 -32.15
N LYS C 318 -13.83 -46.13 -32.76
CA LYS C 318 -13.34 -46.03 -34.14
C LYS C 318 -14.07 -47.02 -35.04
N ASN C 319 -14.30 -46.60 -36.29
CA ASN C 319 -14.93 -47.41 -37.32
C ASN C 319 -14.94 -46.70 -38.68
N GLU C 320 -15.12 -47.46 -39.76
CA GLU C 320 -14.97 -46.95 -41.13
C GLU C 320 -15.88 -45.76 -41.51
N GLU C 321 -16.98 -45.60 -40.77
CA GLU C 321 -17.92 -44.52 -41.03
C GLU C 321 -17.34 -43.16 -40.61
N ILE C 322 -16.67 -43.16 -39.46
CA ILE C 322 -16.28 -41.91 -38.76
C ILE C 322 -14.77 -41.71 -38.59
N THR C 323 -14.00 -42.78 -38.75
CA THR C 323 -12.55 -42.72 -38.58
C THR C 323 -11.87 -42.44 -39.91
N MET C 324 -11.23 -41.28 -40.00
CA MET C 324 -10.98 -40.61 -41.27
C MET C 324 -10.20 -39.32 -40.99
N PRO C 325 -9.28 -38.92 -41.89
CA PRO C 325 -8.62 -37.61 -41.72
C PRO C 325 -9.66 -36.49 -41.71
N ALA C 326 -9.34 -35.40 -41.01
CA ALA C 326 -10.25 -34.27 -40.92
C ALA C 326 -10.62 -33.80 -42.32
N SER C 327 -11.93 -33.68 -42.54
CA SER C 327 -12.49 -33.21 -43.80
C SER C 327 -13.90 -32.72 -43.51
N PRO C 328 -14.45 -31.86 -44.40
CA PRO C 328 -15.89 -31.57 -44.36
C PRO C 328 -16.74 -32.85 -44.36
N GLU C 329 -16.32 -33.84 -45.16
CA GLU C 329 -17.02 -35.14 -45.24
C GLU C 329 -17.05 -35.84 -43.89
N ARG C 330 -15.89 -35.94 -43.24
CA ARG C 330 -15.81 -36.48 -41.87
C ARG C 330 -16.76 -35.79 -40.92
N SER C 331 -16.89 -34.47 -41.04
CA SER C 331 -17.64 -33.67 -40.08
C SER C 331 -19.15 -33.99 -40.08
N ILE C 332 -19.73 -34.14 -41.26
CA ILE C 332 -21.15 -34.53 -41.40
C ILE C 332 -21.35 -36.06 -41.13
N ASN C 333 -20.37 -36.87 -41.55
CA ASN C 333 -20.34 -38.26 -41.11
C ASN C 333 -20.53 -38.35 -39.60
N LEU C 334 -19.75 -37.55 -38.86
CA LEU C 334 -19.89 -37.54 -37.38
C LEU C 334 -21.27 -37.09 -36.94
N GLY C 335 -21.77 -36.03 -37.57
CA GLY C 335 -23.09 -35.49 -37.26
C GLY C 335 -24.19 -36.50 -37.48
N LEU C 336 -24.19 -37.12 -38.66
CA LEU C 336 -25.20 -38.15 -38.99
C LEU C 336 -25.06 -39.36 -38.10
N TYR C 337 -23.81 -39.76 -37.85
CA TYR C 337 -23.55 -40.89 -36.95
C TYR C 337 -24.27 -40.74 -35.59
N VAL C 338 -24.25 -39.54 -35.02
CA VAL C 338 -24.81 -39.28 -33.68
C VAL C 338 -26.34 -39.10 -33.73
N ALA C 339 -26.85 -38.42 -34.75
CA ALA C 339 -28.30 -38.35 -34.99
C ALA C 339 -28.93 -39.77 -34.95
N ARG C 340 -28.35 -40.68 -35.75
CA ARG C 340 -28.79 -42.07 -35.77
C ARG C 340 -28.98 -42.56 -34.35
N ILE C 341 -27.95 -42.36 -33.51
CA ILE C 341 -27.99 -42.74 -32.10
C ILE C 341 -29.16 -42.10 -31.39
N ILE C 342 -29.36 -40.81 -31.63
CA ILE C 342 -30.44 -40.07 -30.99
C ILE C 342 -31.79 -40.65 -31.40
N HIS C 343 -32.00 -40.68 -32.73
CA HIS C 343 -33.20 -41.26 -33.35
C HIS C 343 -33.58 -42.59 -32.70
N ASN C 344 -32.63 -43.52 -32.74
CA ASN C 344 -32.82 -44.85 -32.21
C ASN C 344 -33.07 -44.94 -30.71
N ASP C 345 -32.48 -44.03 -29.92
CA ASP C 345 -32.79 -44.02 -28.48
C ASP C 345 -34.19 -43.46 -28.26
N LEU C 346 -34.63 -42.65 -29.21
CA LEU C 346 -35.90 -41.96 -29.05
C LEU C 346 -37.09 -42.84 -29.49
N THR C 347 -36.86 -43.59 -30.56
CA THR C 347 -37.90 -44.40 -31.23
C THR C 347 -37.87 -45.88 -30.80
N LEU C 348 -36.68 -46.45 -30.61
CA LEU C 348 -36.58 -47.82 -30.13
C LEU C 348 -36.47 -47.92 -28.59
N ALA C 349 -35.53 -47.21 -27.97
CA ALA C 349 -35.47 -47.20 -26.50
C ALA C 349 -36.58 -46.41 -25.84
N ASN C 350 -37.28 -45.57 -26.60
CA ASN C 350 -38.29 -44.67 -26.05
C ASN C 350 -37.73 -43.77 -24.93
N ALA C 351 -36.53 -43.23 -25.19
CA ALA C 351 -35.83 -42.29 -24.31
C ALA C 351 -36.66 -41.06 -24.02
N SER C 352 -36.56 -40.60 -22.79
CA SER C 352 -37.18 -39.35 -22.36
C SER C 352 -36.19 -38.18 -22.30
N ALA C 353 -34.89 -38.51 -22.40
CA ALA C 353 -33.82 -37.52 -22.52
C ALA C 353 -32.70 -38.09 -23.34
N TRP C 354 -32.00 -37.20 -24.05
CA TRP C 354 -30.73 -37.56 -24.63
C TRP C 354 -29.69 -36.54 -24.16
N GLN C 355 -28.61 -37.07 -23.57
CA GLN C 355 -27.60 -36.24 -22.90
C GLN C 355 -26.22 -36.50 -23.42
N TRP C 356 -25.60 -35.42 -23.88
CA TRP C 356 -24.17 -35.45 -24.19
C TRP C 356 -23.31 -35.57 -22.91
N TRP C 357 -22.07 -35.98 -23.17
CA TRP C 357 -20.96 -35.80 -22.27
C TRP C 357 -20.58 -34.30 -22.33
N THR C 358 -19.30 -33.97 -22.19
CA THR C 358 -18.84 -32.58 -22.07
C THR C 358 -19.31 -31.81 -23.28
N ALA C 359 -19.97 -30.67 -23.10
CA ALA C 359 -20.44 -29.85 -24.24
C ALA C 359 -19.31 -29.31 -25.06
N VAL C 360 -18.12 -29.28 -24.48
CA VAL C 360 -16.92 -28.78 -25.15
C VAL C 360 -15.78 -29.80 -25.06
N SER C 361 -14.92 -29.80 -26.06
CA SER C 361 -13.79 -30.72 -26.10
C SER C 361 -12.75 -30.14 -27.00
N LEU C 362 -11.53 -30.67 -26.93
CA LEU C 362 -10.49 -30.23 -27.87
C LEU C 362 -10.55 -31.05 -29.15
N GLY C 363 -11.27 -32.15 -29.12
CA GLY C 363 -11.40 -32.98 -30.32
C GLY C 363 -12.71 -32.72 -31.02
N GLU C 364 -12.91 -33.43 -32.13
CA GLU C 364 -14.16 -33.36 -32.86
C GLU C 364 -15.05 -34.56 -32.47
N ASP C 365 -15.61 -34.50 -31.27
CA ASP C 365 -16.27 -35.64 -30.68
C ASP C 365 -17.47 -35.28 -29.83
N VAL C 366 -17.82 -33.99 -29.80
CA VAL C 366 -18.95 -33.46 -29.05
C VAL C 366 -19.47 -32.22 -29.79
N PRO C 367 -20.50 -31.53 -29.25
CA PRO C 367 -21.01 -30.35 -29.96
C PRO C 367 -19.98 -29.26 -30.25
N ILE C 368 -19.21 -28.83 -29.26
CA ILE C 368 -18.31 -27.67 -29.45
C ILE C 368 -16.86 -28.09 -29.40
N GLN C 369 -16.09 -27.76 -30.43
CA GLN C 369 -14.64 -27.98 -30.39
C GLN C 369 -13.89 -26.68 -30.05
N LEU C 370 -13.06 -26.75 -29.03
CA LEU C 370 -12.28 -25.61 -28.58
C LEU C 370 -10.95 -25.67 -29.28
N LEU C 371 -10.60 -24.60 -29.97
CA LEU C 371 -9.36 -24.60 -30.71
C LEU C 371 -8.36 -23.62 -30.07
N PRO C 372 -7.09 -24.03 -29.92
CA PRO C 372 -6.19 -23.04 -29.32
C PRO C 372 -5.99 -21.84 -30.25
N LEU C 373 -5.88 -20.63 -29.69
CA LEU C 373 -5.46 -19.44 -30.45
C LEU C 373 -4.17 -19.74 -31.17
N GLU C 374 -3.87 -19.04 -32.26
CA GLU C 374 -2.80 -19.52 -33.11
C GLU C 374 -1.43 -19.56 -32.41
N GLY C 375 -0.68 -20.60 -32.70
CA GLY C 375 0.62 -20.82 -32.13
C GLY C 375 0.57 -21.25 -30.66
N SER C 376 -0.61 -21.52 -30.13
CA SER C 376 -0.77 -21.91 -28.72
C SER C 376 -0.96 -23.39 -28.51
N ASN C 377 -0.68 -23.84 -27.29
CA ASN C 377 -0.83 -25.25 -27.00
C ASN C 377 -2.22 -25.57 -26.41
N GLY C 378 -2.46 -26.84 -26.07
CA GLY C 378 -3.75 -27.25 -25.55
C GLY C 378 -4.03 -26.69 -24.17
N LEU C 379 -2.96 -26.54 -23.38
CA LEU C 379 -3.08 -26.03 -22.03
C LEU C 379 -3.60 -24.59 -22.02
N SER C 380 -3.08 -23.75 -22.89
CA SER C 380 -3.65 -22.39 -23.03
C SER C 380 -5.19 -22.31 -23.07
N LEU C 381 -5.87 -23.36 -23.57
CA LEU C 381 -7.36 -23.42 -23.60
C LEU C 381 -8.03 -23.32 -22.22
N GLN C 382 -7.26 -23.46 -21.16
CA GLN C 382 -7.75 -23.18 -19.83
C GLN C 382 -8.03 -21.69 -19.66
N TYR C 383 -7.49 -20.86 -20.57
CA TYR C 383 -7.60 -19.40 -20.43
C TYR C 383 -8.33 -18.68 -21.57
N ASP C 384 -8.22 -19.20 -22.79
CA ASP C 384 -8.81 -18.58 -23.96
C ASP C 384 -8.61 -19.54 -25.15
N GLY C 385 -9.43 -19.35 -26.18
CA GLY C 385 -9.31 -20.11 -27.41
C GLY C 385 -10.42 -19.74 -28.36
N GLU C 386 -10.52 -20.49 -29.45
CA GLU C 386 -11.51 -20.30 -30.49
C GLU C 386 -12.59 -21.40 -30.45
N ILE C 387 -13.84 -20.94 -30.58
CA ILE C 387 -15.04 -21.75 -30.62
C ILE C 387 -15.33 -22.28 -32.04
N SER C 388 -15.41 -23.61 -32.19
CA SER C 388 -15.81 -24.23 -33.44
C SER C 388 -17.00 -25.16 -33.20
N THR C 389 -18.09 -24.94 -33.89
CA THR C 389 -19.23 -25.87 -33.80
C THR C 389 -18.96 -27.04 -34.70
N THR C 390 -19.29 -28.23 -34.21
CA THR C 390 -19.22 -29.45 -35.02
C THR C 390 -20.61 -29.72 -35.61
N LYS C 391 -20.65 -30.48 -36.72
CA LYS C 391 -21.94 -30.89 -37.29
C LYS C 391 -22.81 -31.59 -36.25
N MET C 392 -22.17 -32.19 -35.25
CA MET C 392 -22.84 -32.91 -34.17
C MET C 392 -23.68 -32.00 -33.30
N LEU C 393 -23.33 -30.72 -33.24
CA LEU C 393 -24.10 -29.76 -32.47
C LEU C 393 -25.42 -29.51 -33.20
N TRP C 394 -25.29 -29.36 -34.51
CA TRP C 394 -26.40 -29.01 -35.38
C TRP C 394 -27.37 -30.18 -35.53
N THR C 395 -26.84 -31.38 -35.73
CA THR C 395 -27.70 -32.55 -35.83
C THR C 395 -28.45 -32.78 -34.51
N THR C 396 -27.79 -32.48 -33.40
CA THR C 396 -28.46 -32.51 -32.08
C THR C 396 -29.57 -31.49 -32.05
N ALA C 397 -29.28 -30.30 -32.59
CA ALA C 397 -30.21 -29.16 -32.56
C ALA C 397 -31.42 -29.38 -33.49
N ASN C 398 -31.22 -30.13 -34.57
CA ASN C 398 -32.34 -30.66 -35.36
C ASN C 398 -33.42 -31.17 -34.44
N TYR C 399 -33.00 -31.81 -33.33
CA TYR C 399 -33.89 -32.33 -32.29
C TYR C 399 -34.14 -31.37 -31.13
N SER C 400 -33.08 -31.02 -30.39
CA SER C 400 -33.23 -30.32 -29.12
C SER C 400 -33.81 -28.91 -29.22
N PHE C 401 -33.56 -28.21 -30.34
CA PHE C 401 -34.05 -26.83 -30.52
C PHE C 401 -35.56 -26.85 -30.64
N PHE C 402 -36.07 -27.92 -31.24
CA PHE C 402 -37.50 -28.03 -31.64
C PHE C 402 -38.34 -28.96 -30.79
N VAL C 403 -37.69 -29.98 -30.23
CA VAL C 403 -38.36 -30.99 -29.42
C VAL C 403 -38.16 -30.65 -27.95
N ARG C 404 -39.21 -30.06 -27.37
CA ARG C 404 -39.13 -29.33 -26.10
C ARG C 404 -39.68 -30.14 -24.94
N PRO C 405 -39.29 -29.79 -23.69
CA PRO C 405 -39.89 -30.43 -22.50
C PRO C 405 -41.40 -30.52 -22.61
N GLY C 406 -41.97 -31.67 -22.17
CA GLY C 406 -43.43 -31.82 -22.13
C GLY C 406 -44.09 -32.43 -23.36
N MET C 407 -43.57 -32.10 -24.55
CA MET C 407 -43.96 -32.75 -25.82
C MET C 407 -43.93 -34.29 -25.71
N LYS C 408 -44.79 -34.95 -26.50
CA LYS C 408 -44.81 -36.40 -26.55
C LYS C 408 -44.48 -36.93 -27.95
N ARG C 409 -43.82 -38.08 -27.99
CA ARG C 409 -43.57 -38.73 -29.26
C ARG C 409 -44.87 -39.38 -29.76
N ILE C 410 -45.10 -39.30 -31.06
CA ILE C 410 -46.30 -39.84 -31.66
C ILE C 410 -45.91 -40.71 -32.84
N ALA C 411 -46.80 -41.59 -33.28
CA ALA C 411 -46.45 -42.52 -34.34
C ALA C 411 -46.43 -41.82 -35.69
N ILE C 412 -45.43 -42.19 -36.49
CA ILE C 412 -45.32 -41.78 -37.88
C ILE C 412 -44.87 -43.04 -38.64
N LYS C 413 -45.78 -43.60 -39.43
CA LYS C 413 -45.50 -44.83 -40.15
C LYS C 413 -45.47 -44.57 -41.65
N PRO C 414 -44.58 -45.26 -42.38
CA PRO C 414 -44.69 -45.16 -43.83
C PRO C 414 -45.72 -46.14 -44.38
N THR C 415 -46.13 -45.91 -45.62
CA THR C 415 -46.98 -46.83 -46.38
C THR C 415 -46.31 -48.22 -46.54
N TYR C 416 -45.06 -48.23 -47.02
CA TYR C 416 -44.22 -49.42 -47.09
C TYR C 416 -43.39 -49.60 -45.80
N LYS C 417 -43.61 -50.71 -45.08
CA LYS C 417 -42.89 -51.00 -43.83
C LYS C 417 -41.40 -51.34 -44.07
N ILE C 418 -40.53 -50.73 -43.24
CA ILE C 418 -39.10 -51.02 -43.22
C ILE C 418 -38.67 -51.53 -41.83
N SER C 419 -37.55 -52.26 -41.80
CA SER C 419 -36.98 -52.75 -40.54
C SER C 419 -36.17 -51.65 -39.81
N ASP C 420 -36.24 -51.65 -38.48
CA ASP C 420 -35.33 -50.85 -37.65
C ASP C 420 -33.94 -50.87 -38.29
N LEU C 421 -33.40 -52.07 -38.52
CA LEU C 421 -32.07 -52.25 -39.11
C LEU C 421 -31.94 -51.69 -40.54
N GLU C 422 -33.03 -51.79 -41.31
CA GLU C 422 -33.06 -51.26 -42.67
C GLU C 422 -33.07 -49.72 -42.64
N ALA C 423 -33.90 -49.16 -41.75
CA ALA C 423 -34.00 -47.71 -41.54
C ALA C 423 -32.65 -47.11 -41.12
N ALA C 424 -31.97 -47.81 -40.23
CA ALA C 424 -30.68 -47.35 -39.69
C ALA C 424 -29.60 -46.97 -40.71
N THR C 425 -29.67 -47.48 -41.94
CA THR C 425 -28.68 -47.09 -42.98
C THR C 425 -29.30 -46.37 -44.17
N SER C 426 -30.55 -45.95 -44.03
CA SER C 426 -31.24 -45.35 -45.16
C SER C 426 -32.03 -44.11 -44.75
N LEU C 427 -33.13 -44.34 -44.04
CA LEU C 427 -34.01 -43.24 -43.67
C LEU C 427 -34.61 -43.51 -42.33
N MET C 428 -34.41 -42.55 -41.43
CA MET C 428 -34.93 -42.61 -40.08
C MET C 428 -35.80 -41.37 -39.89
N ILE C 429 -36.92 -41.51 -39.19
CA ILE C 429 -37.84 -40.40 -39.02
C ILE C 429 -38.78 -40.58 -37.83
N SER C 430 -38.93 -39.51 -37.06
CA SER C 430 -39.66 -39.52 -35.82
C SER C 430 -40.45 -38.23 -35.66
N SER C 431 -41.52 -38.26 -34.88
CA SER C 431 -42.38 -37.10 -34.78
C SER C 431 -42.81 -36.91 -33.36
N TYR C 432 -43.11 -35.65 -33.04
CA TYR C 432 -43.26 -35.19 -31.64
C TYR C 432 -44.21 -34.03 -31.72
N THR C 433 -45.06 -33.89 -30.71
CA THR C 433 -45.93 -32.74 -30.58
C THR C 433 -46.31 -32.45 -29.14
N ASP C 434 -46.68 -31.19 -28.90
CA ASP C 434 -47.28 -30.67 -27.67
C ASP C 434 -48.70 -30.18 -27.95
N GLY C 435 -49.28 -30.67 -29.05
CA GLY C 435 -50.62 -30.28 -29.50
C GLY C 435 -50.74 -28.92 -30.17
N LYS C 436 -49.67 -28.14 -30.16
CA LYS C 436 -49.66 -26.80 -30.78
C LYS C 436 -48.77 -26.89 -32.00
N GLU C 437 -47.63 -27.52 -31.82
CA GLU C 437 -46.72 -27.70 -32.92
C GLU C 437 -46.56 -29.20 -33.08
N VAL C 438 -46.30 -29.66 -34.31
CA VAL C 438 -45.84 -31.02 -34.51
C VAL C 438 -44.46 -31.02 -35.18
N VAL C 439 -43.49 -31.68 -34.56
CA VAL C 439 -42.11 -31.69 -35.04
C VAL C 439 -41.70 -33.03 -35.67
N THR C 440 -40.98 -32.96 -36.78
CA THR C 440 -40.60 -34.17 -37.48
C THR C 440 -39.13 -34.11 -37.91
N VAL C 441 -38.36 -35.12 -37.51
CA VAL C 441 -36.94 -35.12 -37.79
C VAL C 441 -36.61 -36.29 -38.69
N ALA C 442 -36.08 -35.98 -39.86
CA ALA C 442 -35.75 -36.96 -40.87
C ALA C 442 -34.25 -37.04 -41.05
N ILE C 443 -33.71 -38.25 -40.97
CA ILE C 443 -32.30 -38.45 -41.23
C ILE C 443 -32.14 -39.23 -42.53
N ASN C 444 -31.64 -38.58 -43.57
CA ASN C 444 -31.27 -39.33 -44.76
C ASN C 444 -29.83 -39.80 -44.63
N TYR C 445 -29.70 -41.04 -44.16
CA TYR C 445 -28.39 -41.66 -43.97
C TYR C 445 -27.80 -42.15 -45.30
N SER C 446 -28.56 -42.09 -46.39
CA SER C 446 -28.11 -42.67 -47.68
C SER C 446 -27.33 -41.69 -48.55
N LYS C 447 -26.60 -42.25 -49.51
CA LYS C 447 -25.85 -41.43 -50.47
C LYS C 447 -26.69 -40.87 -51.62
N GLU C 448 -28.02 -40.94 -51.49
CA GLU C 448 -28.94 -40.46 -52.51
C GLU C 448 -29.99 -39.53 -51.92
N ASN C 449 -30.44 -38.58 -52.74
CA ASN C 449 -31.58 -37.74 -52.40
C ASN C 449 -32.85 -38.56 -52.27
N GLN C 450 -33.74 -38.16 -51.37
CA GLN C 450 -35.03 -38.81 -51.20
C GLN C 450 -36.10 -37.76 -51.21
N VAL C 451 -37.24 -38.09 -51.82
CA VAL C 451 -38.38 -37.19 -51.80
C VAL C 451 -39.43 -37.87 -50.94
N ILE C 452 -40.01 -37.11 -50.03
CA ILE C 452 -41.11 -37.64 -49.22
C ILE C 452 -42.38 -36.79 -49.31
N SER C 453 -43.45 -37.38 -48.79
CA SER C 453 -44.73 -36.74 -48.69
C SER C 453 -45.08 -36.91 -47.24
N LEU C 454 -45.26 -35.79 -46.56
CA LEU C 454 -45.64 -35.83 -45.16
C LEU C 454 -47.14 -35.75 -45.04
N ASN C 455 -47.71 -36.64 -44.22
CA ASN C 455 -49.14 -36.60 -43.95
C ASN C 455 -49.47 -36.38 -42.48
N CYS C 456 -49.88 -35.15 -42.20
CA CYS C 456 -50.15 -34.72 -40.85
C CYS C 456 -51.49 -34.01 -40.88
N ASP C 457 -52.43 -34.50 -40.07
CA ASP C 457 -53.86 -34.11 -40.14
C ASP C 457 -54.22 -33.51 -41.52
N HIS C 458 -54.62 -32.24 -41.52
CA HIS C 458 -55.04 -31.62 -42.77
C HIS C 458 -54.03 -30.61 -43.34
N ALA C 459 -52.97 -30.36 -42.57
CA ALA C 459 -51.86 -29.45 -42.91
C ALA C 459 -51.31 -29.59 -44.33
N GLN C 460 -51.02 -28.46 -44.96
CA GLN C 460 -50.50 -28.44 -46.34
C GLN C 460 -49.00 -28.15 -46.40
N LYS C 461 -48.47 -27.48 -45.36
CA LYS C 461 -47.05 -27.10 -45.33
C LYS C 461 -46.44 -26.90 -43.92
N GLY C 462 -45.11 -26.96 -43.88
CA GLY C 462 -44.33 -26.67 -42.67
C GLY C 462 -42.91 -26.17 -42.94
N LYS C 463 -42.30 -25.59 -41.92
CA LYS C 463 -40.94 -25.04 -42.02
C LYS C 463 -39.85 -26.10 -41.86
N VAL C 464 -38.88 -26.05 -42.76
CA VAL C 464 -37.86 -27.06 -42.88
C VAL C 464 -36.53 -26.44 -42.53
N TYR C 465 -35.82 -27.09 -41.59
CA TYR C 465 -34.51 -26.67 -41.15
C TYR C 465 -33.58 -27.84 -41.38
N LEU C 466 -32.42 -27.57 -41.95
CA LEU C 466 -31.60 -28.57 -42.63
C LEU C 466 -30.11 -28.51 -42.23
N THR C 467 -29.55 -29.63 -41.78
CA THR C 467 -28.12 -29.76 -41.54
C THR C 467 -27.51 -30.69 -42.57
N THR C 468 -26.47 -30.23 -43.26
CA THR C 468 -25.81 -30.98 -44.32
C THR C 468 -24.29 -30.74 -44.28
N ILE C 469 -23.53 -31.41 -45.14
CA ILE C 469 -22.09 -31.14 -45.28
C ILE C 469 -21.82 -29.62 -45.41
N ASP C 470 -22.86 -28.87 -45.78
CA ASP C 470 -22.83 -27.45 -46.16
C ASP C 470 -23.59 -26.55 -45.22
N LYS C 471 -24.43 -27.10 -44.34
CA LYS C 471 -25.44 -26.30 -43.64
C LYS C 471 -25.52 -26.62 -42.16
N ASN C 472 -25.54 -25.57 -41.35
CA ASN C 472 -25.74 -25.74 -39.93
C ASN C 472 -27.19 -25.37 -39.67
N LEU C 473 -28.03 -26.39 -39.43
CA LEU C 473 -29.47 -26.20 -39.22
C LEU C 473 -30.05 -24.95 -39.94
N ARG C 474 -29.79 -24.87 -41.24
CA ARG C 474 -30.27 -23.80 -42.12
C ARG C 474 -31.80 -23.84 -42.31
N TYR C 475 -32.44 -22.70 -42.07
CA TYR C 475 -33.86 -22.48 -42.39
C TYR C 475 -34.05 -22.43 -43.91
N MET C 476 -34.89 -23.33 -44.39
CA MET C 476 -35.10 -23.47 -45.82
C MET C 476 -36.45 -22.86 -46.27
N GLY C 477 -37.24 -22.42 -45.27
CA GLY C 477 -38.52 -21.78 -45.51
C GLY C 477 -39.66 -22.74 -45.28
N GLU C 478 -40.88 -22.25 -45.46
CA GLU C 478 -42.07 -23.12 -45.51
C GLU C 478 -42.02 -23.96 -46.78
N GLN C 479 -42.49 -25.19 -46.66
CA GLN C 479 -42.36 -26.18 -47.72
C GLN C 479 -43.63 -27.03 -47.85
N PRO C 480 -44.01 -27.39 -49.09
CA PRO C 480 -45.11 -28.34 -49.31
C PRO C 480 -44.85 -29.71 -48.68
N LEU C 481 -45.66 -30.07 -47.68
CA LEU C 481 -45.56 -31.37 -47.03
C LEU C 481 -45.52 -32.54 -48.01
N LYS C 482 -46.23 -32.39 -49.13
CA LYS C 482 -46.44 -33.47 -50.09
C LYS C 482 -45.22 -33.73 -50.95
N LYS C 483 -44.33 -32.74 -51.04
CA LYS C 483 -43.11 -32.88 -51.83
C LYS C 483 -41.90 -32.32 -51.06
N LEU C 484 -41.39 -33.11 -50.12
CA LEU C 484 -40.23 -32.71 -49.30
C LEU C 484 -38.93 -33.37 -49.76
N GLN C 485 -38.03 -32.55 -50.32
CA GLN C 485 -36.72 -33.03 -50.76
C GLN C 485 -35.81 -33.26 -49.52
N LEU C 486 -35.21 -34.44 -49.45
CA LEU C 486 -34.29 -34.79 -48.35
C LEU C 486 -32.92 -35.14 -48.94
N PRO C 487 -31.96 -34.22 -48.80
CA PRO C 487 -30.68 -34.42 -49.46
C PRO C 487 -29.98 -35.67 -48.92
N ALA C 488 -29.17 -36.27 -49.78
CA ALA C 488 -28.26 -37.34 -49.42
C ALA C 488 -27.49 -36.90 -48.19
N ARG C 489 -27.57 -37.71 -47.14
CA ARG C 489 -26.77 -37.53 -45.92
C ARG C 489 -26.99 -36.16 -45.25
N SER C 490 -28.14 -36.08 -44.59
CA SER C 490 -28.64 -34.84 -44.05
C SER C 490 -29.57 -35.15 -42.91
N VAL C 491 -29.82 -34.14 -42.08
CA VAL C 491 -30.87 -34.22 -41.09
C VAL C 491 -31.73 -33.01 -41.40
N ALA C 492 -33.05 -33.17 -41.23
CA ALA C 492 -34.02 -32.13 -41.51
C ALA C 492 -35.12 -32.18 -40.47
N THR C 493 -35.47 -31.02 -39.94
CA THR C 493 -36.59 -30.92 -39.03
C THR C 493 -37.66 -30.23 -39.86
N ILE C 494 -38.90 -30.74 -39.77
CA ILE C 494 -40.05 -30.16 -40.47
C ILE C 494 -41.09 -29.83 -39.46
N VAL C 495 -41.29 -28.53 -39.24
CA VAL C 495 -42.17 -28.03 -38.19
C VAL C 495 -43.48 -27.58 -38.80
N VAL C 496 -44.59 -27.97 -38.16
CA VAL C 496 -45.96 -27.72 -38.65
C VAL C 496 -46.76 -26.95 -37.60
N LYS D 6 50.20 51.90 35.94
CA LYS D 6 49.79 50.67 36.71
C LYS D 6 50.52 49.42 36.19
N VAL D 7 51.06 48.62 37.11
CA VAL D 7 51.81 47.41 36.75
C VAL D 7 51.09 46.12 37.12
N PHE D 8 51.22 45.11 36.26
CA PHE D 8 50.50 43.87 36.42
C PHE D 8 51.43 42.67 36.33
N ILE D 9 51.36 41.81 37.33
CA ILE D 9 52.14 40.57 37.34
C ILE D 9 51.25 39.39 36.96
N ILE D 10 51.66 38.70 35.90
CA ILE D 10 51.03 37.46 35.44
C ILE D 10 51.62 36.27 36.19
N ASP D 11 50.77 35.53 36.89
CA ASP D 11 51.20 34.33 37.60
C ASP D 11 50.68 33.05 36.93
N LYS D 12 51.54 32.48 36.08
CA LYS D 12 51.31 31.16 35.47
C LYS D 12 51.15 30.01 36.49
N GLN D 13 51.54 30.23 37.74
CA GLN D 13 51.36 29.22 38.81
C GLN D 13 49.99 29.22 39.47
N THR D 14 49.31 30.37 39.45
CA THR D 14 47.93 30.45 39.92
C THR D 14 46.97 30.25 38.74
N VAL D 15 46.44 29.04 38.62
CA VAL D 15 45.55 28.67 37.52
C VAL D 15 44.11 28.74 38.03
N TYR D 16 43.17 29.07 37.14
CA TYR D 16 41.74 28.98 37.46
C TYR D 16 40.98 27.98 36.58
N GLN D 17 39.88 28.41 35.95
CA GLN D 17 39.02 27.50 35.18
C GLN D 17 39.60 27.17 33.80
N GLU D 18 39.12 26.07 33.22
CA GLU D 18 39.47 25.71 31.85
C GLU D 18 38.43 26.36 30.92
N ILE D 19 38.89 26.96 29.82
CA ILE D 19 37.97 27.60 28.86
C ILE D 19 37.37 26.55 27.92
N ASP D 20 36.04 26.49 27.87
CA ASP D 20 35.33 25.65 26.90
C ASP D 20 35.17 26.28 25.51
N ASN D 21 34.45 27.40 25.44
CA ASN D 21 34.14 28.02 24.16
C ASN D 21 33.62 29.45 24.32
N PHE D 22 33.65 30.18 23.21
CA PHE D 22 32.77 31.34 23.05
C PHE D 22 31.78 30.96 21.93
N SER D 23 30.54 31.39 22.08
CA SER D 23 29.51 30.87 21.22
C SER D 23 28.48 31.94 20.88
N ALA D 24 27.58 31.59 19.97
CA ALA D 24 26.37 32.36 19.71
C ALA D 24 25.29 31.42 19.18
N SER D 25 24.10 31.98 18.94
CA SER D 25 22.94 31.19 18.52
C SER D 25 22.49 31.43 17.07
N ASP D 26 21.96 30.34 16.48
CA ASP D 26 21.51 30.32 15.09
C ASP D 26 20.02 30.63 15.00
N ALA D 27 19.40 30.90 16.14
CA ALA D 27 17.94 30.96 16.23
C ALA D 27 17.26 31.98 15.28
N TRP D 28 16.11 31.57 14.73
CA TRP D 28 15.20 32.35 13.84
C TRP D 28 15.70 32.78 12.47
N ARG D 29 16.85 33.45 12.42
CA ARG D 29 17.25 34.21 11.25
C ARG D 29 18.25 33.48 10.38
N CYS D 30 19.09 32.65 11.00
CA CYS D 30 20.02 31.81 10.23
C CYS D 30 19.34 30.79 9.29
N ALA D 31 18.14 30.33 9.63
CA ALA D 31 17.29 29.57 8.72
C ALA D 31 17.11 30.27 7.36
N PHE D 32 16.76 31.56 7.38
CA PHE D 32 16.53 32.34 6.14
C PHE D 32 17.84 32.61 5.42
N ILE D 33 18.86 33.02 6.19
CA ILE D 33 20.16 33.36 5.62
C ILE D 33 20.78 32.16 4.99
N GLY D 34 20.86 31.05 5.72
CA GLY D 34 21.52 29.85 5.20
C GLY D 34 20.82 29.30 3.98
N LYS D 35 19.51 29.52 3.90
CA LYS D 35 18.69 29.03 2.77
C LYS D 35 18.60 29.99 1.58
N ASN D 36 18.40 31.27 1.85
CA ASN D 36 18.01 32.24 0.81
C ASN D 36 19.04 33.26 0.36
N TRP D 37 19.95 33.64 1.26
CA TRP D 37 20.86 34.75 0.97
C TRP D 37 21.92 34.40 -0.05
N PRO D 38 22.44 35.42 -0.77
CA PRO D 38 23.48 35.23 -1.78
C PRO D 38 24.71 34.50 -1.22
N GLN D 39 25.29 33.58 -1.99
CA GLN D 39 26.41 32.77 -1.50
C GLN D 39 27.51 33.58 -0.79
N GLU D 40 28.07 34.58 -1.46
CA GLU D 40 29.13 35.43 -0.91
C GLU D 40 28.77 36.06 0.42
N LYS D 41 27.54 36.50 0.57
CA LYS D 41 27.10 37.09 1.83
C LYS D 41 26.97 36.06 2.97
N LYS D 42 26.35 34.92 2.66
CA LYS D 42 26.34 33.75 3.55
C LYS D 42 27.73 33.40 4.07
N GLU D 43 28.69 33.36 3.14
CA GLU D 43 30.06 32.91 3.40
C GLU D 43 30.85 33.93 4.15
N LYS D 44 30.57 35.20 3.89
CA LYS D 44 31.17 36.29 4.64
C LYS D 44 30.74 36.20 6.10
N ILE D 45 29.43 35.97 6.31
CA ILE D 45 28.88 35.86 7.67
C ILE D 45 29.55 34.68 8.40
N ALA D 46 29.58 33.51 7.76
CA ALA D 46 30.29 32.35 8.30
C ALA D 46 31.77 32.64 8.63
N ASP D 47 32.48 33.37 7.77
CA ASP D 47 33.86 33.85 8.04
C ASP D 47 34.01 34.64 9.35
N LEU D 48 33.09 35.59 9.57
CA LEU D 48 33.06 36.47 10.75
C LEU D 48 32.67 35.77 12.04
N LEU D 49 32.13 34.57 11.90
CA LEU D 49 31.64 33.81 13.03
C LEU D 49 32.69 32.76 13.48
N PHE D 50 33.27 32.07 12.51
CA PHE D 50 33.96 30.82 12.78
C PHE D 50 35.42 30.78 12.36
N LYS D 51 35.79 31.57 11.37
CA LYS D 51 37.09 31.42 10.71
C LYS D 51 38.16 32.05 11.58
N ARG D 52 39.18 31.25 11.92
CA ARG D 52 40.29 31.72 12.76
C ARG D 52 41.49 32.03 11.86
N GLU D 53 41.40 33.17 11.18
CA GLU D 53 42.43 33.57 10.25
C GLU D 53 42.63 35.08 10.39
N PHE D 54 43.80 35.54 9.93
CA PHE D 54 44.10 36.97 9.88
C PHE D 54 44.01 37.44 8.44
N ASP D 55 43.79 38.74 8.22
CA ASP D 55 43.84 39.27 6.86
C ASP D 55 45.30 39.49 6.40
N GLU D 56 45.48 40.12 5.24
CA GLU D 56 46.84 40.34 4.69
C GLU D 56 47.68 41.19 5.64
N LYS D 57 47.07 42.26 6.17
CA LYS D 57 47.70 43.17 7.13
C LYS D 57 47.70 42.64 8.59
N GLY D 58 47.45 41.33 8.75
CA GLY D 58 47.48 40.64 10.03
C GLY D 58 46.41 40.97 11.06
N ASN D 59 45.26 41.48 10.60
CA ASN D 59 44.11 41.68 11.50
C ASN D 59 43.25 40.40 11.53
N PRO D 60 42.73 40.03 12.73
CA PRO D 60 41.79 38.91 12.87
C PRO D 60 40.52 39.13 12.03
N ILE D 61 40.12 38.13 11.26
CA ILE D 61 38.98 38.38 10.39
C ILE D 61 37.60 38.37 11.10
N GLY D 62 37.55 38.00 12.38
CA GLY D 62 36.29 37.86 13.07
C GLY D 62 36.37 37.24 14.44
N MET D 63 35.22 36.75 14.94
CA MET D 63 35.13 36.28 16.31
C MET D 63 35.77 34.92 16.51
N ALA D 64 35.84 34.15 15.41
CA ALA D 64 36.22 32.73 15.47
C ALA D 64 35.60 31.97 16.66
N LEU D 65 34.27 31.91 16.72
CA LEU D 65 33.59 31.19 17.83
C LEU D 65 34.04 29.76 17.87
N THR D 66 33.88 29.13 19.02
CA THR D 66 34.41 27.79 19.19
C THR D 66 33.34 26.81 19.70
N ASN D 67 32.13 27.35 19.91
CA ASN D 67 30.89 26.59 19.94
C ASN D 67 29.87 27.25 18.98
N TRP D 68 28.81 26.52 18.64
CA TRP D 68 27.64 27.09 17.92
C TRP D 68 26.36 26.47 18.49
N ARG D 69 25.40 27.31 18.88
CA ARG D 69 24.12 26.82 19.40
C ARG D 69 23.07 26.70 18.28
N VAL D 70 22.57 25.48 18.07
CA VAL D 70 21.58 25.14 17.01
C VAL D 70 20.17 24.94 17.60
N ASN D 71 19.21 25.79 17.22
CA ASN D 71 17.81 25.64 17.68
C ASN D 71 17.11 24.49 16.99
N ILE D 72 17.00 23.34 17.66
CA ILE D 72 16.21 22.22 17.16
C ILE D 72 14.74 22.63 17.21
N GLY D 73 14.09 22.62 16.04
CA GLY D 73 12.78 23.22 15.92
C GLY D 73 11.72 22.33 16.52
N ALA D 74 10.63 22.94 16.98
CA ALA D 74 9.52 22.20 17.57
C ALA D 74 8.27 22.20 16.68
N GLY D 75 8.39 22.76 15.48
CA GLY D 75 7.37 22.56 14.45
C GLY D 75 6.24 23.54 14.45
N SER D 76 6.53 24.74 14.92
CA SER D 76 5.56 25.80 14.90
C SER D 76 5.27 26.25 13.47
N TYR D 77 6.20 25.98 12.55
CA TYR D 77 5.95 26.20 11.11
C TYR D 77 4.83 25.26 10.60
N GLU D 78 5.04 23.94 10.67
CA GLU D 78 4.01 22.91 10.31
C GLU D 78 2.64 23.14 10.97
N ASN D 79 2.66 23.59 12.23
CA ASN D 79 1.50 23.83 13.05
C ASN D 79 0.96 25.28 12.97
N ARG D 80 1.57 26.06 12.09
CA ARG D 80 1.21 27.43 11.69
C ARG D 80 -0.27 27.84 11.88
N GLU D 81 -1.18 26.96 11.42
CA GLU D 81 -2.61 27.23 11.32
C GLU D 81 -3.34 27.17 12.67
N ALA D 82 -2.76 26.45 13.64
CA ALA D 82 -3.18 26.47 15.05
C ALA D 82 -2.89 27.80 15.76
N LYS D 83 -2.97 27.78 17.09
CA LYS D 83 -2.63 28.96 17.91
C LYS D 83 -1.15 28.93 18.23
N GLU D 84 -0.38 29.48 17.29
CA GLU D 84 1.05 29.27 17.21
C GLU D 84 1.85 30.57 17.20
N VAL D 85 3.17 30.44 17.15
CA VAL D 85 4.06 31.59 17.01
C VAL D 85 3.45 32.50 15.95
N ASP D 86 3.36 33.79 16.27
CA ASP D 86 2.52 34.68 15.49
C ASP D 86 3.23 35.36 14.32
N ASN D 87 4.40 34.88 13.92
CA ASN D 87 5.13 35.51 12.81
C ASN D 87 6.07 34.54 12.14
N SER D 88 6.55 34.89 10.94
CA SER D 88 7.27 33.95 10.07
C SER D 88 8.75 33.80 10.40
N TRP D 89 9.29 34.82 11.05
CA TRP D 89 10.71 34.79 11.43
C TRP D 89 10.93 33.71 12.49
N ASN D 90 10.01 33.61 13.45
CA ASN D 90 10.29 32.85 14.67
C ASN D 90 9.73 31.42 14.73
N ARG D 91 9.12 30.99 13.63
CA ARG D 91 8.58 29.66 13.50
C ARG D 91 9.70 28.77 13.10
N THR D 92 9.60 27.49 13.48
CA THR D 92 10.62 26.52 13.16
C THR D 92 9.94 25.26 12.66
N GLU D 93 10.66 24.50 11.85
CA GLU D 93 10.22 23.21 11.43
C GLU D 93 10.51 22.19 12.53
N CYS D 94 10.04 20.97 12.36
CA CYS D 94 10.45 19.89 13.25
C CYS D 94 10.85 18.66 12.42
N PHE D 95 12.03 18.12 12.68
CA PHE D 95 12.44 16.85 12.08
C PHE D 95 11.44 15.71 12.25
N LEU D 96 10.67 15.74 13.34
CA LEU D 96 9.73 14.65 13.61
C LEU D 96 8.31 15.09 13.35
N SER D 97 7.49 14.22 12.77
CA SER D 97 6.08 14.63 12.54
C SER D 97 5.13 13.81 13.40
N PRO D 98 3.86 14.24 13.52
CA PRO D 98 3.00 13.49 14.46
C PRO D 98 2.83 12.02 14.16
N ASP D 99 3.18 11.58 12.94
CA ASP D 99 3.04 10.17 12.57
C ASP D 99 4.27 9.34 12.92
N GLY D 100 5.22 9.97 13.60
CA GLY D 100 6.42 9.31 14.08
C GLY D 100 7.56 9.20 13.08
N LYS D 101 7.42 9.79 11.89
CA LYS D 101 8.46 9.76 10.87
C LYS D 101 9.41 10.95 11.01
N TYR D 102 10.62 10.75 10.53
CA TYR D 102 11.64 11.80 10.52
C TYR D 102 11.89 12.31 9.15
N ASP D 103 12.14 13.61 9.05
CA ASP D 103 12.57 14.27 7.81
C ASP D 103 13.69 15.28 8.11
N PHE D 104 14.93 14.88 7.88
CA PHE D 104 16.08 15.73 8.13
C PHE D 104 16.48 16.64 6.96
N THR D 105 15.63 16.75 5.93
CA THR D 105 15.81 17.77 4.87
C THR D 105 15.29 19.11 5.34
N LYS D 106 14.50 19.09 6.42
CA LYS D 106 13.99 20.29 7.05
C LYS D 106 15.10 21.02 7.79
N GLN D 107 14.89 22.27 8.19
CA GLN D 107 15.92 23.08 8.85
C GLN D 107 17.22 23.21 8.01
N ALA D 108 16.99 23.50 6.72
CA ALA D 108 18.02 23.50 5.69
C ALA D 108 19.01 24.64 5.85
N GLY D 109 18.47 25.81 6.17
CA GLY D 109 19.28 27.01 6.38
C GLY D 109 20.25 26.80 7.53
N GLN D 110 19.76 26.22 8.63
CA GLN D 110 20.58 26.01 9.83
C GLN D 110 21.64 24.93 9.61
N GLN D 111 21.30 23.92 8.79
CA GLN D 111 22.26 22.87 8.42
C GLN D 111 23.38 23.40 7.58
N TRP D 112 23.07 24.32 6.66
CA TRP D 112 24.10 25.02 5.91
C TRP D 112 25.13 25.68 6.86
N PHE D 113 24.63 26.33 7.91
CA PHE D 113 25.50 27.02 8.85
C PHE D 113 26.37 26.06 9.63
N MET D 114 25.86 24.86 9.91
CA MET D 114 26.67 23.84 10.62
C MET D 114 27.77 23.39 9.68
N LYS D 115 27.43 23.18 8.41
CA LYS D 115 28.40 22.80 7.39
C LYS D 115 29.49 23.85 7.19
N ALA D 116 29.09 25.12 7.20
CA ALA D 116 29.97 26.28 7.01
C ALA D 116 30.96 26.37 8.16
N ALA D 117 30.44 26.14 9.38
CA ALA D 117 31.26 26.07 10.59
C ALA D 117 32.36 24.98 10.49
N ARG D 118 31.96 23.72 10.36
CA ARG D 118 32.90 22.61 10.19
C ARG D 118 33.92 22.85 9.08
N GLU D 119 33.50 23.57 8.04
CA GLU D 119 34.36 23.85 6.92
C GLU D 119 35.47 24.83 7.31
N ARG D 120 35.18 25.65 8.32
CA ARG D 120 36.15 26.60 8.90
C ARG D 120 36.85 26.05 10.14
N GLY D 121 36.89 24.72 10.28
CA GLY D 121 37.56 24.07 11.43
C GLY D 121 36.85 24.19 12.78
N MET D 122 35.58 24.53 12.77
CA MET D 122 34.77 24.60 14.01
C MET D 122 33.77 23.45 13.94
N ASN D 123 33.96 22.44 14.76
CA ASN D 123 33.07 21.30 14.78
C ASN D 123 32.76 20.95 16.23
N ASN D 124 32.09 21.88 16.91
CA ASN D 124 31.64 21.71 18.28
C ASN D 124 30.26 22.39 18.37
N PHE D 125 29.21 21.60 18.58
CA PHE D 125 27.83 22.11 18.52
C PHE D 125 27.02 21.77 19.76
N LEU D 126 26.16 22.70 20.15
CA LEU D 126 25.11 22.46 21.11
C LEU D 126 23.73 22.57 20.41
N PHE D 127 22.86 21.59 20.67
CA PHE D 127 21.46 21.55 20.23
C PHE D 127 20.56 21.98 21.38
N PHE D 128 19.71 22.99 21.16
CA PHE D 128 18.74 23.42 22.16
C PHE D 128 17.31 23.50 21.61
N THR D 129 16.36 23.31 22.51
CA THR D 129 14.97 23.47 22.15
C THR D 129 14.30 24.50 23.03
N ASN D 130 13.42 25.27 22.41
CA ASN D 130 12.55 26.23 23.09
C ASN D 130 11.22 25.61 23.44
N SER D 131 10.97 24.41 22.92
CA SER D 131 9.70 23.70 23.13
C SER D 131 9.85 22.25 22.73
N ALA D 132 9.04 21.40 23.33
CA ALA D 132 8.87 20.04 22.78
C ALA D 132 8.13 20.16 21.44
N PRO D 133 8.28 19.20 20.52
CA PRO D 133 7.47 19.21 19.28
C PRO D 133 5.98 19.46 19.58
N TYR D 134 5.33 20.32 18.79
CA TYR D 134 3.96 20.78 19.12
C TYR D 134 3.00 19.64 19.52
N PHE D 135 3.14 18.50 18.83
CA PHE D 135 2.26 17.37 19.04
C PHE D 135 2.49 16.57 20.36
N MET D 136 3.59 16.86 21.06
CA MET D 136 3.85 16.29 22.40
C MET D 136 3.40 17.21 23.54
N THR D 137 3.04 18.45 23.21
CA THR D 137 2.72 19.41 24.25
C THR D 137 1.30 19.22 24.81
N ARG D 138 0.99 19.96 25.88
CA ARG D 138 -0.36 19.97 26.47
C ARG D 138 -1.37 20.92 25.74
N SER D 139 -0.88 22.04 25.21
CA SER D 139 -1.72 22.95 24.45
C SER D 139 -1.82 22.64 22.95
N ALA D 140 -1.22 21.53 22.51
CA ALA D 140 -1.15 21.17 21.10
C ALA D 140 -0.49 22.28 20.27
N SER D 141 0.48 22.95 20.87
CA SER D 141 1.10 24.09 20.24
C SER D 141 2.43 24.40 20.90
N THR D 142 3.36 25.05 20.19
CA THR D 142 4.63 25.43 20.82
C THR D 142 4.46 26.65 21.74
N VAL D 143 3.26 27.22 21.67
CA VAL D 143 2.85 28.33 22.49
C VAL D 143 1.93 27.70 23.52
N SER D 144 2.43 27.71 24.76
CA SER D 144 1.76 27.10 25.89
C SER D 144 0.60 28.00 26.31
N THR D 145 -0.27 27.48 27.16
CA THR D 145 -1.43 28.23 27.56
C THR D 145 -1.66 28.26 29.07
N ASP D 146 -0.62 27.90 29.83
CA ASP D 146 -0.67 27.93 31.31
C ASP D 146 0.76 28.01 31.85
N GLN D 147 0.87 28.06 33.17
CA GLN D 147 2.16 28.12 33.86
C GLN D 147 2.16 27.17 35.03
N ASP D 148 1.33 26.13 34.94
CA ASP D 148 1.24 25.09 35.98
C ASP D 148 2.50 24.24 36.01
N CYS D 149 2.97 23.84 34.82
CA CYS D 149 4.19 23.09 34.62
C CYS D 149 4.62 23.13 33.14
N ILE D 150 5.55 22.25 32.78
CA ILE D 150 6.08 22.15 31.43
C ILE D 150 4.95 21.82 30.44
N ASN D 151 5.01 22.45 29.27
CA ASN D 151 4.05 22.21 28.18
C ASN D 151 4.43 20.92 27.46
N LEU D 152 4.37 19.81 28.20
CA LEU D 152 4.74 18.52 27.72
C LEU D 152 3.84 17.56 28.49
N GLN D 153 3.11 16.71 27.76
CA GLN D 153 2.30 15.68 28.38
C GLN D 153 3.18 14.75 29.22
N ASN D 154 2.61 14.26 30.30
CA ASN D 154 3.33 13.51 31.35
C ASN D 154 4.06 12.28 30.94
N ASP D 155 3.60 11.61 29.88
CA ASP D 155 4.31 10.39 29.41
C ASP D 155 5.15 10.61 28.15
N LYS D 156 5.47 11.88 27.87
CA LYS D 156 6.18 12.23 26.65
C LYS D 156 7.59 12.77 26.92
N PHE D 157 8.02 12.70 28.18
CA PHE D 157 9.38 13.07 28.57
C PHE D 157 10.36 12.12 27.91
N ASP D 158 10.07 10.82 27.92
CA ASP D 158 10.95 9.88 27.21
C ASP D 158 10.87 10.07 25.70
N ASP D 159 9.69 10.43 25.20
CA ASP D 159 9.50 10.68 23.76
C ASP D 159 10.31 11.90 23.33
N PHE D 160 10.22 12.97 24.13
CA PHE D 160 10.98 14.19 23.88
C PHE D 160 12.49 13.93 23.89
N ALA D 161 12.94 13.25 24.95
CA ALA D 161 14.36 12.92 25.10
C ALA D 161 14.88 12.06 23.94
N ARG D 162 14.12 11.07 23.52
CA ARG D 162 14.50 10.24 22.36
C ARG D 162 14.54 10.99 21.01
N PHE D 163 13.63 11.95 20.83
CA PHE D 163 13.68 12.85 19.66
C PHE D 163 14.96 13.68 19.66
N LEU D 164 15.29 14.27 20.82
CA LEU D 164 16.52 15.05 20.99
C LEU D 164 17.77 14.22 20.71
N VAL D 165 17.84 13.03 21.29
CA VAL D 165 18.95 12.12 21.03
C VAL D 165 18.99 11.59 19.59
N LYS D 166 17.85 11.25 19.00
CA LYS D 166 17.90 10.79 17.64
C LYS D 166 18.34 11.92 16.68
N SER D 167 17.94 13.15 16.97
CA SER D 167 18.45 14.27 16.17
C SER D 167 19.99 14.42 16.27
N ALA D 168 20.51 14.48 17.50
CA ALA D 168 21.97 14.56 17.71
C ALA D 168 22.71 13.43 17.03
N GLN D 169 22.18 12.22 17.17
CA GLN D 169 22.82 11.06 16.57
C GLN D 169 22.89 11.15 15.05
N HIS D 170 21.82 11.63 14.40
CA HIS D 170 21.79 11.83 12.95
C HIS D 170 22.90 12.75 12.48
N PHE D 171 23.10 13.85 13.18
CA PHE D 171 24.14 14.78 12.79
C PHE D 171 25.53 14.28 13.12
N ARG D 172 25.69 13.64 14.27
CA ARG D 172 26.96 13.00 14.63
C ARG D 172 27.39 11.94 13.61
N GLU D 173 26.46 11.12 13.15
CA GLU D 173 26.77 10.12 12.14
C GLU D 173 27.19 10.72 10.79
N GLN D 174 26.85 11.98 10.55
CA GLN D 174 27.31 12.70 9.35
C GLN D 174 28.61 13.46 9.63
N GLY D 175 29.12 13.32 10.86
CA GLY D 175 30.39 13.92 11.24
C GLY D 175 30.35 15.22 12.02
N PHE D 176 29.17 15.67 12.46
CA PHE D 176 29.08 16.88 13.30
C PHE D 176 29.21 16.56 14.77
N HIS D 177 30.10 17.26 15.47
CA HIS D 177 30.27 16.98 16.90
C HIS D 177 29.26 17.71 17.74
N VAL D 178 28.08 17.07 17.87
CA VAL D 178 26.99 17.53 18.76
C VAL D 178 27.30 17.04 20.19
N ASN D 179 27.84 17.94 21.00
CA ASN D 179 28.45 17.53 22.27
C ASN D 179 27.55 17.85 23.42
N TYR D 180 26.56 18.69 23.18
CA TYR D 180 25.63 19.07 24.23
C TYR D 180 24.21 19.16 23.71
N ILE D 181 23.30 18.76 24.58
CA ILE D 181 21.89 18.98 24.39
C ILE D 181 21.37 19.75 25.57
N SER D 182 20.67 20.84 25.29
CA SER D 182 20.00 21.64 26.30
C SER D 182 18.48 21.69 26.01
N PRO D 183 17.68 20.88 26.75
CA PRO D 183 16.28 20.65 26.42
C PRO D 183 15.29 21.74 26.83
N ASN D 184 15.69 22.62 27.75
CA ASN D 184 14.76 23.64 28.22
C ASN D 184 15.44 24.95 28.24
N ASN D 185 14.67 25.97 27.92
CA ASN D 185 15.16 27.32 27.87
C ASN D 185 14.28 28.17 28.77
N GLU D 186 14.95 29.05 29.51
CA GLU D 186 14.36 29.99 30.49
C GLU D 186 13.11 29.44 31.12
N PRO D 187 13.22 28.28 31.79
CA PRO D 187 12.06 27.60 32.38
C PRO D 187 11.37 28.40 33.48
N ASN D 188 12.01 29.50 33.88
CA ASN D 188 11.39 30.47 34.81
C ASN D 188 10.30 31.27 34.15
N GLY D 189 10.42 31.45 32.83
CA GLY D 189 9.58 32.38 32.09
C GLY D 189 8.11 32.08 32.14
N GLN D 190 7.30 33.11 31.97
CA GLN D 190 5.88 32.93 31.81
C GLN D 190 5.63 32.92 30.29
N TRP D 191 5.96 31.80 29.67
CA TRP D 191 5.97 31.75 28.21
C TRP D 191 4.59 31.81 27.59
N HIS D 192 3.58 31.39 28.34
CA HIS D 192 2.21 31.42 27.83
C HIS D 192 1.66 32.82 27.61
N ALA D 193 2.33 33.85 28.12
CA ALA D 193 1.95 35.24 27.82
C ALA D 193 2.62 35.72 26.54
N ASN D 194 3.36 34.83 25.88
CA ASN D 194 4.19 35.20 24.73
C ASN D 194 3.91 34.32 23.47
N SER D 195 3.42 34.96 22.40
CA SER D 195 3.13 34.27 21.13
C SER D 195 4.06 34.69 20.01
N PHE D 196 5.02 35.54 20.37
CA PHE D 196 6.09 35.95 19.47
C PHE D 196 7.07 34.81 19.11
N GLN D 197 7.01 33.73 19.90
CA GLN D 197 8.10 32.82 19.99
C GLN D 197 7.73 31.45 20.62
N GLU D 198 8.54 30.43 20.35
CA GLU D 198 8.40 29.14 21.00
C GLU D 198 8.86 29.23 22.47
N GLY D 199 8.19 28.52 23.36
CA GLY D 199 8.61 28.51 24.74
C GLY D 199 7.81 27.66 25.69
N SER D 200 8.38 27.45 26.89
CA SER D 200 7.70 26.80 27.99
C SER D 200 8.39 27.08 29.35
N PHE D 201 7.56 27.46 30.32
CA PHE D 201 7.83 27.25 31.74
C PHE D 201 8.15 25.80 32.06
N ALA D 202 8.93 25.59 33.10
CA ALA D 202 9.18 24.26 33.62
C ALA D 202 9.58 24.39 35.10
N THR D 203 9.24 23.38 35.89
CA THR D 203 9.66 23.29 37.26
C THR D 203 10.96 22.44 37.32
N LYS D 204 11.65 22.52 38.46
CA LYS D 204 12.80 21.68 38.77
C LYS D 204 12.43 20.20 38.68
N ALA D 205 11.22 19.86 39.11
CA ALA D 205 10.74 18.49 38.92
C ALA D 205 10.71 18.13 37.43
N ASP D 206 10.20 19.03 36.58
CA ASP D 206 10.17 18.80 35.12
C ASP D 206 11.60 18.70 34.63
N LEU D 207 12.45 19.62 35.07
CA LEU D 207 13.84 19.59 34.66
C LEU D 207 14.51 18.27 35.02
N TYR D 208 14.22 17.76 36.22
CA TYR D 208 14.79 16.52 36.74
C TYR D 208 14.44 15.36 35.80
N ARG D 209 13.15 15.25 35.46
CA ARG D 209 12.66 14.23 34.52
C ARG D 209 13.33 14.30 33.15
N MET D 210 13.46 15.52 32.63
CA MET D 210 14.16 15.68 31.38
C MET D 210 15.61 15.15 31.46
N VAL D 211 16.35 15.55 32.51
CA VAL D 211 17.75 15.10 32.64
C VAL D 211 17.82 13.57 32.73
N GLU D 212 16.91 13.03 33.53
CA GLU D 212 16.74 11.60 33.74
C GLU D 212 16.36 10.85 32.46
N GLU D 213 15.42 11.40 31.70
CA GLU D 213 15.01 10.77 30.45
C GLU D 213 16.08 10.92 29.39
N LEU D 214 16.77 12.05 29.40
CA LEU D 214 17.89 12.26 28.49
C LEU D 214 19.09 11.35 28.80
N ASP D 215 19.43 11.24 30.10
CA ASP D 215 20.52 10.37 30.51
C ASP D 215 20.28 8.95 30.01
N LYS D 216 19.10 8.41 30.27
CA LYS D 216 18.67 7.09 29.77
C LYS D 216 18.77 6.98 28.24
N ALA D 217 18.19 7.92 27.53
CA ALA D 217 18.19 7.90 26.06
C ALA D 217 19.62 7.97 25.48
N ILE D 218 20.45 8.83 26.06
CA ILE D 218 21.85 8.93 25.61
C ILE D 218 22.60 7.60 25.78
N SER D 219 22.45 6.99 26.95
CA SER D 219 23.09 5.70 27.20
C SER D 219 22.65 4.63 26.20
N GLU D 220 21.35 4.54 25.94
CA GLU D 220 20.82 3.61 24.93
C GLU D 220 21.51 3.76 23.58
N ALA D 221 21.65 5.02 23.14
CA ALA D 221 22.12 5.35 21.80
C ALA D 221 23.63 5.22 21.71
N GLN D 222 24.29 5.30 22.88
CA GLN D 222 25.75 5.29 23.02
C GLN D 222 26.39 6.43 22.27
N ILE D 223 25.84 7.64 22.44
CA ILE D 223 26.38 8.83 21.80
C ILE D 223 27.15 9.66 22.82
N ASP D 224 28.17 10.34 22.32
CA ASP D 224 29.09 11.11 23.14
C ASP D 224 28.61 12.56 23.26
N THR D 225 27.53 12.72 24.00
CA THR D 225 26.82 13.98 24.10
C THR D 225 26.38 14.10 25.55
N LYS D 226 26.42 15.32 26.08
CA LYS D 226 26.01 15.57 27.47
C LYS D 226 24.87 16.57 27.59
N ILE D 227 24.28 16.62 28.78
CA ILE D 227 23.06 17.40 29.04
C ILE D 227 23.38 18.65 29.83
N LEU D 228 22.91 19.78 29.31
CA LEU D 228 23.14 21.06 29.96
C LEU D 228 21.82 21.71 30.35
N ILE D 229 21.70 22.02 31.63
CA ILE D 229 20.57 22.74 32.16
C ILE D 229 21.12 23.86 33.02
N PRO D 230 20.23 24.71 33.55
CA PRO D 230 18.79 24.93 33.26
C PRO D 230 18.45 26.10 32.31
N GLU D 231 19.47 26.79 31.79
CA GLU D 231 19.28 27.92 30.87
C GLU D 231 18.37 29.01 31.43
N VAL D 232 18.36 29.20 32.76
CA VAL D 232 17.51 30.22 33.40
C VAL D 232 17.90 31.58 32.86
N GLY D 233 16.88 32.42 32.69
CA GLY D 233 17.01 33.67 31.95
C GLY D 233 17.46 34.84 32.78
N ASP D 234 17.55 34.60 34.09
CA ASP D 234 18.05 35.56 35.08
C ASP D 234 18.80 34.73 36.10
N MET D 235 20.04 35.16 36.37
CA MET D 235 20.96 34.51 37.29
C MET D 235 20.41 34.40 38.73
N LYS D 236 19.43 35.22 39.09
CA LYS D 236 18.76 35.14 40.41
C LYS D 236 18.09 33.79 40.71
N TYR D 237 17.75 33.07 39.64
CA TYR D 237 17.07 31.77 39.80
C TYR D 237 18.02 30.68 40.19
N LEU D 238 19.32 30.98 40.18
CA LEU D 238 20.32 30.02 40.66
C LEU D 238 20.34 29.89 42.20
N PHE D 239 19.63 30.80 42.85
CA PHE D 239 19.47 30.87 44.31
C PHE D 239 17.98 30.91 44.68
N GLU D 240 17.70 30.61 45.95
CA GLU D 240 16.33 30.55 46.47
C GLU D 240 15.78 31.96 46.65
N ILE D 241 14.53 32.18 46.20
CA ILE D 241 13.91 33.52 46.14
C ILE D 241 12.39 33.56 46.50
N ASP D 242 11.66 32.47 46.26
CA ASP D 242 10.22 32.41 46.65
C ASP D 242 9.77 31.04 47.10
N SER D 243 8.77 31.03 47.98
CA SER D 243 8.32 29.80 48.61
C SER D 243 7.42 28.98 47.68
N ILE D 244 6.98 29.61 46.58
CA ILE D 244 6.12 28.97 45.54
C ILE D 244 6.82 27.73 44.97
N ALA D 245 6.30 26.55 45.31
CA ALA D 245 6.95 25.28 44.99
C ALA D 245 7.36 25.13 43.51
N LYS D 246 6.46 25.51 42.60
CA LYS D 246 6.65 25.30 41.16
C LYS D 246 7.86 26.05 40.58
N THR D 247 8.14 27.25 41.08
CA THR D 247 9.22 28.07 40.53
C THR D 247 10.56 27.32 40.49
N PRO D 248 11.20 27.28 39.29
CA PRO D 248 12.53 26.65 39.20
C PRO D 248 13.65 27.56 39.72
N ASP D 249 13.51 28.09 40.94
CA ASP D 249 14.60 28.85 41.56
C ASP D 249 15.60 27.88 42.23
N ASP D 250 16.61 28.43 42.91
CA ASP D 250 17.46 27.63 43.81
C ASP D 250 18.06 26.45 43.10
N ILE D 251 18.50 26.68 41.88
CA ILE D 251 19.01 25.60 41.03
C ILE D 251 20.32 25.02 41.53
N ILE D 252 21.22 25.90 41.97
CA ILE D 252 22.52 25.45 42.46
C ILE D 252 22.34 24.44 43.58
N HIS D 253 21.60 24.82 44.62
CA HIS D 253 21.44 23.96 45.80
C HIS D 253 20.48 22.80 45.58
N SER D 254 19.35 23.07 44.93
CA SER D 254 18.41 21.97 44.68
C SER D 254 18.87 20.94 43.62
N MET D 255 19.64 21.41 42.64
CA MET D 255 19.99 20.55 41.52
C MET D 255 21.48 20.17 41.45
N PHE D 256 22.36 21.07 41.89
CA PHE D 256 23.81 20.85 41.72
C PHE D 256 24.59 20.69 43.05
N TYR D 257 23.85 20.45 44.14
CA TYR D 257 24.43 19.89 45.37
C TYR D 257 24.00 18.43 45.53
N LYS D 258 24.89 17.58 46.06
CA LYS D 258 24.64 16.14 46.10
C LYS D 258 23.52 15.76 47.06
N ASP D 259 23.11 16.69 47.91
CA ASP D 259 21.97 16.50 48.80
C ASP D 259 20.73 17.33 48.36
N GLY D 260 20.82 17.97 47.20
CA GLY D 260 19.70 18.73 46.67
C GLY D 260 18.46 17.88 46.44
N GLN D 261 17.28 18.49 46.58
CA GLN D 261 16.00 17.78 46.38
C GLN D 261 15.91 17.14 44.98
N TYR D 262 16.42 17.86 43.97
CA TYR D 262 16.44 17.34 42.60
C TYR D 262 17.87 17.27 42.08
N SER D 263 18.81 17.00 42.99
CA SER D 263 20.19 16.76 42.60
C SER D 263 20.22 15.93 41.32
N VAL D 264 21.02 16.38 40.35
CA VAL D 264 21.17 15.71 39.04
C VAL D 264 22.61 15.22 38.85
N LEU D 265 23.45 15.58 39.81
CA LEU D 265 24.88 15.22 39.86
C LEU D 265 25.09 13.72 39.70
N LYS D 266 24.14 12.93 40.18
CA LYS D 266 24.18 11.48 39.99
C LYS D 266 24.14 10.99 38.53
N PHE D 267 23.57 11.77 37.61
CA PHE D 267 23.43 11.31 36.22
C PHE D 267 24.69 11.33 35.41
N LYS D 268 24.99 10.18 34.81
CA LYS D 268 26.23 9.92 34.10
C LYS D 268 26.45 10.79 32.85
N ASN D 269 25.35 11.11 32.14
CA ASN D 269 25.46 11.86 30.88
C ASN D 269 25.10 13.32 31.10
N LEU D 270 24.97 13.72 32.36
CA LEU D 270 24.87 15.13 32.67
C LEU D 270 26.23 15.82 32.43
N PHE D 271 26.18 17.01 31.83
CA PHE D 271 27.34 17.87 31.68
C PHE D 271 27.50 18.62 32.97
N ASN D 272 28.56 18.26 33.70
CA ASN D 272 28.85 18.81 35.04
C ASN D 272 29.09 20.33 34.97
N CYS D 273 27.98 21.05 34.80
CA CYS D 273 28.02 22.46 34.43
C CYS D 273 26.64 23.06 34.61
N VAL D 274 26.59 24.34 34.98
CA VAL D 274 25.37 25.09 35.18
C VAL D 274 25.33 26.19 34.11
N ALA D 275 24.16 26.35 33.46
CA ALA D 275 23.94 27.39 32.43
C ALA D 275 22.90 28.42 32.86
N ALA D 276 23.27 29.70 32.76
CA ALA D 276 22.33 30.77 33.03
C ALA D 276 22.62 31.94 32.10
N HIS D 277 21.66 32.84 31.99
CA HIS D 277 21.74 33.93 31.03
C HIS D 277 21.97 35.27 31.72
N ASP D 278 22.81 36.11 31.09
CA ASP D 278 23.27 37.36 31.69
C ASP D 278 22.15 38.39 31.91
N TYR D 279 20.93 38.09 31.46
CA TYR D 279 19.87 39.11 31.44
C TYR D 279 19.58 39.68 32.84
N TRP D 280 19.39 41.00 32.88
CA TRP D 280 18.95 41.76 34.06
C TRP D 280 19.93 41.71 35.23
N SER D 281 21.20 41.48 34.93
CA SER D 281 22.23 41.42 35.96
C SER D 281 23.54 42.05 35.46
N ALA D 282 23.45 42.78 34.35
CA ALA D 282 24.62 43.51 33.80
C ALA D 282 24.73 45.00 34.19
N TYR D 283 23.77 45.48 35.00
CA TYR D 283 23.69 46.87 35.45
C TYR D 283 22.74 46.95 36.65
N PRO D 284 23.07 47.79 37.68
CA PRO D 284 24.31 48.57 37.79
C PRO D 284 25.53 47.70 38.15
N ALA D 285 26.72 48.29 38.11
CA ALA D 285 27.99 47.59 38.39
C ALA D 285 28.03 46.79 39.69
N THR D 286 27.20 47.15 40.66
CA THR D 286 27.17 46.49 41.98
C THR D 286 26.43 45.17 41.86
N LEU D 287 25.36 45.19 41.05
CA LEU D 287 24.60 43.96 40.74
C LEU D 287 25.47 43.04 39.89
N LEU D 288 26.00 43.60 38.80
CA LEU D 288 27.00 42.91 37.99
C LEU D 288 27.97 42.01 38.80
N VAL D 289 28.71 42.60 39.74
CA VAL D 289 29.78 41.88 40.45
C VAL D 289 29.26 41.01 41.59
N ASP D 290 28.25 41.50 42.30
CA ASP D 290 27.68 40.77 43.43
C ASP D 290 27.13 39.39 43.00
N ILE D 291 26.27 39.38 41.99
CA ILE D 291 25.67 38.13 41.52
C ILE D 291 26.73 37.17 40.95
N ARG D 292 27.71 37.70 40.21
CA ARG D 292 28.77 36.86 39.65
C ARG D 292 29.78 36.27 40.67
N ASN D 293 30.04 37.02 41.75
CA ASN D 293 30.74 36.46 42.94
C ASN D 293 29.95 35.38 43.66
N ARG D 294 28.67 35.64 43.91
CA ARG D 294 27.81 34.64 44.55
C ARG D 294 27.74 33.29 43.81
N ILE D 295 27.59 33.33 42.48
CA ILE D 295 27.60 32.08 41.70
C ILE D 295 28.89 31.27 41.95
N HIS D 296 30.04 31.94 41.92
CA HIS D 296 31.31 31.25 42.16
C HIS D 296 31.43 30.78 43.60
N LYS D 297 30.79 31.50 44.52
CA LYS D 297 30.78 31.11 45.93
C LYS D 297 29.96 29.83 46.16
N GLU D 298 28.70 29.83 45.72
CA GLU D 298 27.80 28.69 45.96
C GLU D 298 28.25 27.48 45.18
N LEU D 299 28.71 27.72 43.95
CA LEU D 299 28.95 26.64 43.02
C LEU D 299 30.27 25.89 43.28
N SER D 300 31.37 26.62 43.45
CA SER D 300 32.67 25.99 43.72
C SER D 300 32.71 25.22 45.08
N ALA D 301 31.78 25.54 45.99
CA ALA D 301 31.63 24.82 47.26
C ALA D 301 30.83 23.51 47.19
N ASN D 302 30.29 23.16 46.02
CA ASN D 302 29.43 21.98 45.94
C ASN D 302 30.21 20.67 46.03
N GLY D 303 31.54 20.77 45.97
CA GLY D 303 32.42 19.62 46.13
C GLY D 303 32.63 18.84 44.85
N HIS D 304 32.04 19.31 43.75
CA HIS D 304 32.00 18.56 42.50
C HIS D 304 32.77 19.14 41.31
N ASN D 305 33.44 20.27 41.51
CA ASN D 305 34.24 20.91 40.46
C ASN D 305 33.32 21.22 39.23
N THR D 306 32.16 21.79 39.52
CA THR D 306 31.12 22.01 38.54
C THR D 306 31.34 23.33 37.84
N LYS D 307 31.35 23.28 36.50
CA LYS D 307 31.55 24.48 35.67
C LYS D 307 30.36 25.46 35.68
N PHE D 308 30.62 26.65 35.17
CA PHE D 308 29.57 27.61 34.88
C PHE D 308 29.72 28.08 33.43
N TRP D 309 28.58 28.16 32.74
CA TRP D 309 28.51 28.72 31.38
C TRP D 309 27.50 29.87 31.39
N ALA D 310 27.93 31.03 30.90
CA ALA D 310 27.02 32.13 30.58
C ALA D 310 26.50 31.84 29.17
N SER D 311 25.23 31.41 29.06
CA SER D 311 24.80 30.69 27.84
C SER D 311 23.90 31.45 26.84
N GLU D 312 23.58 32.71 27.15
CA GLU D 312 22.77 33.53 26.28
C GLU D 312 22.68 34.93 26.81
N TYR D 313 22.97 35.88 25.94
CA TYR D 313 22.75 37.27 26.23
C TYR D 313 22.55 38.01 24.94
N CYS D 314 21.71 39.03 24.98
CA CYS D 314 21.82 40.12 24.03
C CYS D 314 21.40 41.42 24.73
N ILE D 315 21.75 42.56 24.13
CA ILE D 315 21.34 43.86 24.64
C ILE D 315 19.82 43.94 24.65
N LEU D 316 19.25 43.80 25.84
CA LEU D 316 17.82 43.85 25.98
C LEU D 316 17.40 45.07 26.83
N GLU D 317 18.10 45.24 27.95
CA GLU D 317 17.82 46.27 28.96
C GLU D 317 18.06 47.70 28.49
N LYS D 318 17.51 48.65 29.24
CA LYS D 318 17.71 50.06 28.93
C LYS D 318 18.37 50.77 30.12
N ASN D 319 19.39 51.57 29.81
CA ASN D 319 20.13 52.35 30.81
C ASN D 319 21.01 53.42 30.16
N GLU D 320 21.55 54.31 30.99
CA GLU D 320 22.22 55.51 30.50
C GLU D 320 23.51 55.26 29.74
N GLU D 321 24.11 54.10 29.96
CA GLU D 321 25.40 53.79 29.30
C GLU D 321 25.20 53.38 27.84
N ILE D 322 23.98 52.95 27.49
CA ILE D 322 23.71 52.25 26.23
C ILE D 322 22.46 52.68 25.46
N THR D 323 21.48 53.27 26.14
CA THR D 323 20.26 53.78 25.47
C THR D 323 20.55 55.21 25.01
N MET D 324 20.39 55.46 23.71
CA MET D 324 21.02 56.60 23.07
C MET D 324 20.75 56.50 21.57
N PRO D 325 20.49 57.65 20.89
CA PRO D 325 20.42 57.64 19.43
C PRO D 325 21.70 57.03 18.84
N ALA D 326 21.58 56.40 17.68
CA ALA D 326 22.74 55.84 17.00
C ALA D 326 23.79 56.91 16.72
N SER D 327 25.04 56.56 17.02
CA SER D 327 26.22 57.40 16.82
C SER D 327 27.41 56.46 16.82
N PRO D 328 28.55 56.86 16.21
CA PRO D 328 29.80 56.13 16.47
C PRO D 328 30.05 55.83 17.96
N GLU D 329 29.60 56.72 18.86
CA GLU D 329 29.85 56.57 20.31
C GLU D 329 29.07 55.42 20.91
N ARG D 330 27.77 55.35 20.59
CA ARG D 330 26.89 54.27 21.07
C ARG D 330 27.42 52.90 20.67
N SER D 331 27.87 52.79 19.43
CA SER D 331 28.44 51.54 18.92
C SER D 331 29.57 51.02 19.81
N ILE D 332 30.47 51.91 20.24
CA ILE D 332 31.56 51.52 21.16
C ILE D 332 31.12 51.41 22.61
N ASN D 333 30.14 52.20 23.01
CA ASN D 333 29.57 52.06 24.34
C ASN D 333 29.02 50.64 24.53
N LEU D 334 28.37 50.17 23.46
CA LEU D 334 27.76 48.86 23.46
C LEU D 334 28.84 47.77 23.53
N GLY D 335 29.85 47.87 22.66
CA GLY D 335 30.99 46.94 22.66
C GLY D 335 31.67 46.77 24.02
N LEU D 336 31.68 47.86 24.81
CA LEU D 336 32.35 47.93 26.12
C LEU D 336 31.47 47.38 27.24
N TYR D 337 30.21 47.78 27.21
CA TYR D 337 29.21 47.22 28.12
C TYR D 337 29.20 45.67 28.07
N VAL D 338 29.30 45.11 26.86
CA VAL D 338 29.31 43.65 26.74
C VAL D 338 30.66 43.06 27.19
N ALA D 339 31.77 43.71 26.83
CA ALA D 339 33.10 43.21 27.18
C ALA D 339 33.25 43.14 28.69
N ARG D 340 32.59 44.07 29.35
CA ARG D 340 32.55 44.06 30.79
C ARG D 340 31.85 42.79 31.34
N ILE D 341 30.71 42.44 30.74
CA ILE D 341 29.92 41.27 31.13
C ILE D 341 30.80 40.04 30.94
N ILE D 342 31.40 39.96 29.77
CA ILE D 342 32.32 38.87 29.48
C ILE D 342 33.40 38.83 30.56
N HIS D 343 34.10 39.96 30.73
CA HIS D 343 35.15 40.06 31.73
C HIS D 343 34.71 39.50 33.07
N ASN D 344 33.55 39.93 33.53
CA ASN D 344 33.14 39.64 34.88
C ASN D 344 32.58 38.21 35.05
N ASP D 345 32.07 37.64 33.96
CA ASP D 345 31.66 36.23 33.97
C ASP D 345 32.92 35.36 34.01
N LEU D 346 33.93 35.75 33.25
CA LEU D 346 35.18 35.00 33.24
C LEU D 346 35.94 35.11 34.57
N THR D 347 36.07 36.32 35.13
CA THR D 347 36.97 36.59 36.27
C THR D 347 36.32 36.41 37.63
N LEU D 348 35.03 36.76 37.74
CA LEU D 348 34.26 36.55 38.98
C LEU D 348 33.51 35.25 39.04
N ALA D 349 32.67 34.99 38.04
CA ALA D 349 31.80 33.80 38.08
C ALA D 349 32.59 32.59 37.65
N ASN D 350 33.79 32.85 37.15
CA ASN D 350 34.73 31.83 36.69
C ASN D 350 34.15 30.93 35.58
N ALA D 351 33.43 31.60 34.66
CA ALA D 351 32.74 30.95 33.56
C ALA D 351 33.67 30.22 32.58
N SER D 352 33.34 28.98 32.24
CA SER D 352 34.08 28.24 31.24
C SER D 352 33.65 28.60 29.82
N ALA D 353 32.51 29.27 29.70
CA ALA D 353 32.00 29.71 28.38
C ALA D 353 31.18 30.96 28.45
N TRP D 354 31.22 31.73 27.37
CA TRP D 354 30.38 32.89 27.19
C TRP D 354 29.67 32.82 25.84
N GLN D 355 28.35 32.99 25.88
CA GLN D 355 27.53 32.64 24.72
C GLN D 355 26.52 33.71 24.34
N TRP D 356 26.61 34.20 23.12
CA TRP D 356 25.62 35.17 22.64
C TRP D 356 24.24 34.56 22.43
N TRP D 357 23.23 35.41 22.34
CA TRP D 357 21.96 35.01 21.76
C TRP D 357 22.17 34.98 20.23
N THR D 358 21.18 35.35 19.46
CA THR D 358 21.27 35.19 18.00
C THR D 358 22.47 36.00 17.51
N ALA D 359 23.31 35.36 16.70
CA ALA D 359 24.52 35.99 16.20
C ALA D 359 24.19 37.21 15.34
N VAL D 360 23.03 37.15 14.67
CA VAL D 360 22.56 38.24 13.77
C VAL D 360 21.25 38.84 14.27
N SER D 361 21.01 40.11 13.94
CA SER D 361 19.80 40.79 14.40
C SER D 361 19.53 41.99 13.52
N LEU D 362 18.29 42.46 13.58
CA LEU D 362 17.89 43.69 12.89
C LEU D 362 18.23 44.96 13.69
N GLY D 363 18.40 44.81 15.01
CA GLY D 363 18.80 45.90 15.88
C GLY D 363 20.29 45.81 16.15
N GLU D 364 20.86 46.84 16.78
CA GLU D 364 22.25 46.80 17.22
C GLU D 364 22.32 46.23 18.62
N ASP D 365 22.14 44.91 18.74
CA ASP D 365 22.04 44.28 20.05
C ASP D 365 22.80 42.95 20.14
N VAL D 366 23.58 42.64 19.09
CA VAL D 366 24.34 41.39 18.98
C VAL D 366 25.51 41.63 18.04
N PRO D 367 26.41 40.64 17.89
CA PRO D 367 27.55 40.82 16.96
C PRO D 367 27.27 41.38 15.55
N ILE D 368 26.15 41.01 14.91
CA ILE D 368 25.95 41.38 13.50
C ILE D 368 24.58 42.00 13.28
N GLN D 369 24.55 43.20 12.70
CA GLN D 369 23.28 43.81 12.34
C GLN D 369 22.98 43.58 10.89
N LEU D 370 21.74 43.21 10.63
CA LEU D 370 21.29 42.96 9.25
C LEU D 370 20.56 44.20 8.80
N LEU D 371 21.03 44.82 7.73
CA LEU D 371 20.40 46.03 7.20
C LEU D 371 19.66 45.76 5.89
N PRO D 372 18.37 46.14 5.85
CA PRO D 372 17.58 45.95 4.63
C PRO D 372 18.25 46.76 3.53
N LEU D 373 18.39 46.18 2.33
CA LEU D 373 18.92 46.91 1.18
C LEU D 373 18.07 48.16 0.99
N GLU D 374 18.61 49.17 0.30
CA GLU D 374 17.94 50.49 0.35
C GLU D 374 16.50 50.52 -0.19
N GLY D 375 15.66 51.22 0.55
CA GLY D 375 14.22 51.27 0.31
C GLY D 375 13.39 50.03 0.63
N SER D 376 14.07 48.97 1.16
CA SER D 376 13.43 47.67 1.44
C SER D 376 12.95 47.55 2.90
N ASN D 377 11.87 46.81 3.12
CA ASN D 377 11.42 46.54 4.50
C ASN D 377 12.21 45.46 5.27
N GLY D 378 11.79 45.26 6.51
CA GLY D 378 12.36 44.22 7.38
C GLY D 378 12.21 42.80 6.86
N LEU D 379 11.01 42.45 6.39
CA LEU D 379 10.73 41.09 5.86
C LEU D 379 11.65 40.68 4.70
N SER D 380 12.08 41.66 3.90
CA SER D 380 12.98 41.38 2.79
C SER D 380 14.28 40.72 3.27
N LEU D 381 14.63 40.96 4.53
CA LEU D 381 15.80 40.32 5.18
C LEU D 381 15.75 38.78 5.23
N GLN D 382 14.54 38.23 5.14
CA GLN D 382 14.41 36.78 4.84
C GLN D 382 15.13 36.44 3.55
N TYR D 383 15.32 37.42 2.66
CA TYR D 383 15.89 37.09 1.34
C TYR D 383 17.28 37.61 1.02
N ASP D 384 17.60 38.80 1.49
CA ASP D 384 18.89 39.42 1.20
C ASP D 384 19.06 40.59 2.15
N GLY D 385 20.28 41.10 2.22
CA GLY D 385 20.53 42.29 3.02
C GLY D 385 21.98 42.67 3.07
N GLU D 386 22.25 43.65 3.93
CA GLU D 386 23.58 44.22 4.16
C GLU D 386 24.10 43.80 5.54
N ILE D 387 25.33 43.30 5.54
CA ILE D 387 26.03 42.85 6.74
C ILE D 387 26.71 44.05 7.42
N SER D 388 26.35 44.32 8.67
CA SER D 388 27.04 45.36 9.42
C SER D 388 27.57 44.86 10.77
N THR D 389 28.89 44.74 10.88
CA THR D 389 29.52 44.27 12.10
C THR D 389 29.36 45.35 13.15
N THR D 390 28.93 44.99 14.35
CA THR D 390 28.91 45.96 15.43
C THR D 390 30.23 45.88 16.20
N LYS D 391 30.39 46.77 17.17
CA LYS D 391 31.57 46.75 18.05
C LYS D 391 31.48 45.61 19.07
N MET D 392 30.26 45.15 19.33
CA MET D 392 30.04 43.99 20.17
C MET D 392 30.66 42.74 19.54
N LEU D 393 30.61 42.65 18.22
CA LEU D 393 31.33 41.58 17.51
C LEU D 393 32.84 41.66 17.80
N TRP D 394 33.38 42.86 17.71
CA TRP D 394 34.82 43.00 17.75
C TRP D 394 35.42 42.83 19.15
N THR D 395 34.68 43.28 20.16
CA THR D 395 35.10 43.15 21.55
C THR D 395 34.92 41.73 22.08
N THR D 396 33.88 41.04 21.62
CA THR D 396 33.74 39.64 21.94
C THR D 396 35.01 38.99 21.40
N ALA D 397 35.41 39.39 20.19
CA ALA D 397 36.52 38.78 19.47
C ALA D 397 37.90 39.04 20.09
N ASN D 398 37.99 40.10 20.89
CA ASN D 398 39.16 40.39 21.69
C ASN D 398 39.46 39.16 22.54
N TYR D 399 38.39 38.52 22.96
CA TYR D 399 38.42 37.30 23.72
C TYR D 399 38.47 36.09 22.80
N SER D 400 37.43 35.94 21.98
CA SER D 400 37.10 34.65 21.38
C SER D 400 38.12 34.24 20.34
N PHE D 401 38.71 35.22 19.65
CA PHE D 401 39.68 34.94 18.60
C PHE D 401 40.98 34.43 19.20
N PHE D 402 41.25 34.85 20.44
CA PHE D 402 42.52 34.57 21.10
C PHE D 402 42.45 33.58 22.29
N VAL D 403 41.37 33.61 23.06
CA VAL D 403 41.11 32.69 24.18
C VAL D 403 40.43 31.40 23.68
N ARG D 404 41.27 30.41 23.39
CA ARG D 404 40.89 29.19 22.74
C ARG D 404 40.50 28.06 23.70
N PRO D 405 39.65 27.13 23.22
CA PRO D 405 39.24 26.08 24.12
C PRO D 405 40.47 25.30 24.60
N GLY D 406 40.45 24.91 25.86
CA GLY D 406 41.59 24.22 26.43
C GLY D 406 42.50 25.15 27.22
N MET D 407 42.58 26.41 26.82
CA MET D 407 43.30 27.38 27.64
C MET D 407 42.67 27.38 29.03
N LYS D 408 43.50 27.58 30.05
CA LYS D 408 43.01 27.88 31.38
C LYS D 408 43.23 29.35 31.65
N ARG D 409 42.39 29.92 32.50
CA ARG D 409 42.63 31.26 32.98
C ARG D 409 43.71 31.27 34.08
N ILE D 410 44.59 32.27 34.04
CA ILE D 410 45.64 32.42 35.06
C ILE D 410 45.54 33.78 35.72
N ALA D 411 46.11 33.88 36.92
CA ALA D 411 46.12 35.13 37.67
C ALA D 411 47.01 36.20 37.05
N ILE D 412 46.47 37.39 37.01
CA ILE D 412 47.22 38.58 36.69
C ILE D 412 46.82 39.56 37.81
N LYS D 413 47.82 40.06 38.53
CA LYS D 413 47.56 40.91 39.70
C LYS D 413 48.16 42.31 39.51
N PRO D 414 47.42 43.34 39.93
CA PRO D 414 48.01 44.68 40.04
C PRO D 414 48.83 44.83 41.33
N THR D 415 49.97 45.52 41.23
CA THR D 415 50.79 45.85 42.41
C THR D 415 49.97 46.56 43.52
N TYR D 416 49.19 47.58 43.15
CA TYR D 416 48.20 48.20 44.04
C TYR D 416 46.86 47.44 43.95
N LYS D 417 46.24 47.17 45.10
CA LYS D 417 45.00 46.38 45.11
C LYS D 417 43.75 47.22 44.77
N ILE D 418 43.01 46.79 43.73
CA ILE D 418 41.70 47.37 43.36
C ILE D 418 40.57 46.34 43.54
N SER D 419 39.38 46.84 43.88
CA SER D 419 38.21 46.00 44.14
C SER D 419 37.54 45.50 42.83
N ASP D 420 36.51 44.66 42.98
CA ASP D 420 35.69 44.21 41.85
C ASP D 420 34.87 45.37 41.27
N LEU D 421 34.13 46.05 42.14
CA LEU D 421 33.28 47.19 41.76
C LEU D 421 34.06 48.36 41.14
N GLU D 422 35.21 48.70 41.71
CA GLU D 422 36.07 49.76 41.15
C GLU D 422 36.51 49.40 39.76
N ALA D 423 37.00 48.16 39.60
CA ALA D 423 37.48 47.63 38.32
C ALA D 423 36.44 47.80 37.22
N ALA D 424 35.18 47.59 37.61
CA ALA D 424 34.05 47.59 36.71
C ALA D 424 33.94 48.87 35.89
N THR D 425 34.22 50.03 36.51
CA THR D 425 34.11 51.34 35.82
C THR D 425 35.46 51.99 35.42
N SER D 426 36.53 51.21 35.37
CA SER D 426 37.83 51.78 35.08
C SER D 426 38.72 50.88 34.27
N LEU D 427 39.33 49.90 34.93
CA LEU D 427 40.24 49.00 34.25
C LEU D 427 39.95 47.55 34.68
N MET D 428 39.73 46.71 33.68
CA MET D 428 39.52 45.28 33.89
C MET D 428 40.51 44.55 33.01
N ILE D 429 41.07 43.47 33.54
CA ILE D 429 42.09 42.73 32.81
C ILE D 429 42.19 41.32 33.35
N SER D 430 42.35 40.36 32.45
CA SER D 430 42.44 38.94 32.78
C SER D 430 43.49 38.32 31.86
N SER D 431 44.01 37.16 32.24
CA SER D 431 44.98 36.43 31.41
C SER D 431 44.67 34.95 31.35
N TYR D 432 45.17 34.31 30.30
CA TYR D 432 44.86 32.93 29.94
C TYR D 432 46.09 32.38 29.28
N THR D 433 46.27 31.07 29.31
CA THR D 433 47.36 30.45 28.57
C THR D 433 47.06 29.01 28.22
N ASP D 434 47.75 28.54 27.18
CA ASP D 434 47.74 27.13 26.77
C ASP D 434 49.12 26.53 27.04
N GLY D 435 49.94 27.28 27.77
CA GLY D 435 51.30 26.84 28.13
C GLY D 435 52.34 27.37 27.16
N LYS D 436 51.86 27.81 25.98
CA LYS D 436 52.71 28.31 24.90
C LYS D 436 52.52 29.82 24.74
N GLU D 437 51.27 30.22 24.56
CA GLU D 437 50.93 31.62 24.36
C GLU D 437 50.26 32.10 25.62
N VAL D 438 50.59 33.30 26.07
CA VAL D 438 49.82 33.93 27.15
C VAL D 438 49.01 35.03 26.52
N VAL D 439 47.71 34.98 26.80
CA VAL D 439 46.77 35.96 26.30
C VAL D 439 46.20 36.80 27.44
N THR D 440 46.21 38.12 27.24
CA THR D 440 45.73 39.07 28.24
C THR D 440 44.77 40.05 27.56
N VAL D 441 43.62 40.28 28.18
CA VAL D 441 42.60 41.13 27.57
C VAL D 441 42.30 42.23 28.56
N ALA D 442 42.57 43.46 28.15
CA ALA D 442 42.31 44.61 29.00
C ALA D 442 41.23 45.51 28.46
N ILE D 443 40.27 45.83 29.31
CA ILE D 443 39.26 46.81 28.96
C ILE D 443 39.55 48.04 29.78
N ASN D 444 39.81 49.13 29.06
CA ASN D 444 39.86 50.46 29.66
C ASN D 444 38.46 51.05 29.55
N TYR D 445 37.67 50.85 30.61
CA TYR D 445 36.32 51.41 30.66
C TYR D 445 36.27 52.92 30.79
N SER D 446 37.43 53.54 31.03
CA SER D 446 37.49 54.93 31.47
C SER D 446 37.62 55.92 30.31
N LYS D 447 37.25 57.17 30.60
CA LYS D 447 37.40 58.29 29.66
C LYS D 447 38.85 58.75 29.45
N GLU D 448 39.74 58.29 30.32
CA GLU D 448 41.16 58.63 30.23
C GLU D 448 41.91 57.53 29.49
N ASN D 449 42.97 57.93 28.78
CA ASN D 449 43.99 56.98 28.34
C ASN D 449 44.70 56.41 29.56
N GLN D 450 45.37 55.28 29.40
CA GLN D 450 46.04 54.65 30.52
C GLN D 450 47.24 53.87 30.03
N VAL D 451 48.30 53.87 30.83
CA VAL D 451 49.50 53.07 30.55
C VAL D 451 49.69 52.04 31.64
N ILE D 452 50.09 50.85 31.21
CA ILE D 452 50.35 49.72 32.08
C ILE D 452 51.66 49.01 31.72
N SER D 453 52.28 48.43 32.74
CA SER D 453 53.37 47.50 32.52
C SER D 453 52.81 46.11 32.80
N LEU D 454 53.09 45.20 31.88
CA LEU D 454 52.67 43.84 32.03
C LEU D 454 53.88 42.99 32.34
N ASN D 455 53.85 42.34 33.50
CA ASN D 455 54.91 41.44 33.92
C ASN D 455 54.53 39.98 33.64
N CYS D 456 55.29 39.34 32.75
CA CYS D 456 54.99 38.00 32.27
C CYS D 456 56.26 37.15 32.23
N ASP D 457 56.65 36.63 33.38
CA ASP D 457 57.94 35.96 33.52
C ASP D 457 59.01 36.84 32.82
N HIS D 458 59.74 36.28 31.85
CA HIS D 458 60.91 36.96 31.30
C HIS D 458 60.66 37.65 29.95
N ALA D 459 59.40 37.74 29.53
CA ALA D 459 59.08 38.23 28.18
C ALA D 459 59.15 39.76 28.10
N GLN D 460 59.59 40.27 26.93
CA GLN D 460 59.72 41.72 26.71
C GLN D 460 58.62 42.36 25.81
N LYS D 461 58.07 41.57 24.89
CA LYS D 461 57.05 42.07 23.94
C LYS D 461 55.81 41.16 23.72
N GLY D 462 54.69 41.80 23.36
CA GLY D 462 53.51 41.11 22.83
C GLY D 462 52.92 41.77 21.59
N LYS D 463 52.10 41.02 20.84
CA LYS D 463 51.34 41.60 19.73
C LYS D 463 50.04 42.16 20.31
N VAL D 464 49.78 43.44 20.05
CA VAL D 464 48.55 44.06 20.53
C VAL D 464 47.48 44.17 19.41
N TYR D 465 46.22 44.02 19.85
CA TYR D 465 45.06 43.98 19.00
C TYR D 465 44.01 44.83 19.68
N LEU D 466 43.56 45.86 19.01
CA LEU D 466 42.86 46.95 19.71
C LEU D 466 41.49 47.25 19.11
N THR D 467 40.49 47.32 19.96
CA THR D 467 39.13 47.64 19.52
C THR D 467 38.67 48.93 20.17
N THR D 468 38.36 49.92 19.35
CA THR D 468 37.89 51.20 19.84
C THR D 468 36.77 51.72 18.93
N ILE D 469 36.31 52.93 19.24
CA ILE D 469 35.36 53.68 18.41
C ILE D 469 35.77 53.73 16.93
N ASP D 470 37.06 53.55 16.66
CA ASP D 470 37.65 53.73 15.33
C ASP D 470 38.25 52.44 14.84
N LYS D 471 38.34 51.46 15.72
CA LYS D 471 39.12 50.27 15.42
C LYS D 471 38.33 49.02 15.72
N ASN D 472 38.23 48.17 14.70
CA ASN D 472 37.59 46.88 14.82
C ASN D 472 38.71 45.87 14.97
N LEU D 473 39.06 45.56 16.22
CA LEU D 473 40.15 44.65 16.55
C LEU D 473 41.33 44.76 15.58
N ARG D 474 42.02 45.90 15.62
CA ARG D 474 43.15 46.18 14.70
C ARG D 474 44.52 45.77 15.25
N TYR D 475 45.33 45.14 14.40
CA TYR D 475 46.69 44.73 14.77
C TYR D 475 47.67 45.91 14.89
N MET D 476 48.03 46.27 16.12
CA MET D 476 48.90 47.42 16.38
C MET D 476 50.41 47.10 16.32
N GLY D 477 50.78 45.90 15.88
CA GLY D 477 52.19 45.46 15.88
C GLY D 477 52.75 44.97 17.23
N GLU D 478 53.94 44.38 17.19
CA GLU D 478 54.64 43.94 18.41
C GLU D 478 54.99 45.14 19.31
N GLN D 479 54.71 44.98 20.61
CA GLN D 479 54.73 46.10 21.56
C GLN D 479 55.53 45.79 22.84
N PRO D 480 56.33 46.77 23.33
CA PRO D 480 57.01 46.64 24.64
C PRO D 480 56.07 46.43 25.85
N LEU D 481 56.25 45.33 26.58
CA LEU D 481 55.35 45.00 27.68
C LEU D 481 55.38 46.02 28.83
N LYS D 482 56.52 46.71 28.97
CA LYS D 482 56.75 47.69 30.05
C LYS D 482 55.95 48.97 29.89
N LYS D 483 55.73 49.39 28.64
CA LYS D 483 54.89 50.57 28.36
C LYS D 483 53.79 50.21 27.37
N LEU D 484 52.62 49.86 27.92
CA LEU D 484 51.50 49.48 27.08
C LEU D 484 50.47 50.59 27.06
N GLN D 485 50.13 51.01 25.85
CA GLN D 485 49.25 52.17 25.63
C GLN D 485 47.78 51.74 25.51
N LEU D 486 46.98 52.07 26.52
CA LEU D 486 45.57 51.66 26.56
C LEU D 486 44.62 52.83 26.38
N PRO D 487 44.23 53.11 25.11
CA PRO D 487 43.36 54.23 24.78
C PRO D 487 42.14 54.33 25.70
N ALA D 488 41.52 55.51 25.73
CA ALA D 488 40.30 55.70 26.49
C ALA D 488 39.25 54.78 25.88
N ARG D 489 38.41 54.17 26.72
CA ARG D 489 37.23 53.43 26.24
C ARG D 489 37.52 52.49 25.06
N SER D 490 38.34 51.47 25.36
CA SER D 490 38.86 50.52 24.37
C SER D 490 38.92 49.12 24.98
N VAL D 491 39.21 48.14 24.13
CA VAL D 491 39.56 46.82 24.62
C VAL D 491 40.84 46.45 23.90
N ALA D 492 41.83 46.03 24.67
CA ALA D 492 43.09 45.55 24.09
C ALA D 492 43.32 44.09 24.41
N THR D 493 43.87 43.38 23.44
CA THR D 493 44.31 42.02 23.62
C THR D 493 45.80 41.90 23.31
N ILE D 494 46.57 41.57 24.36
CA ILE D 494 48.01 41.43 24.22
C ILE D 494 48.38 39.94 24.20
N VAL D 495 49.06 39.54 23.14
CA VAL D 495 49.42 38.14 22.88
C VAL D 495 50.95 37.98 22.97
N VAL D 496 51.43 37.28 23.99
CA VAL D 496 52.87 37.12 24.20
C VAL D 496 53.50 35.92 23.44
N LYS E 6 -42.29 -14.93 34.65
CA LYS E 6 -42.29 -14.59 33.17
C LYS E 6 -41.60 -15.65 32.30
N VAL E 7 -42.33 -16.23 31.35
CA VAL E 7 -41.75 -17.29 30.50
C VAL E 7 -41.87 -17.02 28.99
N PHE E 8 -40.79 -17.32 28.26
CA PHE E 8 -40.68 -17.02 26.83
C PHE E 8 -40.40 -18.25 25.99
N ILE E 9 -41.11 -18.39 24.89
CA ILE E 9 -40.89 -19.51 24.01
C ILE E 9 -40.22 -19.10 22.69
N ILE E 10 -39.01 -19.64 22.50
CA ILE E 10 -38.25 -19.48 21.27
C ILE E 10 -38.77 -20.51 20.27
N ASP E 11 -38.97 -20.08 19.04
CA ASP E 11 -39.59 -20.88 17.99
C ASP E 11 -38.69 -20.80 16.75
N LYS E 12 -37.79 -21.77 16.62
CA LYS E 12 -36.78 -21.75 15.58
C LYS E 12 -37.42 -21.92 14.21
N GLN E 13 -38.71 -22.25 14.20
CA GLN E 13 -39.42 -22.51 12.96
C GLN E 13 -40.02 -21.24 12.37
N THR E 14 -40.13 -20.20 13.21
CA THR E 14 -40.61 -18.89 12.75
C THR E 14 -39.43 -17.91 12.57
N VAL E 15 -39.03 -17.73 11.31
CA VAL E 15 -37.81 -17.01 10.95
C VAL E 15 -38.11 -15.63 10.36
N TYR E 16 -37.36 -14.62 10.81
CA TYR E 16 -37.48 -13.26 10.24
C TYR E 16 -36.27 -12.88 9.38
N GLN E 17 -35.73 -11.68 9.60
CA GLN E 17 -34.67 -11.15 8.73
C GLN E 17 -33.34 -11.85 8.93
N GLU E 18 -32.52 -11.81 7.89
CA GLU E 18 -31.12 -12.17 7.98
C GLU E 18 -30.34 -10.98 8.56
N ILE E 19 -29.35 -11.27 9.40
CA ILE E 19 -28.52 -10.24 10.00
C ILE E 19 -27.31 -10.00 9.10
N ASP E 20 -27.10 -8.75 8.72
CA ASP E 20 -25.95 -8.38 7.90
C ASP E 20 -24.77 -7.98 8.79
N ASN E 21 -24.98 -7.05 9.71
CA ASN E 21 -23.89 -6.55 10.52
C ASN E 21 -24.33 -5.62 11.61
N PHE E 22 -23.37 -5.35 12.51
CA PHE E 22 -23.37 -4.19 13.38
C PHE E 22 -22.12 -3.38 13.02
N SER E 23 -22.23 -2.05 13.05
CA SER E 23 -21.19 -1.22 12.47
C SER E 23 -21.08 0.13 13.17
N ALA E 24 -20.09 0.92 12.71
CA ALA E 24 -19.79 2.24 13.23
C ALA E 24 -18.93 2.96 12.20
N SER E 25 -18.72 4.24 12.46
CA SER E 25 -18.18 5.12 11.45
C SER E 25 -16.82 5.63 11.87
N ASP E 26 -15.90 5.63 10.91
CA ASP E 26 -14.58 6.22 11.12
C ASP E 26 -14.52 7.72 10.94
N ALA E 27 -15.65 8.37 10.76
CA ALA E 27 -15.67 9.80 10.37
C ALA E 27 -14.90 10.74 11.32
N TRP E 28 -14.17 11.67 10.71
CA TRP E 28 -13.52 12.83 11.34
C TRP E 28 -12.30 12.46 12.19
N ARG E 29 -12.50 11.58 13.19
CA ARG E 29 -11.55 11.44 14.28
C ARG E 29 -10.54 10.35 14.07
N CYS E 30 -10.93 9.31 13.33
CA CYS E 30 -10.08 8.16 13.10
C CYS E 30 -8.93 8.46 12.16
N ALA E 31 -9.06 9.52 11.35
CA ALA E 31 -7.95 10.00 10.52
C ALA E 31 -6.78 10.37 11.43
N PHE E 32 -7.08 11.12 12.49
CA PHE E 32 -6.04 11.54 13.43
C PHE E 32 -5.53 10.37 14.23
N ILE E 33 -6.45 9.61 14.83
CA ILE E 33 -6.08 8.43 15.61
C ILE E 33 -5.17 7.46 14.83
N GLY E 34 -5.58 7.11 13.63
CA GLY E 34 -4.88 6.05 12.87
C GLY E 34 -3.52 6.42 12.33
N LYS E 35 -3.30 7.72 12.17
CA LYS E 35 -2.06 8.29 11.67
C LYS E 35 -1.10 8.70 12.81
N ASN E 36 -1.67 9.31 13.85
CA ASN E 36 -0.94 10.03 14.89
C ASN E 36 -0.79 9.32 16.23
N TRP E 37 -1.84 8.64 16.69
CA TRP E 37 -1.83 8.08 18.05
C TRP E 37 -0.79 6.98 18.30
N PRO E 38 -0.26 6.91 19.56
CA PRO E 38 0.70 5.86 19.86
C PRO E 38 0.15 4.52 19.49
N GLN E 39 1.03 3.65 19.00
CA GLN E 39 0.65 2.35 18.51
C GLN E 39 -0.24 1.60 19.50
N GLU E 40 0.16 1.52 20.77
CA GLU E 40 -0.64 0.83 21.80
C GLU E 40 -2.08 1.34 21.97
N LYS E 41 -2.28 2.65 21.88
CA LYS E 41 -3.61 3.23 21.98
C LYS E 41 -4.47 2.87 20.76
N LYS E 42 -3.93 3.04 19.55
CA LYS E 42 -4.64 2.71 18.29
C LYS E 42 -5.10 1.26 18.32
N GLU E 43 -4.16 0.39 18.68
CA GLU E 43 -4.40 -1.05 18.74
C GLU E 43 -5.46 -1.43 19.77
N LYS E 44 -5.54 -0.71 20.87
CA LYS E 44 -6.54 -0.99 21.89
C LYS E 44 -7.92 -0.58 21.38
N ILE E 45 -7.98 0.57 20.70
CA ILE E 45 -9.22 1.01 20.05
C ILE E 45 -9.63 -0.01 18.99
N ALA E 46 -8.68 -0.47 18.19
CA ALA E 46 -9.02 -1.47 17.20
C ALA E 46 -9.52 -2.79 17.85
N ASP E 47 -8.92 -3.20 18.98
CA ASP E 47 -9.41 -4.42 19.69
C ASP E 47 -10.84 -4.20 20.20
N LEU E 48 -11.11 -3.05 20.81
CA LEU E 48 -12.48 -2.76 21.28
C LEU E 48 -13.53 -2.78 20.16
N LEU E 49 -13.16 -2.37 18.95
CA LEU E 49 -14.11 -2.27 17.82
C LEU E 49 -14.35 -3.58 17.07
N PHE E 50 -13.29 -4.34 16.84
CA PHE E 50 -13.33 -5.42 15.88
C PHE E 50 -13.02 -6.84 16.37
N LYS E 51 -12.22 -6.97 17.42
CA LYS E 51 -11.68 -8.28 17.77
C LYS E 51 -12.72 -9.13 18.50
N ARG E 52 -13.12 -10.24 17.90
CA ARG E 52 -14.12 -11.11 18.50
C ARG E 52 -13.42 -12.15 19.39
N GLU E 53 -13.01 -11.73 20.57
CA GLU E 53 -12.28 -12.60 21.51
C GLU E 53 -12.73 -12.35 22.94
N PHE E 54 -12.53 -13.34 23.80
CA PHE E 54 -12.77 -13.22 25.27
C PHE E 54 -11.46 -13.04 26.00
N ASP E 55 -11.48 -12.32 27.12
CA ASP E 55 -10.30 -12.29 27.99
C ASP E 55 -10.02 -13.62 28.74
N GLU E 56 -9.08 -13.56 29.69
CA GLU E 56 -8.71 -14.72 30.54
C GLU E 56 -9.92 -15.25 31.30
N LYS E 57 -10.68 -14.33 31.91
CA LYS E 57 -11.85 -14.70 32.70
C LYS E 57 -13.17 -14.83 31.89
N GLY E 58 -13.07 -14.92 30.56
CA GLY E 58 -14.21 -15.23 29.69
C GLY E 58 -15.11 -14.05 29.32
N ASN E 59 -14.69 -12.83 29.64
CA ASN E 59 -15.41 -11.65 29.18
C ASN E 59 -15.08 -11.24 27.72
N PRO E 60 -16.13 -10.93 26.92
CA PRO E 60 -15.92 -10.36 25.56
C PRO E 60 -15.06 -9.10 25.66
N ILE E 61 -14.05 -8.96 24.81
CA ILE E 61 -13.16 -7.79 24.90
C ILE E 61 -13.72 -6.51 24.28
N GLY E 62 -14.82 -6.62 23.51
CA GLY E 62 -15.43 -5.41 22.94
C GLY E 62 -16.62 -5.70 22.05
N MET E 63 -16.94 -4.77 21.15
CA MET E 63 -18.13 -4.89 20.30
C MET E 63 -17.98 -5.96 19.25
N ALA E 64 -16.76 -6.23 18.83
CA ALA E 64 -16.52 -7.06 17.66
C ALA E 64 -17.48 -6.73 16.46
N LEU E 65 -17.54 -5.46 16.06
CA LEU E 65 -18.35 -4.99 14.92
C LEU E 65 -18.04 -5.79 13.69
N THR E 66 -19.02 -5.91 12.79
CA THR E 66 -18.89 -6.74 11.63
C THR E 66 -19.08 -5.98 10.30
N ASN E 67 -19.16 -4.65 10.40
CA ASN E 67 -19.00 -3.78 9.24
C ASN E 67 -18.30 -2.57 9.77
N TRP E 68 -17.64 -1.82 8.89
CA TRP E 68 -17.03 -0.56 9.27
C TRP E 68 -17.30 0.45 8.16
N ARG E 69 -17.83 1.62 8.54
CA ARG E 69 -18.13 2.70 7.57
C ARG E 69 -16.95 3.69 7.43
N VAL E 70 -16.39 3.74 6.22
CA VAL E 70 -15.25 4.61 5.88
C VAL E 70 -15.74 5.86 5.12
N ASN E 71 -15.42 7.04 5.65
CA ASN E 71 -15.79 8.30 5.03
C ASN E 71 -14.80 8.65 3.93
N ILE E 72 -15.22 8.44 2.69
CA ILE E 72 -14.40 8.81 1.53
C ILE E 72 -14.44 10.33 1.47
N GLY E 73 -13.26 10.94 1.51
CA GLY E 73 -13.12 12.39 1.61
C GLY E 73 -13.52 13.13 0.34
N ALA E 74 -13.92 14.38 0.51
CA ALA E 74 -14.33 15.28 -0.56
C ALA E 74 -13.37 16.47 -0.76
N GLY E 75 -12.29 16.54 0.04
CA GLY E 75 -11.23 17.53 -0.15
C GLY E 75 -11.46 18.89 0.48
N SER E 76 -12.33 19.00 1.46
CA SER E 76 -12.40 20.20 2.29
C SER E 76 -11.03 20.58 2.88
N TYR E 77 -10.14 19.60 3.11
CA TYR E 77 -8.79 19.90 3.56
C TYR E 77 -7.93 20.65 2.53
N GLU E 78 -7.81 20.09 1.33
CA GLU E 78 -7.09 20.77 0.25
C GLU E 78 -7.73 22.12 -0.09
N ASN E 79 -9.06 22.20 0.01
CA ASN E 79 -9.81 23.41 -0.37
C ASN E 79 -9.98 24.42 0.77
N ARG E 80 -9.28 24.22 1.90
CA ARG E 80 -9.61 24.91 3.18
C ARG E 80 -9.48 26.43 3.16
N GLU E 81 -8.74 26.97 2.19
CA GLU E 81 -8.66 28.42 1.99
C GLU E 81 -9.98 28.99 1.45
N ALA E 82 -10.78 28.15 0.77
CA ALA E 82 -12.08 28.62 0.26
C ALA E 82 -13.13 28.74 1.40
N LYS E 83 -14.40 28.91 1.06
CA LYS E 83 -15.46 28.91 2.06
C LYS E 83 -15.86 27.48 2.46
N GLU E 84 -15.10 26.95 3.42
CA GLU E 84 -15.06 25.51 3.60
C GLU E 84 -15.37 25.11 5.04
N VAL E 85 -15.32 23.79 5.28
CA VAL E 85 -15.50 23.26 6.62
C VAL E 85 -14.64 24.08 7.58
N ASP E 86 -15.21 24.52 8.70
CA ASP E 86 -14.61 25.62 9.46
C ASP E 86 -13.73 25.15 10.59
N ASN E 87 -13.34 23.87 10.60
CA ASN E 87 -12.50 23.32 11.67
C ASN E 87 -11.58 22.20 11.17
N SER E 88 -10.51 21.93 11.93
CA SER E 88 -9.52 20.95 11.50
C SER E 88 -9.94 19.47 11.65
N TRP E 89 -10.83 19.19 12.61
CA TRP E 89 -11.31 17.83 12.85
C TRP E 89 -12.11 17.23 11.69
N ASN E 90 -12.99 18.05 11.10
CA ASN E 90 -14.02 17.56 10.19
C ASN E 90 -13.72 17.72 8.70
N ARG E 91 -12.57 18.33 8.38
CA ARG E 91 -12.05 18.38 7.03
C ARG E 91 -11.57 17.01 6.60
N THR E 92 -11.65 16.77 5.29
CA THR E 92 -11.23 15.51 4.69
C THR E 92 -10.35 15.79 3.48
N GLU E 93 -9.38 14.89 3.25
CA GLU E 93 -8.64 14.90 2.02
C GLU E 93 -9.53 14.30 0.90
N CYS E 94 -9.08 14.40 -0.34
CA CYS E 94 -9.72 13.72 -1.49
C CYS E 94 -8.64 13.07 -2.31
N PHE E 95 -8.79 11.78 -2.59
CA PHE E 95 -7.87 11.05 -3.44
C PHE E 95 -7.71 11.67 -4.84
N LEU E 96 -8.80 12.26 -5.36
CA LEU E 96 -8.82 12.88 -6.68
C LEU E 96 -8.61 14.38 -6.57
N SER E 97 -7.75 14.90 -7.44
CA SER E 97 -7.58 16.33 -7.50
C SER E 97 -8.18 16.99 -8.79
N PRO E 98 -8.29 18.33 -8.80
CA PRO E 98 -8.98 19.02 -9.91
C PRO E 98 -8.40 18.75 -11.30
N ASP E 99 -7.11 18.47 -11.36
CA ASP E 99 -6.45 18.11 -12.61
C ASP E 99 -6.61 16.66 -13.02
N GLY E 100 -7.37 15.87 -12.24
CA GLY E 100 -7.73 14.51 -12.62
C GLY E 100 -6.82 13.40 -12.13
N LYS E 101 -5.79 13.76 -11.36
CA LYS E 101 -4.88 12.77 -10.80
C LYS E 101 -5.39 12.15 -9.50
N TYR E 102 -5.03 10.89 -9.30
CA TYR E 102 -5.32 10.26 -8.00
C TYR E 102 -4.09 10.14 -7.13
N ASP E 103 -4.32 10.31 -5.82
CA ASP E 103 -3.32 10.14 -4.80
C ASP E 103 -3.91 9.29 -3.65
N PHE E 104 -3.59 8.01 -3.68
CA PHE E 104 -4.11 7.07 -2.72
C PHE E 104 -3.26 6.96 -1.46
N THR E 105 -2.26 7.81 -1.32
CA THR E 105 -1.52 7.86 -0.06
C THR E 105 -2.26 8.75 0.94
N LYS E 106 -3.29 9.46 0.51
CA LYS E 106 -4.09 10.30 1.40
C LYS E 106 -5.05 9.47 2.26
N GLN E 107 -5.67 10.12 3.25
CA GLN E 107 -6.52 9.46 4.23
C GLN E 107 -5.76 8.27 4.86
N ALA E 108 -4.48 8.49 5.22
CA ALA E 108 -3.64 7.44 5.80
C ALA E 108 -4.21 6.84 7.09
N GLY E 109 -4.77 7.69 7.94
CA GLY E 109 -5.33 7.36 9.26
C GLY E 109 -6.48 6.39 9.15
N GLN E 110 -7.36 6.66 8.19
CA GLN E 110 -8.49 5.79 7.90
C GLN E 110 -8.10 4.49 7.24
N GLN E 111 -7.02 4.51 6.46
CA GLN E 111 -6.48 3.29 5.90
C GLN E 111 -5.84 2.38 6.96
N TRP E 112 -5.18 2.99 7.96
CA TRP E 112 -4.70 2.24 9.10
C TRP E 112 -5.85 1.50 9.79
N PHE E 113 -6.99 2.16 10.01
CA PHE E 113 -8.15 1.46 10.58
C PHE E 113 -8.65 0.31 9.75
N MET E 114 -8.63 0.45 8.44
CA MET E 114 -9.07 -0.63 7.57
C MET E 114 -8.11 -1.79 7.75
N LYS E 115 -6.80 -1.52 7.77
CA LYS E 115 -5.81 -2.58 7.97
C LYS E 115 -5.98 -3.31 9.34
N ALA E 116 -6.23 -2.51 10.38
CA ALA E 116 -6.35 -2.99 11.75
C ALA E 116 -7.60 -3.89 11.85
N ALA E 117 -8.70 -3.46 11.25
CA ALA E 117 -9.93 -4.26 11.19
C ALA E 117 -9.73 -5.61 10.53
N ARG E 118 -9.05 -5.63 9.37
CA ARG E 118 -8.81 -6.84 8.61
C ARG E 118 -7.91 -7.83 9.39
N GLU E 119 -6.89 -7.29 10.05
CA GLU E 119 -6.00 -8.08 10.88
C GLU E 119 -6.78 -8.85 11.95
N ARG E 120 -7.86 -8.24 12.41
CA ARG E 120 -8.71 -8.81 13.43
C ARG E 120 -9.86 -9.59 12.79
N GLY E 121 -9.75 -9.91 11.50
CA GLY E 121 -10.72 -10.78 10.82
C GLY E 121 -12.07 -10.13 10.51
N MET E 122 -12.07 -8.79 10.43
CA MET E 122 -13.22 -8.05 9.95
C MET E 122 -12.80 -7.41 8.61
N ASN E 123 -13.25 -8.01 7.50
CA ASN E 123 -12.97 -7.49 6.18
C ASN E 123 -14.31 -7.26 5.49
N ASN E 124 -15.04 -6.26 5.95
CA ASN E 124 -16.30 -5.91 5.36
C ASN E 124 -16.52 -4.39 5.51
N PHE E 125 -16.40 -3.67 4.39
CA PHE E 125 -16.42 -2.20 4.43
C PHE E 125 -17.52 -1.61 3.57
N LEU E 126 -18.07 -0.52 4.09
CA LEU E 126 -18.91 0.40 3.33
C LEU E 126 -18.15 1.75 3.17
N PHE E 127 -18.14 2.26 1.95
CA PHE E 127 -17.61 3.60 1.65
C PHE E 127 -18.77 4.60 1.57
N PHE E 128 -18.68 5.72 2.25
CA PHE E 128 -19.76 6.72 2.18
C PHE E 128 -19.21 8.11 2.01
N THR E 129 -19.97 8.96 1.33
CA THR E 129 -19.59 10.37 1.13
C THR E 129 -20.60 11.34 1.72
N ASN E 130 -20.09 12.47 2.22
CA ASN E 130 -20.92 13.58 2.67
C ASN E 130 -20.97 14.70 1.63
N SER E 131 -20.05 14.66 0.68
CA SER E 131 -20.09 15.59 -0.43
C SER E 131 -19.37 14.96 -1.62
N ALA E 132 -19.64 15.46 -2.82
CA ALA E 132 -18.83 15.21 -4.01
C ALA E 132 -17.53 15.98 -3.82
N PRO E 133 -16.44 15.52 -4.49
CA PRO E 133 -15.20 16.33 -4.39
C PRO E 133 -15.46 17.82 -4.70
N TYR E 134 -14.88 18.72 -3.92
CA TYR E 134 -15.28 20.13 -3.95
C TYR E 134 -15.29 20.72 -5.37
N PHE E 135 -14.37 20.25 -6.23
CA PHE E 135 -14.19 20.84 -7.55
C PHE E 135 -15.24 20.36 -8.51
N MET E 136 -16.12 19.46 -8.04
CA MET E 136 -17.25 18.98 -8.84
C MET E 136 -18.52 19.67 -8.44
N THR E 137 -18.47 20.46 -7.37
CA THR E 137 -19.69 21.00 -6.78
C THR E 137 -20.16 22.28 -7.43
N ARG E 138 -21.41 22.65 -7.15
CA ARG E 138 -21.95 23.92 -7.63
C ARG E 138 -21.46 25.14 -6.85
N SER E 139 -21.11 24.97 -5.57
CA SER E 139 -20.53 26.06 -4.78
C SER E 139 -19.00 26.09 -4.77
N ALA E 140 -18.37 25.17 -5.47
CA ALA E 140 -16.91 25.07 -5.47
C ALA E 140 -16.36 24.76 -4.05
N SER E 141 -17.15 24.06 -3.25
CA SER E 141 -16.85 23.79 -1.85
C SER E 141 -17.70 22.62 -1.34
N THR E 142 -17.17 21.88 -0.35
CA THR E 142 -17.92 20.77 0.28
C THR E 142 -19.05 21.34 1.10
N VAL E 143 -18.94 22.63 1.45
CA VAL E 143 -20.07 23.36 2.03
C VAL E 143 -20.94 23.99 0.92
N SER E 144 -22.16 23.48 0.80
CA SER E 144 -23.13 23.98 -0.16
C SER E 144 -23.62 25.38 0.21
N THR E 145 -24.22 26.07 -0.75
CA THR E 145 -24.69 27.45 -0.53
C THR E 145 -26.18 27.64 -0.92
N ASP E 146 -26.88 26.56 -1.19
CA ASP E 146 -28.33 26.64 -1.34
C ASP E 146 -28.98 25.31 -0.97
N GLN E 147 -30.31 25.30 -0.89
CA GLN E 147 -31.07 24.04 -0.80
C GLN E 147 -31.91 23.73 -2.06
N ASP E 148 -31.42 24.07 -3.25
CA ASP E 148 -32.22 23.86 -4.43
C ASP E 148 -32.23 22.39 -4.89
N CYS E 149 -31.09 21.72 -4.69
CA CYS E 149 -30.86 20.39 -5.22
C CYS E 149 -29.45 20.04 -4.81
N ILE E 150 -28.98 18.86 -5.22
CA ILE E 150 -27.63 18.40 -4.88
C ILE E 150 -26.55 19.44 -5.26
N ASN E 151 -25.62 19.65 -4.33
CA ASN E 151 -24.44 20.45 -4.58
C ASN E 151 -23.41 19.70 -5.45
N LEU E 152 -23.80 19.46 -6.70
CA LEU E 152 -23.00 18.76 -7.67
C LEU E 152 -23.47 19.24 -9.03
N GLN E 153 -22.52 19.51 -9.92
CA GLN E 153 -22.87 20.02 -11.23
C GLN E 153 -23.58 18.97 -12.05
N ASN E 154 -24.48 19.45 -12.94
CA ASN E 154 -25.41 18.61 -13.66
C ASN E 154 -24.80 17.49 -14.49
N ASP E 155 -23.58 17.70 -14.92
CA ASP E 155 -22.95 16.72 -15.77
C ASP E 155 -21.83 16.01 -15.03
N LYS E 156 -21.81 16.14 -13.70
CA LYS E 156 -20.78 15.53 -12.89
C LYS E 156 -21.29 14.29 -12.14
N PHE E 157 -22.52 13.87 -12.41
CA PHE E 157 -23.01 12.66 -11.77
C PHE E 157 -22.22 11.43 -12.16
N ASP E 158 -21.84 11.35 -13.43
CA ASP E 158 -21.02 10.23 -13.91
C ASP E 158 -19.59 10.31 -13.38
N ASP E 159 -19.04 11.52 -13.30
CA ASP E 159 -17.73 11.78 -12.73
C ASP E 159 -17.64 11.36 -11.25
N PHE E 160 -18.64 11.74 -10.46
CA PHE E 160 -18.71 11.38 -9.02
C PHE E 160 -18.82 9.85 -8.87
N ALA E 161 -19.73 9.23 -9.62
CA ALA E 161 -19.90 7.79 -9.61
C ALA E 161 -18.64 7.03 -9.97
N ARG E 162 -17.90 7.51 -10.98
CA ARG E 162 -16.63 6.90 -11.39
C ARG E 162 -15.55 7.05 -10.32
N PHE E 163 -15.51 8.21 -9.65
CA PHE E 163 -14.59 8.44 -8.54
C PHE E 163 -14.86 7.43 -7.39
N LEU E 164 -16.13 7.26 -7.04
CA LEU E 164 -16.50 6.39 -5.95
C LEU E 164 -16.11 4.96 -6.26
N VAL E 165 -16.35 4.56 -7.49
CA VAL E 165 -16.08 3.21 -7.91
C VAL E 165 -14.57 2.93 -8.10
N LYS E 166 -13.84 3.87 -8.68
CA LYS E 166 -12.38 3.77 -8.69
C LYS E 166 -11.80 3.66 -7.27
N SER E 167 -12.31 4.45 -6.32
CA SER E 167 -11.82 4.39 -4.94
C SER E 167 -12.09 3.01 -4.34
N ALA E 168 -13.31 2.53 -4.53
CA ALA E 168 -13.72 1.21 -4.04
C ALA E 168 -12.88 0.15 -4.72
N GLN E 169 -12.62 0.32 -6.01
CA GLN E 169 -11.86 -0.68 -6.75
C GLN E 169 -10.42 -0.71 -6.30
N HIS E 170 -9.84 0.46 -6.05
CA HIS E 170 -8.49 0.54 -5.53
C HIS E 170 -8.31 -0.29 -4.23
N PHE E 171 -9.22 -0.15 -3.29
CA PHE E 171 -9.04 -0.90 -2.06
C PHE E 171 -9.38 -2.39 -2.19
N ARG E 172 -10.30 -2.75 -3.08
CA ARG E 172 -10.51 -4.18 -3.35
C ARG E 172 -9.22 -4.88 -3.88
N GLU E 173 -8.50 -4.15 -4.74
CA GLU E 173 -7.20 -4.57 -5.26
C GLU E 173 -6.07 -4.61 -4.23
N GLN E 174 -6.31 -4.01 -3.07
CA GLN E 174 -5.43 -4.17 -1.91
C GLN E 174 -5.93 -5.17 -0.88
N GLY E 175 -6.94 -5.98 -1.26
CA GLY E 175 -7.46 -7.06 -0.41
C GLY E 175 -8.51 -6.62 0.59
N PHE E 176 -9.05 -5.41 0.41
CA PHE E 176 -10.19 -4.95 1.22
C PHE E 176 -11.53 -5.13 0.51
N HIS E 177 -12.47 -5.77 1.21
CA HIS E 177 -13.77 -6.05 0.69
C HIS E 177 -14.69 -4.86 0.85
N VAL E 178 -14.53 -3.89 -0.03
CA VAL E 178 -15.46 -2.77 -0.08
C VAL E 178 -16.70 -3.26 -0.80
N ASN E 179 -17.73 -3.54 -0.01
CA ASN E 179 -18.93 -4.18 -0.45
C ASN E 179 -20.12 -3.26 -0.67
N TYR E 180 -20.02 -2.02 -0.18
CA TYR E 180 -21.13 -1.06 -0.30
C TYR E 180 -20.62 0.35 -0.53
N ILE E 181 -21.35 1.12 -1.34
CA ILE E 181 -21.10 2.52 -1.55
C ILE E 181 -22.37 3.28 -1.20
N SER E 182 -22.26 4.23 -0.28
CA SER E 182 -23.39 5.08 0.03
C SER E 182 -23.10 6.55 -0.39
N PRO E 183 -23.64 6.96 -1.56
CA PRO E 183 -23.17 8.21 -2.17
C PRO E 183 -23.65 9.49 -1.52
N ASN E 184 -24.78 9.42 -0.83
CA ASN E 184 -25.43 10.62 -0.25
C ASN E 184 -25.80 10.41 1.21
N ASN E 185 -25.49 11.39 2.05
CA ASN E 185 -25.85 11.34 3.44
C ASN E 185 -26.91 12.39 3.80
N GLU E 186 -27.99 11.94 4.44
CA GLU E 186 -29.04 12.82 4.96
C GLU E 186 -29.45 13.89 3.93
N PRO E 187 -29.94 13.44 2.75
CA PRO E 187 -30.27 14.36 1.64
C PRO E 187 -31.43 15.27 1.96
N ASN E 188 -32.19 14.91 3.00
CA ASN E 188 -33.25 15.75 3.52
C ASN E 188 -32.75 17.03 4.15
N GLY E 189 -31.52 17.03 4.66
CA GLY E 189 -31.03 18.11 5.50
C GLY E 189 -30.80 19.41 4.75
N GLN E 190 -30.94 20.51 5.49
CA GLN E 190 -30.51 21.83 5.08
C GLN E 190 -29.05 21.96 5.51
N TRP E 191 -28.15 21.68 4.59
CA TRP E 191 -26.73 21.63 4.88
C TRP E 191 -26.01 22.96 4.60
N HIS E 192 -26.62 23.81 3.78
CA HIS E 192 -25.96 25.07 3.39
C HIS E 192 -25.87 26.07 4.54
N ALA E 193 -26.55 25.78 5.64
CA ALA E 193 -26.50 26.63 6.84
C ALA E 193 -25.40 26.16 7.80
N ASN E 194 -24.68 25.10 7.42
CA ASN E 194 -23.78 24.36 8.31
C ASN E 194 -22.35 24.36 7.77
N SER E 195 -21.44 25.08 8.42
CA SER E 195 -20.02 25.02 8.01
C SER E 195 -19.15 24.11 8.90
N PHE E 196 -19.80 23.40 9.82
CA PHE E 196 -19.10 22.51 10.75
C PHE E 196 -18.61 21.22 10.07
N GLN E 197 -19.16 20.93 8.89
CA GLN E 197 -19.10 19.61 8.33
C GLN E 197 -19.39 19.69 6.83
N GLU E 198 -18.79 18.80 6.03
CA GLU E 198 -19.23 18.53 4.65
C GLU E 198 -20.68 18.07 4.61
N GLY E 199 -21.40 18.42 3.55
CA GLY E 199 -22.79 17.98 3.42
C GLY E 199 -23.47 18.46 2.14
N SER E 200 -24.61 17.82 1.80
CA SER E 200 -25.50 18.28 0.73
C SER E 200 -26.93 17.71 0.81
N PHE E 201 -27.88 18.63 0.66
CA PHE E 201 -29.24 18.28 0.38
C PHE E 201 -29.27 17.57 -0.99
N ALA E 202 -30.23 16.68 -1.19
CA ALA E 202 -30.47 16.14 -2.52
C ALA E 202 -31.93 15.72 -2.61
N THR E 203 -32.49 15.82 -3.82
CA THR E 203 -33.85 15.38 -4.12
C THR E 203 -33.84 13.93 -4.57
N LYS E 204 -35.04 13.33 -4.60
CA LYS E 204 -35.21 12.00 -5.16
C LYS E 204 -34.71 11.88 -6.62
N ALA E 205 -34.87 12.94 -7.41
CA ALA E 205 -34.36 12.93 -8.78
C ALA E 205 -32.84 12.83 -8.76
N ASP E 206 -32.20 13.63 -7.90
CA ASP E 206 -30.76 13.57 -7.68
C ASP E 206 -30.30 12.17 -7.24
N LEU E 207 -30.95 11.62 -6.22
CA LEU E 207 -30.58 10.31 -5.72
C LEU E 207 -30.74 9.23 -6.82
N TYR E 208 -31.80 9.36 -7.61
CA TYR E 208 -32.04 8.41 -8.67
C TYR E 208 -30.87 8.43 -9.65
N ARG E 209 -30.46 9.63 -10.04
CA ARG E 209 -29.39 9.76 -11.00
C ARG E 209 -28.12 9.15 -10.42
N MET E 210 -27.86 9.42 -9.13
CA MET E 210 -26.66 8.84 -8.49
C MET E 210 -26.61 7.30 -8.58
N VAL E 211 -27.73 6.66 -8.26
CA VAL E 211 -27.83 5.20 -8.38
C VAL E 211 -27.61 4.72 -9.81
N GLU E 212 -28.26 5.42 -10.74
CA GLU E 212 -28.16 5.12 -12.18
C GLU E 212 -26.73 5.15 -12.63
N GLU E 213 -26.01 6.22 -12.26
CA GLU E 213 -24.61 6.38 -12.71
C GLU E 213 -23.64 5.44 -12.01
N LEU E 214 -23.89 5.17 -10.74
CA LEU E 214 -23.13 4.17 -9.98
C LEU E 214 -23.34 2.78 -10.51
N ASP E 215 -24.58 2.48 -10.89
CA ASP E 215 -24.90 1.18 -11.43
C ASP E 215 -24.09 0.95 -12.67
N LYS E 216 -23.97 2.00 -13.46
CA LYS E 216 -23.29 1.92 -14.74
C LYS E 216 -21.80 1.74 -14.49
N ALA E 217 -21.26 2.58 -13.60
CA ALA E 217 -19.83 2.57 -13.27
C ALA E 217 -19.41 1.25 -12.64
N ILE E 218 -20.23 0.72 -11.75
CA ILE E 218 -19.93 -0.58 -11.13
C ILE E 218 -19.87 -1.72 -12.14
N SER E 219 -20.88 -1.79 -13.01
CA SER E 219 -20.93 -2.77 -14.09
C SER E 219 -19.69 -2.67 -14.97
N GLU E 220 -19.27 -1.44 -15.28
CA GLU E 220 -18.06 -1.21 -16.09
C GLU E 220 -16.80 -1.72 -15.38
N ALA E 221 -16.67 -1.41 -14.09
CA ALA E 221 -15.51 -1.87 -13.28
C ALA E 221 -15.50 -3.37 -12.99
N GLN E 222 -16.70 -3.96 -12.97
CA GLN E 222 -16.91 -5.35 -12.54
C GLN E 222 -16.41 -5.59 -11.09
N ILE E 223 -16.76 -4.65 -10.21
CA ILE E 223 -16.52 -4.88 -8.80
C ILE E 223 -17.80 -5.44 -8.14
N ASP E 224 -17.62 -6.31 -7.15
CA ASP E 224 -18.71 -6.87 -6.35
C ASP E 224 -19.02 -5.93 -5.19
N THR E 225 -19.65 -4.79 -5.51
CA THR E 225 -19.97 -3.75 -4.56
C THR E 225 -21.37 -3.32 -4.94
N LYS E 226 -22.19 -2.97 -3.95
CA LYS E 226 -23.56 -2.54 -4.22
C LYS E 226 -23.85 -1.16 -3.64
N ILE E 227 -24.97 -0.60 -4.09
CA ILE E 227 -25.33 0.78 -3.80
C ILE E 227 -26.40 0.84 -2.73
N LEU E 228 -26.14 1.67 -1.72
CA LEU E 228 -27.06 1.86 -0.63
C LEU E 228 -27.53 3.31 -0.56
N ILE E 229 -28.85 3.47 -0.64
CA ILE E 229 -29.49 4.74 -0.41
C ILE E 229 -30.62 4.58 0.63
N PRO E 230 -31.21 5.70 1.09
CA PRO E 230 -30.85 7.11 0.92
C PRO E 230 -30.16 7.77 2.12
N GLU E 231 -29.89 7.02 3.20
CA GLU E 231 -29.33 7.64 4.43
C GLU E 231 -30.11 8.85 4.98
N VAL E 232 -31.42 8.89 4.85
CA VAL E 232 -32.20 10.01 5.47
C VAL E 232 -31.93 10.15 6.96
N GLY E 233 -31.89 11.40 7.41
CA GLY E 233 -31.48 11.74 8.77
C GLY E 233 -32.58 11.55 9.81
N ASP E 234 -33.83 11.44 9.33
CA ASP E 234 -35.01 11.19 10.16
C ASP E 234 -35.92 10.19 9.41
N MET E 235 -36.43 9.18 10.12
CA MET E 235 -37.16 8.07 9.50
C MET E 235 -38.51 8.52 8.92
N LYS E 236 -38.98 9.69 9.32
CA LYS E 236 -40.18 10.25 8.71
C LYS E 236 -40.09 10.43 7.18
N TYR E 237 -38.87 10.66 6.66
CA TYR E 237 -38.70 10.86 5.22
C TYR E 237 -38.91 9.59 4.41
N LEU E 238 -39.04 8.47 5.10
CA LEU E 238 -39.36 7.25 4.41
C LEU E 238 -40.81 7.28 3.93
N PHE E 239 -41.60 8.22 4.43
CA PHE E 239 -43.02 8.28 4.10
C PHE E 239 -43.34 9.67 3.58
N GLU E 240 -44.53 9.82 3.01
CA GLU E 240 -44.93 11.12 2.47
C GLU E 240 -45.21 12.10 3.59
N ILE E 241 -44.62 13.30 3.50
CA ILE E 241 -44.82 14.32 4.55
C ILE E 241 -45.31 15.70 4.07
N ASP E 242 -45.04 16.09 2.84
CA ASP E 242 -45.37 17.48 2.42
C ASP E 242 -45.51 17.68 0.91
N SER E 243 -45.74 18.93 0.53
CA SER E 243 -46.07 19.30 -0.86
C SER E 243 -44.89 19.83 -1.66
N ILE E 244 -43.79 20.19 -0.99
CA ILE E 244 -42.63 20.76 -1.68
C ILE E 244 -42.03 19.60 -2.44
N ALA E 245 -41.96 19.72 -3.76
CA ALA E 245 -41.59 18.61 -4.64
C ALA E 245 -40.17 18.12 -4.41
N LYS E 246 -39.29 19.10 -4.16
CA LYS E 246 -37.86 18.87 -4.04
C LYS E 246 -37.54 17.96 -2.86
N THR E 247 -38.41 17.97 -1.83
CA THR E 247 -38.21 17.22 -0.61
C THR E 247 -38.04 15.72 -0.84
N PRO E 248 -36.94 15.16 -0.33
CA PRO E 248 -36.71 13.72 -0.45
C PRO E 248 -37.46 12.88 0.60
N ASP E 249 -38.78 13.03 0.65
CA ASP E 249 -39.63 12.15 1.45
C ASP E 249 -40.17 11.03 0.56
N ASP E 250 -41.03 10.20 1.17
CA ASP E 250 -41.75 9.17 0.47
C ASP E 250 -40.77 8.18 -0.17
N ILE E 251 -39.64 7.98 0.50
CA ILE E 251 -38.54 7.16 -0.04
C ILE E 251 -38.99 5.74 -0.37
N ILE E 252 -39.77 5.14 0.55
CA ILE E 252 -40.17 3.74 0.39
C ILE E 252 -41.05 3.59 -0.87
N HIS E 253 -42.15 4.33 -0.94
CA HIS E 253 -43.06 4.15 -2.10
C HIS E 253 -42.47 4.69 -3.40
N SER E 254 -41.67 5.73 -3.31
CA SER E 254 -41.23 6.41 -4.52
C SER E 254 -40.02 5.72 -5.14
N MET E 255 -39.14 5.20 -4.29
CA MET E 255 -37.87 4.61 -4.75
C MET E 255 -37.80 3.08 -4.62
N PHE E 256 -38.54 2.53 -3.65
CA PHE E 256 -38.43 1.12 -3.28
C PHE E 256 -39.69 0.29 -3.52
N TYR E 257 -40.55 0.84 -4.39
CA TYR E 257 -41.69 0.15 -4.95
C TYR E 257 -41.47 0.08 -6.46
N LYS E 258 -41.83 -1.05 -7.06
CA LYS E 258 -41.59 -1.29 -8.50
CA LYS E 258 -41.58 -1.29 -8.49
C LYS E 258 -42.25 -0.24 -9.39
N ASP E 259 -43.32 0.36 -8.91
CA ASP E 259 -44.05 1.32 -9.72
C ASP E 259 -43.85 2.73 -9.26
N GLY E 260 -42.89 2.95 -8.36
CA GLY E 260 -42.54 4.29 -7.91
C GLY E 260 -41.92 5.21 -8.96
N GLN E 261 -42.19 6.51 -8.82
CA GLN E 261 -41.71 7.54 -9.76
C GLN E 261 -40.18 7.48 -9.95
N TYR E 262 -39.49 7.22 -8.84
CA TYR E 262 -38.06 7.14 -8.83
C TYR E 262 -37.57 5.76 -8.41
N SER E 263 -38.19 4.73 -8.95
CA SER E 263 -37.93 3.38 -8.49
C SER E 263 -36.52 2.98 -8.90
N VAL E 264 -35.76 2.48 -7.92
CA VAL E 264 -34.38 2.04 -8.17
C VAL E 264 -34.22 0.53 -8.26
N LEU E 265 -35.31 -0.19 -8.00
CA LEU E 265 -35.28 -1.65 -7.93
C LEU E 265 -34.74 -2.39 -9.14
N LYS E 266 -34.74 -1.75 -10.30
CA LYS E 266 -34.42 -2.37 -11.57
C LYS E 266 -32.92 -2.34 -11.81
N PHE E 267 -32.20 -1.66 -10.92
CA PHE E 267 -30.78 -1.56 -11.08
C PHE E 267 -30.06 -2.78 -10.51
N LYS E 268 -29.34 -3.45 -11.38
CA LYS E 268 -28.50 -4.62 -11.11
C LYS E 268 -27.65 -4.51 -9.84
N ASN E 269 -26.99 -3.38 -9.67
CA ASN E 269 -26.03 -3.15 -8.59
C ASN E 269 -26.55 -2.42 -7.35
N LEU E 270 -27.86 -2.18 -7.31
CA LEU E 270 -28.48 -1.68 -6.09
C LEU E 270 -28.39 -2.78 -5.02
N PHE E 271 -27.95 -2.39 -3.82
CA PHE E 271 -28.21 -3.15 -2.60
C PHE E 271 -29.68 -3.00 -2.22
N ASN E 272 -30.39 -4.13 -2.27
CA ASN E 272 -31.84 -4.17 -2.09
C ASN E 272 -32.19 -3.96 -0.62
N CYS E 273 -32.15 -2.69 -0.22
CA CYS E 273 -32.13 -2.27 1.16
C CYS E 273 -32.28 -0.75 1.27
N VAL E 274 -33.07 -0.31 2.23
CA VAL E 274 -33.27 1.10 2.55
C VAL E 274 -32.49 1.43 3.83
N ALA E 275 -31.69 2.50 3.80
CA ALA E 275 -30.92 2.97 4.94
C ALA E 275 -31.45 4.27 5.49
N ALA E 276 -31.72 4.31 6.79
CA ALA E 276 -32.21 5.51 7.46
C ALA E 276 -31.57 5.62 8.84
N HIS E 277 -31.59 6.82 9.40
CA HIS E 277 -30.94 7.09 10.68
C HIS E 277 -31.96 7.13 11.83
N ASP E 278 -31.53 6.78 13.04
CA ASP E 278 -32.48 6.69 14.20
C ASP E 278 -32.84 8.05 14.80
N TYR E 279 -32.15 9.10 14.37
CA TYR E 279 -32.31 10.42 14.96
C TYR E 279 -33.74 10.91 15.05
N TRP E 280 -34.04 11.60 16.16
CA TRP E 280 -35.35 12.24 16.39
C TRP E 280 -36.56 11.29 16.46
N SER E 281 -36.33 9.98 16.45
CA SER E 281 -37.44 9.06 16.47
C SER E 281 -37.31 8.06 17.62
N ALA E 282 -36.41 8.33 18.56
CA ALA E 282 -36.10 7.36 19.61
C ALA E 282 -36.85 7.64 20.93
N TYR E 283 -37.58 8.77 20.97
CA TYR E 283 -38.32 9.24 22.14
C TYR E 283 -39.38 10.26 21.71
N PRO E 284 -40.62 10.16 22.25
CA PRO E 284 -41.10 9.18 23.27
C PRO E 284 -41.23 7.73 22.78
N ALA E 285 -41.57 6.81 23.68
CA ALA E 285 -41.64 5.37 23.40
C ALA E 285 -42.71 5.03 22.37
N THR E 286 -43.78 5.82 22.37
CA THR E 286 -44.86 5.65 21.39
C THR E 286 -44.32 5.92 19.95
N LEU E 287 -43.59 7.03 19.77
CA LEU E 287 -42.94 7.37 18.49
C LEU E 287 -41.99 6.26 18.07
N LEU E 288 -41.12 5.89 19.01
CA LEU E 288 -40.16 4.84 18.82
C LEU E 288 -40.79 3.61 18.17
N VAL E 289 -41.85 3.07 18.77
CA VAL E 289 -42.45 1.82 18.27
C VAL E 289 -43.31 2.03 17.02
N ASP E 290 -44.01 3.16 16.95
CA ASP E 290 -44.93 3.39 15.86
C ASP E 290 -44.15 3.52 14.54
N ILE E 291 -43.17 4.43 14.50
CA ILE E 291 -42.41 4.63 13.24
C ILE E 291 -41.79 3.33 12.74
N ARG E 292 -41.17 2.57 13.64
CA ARG E 292 -40.42 1.37 13.26
C ARG E 292 -41.31 0.25 12.74
N ASN E 293 -42.51 0.11 13.33
CA ASN E 293 -43.55 -0.76 12.78
C ASN E 293 -44.04 -0.30 11.41
N ARG E 294 -44.15 1.00 11.22
CA ARG E 294 -44.62 1.55 9.96
C ARG E 294 -43.63 1.28 8.84
N ILE E 295 -42.33 1.33 9.17
CA ILE E 295 -41.27 1.04 8.18
C ILE E 295 -41.50 -0.38 7.66
N HIS E 296 -41.58 -1.31 8.61
CA HIS E 296 -41.87 -2.70 8.29
C HIS E 296 -43.18 -2.93 7.51
N LYS E 297 -44.27 -2.32 7.94
CA LYS E 297 -45.56 -2.39 7.22
C LYS E 297 -45.38 -2.04 5.73
N GLU E 298 -44.98 -0.79 5.48
CA GLU E 298 -44.84 -0.27 4.12
C GLU E 298 -43.73 -0.97 3.34
N LEU E 299 -42.59 -1.24 3.96
CA LEU E 299 -41.44 -1.86 3.25
C LEU E 299 -41.64 -3.31 2.88
N SER E 300 -42.23 -4.10 3.80
CA SER E 300 -42.53 -5.50 3.47
C SER E 300 -43.61 -5.67 2.40
N ALA E 301 -44.41 -4.63 2.16
CA ALA E 301 -45.49 -4.77 1.16
C ALA E 301 -45.02 -4.59 -0.29
N ASN E 302 -43.76 -4.20 -0.48
CA ASN E 302 -43.24 -3.91 -1.82
C ASN E 302 -43.03 -5.14 -2.69
N GLY E 303 -43.25 -6.34 -2.12
CA GLY E 303 -43.13 -7.62 -2.84
C GLY E 303 -41.75 -7.94 -3.40
N HIS E 304 -40.74 -7.29 -2.85
CA HIS E 304 -39.40 -7.43 -3.37
C HIS E 304 -38.39 -7.92 -2.33
N ASN E 305 -38.83 -8.14 -1.08
CA ASN E 305 -37.97 -8.75 -0.05
C ASN E 305 -36.81 -7.84 0.35
N THR E 306 -37.11 -6.55 0.44
CA THR E 306 -36.14 -5.46 0.67
C THR E 306 -35.72 -5.36 2.13
N LYS E 307 -34.42 -5.24 2.37
CA LYS E 307 -33.90 -5.12 3.72
C LYS E 307 -34.04 -3.69 4.25
N PHE E 308 -33.79 -3.53 5.55
CA PHE E 308 -33.73 -2.22 6.17
C PHE E 308 -32.47 -2.16 7.03
N TRP E 309 -31.71 -1.07 6.90
CA TRP E 309 -30.52 -0.90 7.74
C TRP E 309 -30.71 0.38 8.46
N ALA E 310 -30.50 0.33 9.79
CA ALA E 310 -30.48 1.52 10.61
C ALA E 310 -29.00 1.90 10.60
N SER E 311 -28.68 3.01 9.93
CA SER E 311 -27.31 3.22 9.43
C SER E 311 -26.54 4.40 10.02
N GLU E 312 -27.16 5.12 10.96
CA GLU E 312 -26.45 6.11 11.75
C GLU E 312 -27.25 6.41 13.01
N TYR E 313 -26.56 6.44 14.14
CA TYR E 313 -27.11 7.03 15.37
C TYR E 313 -25.98 7.43 16.32
N CYS E 314 -26.22 8.51 17.07
CA CYS E 314 -25.52 8.84 18.33
C CYS E 314 -26.47 9.72 19.16
N ILE E 315 -26.21 9.81 20.47
CA ILE E 315 -27.00 10.64 21.36
C ILE E 315 -26.92 12.07 20.92
N LEU E 316 -28.06 12.59 20.46
CA LEU E 316 -28.13 13.98 20.04
C LEU E 316 -29.27 14.72 20.73
N GLU E 317 -30.37 14.02 20.95
CA GLU E 317 -31.57 14.61 21.55
C GLU E 317 -31.39 14.82 23.07
N LYS E 318 -32.16 15.76 23.62
CA LYS E 318 -32.22 16.01 25.06
C LYS E 318 -33.58 15.57 25.57
N ASN E 319 -33.59 14.76 26.62
CA ASN E 319 -34.82 14.35 27.30
C ASN E 319 -34.52 13.79 28.69
N GLU E 320 -35.55 13.69 29.51
CA GLU E 320 -35.38 13.36 30.95
C GLU E 320 -34.71 12.01 31.23
N GLU E 321 -34.85 11.06 30.30
CA GLU E 321 -34.23 9.75 30.46
C GLU E 321 -32.70 9.80 30.38
N ILE E 322 -32.16 10.84 29.75
CA ILE E 322 -30.73 10.84 29.40
C ILE E 322 -29.94 12.13 29.66
N THR E 323 -30.64 13.24 29.85
CA THR E 323 -30.01 14.56 30.01
C THR E 323 -29.94 14.91 31.51
N MET E 324 -28.71 15.08 32.02
CA MET E 324 -28.37 14.77 33.41
C MET E 324 -26.88 15.04 33.61
N PRO E 325 -26.46 15.49 34.80
CA PRO E 325 -25.02 15.52 35.10
C PRO E 325 -24.38 14.13 34.97
N ALA E 326 -23.14 14.09 34.52
CA ALA E 326 -22.40 12.84 34.42
C ALA E 326 -22.45 12.10 35.74
N SER E 327 -22.89 10.85 35.68
CA SER E 327 -22.98 9.99 36.86
C SER E 327 -22.89 8.53 36.40
N PRO E 328 -22.49 7.63 37.31
CA PRO E 328 -22.57 6.21 36.94
C PRO E 328 -23.98 5.82 36.48
N GLU E 329 -25.00 6.50 36.98
CA GLU E 329 -26.39 6.23 36.63
C GLU E 329 -26.70 6.71 35.22
N ARG E 330 -26.25 7.92 34.89
CA ARG E 330 -26.38 8.44 33.52
C ARG E 330 -25.73 7.51 32.50
N SER E 331 -24.53 7.03 32.82
CA SER E 331 -23.83 6.11 31.95
C SER E 331 -24.68 4.90 31.57
N ILE E 332 -25.27 4.24 32.57
CA ILE E 332 -26.14 3.09 32.29
C ILE E 332 -27.45 3.55 31.63
N ASN E 333 -27.99 4.70 32.03
CA ASN E 333 -29.17 5.23 31.35
C ASN E 333 -28.98 5.31 29.81
N LEU E 334 -27.80 5.76 29.41
CA LEU E 334 -27.43 5.93 28.00
C LEU E 334 -27.29 4.58 27.31
N GLY E 335 -26.54 3.68 27.92
CA GLY E 335 -26.45 2.31 27.46
C GLY E 335 -27.80 1.66 27.18
N LEU E 336 -28.74 1.86 28.09
CA LEU E 336 -30.07 1.19 27.98
C LEU E 336 -31.01 1.80 26.97
N TYR E 337 -31.00 3.13 26.91
CA TYR E 337 -31.73 3.92 25.93
C TYR E 337 -31.33 3.53 24.52
N VAL E 338 -30.02 3.38 24.30
CA VAL E 338 -29.56 2.96 22.98
C VAL E 338 -29.88 1.52 22.72
N ALA E 339 -29.70 0.66 23.72
CA ALA E 339 -30.01 -0.76 23.54
C ALA E 339 -31.48 -0.90 23.16
N ARG E 340 -32.34 -0.02 23.73
CA ARG E 340 -33.75 0.04 23.36
C ARG E 340 -34.00 0.36 21.86
N ILE E 341 -33.30 1.37 21.34
CA ILE E 341 -33.36 1.68 19.92
C ILE E 341 -32.98 0.47 19.08
N ILE E 342 -31.92 -0.23 19.49
CA ILE E 342 -31.43 -1.40 18.77
C ILE E 342 -32.46 -2.50 18.71
N HIS E 343 -32.97 -2.89 19.90
CA HIS E 343 -34.01 -3.91 20.02
C HIS E 343 -35.15 -3.66 19.05
N ASN E 344 -35.68 -2.45 19.12
CA ASN E 344 -36.84 -2.01 18.37
C ASN E 344 -36.61 -1.91 16.86
N ASP E 345 -35.39 -1.53 16.48
CA ASP E 345 -34.95 -1.60 15.09
C ASP E 345 -34.94 -3.05 14.61
N LEU E 346 -34.38 -3.92 15.44
CA LEU E 346 -34.28 -5.33 15.07
C LEU E 346 -35.60 -6.07 15.06
N THR E 347 -36.49 -5.78 16.02
CA THR E 347 -37.74 -6.55 16.17
C THR E 347 -38.96 -5.90 15.50
N LEU E 348 -38.98 -4.57 15.45
CA LEU E 348 -40.13 -3.88 14.82
C LEU E 348 -39.89 -3.53 13.35
N ALA E 349 -38.73 -2.91 13.07
CA ALA E 349 -38.36 -2.54 11.70
C ALA E 349 -37.74 -3.69 10.91
N ASN E 350 -37.45 -4.79 11.62
CA ASN E 350 -36.74 -5.95 11.09
C ASN E 350 -35.41 -5.56 10.43
N ALA E 351 -34.69 -4.65 11.08
CA ALA E 351 -33.39 -4.17 10.60
C ALA E 351 -32.41 -5.33 10.40
N SER E 352 -31.73 -5.35 9.25
CA SER E 352 -30.68 -6.30 8.98
C SER E 352 -29.31 -5.81 9.45
N ALA E 353 -29.22 -4.53 9.83
CA ALA E 353 -27.98 -3.98 10.36
C ALA E 353 -28.31 -2.85 11.25
N TRP E 354 -27.43 -2.61 12.23
CA TRP E 354 -27.53 -1.44 13.10
C TRP E 354 -26.17 -0.77 13.21
N GLN E 355 -26.13 0.54 13.03
CA GLN E 355 -24.85 1.24 12.80
C GLN E 355 -24.73 2.53 13.59
N TRP E 356 -23.63 2.64 14.32
CA TRP E 356 -23.26 3.86 15.01
C TRP E 356 -22.81 4.94 14.02
N TRP E 357 -23.02 6.19 14.41
CA TRP E 357 -22.25 7.30 13.92
C TRP E 357 -20.76 7.03 14.32
N THR E 358 -19.97 8.05 14.65
CA THR E 358 -18.54 7.89 14.95
C THR E 358 -18.28 6.90 16.09
N ALA E 359 -17.31 6.01 15.94
CA ALA E 359 -17.05 5.02 16.98
C ALA E 359 -16.50 5.71 18.26
N VAL E 360 -15.94 6.92 18.10
CA VAL E 360 -15.21 7.65 19.13
C VAL E 360 -15.69 9.10 19.18
N SER E 361 -15.59 9.70 20.35
CA SER E 361 -16.12 11.02 20.56
C SER E 361 -15.47 11.62 21.79
N LEU E 362 -15.47 12.94 21.84
CA LEU E 362 -15.02 13.66 23.03
C LEU E 362 -16.16 13.74 24.04
N GLY E 363 -17.39 13.46 23.59
CA GLY E 363 -18.53 13.38 24.50
C GLY E 363 -18.83 11.96 24.92
N GLU E 364 -19.89 11.79 25.72
CA GLU E 364 -20.43 10.48 26.08
C GLU E 364 -21.73 10.29 25.26
N ASP E 365 -21.56 10.01 23.96
CA ASP E 365 -22.69 9.92 23.07
C ASP E 365 -22.51 8.76 22.12
N VAL E 366 -21.38 8.04 22.25
CA VAL E 366 -21.07 6.90 21.39
C VAL E 366 -20.32 5.85 22.22
N PRO E 367 -19.96 4.71 21.63
CA PRO E 367 -19.21 3.66 22.33
C PRO E 367 -17.92 4.10 23.08
N ILE E 368 -17.03 4.86 22.43
CA ILE E 368 -15.76 5.24 23.07
C ILE E 368 -15.71 6.72 23.30
N GLN E 369 -15.33 7.13 24.51
CA GLN E 369 -15.05 8.52 24.85
C GLN E 369 -13.53 8.71 24.94
N LEU E 370 -13.06 9.79 24.33
CA LEU E 370 -11.65 10.10 24.24
C LEU E 370 -11.46 11.22 25.22
N LEU E 371 -10.56 11.02 26.18
CA LEU E 371 -10.33 12.04 27.19
C LEU E 371 -8.93 12.60 26.98
N PRO E 372 -8.78 13.93 27.03
CA PRO E 372 -7.42 14.45 26.86
C PRO E 372 -6.53 13.94 27.98
N LEU E 373 -5.24 13.73 27.70
CA LEU E 373 -4.31 13.39 28.76
C LEU E 373 -4.32 14.53 29.75
N GLU E 374 -3.98 14.22 30.99
CA GLU E 374 -4.19 15.24 32.03
C GLU E 374 -3.39 16.53 31.78
N GLY E 375 -4.04 17.65 32.03
CA GLY E 375 -3.45 18.95 31.77
C GLY E 375 -3.61 19.42 30.34
N SER E 376 -4.11 18.55 29.45
CA SER E 376 -4.24 18.84 28.00
C SER E 376 -5.64 19.32 27.54
N ASN E 377 -5.67 20.04 26.42
CA ASN E 377 -6.92 20.53 25.83
C ASN E 377 -7.56 19.54 24.86
N GLY E 378 -8.71 19.89 24.31
CA GLY E 378 -9.40 19.01 23.33
C GLY E 378 -8.59 18.82 22.03
N LEU E 379 -7.97 19.88 21.56
CA LEU E 379 -7.13 19.78 20.34
C LEU E 379 -5.96 18.82 20.45
N SER E 380 -5.47 18.59 21.66
CA SER E 380 -4.39 17.63 21.84
C SER E 380 -4.81 16.20 21.43
N LEU E 381 -6.12 15.95 21.47
CA LEU E 381 -6.71 14.66 21.09
C LEU E 381 -6.44 14.27 19.63
N GLN E 382 -5.98 15.22 18.84
CA GLN E 382 -5.52 14.91 17.47
C GLN E 382 -4.27 14.07 17.47
N TYR E 383 -3.52 14.06 18.61
CA TYR E 383 -2.20 13.39 18.71
C TYR E 383 -2.14 12.21 19.70
N ASP E 384 -2.96 12.28 20.75
CA ASP E 384 -2.99 11.21 21.76
C ASP E 384 -4.16 11.43 22.70
N GLY E 385 -4.55 10.40 23.42
CA GLY E 385 -5.65 10.56 24.40
C GLY E 385 -5.84 9.36 25.28
N GLU E 386 -6.75 9.53 26.25
CA GLU E 386 -7.19 8.44 27.13
CA GLU E 386 -7.18 8.42 27.08
C GLU E 386 -8.48 7.86 26.54
N ILE E 387 -8.55 6.53 26.51
CA ILE E 387 -9.68 5.73 26.04
C ILE E 387 -10.62 5.31 27.19
N SER E 388 -11.87 5.69 27.08
CA SER E 388 -12.84 5.34 28.09
C SER E 388 -14.01 4.71 27.34
N THR E 389 -14.42 3.52 27.78
CA THR E 389 -15.58 2.87 27.20
C THR E 389 -16.80 3.35 27.89
N THR E 390 -17.87 3.56 27.12
CA THR E 390 -19.16 4.01 27.67
C THR E 390 -20.02 2.75 27.87
N LYS E 391 -21.19 2.88 28.46
CA LYS E 391 -22.06 1.70 28.60
C LYS E 391 -22.70 1.34 27.26
N MET E 392 -22.80 2.36 26.40
CA MET E 392 -23.29 2.19 25.03
C MET E 392 -22.42 1.21 24.25
N LEU E 393 -21.12 1.23 24.53
CA LEU E 393 -20.28 0.24 23.87
C LEU E 393 -20.72 -1.17 24.27
N TRP E 394 -20.95 -1.36 25.58
CA TRP E 394 -21.17 -2.69 26.14
C TRP E 394 -22.55 -3.18 25.81
N THR E 395 -23.54 -2.30 25.87
CA THR E 395 -24.89 -2.71 25.47
C THR E 395 -24.99 -3.02 23.98
N THR E 396 -24.22 -2.34 23.13
CA THR E 396 -24.21 -2.75 21.71
C THR E 396 -23.60 -4.14 21.62
N ALA E 397 -22.54 -4.33 22.40
CA ALA E 397 -21.80 -5.59 22.34
C ALA E 397 -22.65 -6.78 22.78
N ASN E 398 -23.62 -6.53 23.66
CA ASN E 398 -24.64 -7.56 24.01
C ASN E 398 -25.21 -8.15 22.73
N TYR E 399 -25.50 -7.27 21.75
CA TYR E 399 -25.92 -7.70 20.42
C TYR E 399 -24.77 -8.09 19.54
N SER E 400 -23.86 -7.14 19.30
CA SER E 400 -22.91 -7.27 18.19
C SER E 400 -21.91 -8.39 18.36
N PHE E 401 -21.44 -8.60 19.59
CA PHE E 401 -20.45 -9.65 19.86
C PHE E 401 -21.04 -11.04 19.58
N PHE E 402 -22.34 -11.17 19.77
CA PHE E 402 -22.95 -12.48 19.67
C PHE E 402 -23.84 -12.67 18.45
N VAL E 403 -24.46 -11.60 17.95
CA VAL E 403 -25.35 -11.72 16.78
C VAL E 403 -24.56 -11.40 15.51
N ARG E 404 -24.15 -12.47 14.85
CA ARG E 404 -23.18 -12.43 13.76
C ARG E 404 -23.83 -12.42 12.38
N PRO E 405 -23.09 -11.98 11.32
CA PRO E 405 -23.58 -12.03 9.93
C PRO E 405 -24.08 -13.44 9.53
N GLY E 406 -25.21 -13.50 8.82
CA GLY E 406 -25.75 -14.79 8.43
C GLY E 406 -26.78 -15.31 9.43
N MET E 407 -26.71 -14.88 10.69
CA MET E 407 -27.72 -15.28 11.66
C MET E 407 -29.08 -14.74 11.17
N LYS E 408 -30.13 -15.42 11.59
CA LYS E 408 -31.48 -14.97 11.32
C LYS E 408 -32.14 -14.72 12.64
N ARG E 409 -32.90 -13.63 12.72
CA ARG E 409 -33.77 -13.40 13.85
C ARG E 409 -34.91 -14.41 13.83
N ILE E 410 -35.24 -14.93 15.01
CA ILE E 410 -36.28 -15.93 15.14
C ILE E 410 -37.25 -15.50 16.22
N ALA E 411 -38.46 -16.08 16.19
CA ALA E 411 -39.48 -15.72 17.19
C ALA E 411 -39.12 -16.20 18.60
N ILE E 412 -39.32 -15.31 19.55
CA ILE E 412 -39.35 -15.64 20.94
C ILE E 412 -40.54 -14.86 21.47
N LYS E 413 -41.54 -15.58 22.00
CA LYS E 413 -42.81 -14.98 22.43
C LYS E 413 -43.14 -15.33 23.89
N PRO E 414 -43.61 -14.34 24.68
CA PRO E 414 -43.99 -14.62 26.08
C PRO E 414 -45.31 -15.39 26.14
N THR E 415 -45.65 -15.91 27.31
CA THR E 415 -46.91 -16.64 27.46
C THR E 415 -48.09 -15.67 27.57
N TYR E 416 -47.87 -14.56 28.28
CA TYR E 416 -48.82 -13.47 28.40
C TYR E 416 -48.45 -12.38 27.40
N LYS E 417 -49.45 -11.84 26.69
CA LYS E 417 -49.24 -10.83 25.65
C LYS E 417 -48.80 -9.48 26.22
N ILE E 418 -47.77 -8.88 25.60
CA ILE E 418 -47.33 -7.50 25.93
C ILE E 418 -47.25 -6.62 24.67
N SER E 419 -47.72 -5.38 24.82
CA SER E 419 -47.72 -4.40 23.73
C SER E 419 -46.28 -4.00 23.43
N ASP E 420 -45.96 -3.77 22.15
CA ASP E 420 -44.69 -3.13 21.74
C ASP E 420 -44.38 -1.95 22.68
N LEU E 421 -45.39 -1.11 22.88
CA LEU E 421 -45.27 0.05 23.75
C LEU E 421 -45.06 -0.34 25.22
N GLU E 422 -45.76 -1.37 25.67
CA GLU E 422 -45.59 -1.85 27.05
C GLU E 422 -44.17 -2.36 27.23
N ALA E 423 -43.72 -3.22 26.31
CA ALA E 423 -42.35 -3.76 26.33
C ALA E 423 -41.28 -2.67 26.43
N ALA E 424 -41.51 -1.53 25.77
CA ALA E 424 -40.48 -0.50 25.61
C ALA E 424 -40.00 0.15 26.92
N THR E 425 -40.83 0.07 27.97
CA THR E 425 -40.51 0.69 29.25
C THR E 425 -40.30 -0.40 30.31
N SER E 426 -40.33 -1.65 29.88
CA SER E 426 -40.27 -2.76 30.81
C SER E 426 -39.25 -3.78 30.36
N LEU E 427 -39.65 -4.74 29.54
CA LEU E 427 -38.78 -5.83 29.16
C LEU E 427 -38.86 -6.13 27.66
N MET E 428 -37.71 -6.05 27.00
CA MET E 428 -37.62 -6.35 25.58
C MET E 428 -36.65 -7.51 25.42
N ILE E 429 -36.98 -8.44 24.54
CA ILE E 429 -36.13 -9.60 24.32
C ILE E 429 -36.30 -10.12 22.87
N SER E 430 -35.20 -10.61 22.29
CA SER E 430 -35.21 -11.10 20.91
C SER E 430 -34.19 -12.19 20.78
N SER E 431 -34.33 -12.98 19.72
CA SER E 431 -33.47 -14.15 19.55
C SER E 431 -33.04 -14.30 18.12
N TYR E 432 -31.87 -14.92 17.95
CA TYR E 432 -31.17 -15.05 16.69
C TYR E 432 -30.46 -16.41 16.66
N THR E 433 -30.30 -16.98 15.47
CA THR E 433 -29.58 -18.23 15.37
C THR E 433 -28.92 -18.43 14.02
N ASP E 434 -27.82 -19.18 14.04
CA ASP E 434 -27.12 -19.68 12.87
C ASP E 434 -27.29 -21.20 12.73
N GLY E 435 -28.13 -21.77 13.59
CA GLY E 435 -28.43 -23.21 13.53
C GLY E 435 -27.50 -24.04 14.37
N LYS E 436 -26.60 -23.36 15.07
CA LYS E 436 -25.58 -23.98 15.91
C LYS E 436 -25.71 -23.38 17.31
N GLU E 437 -25.87 -22.07 17.35
CA GLU E 437 -25.99 -21.32 18.57
C GLU E 437 -27.33 -20.60 18.49
N VAL E 438 -27.97 -20.42 19.64
CA VAL E 438 -29.13 -19.55 19.73
C VAL E 438 -28.78 -18.46 20.71
N VAL E 439 -28.95 -17.23 20.26
CA VAL E 439 -28.57 -16.06 21.03
C VAL E 439 -29.80 -15.22 21.36
N THR E 440 -29.88 -14.81 22.61
CA THR E 440 -31.04 -14.12 23.13
C THR E 440 -30.58 -12.92 23.91
N VAL E 441 -31.15 -11.76 23.58
CA VAL E 441 -30.76 -10.54 24.24
C VAL E 441 -31.92 -9.94 24.99
N ALA E 442 -31.74 -9.71 26.30
CA ALA E 442 -32.81 -9.20 27.15
C ALA E 442 -32.49 -7.87 27.74
N ILE E 443 -33.40 -6.93 27.54
CA ILE E 443 -33.26 -5.64 28.15
C ILE E 443 -34.30 -5.54 29.20
N ASN E 444 -33.82 -5.43 30.43
CA ASN E 444 -34.67 -5.11 31.56
C ASN E 444 -34.58 -3.61 31.79
N TYR E 445 -35.55 -2.90 31.22
CA TYR E 445 -35.64 -1.46 31.28
C TYR E 445 -36.32 -0.96 32.58
N SER E 446 -36.98 -1.86 33.31
CA SER E 446 -37.65 -1.45 34.55
C SER E 446 -36.67 -1.28 35.71
N LYS E 447 -37.16 -0.66 36.79
CA LYS E 447 -36.42 -0.48 38.03
C LYS E 447 -36.44 -1.71 38.98
N GLU E 448 -37.02 -2.82 38.52
CA GLU E 448 -37.16 -4.03 39.33
C GLU E 448 -36.52 -5.22 38.65
N ASN E 449 -35.82 -6.02 39.44
CA ASN E 449 -35.33 -7.31 38.99
C ASN E 449 -36.47 -8.14 38.46
N GLN E 450 -36.14 -9.08 37.58
CA GLN E 450 -37.13 -9.94 36.97
C GLN E 450 -36.45 -11.28 36.78
N VAL E 451 -37.25 -12.34 36.73
CA VAL E 451 -36.74 -13.70 36.52
C VAL E 451 -37.53 -14.25 35.36
N ILE E 452 -36.87 -14.97 34.47
CA ILE E 452 -37.55 -15.56 33.32
C ILE E 452 -37.18 -17.01 33.16
N SER E 453 -38.05 -17.73 32.46
CA SER E 453 -37.71 -19.04 31.98
C SER E 453 -37.59 -18.90 30.47
N LEU E 454 -36.48 -19.39 29.94
CA LEU E 454 -36.25 -19.38 28.52
C LEU E 454 -36.48 -20.76 27.98
N ASN E 455 -37.46 -20.87 27.11
CA ASN E 455 -37.86 -22.15 26.57
C ASN E 455 -37.24 -22.32 25.17
N CYS E 456 -36.15 -23.11 25.10
CA CYS E 456 -35.40 -23.24 23.86
C CYS E 456 -35.23 -24.71 23.46
N ASP E 457 -36.28 -25.27 22.87
CA ASP E 457 -36.35 -26.70 22.56
C ASP E 457 -36.05 -27.57 23.79
N HIS E 458 -34.96 -28.34 23.71
CA HIS E 458 -34.56 -29.28 24.74
C HIS E 458 -33.53 -28.71 25.72
N ALA E 459 -33.04 -27.51 25.45
CA ALA E 459 -31.92 -26.92 26.19
C ALA E 459 -32.19 -26.58 27.67
N GLN E 460 -31.20 -26.87 28.52
CA GLN E 460 -31.30 -26.67 29.96
C GLN E 460 -30.58 -25.43 30.45
N LYS E 461 -29.42 -25.15 29.86
CA LYS E 461 -28.61 -24.01 30.25
C LYS E 461 -28.11 -23.16 29.08
N GLY E 462 -27.53 -22.01 29.43
CA GLY E 462 -26.85 -21.13 28.47
C GLY E 462 -25.89 -20.19 29.19
N LYS E 463 -24.90 -19.69 28.45
CA LYS E 463 -23.92 -18.76 29.01
C LYS E 463 -24.50 -17.36 29.07
N VAL E 464 -24.20 -16.67 30.18
CA VAL E 464 -24.84 -15.39 30.46
C VAL E 464 -23.80 -14.26 30.55
N TYR E 465 -24.09 -13.20 29.80
CA TYR E 465 -23.23 -12.03 29.78
C TYR E 465 -24.10 -10.83 30.04
N LEU E 466 -23.63 -9.99 30.95
CA LEU E 466 -24.48 -9.02 31.60
C LEU E 466 -23.85 -7.62 31.63
N THR E 467 -24.62 -6.64 31.20
CA THR E 467 -24.22 -5.24 31.30
C THR E 467 -25.13 -4.48 32.24
N THR E 468 -24.54 -3.75 33.19
CA THR E 468 -25.31 -3.00 34.19
C THR E 468 -24.57 -1.73 34.58
N ILE E 469 -25.05 -1.01 35.60
CA ILE E 469 -24.31 0.11 36.17
C ILE E 469 -22.87 -0.29 36.61
N ASP E 470 -22.68 -1.58 36.83
CA ASP E 470 -21.53 -2.14 37.51
C ASP E 470 -20.68 -2.94 36.60
N LYS E 471 -21.30 -3.53 35.58
CA LYS E 471 -20.68 -4.57 34.76
C LYS E 471 -20.59 -4.17 33.28
N ASN E 472 -19.38 -4.23 32.73
CA ASN E 472 -19.19 -4.13 31.29
C ASN E 472 -19.29 -5.54 30.68
N LEU E 473 -20.50 -5.94 30.23
CA LEU E 473 -20.73 -7.26 29.63
C LEU E 473 -19.96 -8.40 30.33
N ARG E 474 -20.18 -8.52 31.64
CA ARG E 474 -19.47 -9.52 32.47
C ARG E 474 -19.99 -10.91 32.19
N TYR E 475 -19.08 -11.86 31.94
CA TYR E 475 -19.46 -13.28 31.86
C TYR E 475 -19.90 -13.84 33.27
N MET E 476 -21.16 -14.29 33.35
CA MET E 476 -21.79 -14.71 34.61
C MET E 476 -21.89 -16.23 34.71
N GLY E 477 -21.11 -16.94 33.89
CA GLY E 477 -21.11 -18.41 33.87
C GLY E 477 -22.32 -19.01 33.18
N GLU E 478 -22.33 -20.33 33.04
CA GLU E 478 -23.51 -21.09 32.59
C GLU E 478 -24.67 -21.02 33.62
N GLN E 479 -25.88 -21.03 33.12
CA GLN E 479 -27.02 -20.76 33.95
C GLN E 479 -28.21 -21.55 33.44
N PRO E 480 -29.07 -22.04 34.37
CA PRO E 480 -30.27 -22.73 33.92
C PRO E 480 -31.24 -21.77 33.26
N LEU E 481 -31.74 -22.16 32.09
CA LEU E 481 -32.71 -21.34 31.35
C LEU E 481 -34.05 -21.15 32.10
N LYS E 482 -34.43 -22.16 32.92
CA LYS E 482 -35.69 -22.14 33.70
C LYS E 482 -35.79 -20.99 34.68
N LYS E 483 -34.64 -20.54 35.16
CA LYS E 483 -34.60 -19.38 36.03
C LYS E 483 -33.37 -18.58 35.64
N LEU E 484 -33.62 -17.52 34.88
CA LEU E 484 -32.60 -16.52 34.56
C LEU E 484 -32.87 -15.23 35.32
N GLN E 485 -31.85 -14.77 36.03
CA GLN E 485 -31.95 -13.54 36.79
C GLN E 485 -31.66 -12.34 35.88
N LEU E 486 -32.58 -11.37 35.85
CA LEU E 486 -32.41 -10.19 35.02
C LEU E 486 -32.47 -8.95 35.88
N PRO E 487 -31.29 -8.46 36.31
CA PRO E 487 -31.25 -7.31 37.20
C PRO E 487 -32.03 -6.13 36.62
N ALA E 488 -32.58 -5.30 37.50
CA ALA E 488 -33.17 -4.04 37.09
C ALA E 488 -32.15 -3.34 36.22
N ARG E 489 -32.61 -2.77 35.10
CA ARG E 489 -31.81 -1.84 34.30
C ARG E 489 -30.45 -2.37 33.82
N SER E 490 -30.59 -3.40 33.01
CA SER E 490 -29.51 -4.25 32.63
C SER E 490 -29.81 -4.79 31.27
N VAL E 491 -28.76 -5.22 30.58
CA VAL E 491 -28.93 -5.99 29.37
C VAL E 491 -28.23 -7.30 29.56
N ALA E 492 -28.90 -8.39 29.20
CA ALA E 492 -28.30 -9.69 29.31
C ALA E 492 -28.33 -10.35 27.98
N THR E 493 -27.23 -11.03 27.67
CA THR E 493 -27.22 -11.87 26.51
C THR E 493 -27.09 -13.27 27.03
N ILE E 494 -27.93 -14.16 26.49
CA ILE E 494 -27.98 -15.55 26.87
C ILE E 494 -27.69 -16.41 25.66
N VAL E 495 -26.61 -17.18 25.71
CA VAL E 495 -26.22 -17.98 24.55
C VAL E 495 -26.40 -19.48 24.81
N VAL E 496 -27.08 -20.17 23.89
CA VAL E 496 -27.46 -21.57 24.10
C VAL E 496 -26.83 -22.49 23.07
N LYS F 5 -25.09 56.05 -52.37
CA LYS F 5 -23.94 55.10 -52.46
C LYS F 5 -22.61 55.85 -52.36
N LYS F 6 -21.74 55.38 -51.46
CA LYS F 6 -20.42 55.95 -51.22
C LYS F 6 -19.36 55.11 -51.93
N VAL F 7 -18.41 55.78 -52.59
CA VAL F 7 -17.35 55.08 -53.29
C VAL F 7 -15.98 55.24 -52.62
N PHE F 8 -15.28 54.13 -52.48
CA PHE F 8 -13.98 54.12 -51.84
C PHE F 8 -12.97 53.54 -52.80
N ILE F 9 -11.80 54.17 -52.88
CA ILE F 9 -10.75 53.75 -53.81
C ILE F 9 -9.50 53.27 -53.07
N ILE F 10 -9.11 52.05 -53.39
CA ILE F 10 -7.99 51.39 -52.77
C ILE F 10 -6.79 51.68 -53.65
N ASP F 11 -5.74 52.20 -53.02
CA ASP F 11 -4.49 52.49 -53.70
C ASP F 11 -3.34 51.62 -53.12
N LYS F 12 -3.05 50.51 -53.79
CA LYS F 12 -1.92 49.63 -53.44
C LYS F 12 -0.55 50.32 -53.45
N GLN F 13 -0.48 51.56 -53.96
CA GLN F 13 0.80 52.26 -54.11
C GLN F 13 1.09 53.20 -52.96
N THR F 14 0.07 53.52 -52.18
CA THR F 14 0.27 54.25 -50.93
C THR F 14 0.24 53.19 -49.81
N VAL F 15 1.43 52.92 -49.25
CA VAL F 15 1.63 51.87 -48.26
C VAL F 15 1.98 52.45 -46.88
N TYR F 16 1.29 51.98 -45.84
CA TYR F 16 1.50 52.45 -44.48
C TYR F 16 2.33 51.48 -43.63
N GLN F 17 1.83 51.09 -42.43
CA GLN F 17 2.60 50.24 -41.50
C GLN F 17 2.52 48.76 -41.85
N GLU F 18 3.55 48.03 -41.46
CA GLU F 18 3.50 46.58 -41.49
C GLU F 18 2.74 46.04 -40.26
N ILE F 19 1.95 45.00 -40.45
CA ILE F 19 1.22 44.31 -39.36
C ILE F 19 2.07 43.19 -38.73
N ASP F 20 2.26 43.30 -37.41
CA ASP F 20 2.96 42.25 -36.62
C ASP F 20 1.98 41.18 -36.20
N ASN F 21 0.93 41.57 -35.47
CA ASN F 21 -0.05 40.60 -34.97
C ASN F 21 -1.32 41.21 -34.39
N PHE F 22 -2.24 40.32 -34.08
CA PHE F 22 -3.31 40.61 -33.14
C PHE F 22 -3.13 39.58 -32.05
N SER F 23 -3.36 39.99 -30.82
CA SER F 23 -3.03 39.18 -29.65
C SER F 23 -4.09 39.24 -28.57
N ALA F 24 -3.82 38.48 -27.50
CA ALA F 24 -4.54 38.53 -26.22
C ALA F 24 -3.64 37.96 -25.08
N SER F 25 -4.16 37.99 -23.86
CA SER F 25 -3.42 37.61 -22.68
C SER F 25 -3.99 36.35 -22.02
N ASP F 26 -3.08 35.48 -21.59
CA ASP F 26 -3.41 34.29 -20.80
C ASP F 26 -3.60 34.59 -19.31
N ALA F 27 -3.47 35.86 -18.92
CA ALA F 27 -3.32 36.19 -17.50
C ALA F 27 -4.48 35.74 -16.61
N TRP F 28 -4.11 35.27 -15.42
CA TRP F 28 -5.02 34.85 -14.35
C TRP F 28 -5.84 33.57 -14.55
N ARG F 29 -6.64 33.53 -15.61
CA ARG F 29 -7.68 32.52 -15.76
C ARG F 29 -7.26 31.32 -16.61
N CYS F 30 -6.34 31.51 -17.55
CA CYS F 30 -5.87 30.41 -18.37
C CYS F 30 -5.08 29.35 -17.58
N ALA F 31 -4.40 29.77 -16.51
CA ALA F 31 -3.78 28.81 -15.60
C ALA F 31 -4.80 27.73 -15.18
N PHE F 32 -6.00 28.14 -14.78
CA PHE F 32 -7.01 27.20 -14.30
C PHE F 32 -7.61 26.40 -15.42
N ILE F 33 -7.89 27.07 -16.53
CA ILE F 33 -8.47 26.40 -17.70
C ILE F 33 -7.56 25.33 -18.25
N GLY F 34 -6.29 25.68 -18.47
CA GLY F 34 -5.33 24.77 -19.07
C GLY F 34 -4.99 23.58 -18.17
N LYS F 35 -5.19 23.75 -16.86
CA LYS F 35 -4.86 22.74 -15.84
C LYS F 35 -6.07 21.88 -15.46
N ASN F 36 -7.22 22.53 -15.23
CA ASN F 36 -8.40 21.87 -14.64
C ASN F 36 -9.55 21.55 -15.59
N TRP F 37 -9.76 22.32 -16.65
CA TRP F 37 -10.97 22.16 -17.46
C TRP F 37 -10.98 20.89 -18.34
N PRO F 38 -12.19 20.35 -18.64
CA PRO F 38 -12.31 19.20 -19.53
C PRO F 38 -11.60 19.50 -20.87
N GLN F 39 -10.85 18.50 -21.35
CA GLN F 39 -10.11 18.53 -22.61
C GLN F 39 -10.85 19.20 -23.81
N GLU F 40 -12.10 18.79 -24.04
CA GLU F 40 -12.88 19.27 -25.16
C GLU F 40 -13.10 20.79 -25.04
N LYS F 41 -13.44 21.24 -23.83
CA LYS F 41 -13.62 22.63 -23.55
C LYS F 41 -12.37 23.47 -23.78
N LYS F 42 -11.27 23.11 -23.14
CA LYS F 42 -9.90 23.63 -23.38
C LYS F 42 -9.56 23.72 -24.87
N GLU F 43 -9.82 22.65 -25.61
CA GLU F 43 -9.58 22.64 -27.05
C GLU F 43 -10.47 23.59 -27.86
N LYS F 44 -11.76 23.67 -27.52
CA LYS F 44 -12.70 24.60 -28.19
C LYS F 44 -12.25 26.04 -28.00
N ILE F 45 -11.92 26.41 -26.75
CA ILE F 45 -11.27 27.70 -26.48
C ILE F 45 -10.02 27.91 -27.32
N ALA F 46 -9.09 26.95 -27.31
CA ALA F 46 -7.88 27.08 -28.13
C ALA F 46 -8.20 27.29 -29.61
N ASP F 47 -9.25 26.62 -30.09
CA ASP F 47 -9.70 26.78 -31.47
C ASP F 47 -10.19 28.19 -31.77
N LEU F 48 -11.04 28.71 -30.91
CA LEU F 48 -11.52 30.11 -30.97
C LEU F 48 -10.41 31.16 -30.92
N LEU F 49 -9.35 30.86 -30.20
CA LEU F 49 -8.23 31.79 -30.09
C LEU F 49 -7.21 31.74 -31.25
N PHE F 50 -6.91 30.54 -31.75
CA PHE F 50 -5.69 30.38 -32.56
C PHE F 50 -5.83 29.77 -33.96
N LYS F 51 -6.85 28.96 -34.18
CA LYS F 51 -6.94 28.14 -35.38
C LYS F 51 -7.50 28.92 -36.59
N ARG F 52 -6.69 28.99 -37.64
CA ARG F 52 -7.07 29.70 -38.85
C ARG F 52 -7.68 28.74 -39.88
N GLU F 53 -8.98 28.48 -39.70
CA GLU F 53 -9.74 27.55 -40.49
C GLU F 53 -11.18 28.04 -40.60
N PHE F 54 -11.89 27.45 -41.56
CA PHE F 54 -13.30 27.72 -41.78
C PHE F 54 -14.10 26.45 -41.40
N ASP F 55 -15.31 26.63 -40.88
CA ASP F 55 -16.22 25.52 -40.72
C ASP F 55 -16.68 25.03 -42.11
N GLU F 56 -17.66 24.14 -42.12
CA GLU F 56 -18.08 23.47 -43.35
C GLU F 56 -18.89 24.39 -44.28
N LYS F 57 -19.36 25.53 -43.75
CA LYS F 57 -20.03 26.51 -44.56
C LYS F 57 -19.16 27.73 -44.91
N GLY F 58 -17.88 27.66 -44.62
CA GLY F 58 -16.95 28.72 -44.94
C GLY F 58 -17.00 29.89 -43.96
N ASN F 59 -17.52 29.66 -42.76
CA ASN F 59 -17.47 30.66 -41.69
C ASN F 59 -16.17 30.56 -40.88
N PRO F 60 -15.42 31.67 -40.72
CA PRO F 60 -14.25 31.61 -39.81
C PRO F 60 -14.61 31.00 -38.46
N ILE F 61 -13.73 30.17 -37.89
CA ILE F 61 -14.03 29.51 -36.61
C ILE F 61 -13.66 30.34 -35.38
N GLY F 62 -12.86 31.39 -35.54
CA GLY F 62 -12.54 32.25 -34.42
C GLY F 62 -11.65 33.42 -34.79
N MET F 63 -10.97 34.00 -33.80
CA MET F 63 -10.05 35.10 -34.04
C MET F 63 -8.78 34.80 -34.82
N ALA F 64 -8.29 33.56 -34.70
CA ALA F 64 -6.98 33.15 -35.23
C ALA F 64 -5.92 34.21 -34.87
N LEU F 65 -5.76 34.46 -33.58
CA LEU F 65 -4.73 35.39 -33.08
C LEU F 65 -3.36 34.99 -33.56
N THR F 66 -2.44 35.93 -33.66
CA THR F 66 -1.13 35.64 -34.24
C THR F 66 0.03 36.04 -33.33
N ASN F 67 -0.32 36.36 -32.10
CA ASN F 67 0.63 36.39 -31.01
C ASN F 67 -0.14 35.99 -29.75
N TRP F 68 0.57 35.54 -28.73
CA TRP F 68 -0.04 35.22 -27.43
C TRP F 68 0.83 35.76 -26.32
N ARG F 69 0.21 36.47 -25.39
CA ARG F 69 0.89 37.09 -24.28
C ARG F 69 0.76 36.18 -23.04
N VAL F 70 1.92 35.71 -22.56
CA VAL F 70 2.00 34.76 -21.43
C VAL F 70 2.48 35.53 -20.20
N ASN F 71 1.70 35.50 -19.12
CA ASN F 71 2.06 36.18 -17.88
C ASN F 71 3.05 35.36 -17.09
N ILE F 72 4.30 35.74 -17.18
CA ILE F 72 5.30 35.11 -16.33
C ILE F 72 5.02 35.50 -14.86
N GLY F 73 4.85 34.48 -14.02
CA GLY F 73 4.58 34.67 -12.64
C GLY F 73 5.72 35.18 -11.78
N ALA F 74 5.34 35.93 -10.76
CA ALA F 74 6.22 36.55 -9.79
C ALA F 74 6.04 35.94 -8.41
N GLY F 75 5.22 34.91 -8.31
CA GLY F 75 5.21 34.11 -7.10
C GLY F 75 4.32 34.56 -5.98
N SER F 76 3.26 35.29 -6.30
CA SER F 76 2.24 35.63 -5.31
C SER F 76 1.52 34.39 -4.76
N TYR F 77 1.44 33.32 -5.55
CA TYR F 77 0.92 32.03 -5.04
C TYR F 77 1.78 31.49 -3.88
N GLU F 78 3.06 31.20 -4.14
CA GLU F 78 3.96 30.70 -3.11
C GLU F 78 4.01 31.61 -1.90
N ASN F 79 3.97 32.90 -2.16
CA ASN F 79 4.10 33.91 -1.12
C ASN F 79 2.78 34.29 -0.50
N ARG F 80 1.73 33.48 -0.67
CA ARG F 80 0.35 34.01 -0.36
C ARG F 80 0.02 34.31 1.08
N GLU F 81 0.76 33.72 2.01
CA GLU F 81 0.49 34.00 3.43
C GLU F 81 0.97 35.37 3.84
N ALA F 82 1.94 35.95 3.11
CA ALA F 82 2.37 37.33 3.33
C ALA F 82 1.29 38.32 2.87
N LYS F 83 1.60 39.62 2.93
CA LYS F 83 0.67 40.67 2.49
C LYS F 83 0.62 40.71 0.96
N GLU F 84 -0.02 39.71 0.37
CA GLU F 84 0.06 39.45 -1.05
C GLU F 84 -1.26 39.69 -1.81
N VAL F 85 -1.32 39.25 -3.07
CA VAL F 85 -2.57 39.24 -3.86
C VAL F 85 -3.72 38.60 -3.08
N ASP F 86 -4.87 39.25 -3.05
CA ASP F 86 -5.88 38.90 -2.06
C ASP F 86 -6.95 37.93 -2.56
N ASN F 87 -6.68 37.22 -3.65
CA ASN F 87 -7.63 36.28 -4.22
C ASN F 87 -6.91 35.23 -5.02
N SER F 88 -7.50 34.04 -5.07
CA SER F 88 -6.93 32.91 -5.79
C SER F 88 -6.82 33.09 -7.31
N TRP F 89 -7.78 33.78 -7.94
CA TRP F 89 -7.79 33.91 -9.41
C TRP F 89 -6.52 34.56 -9.94
N ASN F 90 -5.98 35.53 -9.19
CA ASN F 90 -4.90 36.40 -9.68
C ASN F 90 -3.50 36.19 -9.11
N ARG F 91 -3.32 35.15 -8.30
CA ARG F 91 -2.00 34.82 -7.80
C ARG F 91 -1.31 34.03 -8.90
N THR F 92 0.01 34.10 -8.93
CA THR F 92 0.77 33.36 -9.90
C THR F 92 1.87 32.62 -9.19
N GLU F 93 2.31 31.52 -9.77
CA GLU F 93 3.51 30.82 -9.35
C GLU F 93 4.75 31.53 -9.89
N CYS F 94 5.91 31.16 -9.38
CA CYS F 94 7.15 31.63 -9.96
C CYS F 94 8.04 30.45 -10.25
N PHE F 95 8.67 30.46 -11.44
CA PHE F 95 9.66 29.47 -11.82
C PHE F 95 10.88 29.44 -10.87
N LEU F 96 11.23 30.60 -10.33
CA LEU F 96 12.45 30.74 -9.54
C LEU F 96 12.02 30.87 -8.09
N SER F 97 12.73 30.20 -7.18
CA SER F 97 12.43 30.32 -5.73
C SER F 97 13.54 31.08 -5.00
N PRO F 98 13.29 31.54 -3.75
CA PRO F 98 14.30 32.28 -2.98
C PRO F 98 15.69 31.60 -2.81
N ASP F 99 15.75 30.30 -3.01
CA ASP F 99 17.01 29.54 -2.88
C ASP F 99 17.75 29.37 -4.20
N GLY F 100 17.26 30.01 -5.26
CA GLY F 100 17.95 30.01 -6.56
C GLY F 100 17.62 28.85 -7.46
N LYS F 101 16.62 28.06 -7.10
CA LYS F 101 16.29 26.90 -7.92
C LYS F 101 15.16 27.28 -8.87
N TYR F 102 15.13 26.59 -10.01
CA TYR F 102 14.13 26.81 -11.05
C TYR F 102 13.27 25.59 -11.10
N ASP F 103 11.94 25.77 -11.12
CA ASP F 103 11.04 24.62 -11.35
C ASP F 103 10.03 24.99 -12.44
N PHE F 104 10.32 24.56 -13.67
CA PHE F 104 9.46 24.81 -14.84
C PHE F 104 8.25 23.85 -15.01
N THR F 105 7.98 23.00 -14.01
CA THR F 105 6.72 22.25 -13.97
C THR F 105 5.62 23.18 -13.44
N LYS F 106 5.99 24.31 -12.85
CA LYS F 106 5.01 25.33 -12.44
C LYS F 106 4.39 26.05 -13.65
N GLN F 107 3.37 26.85 -13.41
CA GLN F 107 2.59 27.53 -14.49
C GLN F 107 2.12 26.58 -15.59
N ALA F 108 1.74 25.37 -15.18
CA ALA F 108 1.29 24.29 -16.07
C ALA F 108 0.12 24.63 -17.00
N GLY F 109 -0.96 25.24 -16.49
CA GLY F 109 -2.11 25.53 -17.36
C GLY F 109 -1.79 26.51 -18.50
N GLN F 110 -0.85 27.42 -18.24
CA GLN F 110 -0.45 28.43 -19.23
C GLN F 110 0.44 27.78 -20.28
N GLN F 111 1.27 26.83 -19.84
CA GLN F 111 2.12 26.01 -20.75
C GLN F 111 1.32 25.12 -21.66
N TRP F 112 0.16 24.65 -21.16
CA TRP F 112 -0.81 23.94 -22.00
C TRP F 112 -1.29 24.83 -23.16
N PHE F 113 -1.63 26.07 -22.86
CA PHE F 113 -2.03 27.04 -23.86
C PHE F 113 -0.96 27.37 -24.85
N MET F 114 0.30 27.53 -24.40
CA MET F 114 1.39 27.65 -25.38
C MET F 114 1.38 26.45 -26.35
N LYS F 115 1.31 25.25 -25.78
CA LYS F 115 1.30 24.03 -26.59
C LYS F 115 0.11 23.98 -27.56
N ALA F 116 -1.09 24.30 -27.05
CA ALA F 116 -2.31 24.33 -27.87
C ALA F 116 -2.19 25.31 -29.05
N ALA F 117 -1.68 26.51 -28.75
CA ALA F 117 -1.43 27.51 -29.79
C ALA F 117 -0.50 26.99 -30.90
N ARG F 118 0.67 26.47 -30.51
CA ARG F 118 1.67 25.99 -31.48
C ARG F 118 1.13 24.84 -32.33
N GLU F 119 0.28 24.02 -31.75
CA GLU F 119 -0.34 22.91 -32.46
C GLU F 119 -1.29 23.43 -33.56
N ARG F 120 -1.75 24.66 -33.38
CA ARG F 120 -2.68 25.27 -34.31
C ARG F 120 -1.95 26.23 -35.25
N GLY F 121 -0.62 26.13 -35.26
CA GLY F 121 0.21 26.85 -36.21
C GLY F 121 0.60 28.24 -35.76
N MET F 122 0.45 28.53 -34.48
CA MET F 122 0.75 29.86 -33.94
C MET F 122 1.87 29.70 -32.92
N ASN F 123 3.07 30.03 -33.35
CA ASN F 123 4.24 29.92 -32.52
C ASN F 123 4.89 31.28 -32.51
N ASN F 124 4.21 32.23 -31.87
CA ASN F 124 4.74 33.60 -31.67
C ASN F 124 4.27 34.12 -30.29
N PHE F 125 5.20 34.16 -29.33
CA PHE F 125 4.89 34.45 -27.92
C PHE F 125 5.62 35.67 -27.38
N LEU F 126 4.89 36.44 -26.58
CA LEU F 126 5.45 37.48 -25.74
C LEU F 126 5.32 37.06 -24.26
N PHE F 127 6.39 37.28 -23.51
CA PHE F 127 6.41 37.00 -22.08
C PHE F 127 6.38 38.34 -21.39
N PHE F 128 5.50 38.50 -20.39
CA PHE F 128 5.38 39.74 -19.65
C PHE F 128 5.23 39.48 -18.17
N THR F 129 5.67 40.45 -17.38
CA THR F 129 5.57 40.38 -15.93
C THR F 129 4.85 41.60 -15.44
N ASN F 130 4.16 41.42 -14.32
CA ASN F 130 3.48 42.48 -13.57
C ASN F 130 4.25 42.82 -12.28
N SER F 131 5.18 41.95 -11.91
CA SER F 131 6.02 42.15 -10.74
C SER F 131 7.31 41.36 -10.93
N ALA F 132 8.39 41.80 -10.32
CA ALA F 132 9.56 40.91 -10.17
C ALA F 132 9.16 39.81 -9.15
N PRO F 133 9.90 38.68 -9.13
CA PRO F 133 9.64 37.67 -8.10
C PRO F 133 9.65 38.29 -6.71
N TYR F 134 8.72 37.87 -5.84
CA TYR F 134 8.47 38.54 -4.60
C TYR F 134 9.76 38.74 -3.81
N PHE F 135 10.67 37.78 -3.91
CA PHE F 135 11.85 37.73 -3.03
C PHE F 135 12.89 38.75 -3.49
N MET F 136 12.67 39.32 -4.69
CA MET F 136 13.53 40.36 -5.24
C MET F 136 12.95 41.75 -4.99
N THR F 137 11.79 41.85 -4.36
CA THR F 137 11.10 43.12 -4.30
C THR F 137 11.49 43.83 -3.02
N ARG F 138 11.09 45.09 -2.89
CA ARG F 138 11.41 45.92 -1.71
C ARG F 138 10.41 45.64 -0.61
N SER F 139 9.15 45.39 -1.00
CA SER F 139 8.11 45.09 -0.02
C SER F 139 8.06 43.59 0.39
N ALA F 140 8.94 42.79 -0.21
CA ALA F 140 8.96 41.34 -0.02
C ALA F 140 7.64 40.73 -0.53
N SER F 141 7.12 41.31 -1.59
CA SER F 141 5.79 40.94 -2.09
C SER F 141 5.54 41.52 -3.50
N THR F 142 4.78 40.77 -4.33
CA THR F 142 4.29 41.29 -5.61
C THR F 142 3.32 42.46 -5.39
N VAL F 143 2.83 42.63 -4.16
CA VAL F 143 2.10 43.83 -3.82
C VAL F 143 3.06 44.85 -3.14
N SER F 144 3.38 45.91 -3.88
CA SER F 144 4.21 47.02 -3.41
C SER F 144 3.57 47.81 -2.26
N THR F 145 4.38 48.64 -1.59
CA THR F 145 3.86 49.45 -0.48
C THR F 145 4.24 50.93 -0.60
N ASP F 146 4.68 51.33 -1.76
CA ASP F 146 4.89 52.74 -2.02
C ASP F 146 4.92 53.03 -3.52
N GLN F 147 4.91 54.34 -3.85
CA GLN F 147 5.00 54.81 -5.22
C GLN F 147 6.26 55.68 -5.40
N ASP F 148 7.36 55.31 -4.75
CA ASP F 148 8.62 56.07 -4.86
C ASP F 148 9.33 55.73 -6.15
N CYS F 149 9.30 54.45 -6.49
CA CYS F 149 9.98 53.87 -7.63
C CYS F 149 9.58 52.39 -7.75
N ILE F 150 10.25 51.70 -8.66
CA ILE F 150 10.00 50.28 -8.90
C ILE F 150 10.18 49.44 -7.63
N ASN F 151 9.22 48.55 -7.38
CA ASN F 151 9.28 47.59 -6.27
C ASN F 151 10.29 46.49 -6.56
N LEU F 152 11.55 46.86 -6.71
CA LEU F 152 12.56 45.90 -7.04
C LEU F 152 13.80 46.51 -6.46
N GLN F 153 14.52 45.72 -5.67
CA GLN F 153 15.72 46.19 -4.96
C GLN F 153 16.80 46.66 -5.94
N ASN F 154 17.52 47.69 -5.52
CA ASN F 154 18.45 48.43 -6.37
C ASN F 154 19.43 47.61 -7.16
N ASP F 155 19.79 46.45 -6.64
CA ASP F 155 20.81 45.61 -7.24
C ASP F 155 20.27 44.35 -7.91
N LYS F 156 18.95 44.28 -8.03
CA LYS F 156 18.30 43.09 -8.57
C LYS F 156 17.80 43.27 -10.02
N PHE F 157 18.12 44.43 -10.61
CA PHE F 157 17.77 44.66 -12.02
C PHE F 157 18.39 43.61 -12.93
N ASP F 158 19.65 43.24 -12.67
CA ASP F 158 20.25 42.20 -13.51
C ASP F 158 19.72 40.81 -13.12
N ASP F 159 19.48 40.59 -11.83
CA ASP F 159 18.84 39.35 -11.38
C ASP F 159 17.52 39.13 -12.13
N PHE F 160 16.66 40.14 -12.12
CA PHE F 160 15.38 40.08 -12.79
C PHE F 160 15.52 39.79 -14.29
N ALA F 161 16.42 40.53 -14.94
CA ALA F 161 16.65 40.36 -16.37
C ALA F 161 17.13 38.94 -16.68
N ARG F 162 17.99 38.41 -15.81
CA ARG F 162 18.49 37.05 -16.01
C ARG F 162 17.40 36.02 -15.81
N PHE F 163 16.49 36.30 -14.89
CA PHE F 163 15.33 35.44 -14.67
C PHE F 163 14.46 35.38 -15.94
N LEU F 164 14.15 36.56 -16.50
CA LEU F 164 13.26 36.68 -17.65
C LEU F 164 13.82 35.98 -18.85
N VAL F 165 15.11 36.22 -19.08
CA VAL F 165 15.82 35.65 -20.22
C VAL F 165 15.97 34.15 -20.05
N LYS F 166 16.27 33.70 -18.84
CA LYS F 166 16.37 32.25 -18.61
C LYS F 166 15.01 31.57 -18.81
N SER F 167 13.95 32.21 -18.36
CA SER F 167 12.61 31.76 -18.67
C SER F 167 12.34 31.69 -20.20
N ALA F 168 12.61 32.77 -20.93
CA ALA F 168 12.46 32.73 -22.41
C ALA F 168 13.25 31.60 -23.04
N GLN F 169 14.50 31.46 -22.59
CA GLN F 169 15.43 30.49 -23.14
C GLN F 169 14.93 29.06 -22.95
N HIS F 170 14.49 28.74 -21.74
CA HIS F 170 13.89 27.43 -21.46
C HIS F 170 12.83 27.06 -22.51
N PHE F 171 11.92 27.98 -22.79
CA PHE F 171 10.84 27.67 -23.70
C PHE F 171 11.29 27.74 -25.16
N ARG F 172 12.34 28.51 -25.43
CA ARG F 172 12.91 28.50 -26.77
C ARG F 172 13.51 27.12 -27.02
N GLU F 173 14.10 26.53 -25.98
CA GLU F 173 14.72 25.21 -26.09
C GLU F 173 13.73 24.11 -26.38
N GLN F 174 12.49 24.32 -25.97
CA GLN F 174 11.47 23.33 -26.28
CA GLN F 174 11.40 23.39 -26.25
C GLN F 174 10.77 23.73 -27.60
N GLY F 175 11.29 24.75 -28.27
CA GLY F 175 10.80 25.09 -29.61
C GLY F 175 9.69 26.12 -29.69
N PHE F 176 9.41 26.76 -28.57
CA PHE F 176 8.49 27.91 -28.56
C PHE F 176 9.21 29.19 -28.89
N HIS F 177 8.73 29.90 -29.91
CA HIS F 177 9.35 31.17 -30.30
C HIS F 177 8.94 32.28 -29.37
N VAL F 178 9.68 32.42 -28.27
CA VAL F 178 9.47 33.53 -27.37
C VAL F 178 10.22 34.72 -27.91
N ASN F 179 9.48 35.64 -28.53
CA ASN F 179 10.09 36.67 -29.39
C ASN F 179 10.25 38.00 -28.74
N TYR F 180 9.52 38.21 -27.63
CA TYR F 180 9.43 39.48 -26.92
C TYR F 180 9.34 39.28 -25.42
N ILE F 181 9.99 40.16 -24.67
CA ILE F 181 9.89 40.19 -23.24
C ILE F 181 9.51 41.60 -22.88
N SER F 182 8.40 41.71 -22.15
CA SER F 182 7.91 42.99 -21.64
C SER F 182 8.03 43.03 -20.10
N PRO F 183 9.08 43.69 -19.55
CA PRO F 183 9.42 43.63 -18.09
C PRO F 183 8.49 44.35 -17.13
N ASN F 184 7.79 45.37 -17.63
CA ASN F 184 7.00 46.25 -16.77
C ASN F 184 5.63 46.50 -17.33
N ASN F 185 4.63 46.48 -16.46
CA ASN F 185 3.26 46.73 -16.83
C ASN F 185 2.77 48.01 -16.21
N GLU F 186 2.09 48.85 -17.00
CA GLU F 186 1.49 50.10 -16.47
C GLU F 186 2.30 50.77 -15.33
N PRO F 187 3.57 51.13 -15.63
CA PRO F 187 4.48 51.72 -14.64
C PRO F 187 4.01 53.07 -14.12
N ASN F 188 3.04 53.67 -14.81
CA ASN F 188 2.38 54.89 -14.29
C ASN F 188 1.51 54.61 -13.07
N GLY F 189 1.09 53.35 -12.90
CA GLY F 189 0.00 53.05 -11.96
C GLY F 189 0.37 53.25 -10.50
N GLN F 190 -0.60 53.62 -9.69
CA GLN F 190 -0.38 53.60 -8.24
C GLN F 190 -0.65 52.17 -7.73
N TRP F 191 0.21 51.25 -8.14
CA TRP F 191 0.02 49.84 -7.84
C TRP F 191 -0.04 49.52 -6.35
N HIS F 192 0.65 50.28 -5.49
CA HIS F 192 0.61 49.96 -4.06
C HIS F 192 -0.79 50.08 -3.46
N ALA F 193 -1.68 50.83 -4.12
CA ALA F 193 -3.07 50.96 -3.64
C ALA F 193 -3.94 49.74 -4.03
N ASN F 194 -3.33 48.77 -4.69
CA ASN F 194 -4.09 47.68 -5.29
C ASN F 194 -3.55 46.31 -4.83
N SER F 195 -4.36 45.59 -4.06
CA SER F 195 -4.01 44.22 -3.64
C SER F 195 -4.78 43.12 -4.38
N PHE F 196 -5.47 43.52 -5.45
CA PHE F 196 -6.23 42.65 -6.32
C PHE F 196 -5.32 41.83 -7.25
N GLN F 197 -4.12 42.34 -7.48
CA GLN F 197 -3.24 41.74 -8.46
C GLN F 197 -1.79 42.12 -8.23
N GLU F 198 -0.88 41.46 -8.94
CA GLU F 198 0.52 41.85 -8.96
C GLU F 198 0.67 43.20 -9.72
N GLY F 199 1.68 43.97 -9.38
CA GLY F 199 2.02 45.19 -10.07
C GLY F 199 3.14 45.99 -9.45
N SER F 200 3.62 46.97 -10.24
CA SER F 200 4.57 47.94 -9.76
C SER F 200 4.59 49.25 -10.56
N PHE F 201 4.45 50.37 -9.84
CA PHE F 201 4.92 51.67 -10.33
C PHE F 201 6.38 51.52 -10.76
N ALA F 202 6.80 52.32 -11.75
CA ALA F 202 8.21 52.47 -12.13
C ALA F 202 8.47 53.83 -12.80
N THR F 203 9.65 54.38 -12.56
CA THR F 203 10.10 55.61 -13.22
C THR F 203 10.72 55.27 -14.57
N LYS F 204 10.91 56.32 -15.38
CA LYS F 204 11.63 56.19 -16.63
C LYS F 204 13.08 55.70 -16.42
N ALA F 205 13.69 56.14 -15.31
CA ALA F 205 15.04 55.69 -14.95
C ALA F 205 15.07 54.16 -14.67
N ASP F 206 14.05 53.69 -13.95
CA ASP F 206 13.80 52.25 -13.73
C ASP F 206 13.70 51.49 -15.05
N LEU F 207 12.81 51.98 -15.92
CA LEU F 207 12.57 51.38 -17.24
C LEU F 207 13.84 51.32 -18.06
N TYR F 208 14.63 52.40 -18.03
CA TYR F 208 15.92 52.46 -18.73
C TYR F 208 16.89 51.33 -18.25
N ARG F 209 17.11 51.26 -16.94
CA ARG F 209 17.90 50.17 -16.32
C ARG F 209 17.40 48.79 -16.70
N MET F 210 16.09 48.59 -16.62
CA MET F 210 15.52 47.31 -17.02
C MET F 210 15.92 46.97 -18.43
N VAL F 211 15.72 47.91 -19.36
CA VAL F 211 16.07 47.67 -20.79
C VAL F 211 17.57 47.36 -20.93
N GLU F 212 18.36 48.21 -20.29
CA GLU F 212 19.81 48.03 -20.23
C GLU F 212 20.20 46.62 -19.73
N GLU F 213 19.67 46.23 -18.57
CA GLU F 213 19.98 44.89 -18.03
C GLU F 213 19.51 43.74 -18.91
N LEU F 214 18.30 43.86 -19.44
CA LEU F 214 17.81 42.84 -20.40
C LEU F 214 18.66 42.73 -21.64
N ASP F 215 19.11 43.88 -22.13
CA ASP F 215 19.85 43.91 -23.37
C ASP F 215 21.17 43.16 -23.21
N LYS F 216 21.83 43.43 -22.08
CA LYS F 216 23.01 42.67 -21.67
C LYS F 216 22.72 41.17 -21.55
N ALA F 217 21.65 40.80 -20.84
CA ALA F 217 21.33 39.37 -20.61
C ALA F 217 20.91 38.63 -21.89
N ILE F 218 20.20 39.32 -22.78
CA ILE F 218 19.78 38.71 -24.07
C ILE F 218 21.03 38.39 -24.89
N SER F 219 21.93 39.36 -24.99
CA SER F 219 23.21 39.18 -25.67
C SER F 219 24.04 38.07 -25.03
N GLU F 220 24.18 38.11 -23.71
CA GLU F 220 24.86 37.04 -22.97
C GLU F 220 24.35 35.62 -23.32
N ALA F 221 23.02 35.45 -23.26
CA ALA F 221 22.37 34.20 -23.60
C ALA F 221 22.29 33.93 -25.11
N GLN F 222 22.52 34.95 -25.93
CA GLN F 222 22.49 34.82 -27.39
C GLN F 222 21.16 34.25 -27.91
N ILE F 223 20.06 34.78 -27.39
CA ILE F 223 18.72 34.43 -27.85
C ILE F 223 18.10 35.55 -28.71
N ASP F 224 17.23 35.11 -29.60
CA ASP F 224 16.56 35.95 -30.58
C ASP F 224 15.29 36.49 -29.93
N THR F 225 15.44 37.46 -29.05
CA THR F 225 14.31 37.97 -28.29
C THR F 225 14.56 39.44 -28.06
N LYS F 226 13.50 40.26 -28.09
CA LYS F 226 13.65 41.71 -27.96
C LYS F 226 12.80 42.30 -26.83
N ILE F 227 13.21 43.47 -26.37
CA ILE F 227 12.58 44.13 -25.25
C ILE F 227 11.47 45.10 -25.68
N LEU F 228 10.30 44.96 -25.08
CA LEU F 228 9.17 45.84 -25.36
C LEU F 228 8.74 46.61 -24.12
N ILE F 229 8.82 47.94 -24.20
CA ILE F 229 8.32 48.83 -23.15
C ILE F 229 7.47 49.96 -23.77
N PRO F 230 6.84 50.82 -22.94
CA PRO F 230 6.71 50.81 -21.47
C PRO F 230 5.40 50.24 -20.92
N GLU F 231 4.55 49.73 -21.81
CA GLU F 231 3.19 49.29 -21.40
C GLU F 231 2.40 50.27 -20.55
N VAL F 232 2.44 51.57 -20.87
CA VAL F 232 1.70 52.57 -20.07
C VAL F 232 0.18 52.38 -20.15
N GLY F 233 -0.51 52.69 -19.07
CA GLY F 233 -1.89 52.27 -18.89
C GLY F 233 -2.87 53.23 -19.52
N ASP F 234 -2.37 54.42 -19.83
CA ASP F 234 -3.13 55.48 -20.47
C ASP F 234 -2.18 56.07 -21.47
N MET F 235 -2.63 56.18 -22.72
CA MET F 235 -1.85 56.77 -23.82
C MET F 235 -1.31 58.17 -23.50
N LYS F 236 -1.96 58.87 -22.59
CA LYS F 236 -1.53 60.21 -22.23
C LYS F 236 -0.11 60.28 -21.69
N TYR F 237 0.39 59.14 -21.16
CA TYR F 237 1.74 59.08 -20.60
C TYR F 237 2.82 59.07 -21.66
N LEU F 238 2.42 58.91 -22.91
CA LEU F 238 3.36 58.93 -24.01
C LEU F 238 3.87 60.37 -24.29
N PHE F 239 3.16 61.35 -23.72
CA PHE F 239 3.43 62.79 -23.86
C PHE F 239 3.72 63.40 -22.50
N GLU F 240 4.27 64.60 -22.48
CA GLU F 240 4.49 65.30 -21.21
C GLU F 240 3.23 65.88 -20.58
N ILE F 241 2.95 65.50 -19.34
CA ILE F 241 1.72 65.92 -18.67
C ILE F 241 1.85 66.63 -17.31
N ASP F 242 2.94 66.38 -16.58
CA ASP F 242 3.10 66.94 -15.21
C ASP F 242 4.55 67.11 -14.76
N SER F 243 4.71 67.94 -13.72
CA SER F 243 6.01 68.46 -13.27
C SER F 243 6.87 67.48 -12.46
N ILE F 244 6.21 66.63 -11.67
CA ILE F 244 6.86 65.68 -10.73
C ILE F 244 7.74 64.70 -11.48
N ALA F 245 9.03 64.69 -11.14
CA ALA F 245 10.02 63.96 -11.96
C ALA F 245 9.83 62.43 -12.03
N LYS F 246 9.37 61.82 -10.94
CA LYS F 246 9.21 60.37 -10.90
C LYS F 246 8.22 59.84 -11.97
N THR F 247 7.18 60.63 -12.29
CA THR F 247 6.14 60.17 -13.21
C THR F 247 6.69 59.69 -14.54
N PRO F 248 6.36 58.43 -14.93
CA PRO F 248 6.87 57.87 -16.19
C PRO F 248 6.08 58.39 -17.41
N ASP F 249 5.91 59.71 -17.51
CA ASP F 249 5.24 60.33 -18.67
C ASP F 249 6.28 60.65 -19.70
N ASP F 250 5.88 61.37 -20.75
CA ASP F 250 6.77 61.85 -21.81
C ASP F 250 7.55 60.73 -22.47
N ILE F 251 6.94 59.55 -22.56
CA ILE F 251 7.66 58.36 -23.04
C ILE F 251 8.28 58.51 -24.43
N ILE F 252 7.47 58.98 -25.39
CA ILE F 252 7.92 59.07 -26.78
C ILE F 252 9.18 59.92 -26.90
N HIS F 253 9.17 61.11 -26.30
CA HIS F 253 10.35 61.98 -26.42
C HIS F 253 11.51 61.58 -25.50
N SER F 254 11.22 61.35 -24.23
CA SER F 254 12.29 61.00 -23.28
C SER F 254 13.01 59.66 -23.54
N MET F 255 12.33 58.71 -24.15
CA MET F 255 12.91 57.36 -24.32
C MET F 255 13.04 56.91 -25.78
N PHE F 256 12.18 57.45 -26.66
CA PHE F 256 12.18 57.02 -28.08
C PHE F 256 12.61 58.08 -29.10
N TYR F 257 13.19 59.17 -28.60
CA TYR F 257 14.00 60.10 -29.40
C TYR F 257 15.47 59.90 -28.99
N LYS F 258 16.37 59.81 -29.97
CA LYS F 258 17.78 59.53 -29.67
C LYS F 258 18.47 60.54 -28.71
N ASP F 259 17.88 61.73 -28.59
CA ASP F 259 18.39 62.78 -27.72
C ASP F 259 17.56 62.89 -26.44
N GLY F 260 16.79 61.84 -26.15
CA GLY F 260 16.00 61.80 -24.92
C GLY F 260 16.89 61.56 -23.70
N GLN F 261 16.51 62.15 -22.56
CA GLN F 261 17.16 61.93 -21.27
C GLN F 261 17.38 60.41 -20.99
N TYR F 262 16.34 59.61 -21.20
CA TYR F 262 16.43 58.15 -21.01
C TYR F 262 16.30 57.35 -22.31
N SER F 263 16.77 57.92 -23.43
CA SER F 263 16.69 57.27 -24.73
C SER F 263 17.15 55.81 -24.65
N VAL F 264 16.33 54.89 -25.17
CA VAL F 264 16.69 53.47 -25.22
C VAL F 264 16.98 52.99 -26.64
N LEU F 265 16.94 53.92 -27.59
CA LEU F 265 17.11 53.60 -29.01
C LEU F 265 18.43 52.88 -29.31
N LYS F 266 19.46 53.23 -28.54
CA LYS F 266 20.79 52.63 -28.68
C LYS F 266 20.87 51.12 -28.40
N PHE F 267 19.92 50.58 -27.63
CA PHE F 267 20.03 49.19 -27.21
C PHE F 267 19.79 48.13 -28.29
N LYS F 268 20.82 47.34 -28.53
CA LYS F 268 20.77 46.36 -29.60
C LYS F 268 19.48 45.53 -29.63
N ASN F 269 18.99 45.15 -28.45
CA ASN F 269 17.94 44.15 -28.34
C ASN F 269 16.59 44.76 -28.06
N LEU F 270 16.51 46.06 -28.17
CA LEU F 270 15.23 46.74 -28.00
C LEU F 270 14.34 46.38 -29.19
N PHE F 271 13.08 46.08 -28.89
CA PHE F 271 12.09 46.00 -29.95
C PHE F 271 11.75 47.45 -30.24
N ASN F 272 12.12 47.89 -31.44
CA ASN F 272 11.96 49.27 -31.89
C ASN F 272 10.47 49.53 -32.08
N CYS F 273 9.80 49.65 -30.95
CA CYS F 273 8.36 49.76 -30.90
C CYS F 273 7.95 50.33 -29.54
N VAL F 274 6.86 51.11 -29.52
CA VAL F 274 6.30 51.63 -28.26
C VAL F 274 4.95 50.92 -27.94
N ALA F 275 4.81 50.41 -26.72
CA ALA F 275 3.57 49.71 -26.28
C ALA F 275 2.79 50.60 -25.36
N ALA F 276 1.51 50.77 -25.64
CA ALA F 276 0.64 51.45 -24.70
C ALA F 276 -0.76 50.86 -24.72
N HIS F 277 -1.55 51.18 -23.73
CA HIS F 277 -2.86 50.58 -23.56
C HIS F 277 -3.94 51.57 -23.98
N ASP F 278 -5.08 51.05 -24.46
CA ASP F 278 -6.15 51.92 -24.96
C ASP F 278 -7.02 52.46 -23.86
N TYR F 279 -6.78 52.07 -22.61
CA TYR F 279 -7.66 52.45 -21.52
C TYR F 279 -7.86 53.96 -21.46
N TRP F 280 -9.09 54.37 -21.12
CA TRP F 280 -9.50 55.75 -20.89
C TRP F 280 -9.40 56.68 -22.11
N SER F 281 -9.03 56.15 -23.25
CA SER F 281 -8.90 56.99 -24.42
C SER F 281 -9.82 56.59 -25.58
N ALA F 282 -10.85 55.80 -25.28
CA ALA F 282 -11.67 55.19 -26.32
C ALA F 282 -13.03 55.88 -26.49
N TYR F 283 -13.29 56.85 -25.63
CA TYR F 283 -14.54 57.60 -25.65
C TYR F 283 -14.28 58.90 -24.89
N PRO F 284 -14.83 60.04 -25.38
CA PRO F 284 -15.62 60.16 -26.63
C PRO F 284 -14.72 60.25 -27.87
N ALA F 285 -15.35 60.38 -29.04
CA ALA F 285 -14.65 60.24 -30.32
C ALA F 285 -13.55 61.27 -30.54
N THR F 286 -13.69 62.44 -29.96
CA THR F 286 -12.71 63.50 -30.16
C THR F 286 -11.38 63.08 -29.52
N LEU F 287 -11.45 62.69 -28.25
CA LEU F 287 -10.30 62.11 -27.54
C LEU F 287 -9.78 60.92 -28.30
N LEU F 288 -10.69 59.98 -28.60
CA LEU F 288 -10.34 58.80 -29.38
C LEU F 288 -9.45 59.14 -30.55
N VAL F 289 -9.90 60.08 -31.40
CA VAL F 289 -9.10 60.41 -32.60
C VAL F 289 -7.89 61.29 -32.33
N ASP F 290 -8.02 62.28 -31.44
CA ASP F 290 -6.93 63.24 -31.24
C ASP F 290 -5.66 62.57 -30.72
N ILE F 291 -5.81 61.79 -29.65
CA ILE F 291 -4.67 61.16 -28.98
C ILE F 291 -3.93 60.21 -29.90
N ARG F 292 -4.68 59.50 -30.73
CA ARG F 292 -4.09 58.52 -31.65
C ARG F 292 -3.39 59.19 -32.85
N ASN F 293 -3.97 60.29 -33.34
CA ASN F 293 -3.24 61.10 -34.31
C ASN F 293 -1.95 61.63 -33.68
N ARG F 294 -2.04 62.08 -32.44
CA ARG F 294 -0.87 62.67 -31.83
C ARG F 294 0.26 61.65 -31.65
N ILE F 295 -0.10 60.41 -31.31
CA ILE F 295 0.87 59.31 -31.26
C ILE F 295 1.63 59.22 -32.55
N HIS F 296 0.91 59.12 -33.66
CA HIS F 296 1.55 59.05 -34.98
C HIS F 296 2.44 60.27 -35.26
N LYS F 297 1.87 61.45 -35.12
CA LYS F 297 2.60 62.73 -35.18
C LYS F 297 3.98 62.63 -34.53
N GLU F 298 3.99 62.51 -33.21
CA GLU F 298 5.23 62.51 -32.43
C GLU F 298 6.15 61.33 -32.72
N LEU F 299 5.57 60.15 -32.91
CA LEU F 299 6.42 58.97 -33.03
C LEU F 299 7.07 58.80 -34.39
N SER F 300 6.34 59.13 -35.46
CA SER F 300 6.87 59.02 -36.83
C SER F 300 7.97 60.04 -37.15
N ALA F 301 8.05 61.12 -36.38
CA ALA F 301 9.08 62.14 -36.56
C ALA F 301 10.42 61.84 -35.86
N ASN F 302 10.58 60.65 -35.28
CA ASN F 302 11.79 60.41 -34.46
C ASN F 302 12.95 59.94 -35.32
N GLY F 303 12.74 59.95 -36.63
CA GLY F 303 13.74 59.54 -37.61
C GLY F 303 14.09 58.07 -37.55
N HIS F 304 13.36 57.32 -36.71
CA HIS F 304 13.73 55.94 -36.43
C HIS F 304 12.88 54.78 -36.96
N ASN F 305 11.73 55.09 -37.57
CA ASN F 305 10.83 54.05 -38.10
C ASN F 305 10.37 53.13 -36.96
N THR F 306 10.01 53.77 -35.84
CA THR F 306 9.58 53.10 -34.62
C THR F 306 8.11 52.73 -34.73
N LYS F 307 7.83 51.46 -34.45
CA LYS F 307 6.47 50.93 -34.52
C LYS F 307 5.65 51.37 -33.31
N PHE F 308 4.33 51.28 -33.41
CA PHE F 308 3.47 51.39 -32.24
C PHE F 308 2.64 50.08 -32.09
N TRP F 309 2.45 49.67 -30.84
CA TRP F 309 1.63 48.49 -30.51
C TRP F 309 0.59 48.96 -29.53
N ALA F 310 -0.66 48.68 -29.83
CA ALA F 310 -1.69 48.83 -28.81
C ALA F 310 -1.69 47.45 -28.08
N SER F 311 -1.37 47.44 -26.79
CA SER F 311 -0.92 46.16 -26.16
C SER F 311 -1.74 45.64 -24.95
N GLU F 312 -2.83 46.33 -24.66
CA GLU F 312 -3.79 45.88 -23.70
C GLU F 312 -5.08 46.69 -23.73
N TYR F 313 -6.20 45.98 -23.86
CA TYR F 313 -7.50 46.59 -23.65
C TYR F 313 -8.54 45.56 -23.20
N CYS F 314 -9.51 46.05 -22.42
CA CYS F 314 -10.77 45.34 -22.18
C CYS F 314 -11.76 46.45 -21.78
N ILE F 315 -13.06 46.16 -21.79
CA ILE F 315 -14.07 47.14 -21.40
C ILE F 315 -13.98 47.42 -19.91
N LEU F 316 -13.56 48.64 -19.56
CA LEU F 316 -13.42 49.03 -18.16
C LEU F 316 -14.32 50.22 -17.84
N GLU F 317 -14.45 51.12 -18.79
CA GLU F 317 -15.17 52.41 -18.62
C GLU F 317 -16.67 52.27 -18.72
N LYS F 318 -17.38 53.29 -18.23
CA LYS F 318 -18.80 53.39 -18.43
C LYS F 318 -19.17 54.58 -19.33
N ASN F 319 -20.14 54.35 -20.20
CA ASN F 319 -20.73 55.41 -21.02
C ASN F 319 -22.03 54.98 -21.65
N GLU F 320 -22.67 55.91 -22.35
CA GLU F 320 -24.01 55.66 -22.89
C GLU F 320 -24.02 54.64 -24.04
N GLU F 321 -22.90 54.51 -24.74
CA GLU F 321 -22.85 53.55 -25.88
C GLU F 321 -22.85 52.07 -25.42
N ILE F 322 -22.23 51.81 -24.28
CA ILE F 322 -21.95 50.45 -23.82
C ILE F 322 -22.50 50.04 -22.45
N THR F 323 -22.95 51.00 -21.64
CA THR F 323 -23.37 50.71 -20.25
C THR F 323 -24.92 50.62 -20.14
N MET F 324 -25.43 49.44 -19.80
CA MET F 324 -26.72 49.04 -20.31
C MET F 324 -27.01 47.67 -19.77
N PRO F 325 -28.29 47.35 -19.48
CA PRO F 325 -28.55 45.97 -19.12
C PRO F 325 -28.24 45.01 -20.29
N ALA F 326 -27.89 43.76 -19.95
CA ALA F 326 -27.59 42.73 -20.89
C ALA F 326 -28.69 42.59 -21.96
N SER F 327 -28.29 42.56 -23.22
CA SER F 327 -29.21 42.36 -24.35
C SER F 327 -28.43 42.09 -25.62
N PRO F 328 -29.10 41.53 -26.66
CA PRO F 328 -28.43 41.39 -27.97
C PRO F 328 -27.94 42.73 -28.49
N GLU F 329 -28.73 43.77 -28.25
CA GLU F 329 -28.37 45.12 -28.60
C GLU F 329 -27.07 45.50 -27.92
N ARG F 330 -26.97 45.25 -26.61
CA ARG F 330 -25.75 45.61 -25.90
C ARG F 330 -24.56 44.80 -26.40
N SER F 331 -24.78 43.53 -26.67
CA SER F 331 -23.69 42.68 -27.15
C SER F 331 -23.06 43.25 -28.43
N ILE F 332 -23.88 43.67 -29.39
CA ILE F 332 -23.33 44.23 -30.62
C ILE F 332 -22.71 45.62 -30.41
N ASN F 333 -23.33 46.43 -29.57
CA ASN F 333 -22.76 47.75 -29.19
C ASN F 333 -21.30 47.66 -28.73
N LEU F 334 -21.04 46.70 -27.84
CA LEU F 334 -19.71 46.39 -27.33
C LEU F 334 -18.77 45.94 -28.43
N GLY F 335 -19.25 45.05 -29.31
CA GLY F 335 -18.52 44.63 -30.51
C GLY F 335 -18.07 45.78 -31.41
N LEU F 336 -19.00 46.67 -31.77
CA LEU F 336 -18.69 47.88 -32.55
C LEU F 336 -17.82 48.88 -31.82
N TYR F 337 -18.13 49.15 -30.55
CA TYR F 337 -17.33 50.07 -29.77
C TYR F 337 -15.85 49.66 -29.80
N VAL F 338 -15.57 48.38 -29.57
CA VAL F 338 -14.20 47.86 -29.63
C VAL F 338 -13.61 47.86 -31.05
N ALA F 339 -14.43 47.54 -32.04
CA ALA F 339 -13.93 47.49 -33.42
C ALA F 339 -13.45 48.89 -33.81
N ARG F 340 -14.15 49.90 -33.32
CA ARG F 340 -13.79 51.30 -33.57
C ARG F 340 -12.43 51.67 -32.96
N ILE F 341 -12.15 51.15 -31.75
CA ILE F 341 -10.81 51.31 -31.16
C ILE F 341 -9.75 50.72 -32.07
N ILE F 342 -9.96 49.49 -32.49
CA ILE F 342 -9.05 48.82 -33.41
C ILE F 342 -8.79 49.62 -34.71
N HIS F 343 -9.86 50.05 -35.39
CA HIS F 343 -9.72 50.79 -36.67
C HIS F 343 -8.87 52.06 -36.46
N ASN F 344 -9.24 52.82 -35.43
CA ASN F 344 -8.55 54.04 -35.12
C ASN F 344 -7.09 53.86 -34.75
N ASP F 345 -6.78 52.76 -34.06
CA ASP F 345 -5.38 52.44 -33.72
C ASP F 345 -4.58 52.04 -34.96
N LEU F 346 -5.25 51.35 -35.87
CA LEU F 346 -4.61 50.88 -37.09
C LEU F 346 -4.38 51.98 -38.11
N THR F 347 -5.32 52.92 -38.18
CA THR F 347 -5.33 53.95 -39.24
C THR F 347 -4.80 55.31 -38.81
N LEU F 348 -5.02 55.67 -37.54
CA LEU F 348 -4.56 56.94 -37.00
C LEU F 348 -3.25 56.78 -36.23
N ALA F 349 -3.25 55.87 -35.24
CA ALA F 349 -2.04 55.53 -34.52
C ALA F 349 -1.05 54.77 -35.41
N ASN F 350 -1.51 54.23 -36.53
CA ASN F 350 -0.67 53.38 -37.38
C ASN F 350 -0.04 52.15 -36.68
N ALA F 351 -0.78 51.53 -35.77
CA ALA F 351 -0.28 50.41 -34.96
C ALA F 351 0.04 49.17 -35.78
N SER F 352 1.12 48.49 -35.46
CA SER F 352 1.45 47.22 -36.06
C SER F 352 0.88 46.01 -35.30
N ALA F 353 0.33 46.23 -34.11
CA ALA F 353 -0.37 45.15 -33.39
C ALA F 353 -1.46 45.76 -32.54
N TRP F 354 -2.52 44.98 -32.35
CA TRP F 354 -3.59 45.28 -31.40
C TRP F 354 -3.79 44.04 -30.54
N GLN F 355 -3.84 44.24 -29.23
CA GLN F 355 -3.82 43.15 -28.26
C GLN F 355 -4.85 43.34 -27.16
N TRP F 356 -5.67 42.33 -27.00
CA TRP F 356 -6.54 42.23 -25.87
C TRP F 356 -5.77 41.98 -24.57
N TRP F 357 -6.42 42.34 -23.48
CA TRP F 357 -6.09 41.84 -22.14
C TRP F 357 -6.56 40.37 -22.12
N THR F 358 -6.96 39.85 -20.97
CA THR F 358 -7.33 38.44 -20.86
C THR F 358 -8.26 38.00 -21.99
N ALA F 359 -7.95 36.87 -22.63
CA ALA F 359 -8.78 36.36 -23.73
C ALA F 359 -10.17 35.95 -23.20
N VAL F 360 -10.23 35.60 -21.90
CA VAL F 360 -11.45 35.08 -21.29
C VAL F 360 -11.78 35.88 -20.05
N SER F 361 -13.05 35.96 -19.69
CA SER F 361 -13.45 36.74 -18.53
C SER F 361 -14.78 36.23 -17.99
N LEU F 362 -15.14 36.64 -16.77
CA LEU F 362 -16.49 36.35 -16.26
C LEU F 362 -17.54 37.39 -16.67
N GLY F 363 -17.07 38.59 -17.05
CA GLY F 363 -17.94 39.66 -17.53
C GLY F 363 -17.97 39.67 -19.04
N GLU F 364 -18.82 40.50 -19.62
CA GLU F 364 -18.86 40.66 -21.08
C GLU F 364 -17.94 41.83 -21.49
N ASP F 365 -16.63 41.61 -21.44
CA ASP F 365 -15.67 42.71 -21.57
C ASP F 365 -14.47 42.34 -22.40
N VAL F 366 -14.46 41.09 -22.89
CA VAL F 366 -13.38 40.57 -23.72
C VAL F 366 -13.99 39.60 -24.75
N PRO F 367 -13.15 38.99 -25.62
CA PRO F 367 -13.68 38.01 -26.59
C PRO F 367 -14.55 36.87 -26.03
N ILE F 368 -14.11 36.20 -24.96
CA ILE F 368 -14.82 35.00 -24.45
C ILE F 368 -15.36 35.20 -23.04
N GLN F 369 -16.66 35.02 -22.86
CA GLN F 369 -17.22 35.01 -21.52
C GLN F 369 -17.35 33.58 -21.01
N LEU F 370 -16.85 33.39 -19.80
CA LEU F 370 -16.92 32.09 -19.12
C LEU F 370 -18.18 32.16 -18.29
N LEU F 371 -19.11 31.25 -18.52
CA LEU F 371 -20.35 31.25 -17.76
C LEU F 371 -20.37 30.04 -16.82
N PRO F 372 -20.72 30.24 -15.55
CA PRO F 372 -20.76 29.02 -14.69
C PRO F 372 -21.77 27.98 -15.19
N LEU F 373 -21.47 26.70 -14.99
CA LEU F 373 -22.46 25.67 -15.27
C LEU F 373 -23.70 25.92 -14.42
N GLU F 374 -24.84 25.37 -14.79
CA GLU F 374 -26.02 25.84 -14.14
C GLU F 374 -26.08 25.57 -12.63
N GLY F 375 -26.51 26.59 -11.88
CA GLY F 375 -26.61 26.51 -10.42
C GLY F 375 -25.30 26.75 -9.73
N SER F 376 -24.26 27.02 -10.52
CA SER F 376 -22.89 27.16 -10.04
C SER F 376 -22.49 28.62 -9.85
N ASN F 377 -21.51 28.84 -8.99
CA ASN F 377 -21.07 30.20 -8.74
C ASN F 377 -19.83 30.55 -9.61
N GLY F 378 -19.33 31.76 -9.50
CA GLY F 378 -18.14 32.15 -10.28
C GLY F 378 -16.85 31.44 -9.92
N LEU F 379 -16.66 31.12 -8.63
CA LEU F 379 -15.51 30.32 -8.20
C LEU F 379 -15.47 28.94 -8.87
N SER F 380 -16.62 28.30 -9.07
CA SER F 380 -16.67 27.02 -9.79
C SER F 380 -15.96 27.06 -11.15
N LEU F 381 -15.83 28.25 -11.72
CA LEU F 381 -15.16 28.46 -13.01
C LEU F 381 -13.64 28.18 -13.03
N GLN F 382 -13.06 27.94 -11.87
CA GLN F 382 -11.67 27.51 -11.79
C GLN F 382 -11.52 26.06 -12.22
N TYR F 383 -12.64 25.36 -12.34
CA TYR F 383 -12.62 23.94 -12.64
C TYR F 383 -13.36 23.56 -13.91
N ASP F 384 -14.41 24.27 -14.25
CA ASP F 384 -15.20 23.94 -15.44
C ASP F 384 -16.17 25.09 -15.68
N GLY F 385 -16.66 25.20 -16.92
CA GLY F 385 -17.71 26.20 -17.23
C GLY F 385 -18.25 26.09 -18.64
N GLU F 386 -19.09 27.05 -19.00
CA GLU F 386 -19.62 27.18 -20.38
C GLU F 386 -18.89 28.29 -21.15
N ILE F 387 -18.53 28.00 -22.40
CA ILE F 387 -17.87 28.94 -23.30
C ILE F 387 -18.95 29.77 -24.03
N SER F 388 -18.81 31.08 -23.94
CA SER F 388 -19.72 31.98 -24.61
C SER F 388 -18.89 33.03 -25.35
N THR F 389 -18.98 33.03 -26.68
CA THR F 389 -18.33 34.08 -27.49
C THR F 389 -19.14 35.36 -27.43
N THR F 390 -18.43 36.47 -27.25
CA THR F 390 -19.04 37.80 -27.32
C THR F 390 -18.93 38.35 -28.76
N LYS F 391 -19.62 39.45 -29.06
CA LYS F 391 -19.49 40.06 -30.41
C LYS F 391 -18.11 40.72 -30.62
N MET F 392 -17.45 41.04 -29.49
CA MET F 392 -16.09 41.57 -29.49
C MET F 392 -15.10 40.54 -30.00
N LEU F 393 -15.36 39.25 -29.73
CA LEU F 393 -14.55 38.22 -30.36
C LEU F 393 -14.68 38.31 -31.90
N TRP F 394 -15.91 38.40 -32.38
CA TRP F 394 -16.20 38.37 -33.81
C TRP F 394 -15.78 39.62 -34.53
N THR F 395 -15.94 40.79 -33.91
CA THR F 395 -15.48 42.01 -34.54
C THR F 395 -13.95 42.07 -34.50
N THR F 396 -13.33 41.44 -33.47
CA THR F 396 -11.87 41.37 -33.50
C THR F 396 -11.45 40.51 -34.69
N ALA F 397 -12.18 39.42 -34.89
CA ALA F 397 -11.85 38.42 -35.94
C ALA F 397 -12.02 39.00 -37.35
N ASN F 398 -13.01 39.91 -37.50
CA ASN F 398 -13.13 40.72 -38.72
C ASN F 398 -11.76 41.20 -39.21
N TYR F 399 -10.93 41.66 -38.26
CA TYR F 399 -9.52 41.99 -38.51
C TYR F 399 -8.60 40.76 -38.41
N SER F 400 -8.56 40.10 -37.25
CA SER F 400 -7.47 39.16 -36.96
C SER F 400 -7.45 37.92 -37.84
N PHE F 401 -8.62 37.41 -38.17
CA PHE F 401 -8.67 36.18 -38.98
C PHE F 401 -8.11 36.45 -40.39
N PHE F 402 -8.22 37.71 -40.86
CA PHE F 402 -7.86 38.08 -42.23
C PHE F 402 -6.59 38.93 -42.43
N VAL F 403 -6.35 39.87 -41.51
CA VAL F 403 -5.17 40.74 -41.59
C VAL F 403 -4.05 40.02 -40.86
N ARG F 404 -3.13 39.45 -41.64
CA ARG F 404 -2.14 38.49 -41.11
C ARG F 404 -0.78 39.16 -41.02
N PRO F 405 0.14 38.60 -40.19
CA PRO F 405 1.52 39.10 -40.05
C PRO F 405 2.24 39.29 -41.39
N GLY F 406 2.94 40.41 -41.50
CA GLY F 406 3.68 40.72 -42.71
C GLY F 406 2.87 41.42 -43.79
N MET F 407 1.54 41.48 -43.65
CA MET F 407 0.70 42.33 -44.51
C MET F 407 1.02 43.77 -44.20
N LYS F 408 0.73 44.65 -45.15
CA LYS F 408 0.82 46.09 -44.93
C LYS F 408 -0.52 46.76 -45.04
N ARG F 409 -0.72 47.81 -44.26
CA ARG F 409 -1.87 48.67 -44.45
C ARG F 409 -1.65 49.55 -45.70
N ILE F 410 -2.69 49.71 -46.50
CA ILE F 410 -2.61 50.47 -47.75
C ILE F 410 -3.68 51.54 -47.76
N ALA F 411 -3.50 52.60 -48.54
CA ALA F 411 -4.53 53.67 -48.60
C ALA F 411 -5.88 53.21 -49.22
N ILE F 412 -6.97 53.69 -48.62
CA ILE F 412 -8.33 53.55 -49.11
C ILE F 412 -9.10 54.80 -48.69
N LYS F 413 -9.40 55.64 -49.67
CA LYS F 413 -10.01 56.95 -49.42
C LYS F 413 -11.35 57.05 -50.15
N PRO F 414 -12.35 57.71 -49.52
CA PRO F 414 -13.58 58.00 -50.25
C PRO F 414 -13.36 59.10 -51.30
N THR F 415 -14.40 59.42 -52.04
CA THR F 415 -14.28 60.45 -53.07
C THR F 415 -14.57 61.81 -52.46
N TYR F 416 -15.26 61.80 -51.33
CA TYR F 416 -15.58 62.99 -50.53
C TYR F 416 -14.68 62.99 -49.28
N LYS F 417 -14.14 64.15 -48.90
CA LYS F 417 -13.46 64.28 -47.60
C LYS F 417 -14.40 64.03 -46.39
N ILE F 418 -13.99 63.11 -45.51
CA ILE F 418 -14.61 62.90 -44.19
C ILE F 418 -13.56 63.12 -43.12
N SER F 419 -13.92 63.73 -42.00
CA SER F 419 -12.94 63.91 -40.93
C SER F 419 -12.87 62.66 -40.05
N ASP F 420 -11.66 62.39 -39.53
CA ASP F 420 -11.47 61.36 -38.51
C ASP F 420 -12.65 61.29 -37.53
N LEU F 421 -13.03 62.44 -36.97
CA LEU F 421 -14.12 62.51 -36.02
C LEU F 421 -15.50 62.11 -36.56
N GLU F 422 -15.82 62.56 -37.78
CA GLU F 422 -17.12 62.26 -38.40
C GLU F 422 -17.20 60.77 -38.73
N ALA F 423 -16.12 60.22 -39.25
CA ALA F 423 -16.00 58.82 -39.53
C ALA F 423 -16.29 57.95 -38.27
N ALA F 424 -15.84 58.44 -37.11
CA ALA F 424 -15.91 57.73 -35.82
C ALA F 424 -17.32 57.35 -35.34
N THR F 425 -18.33 58.06 -35.83
CA THR F 425 -19.72 57.72 -35.50
C THR F 425 -20.53 57.39 -36.74
N SER F 426 -19.86 57.07 -37.83
CA SER F 426 -20.59 56.79 -39.06
C SER F 426 -19.99 55.62 -39.82
N LEU F 427 -18.94 55.85 -40.62
CA LEU F 427 -18.39 54.78 -41.45
C LEU F 427 -16.87 54.74 -41.36
N MET F 428 -16.30 53.58 -41.06
CA MET F 428 -14.87 53.49 -40.90
C MET F 428 -14.44 52.36 -41.80
N ILE F 429 -13.37 52.55 -42.54
CA ILE F 429 -12.93 51.48 -43.42
C ILE F 429 -11.43 51.53 -43.68
N SER F 430 -10.76 50.39 -43.71
CA SER F 430 -9.31 50.30 -43.91
C SER F 430 -8.97 49.07 -44.72
N SER F 431 -7.77 49.05 -45.32
CA SER F 431 -7.38 47.98 -46.21
C SER F 431 -5.95 47.59 -45.98
N TYR F 432 -5.64 46.34 -46.34
CA TYR F 432 -4.39 45.65 -46.01
C TYR F 432 -4.16 44.65 -47.12
N THR F 433 -2.89 44.35 -47.39
CA THR F 433 -2.54 43.45 -48.47
C THR F 433 -1.21 42.77 -48.18
N ASP F 434 -1.08 41.51 -48.63
CA ASP F 434 0.20 40.81 -48.58
C ASP F 434 0.79 40.73 -49.99
N GLY F 435 0.15 41.43 -50.94
CA GLY F 435 0.48 41.30 -52.35
C GLY F 435 -0.29 40.21 -53.09
N LYS F 436 -1.03 39.36 -52.39
CA LYS F 436 -1.76 38.29 -53.07
C LYS F 436 -3.26 38.38 -52.81
N GLU F 437 -3.65 39.09 -51.75
CA GLU F 437 -5.03 39.17 -51.30
C GLU F 437 -5.16 40.60 -50.83
N VAL F 438 -6.34 41.20 -51.05
CA VAL F 438 -6.62 42.49 -50.43
C VAL F 438 -7.81 42.38 -49.48
N VAL F 439 -7.59 42.82 -48.27
CA VAL F 439 -8.54 42.66 -47.18
C VAL F 439 -9.01 44.04 -46.80
N THR F 440 -10.32 44.22 -46.80
CA THR F 440 -10.87 45.50 -46.40
C THR F 440 -11.84 45.26 -45.26
N VAL F 441 -11.77 46.12 -44.24
CA VAL F 441 -12.69 46.00 -43.11
C VAL F 441 -13.48 47.27 -42.93
N ALA F 442 -14.81 47.15 -43.02
CA ALA F 442 -15.70 48.28 -42.85
C ALA F 442 -16.60 48.18 -41.62
N ILE F 443 -16.55 49.22 -40.79
CA ILE F 443 -17.46 49.39 -39.69
C ILE F 443 -18.54 50.41 -40.03
N ASN F 444 -19.76 49.92 -40.07
CA ASN F 444 -20.90 50.80 -40.12
C ASN F 444 -21.39 51.11 -38.70
N TYR F 445 -20.94 52.24 -38.19
CA TYR F 445 -21.31 52.68 -36.86
C TYR F 445 -22.71 53.31 -36.79
N SER F 446 -23.24 53.71 -37.94
CA SER F 446 -24.52 54.39 -38.00
C SER F 446 -25.69 53.44 -37.84
N LYS F 447 -26.85 54.01 -37.55
CA LYS F 447 -28.12 53.30 -37.42
C LYS F 447 -28.79 53.07 -38.78
N GLU F 448 -28.05 53.32 -39.87
CA GLU F 448 -28.59 53.12 -41.22
C GLU F 448 -27.77 52.17 -42.10
N ASN F 449 -28.47 51.38 -42.89
CA ASN F 449 -27.85 50.59 -43.95
C ASN F 449 -27.13 51.52 -44.93
N GLN F 450 -25.97 51.10 -45.39
CA GLN F 450 -25.24 51.86 -46.37
C GLN F 450 -24.81 50.93 -47.49
N VAL F 451 -24.85 51.43 -48.72
CA VAL F 451 -24.28 50.73 -49.87
C VAL F 451 -22.98 51.44 -50.24
N ILE F 452 -21.92 50.69 -50.50
CA ILE F 452 -20.68 51.31 -50.96
C ILE F 452 -20.19 50.64 -52.25
N SER F 453 -19.31 51.35 -52.97
CA SER F 453 -18.59 50.75 -54.10
C SER F 453 -17.11 50.69 -53.77
N LEU F 454 -16.55 49.51 -53.89
CA LEU F 454 -15.16 49.33 -53.60
C LEU F 454 -14.37 49.19 -54.88
N ASN F 455 -13.46 50.14 -55.10
CA ASN F 455 -12.54 50.08 -56.22
C ASN F 455 -11.20 49.53 -55.80
N CYS F 456 -10.93 48.33 -56.30
CA CYS F 456 -9.76 47.59 -55.91
C CYS F 456 -9.13 47.00 -57.18
N ASP F 457 -8.21 47.77 -57.76
CA ASP F 457 -7.70 47.53 -59.11
C ASP F 457 -8.84 47.17 -60.07
N HIS F 458 -8.70 46.07 -60.79
CA HIS F 458 -9.69 45.75 -61.81
C HIS F 458 -10.82 44.87 -61.25
N ALA F 459 -10.77 44.59 -59.94
CA ALA F 459 -11.55 43.49 -59.33
C ALA F 459 -13.07 43.61 -59.40
N GLN F 460 -13.71 42.51 -59.75
CA GLN F 460 -15.17 42.43 -59.81
C GLN F 460 -15.84 42.14 -58.45
N LYS F 461 -15.28 41.19 -57.71
CA LYS F 461 -15.96 40.67 -56.54
C LYS F 461 -14.99 40.41 -55.41
N GLY F 462 -15.55 40.18 -54.21
CA GLY F 462 -14.80 39.73 -53.03
C GLY F 462 -15.68 38.90 -52.12
N LYS F 463 -15.04 38.14 -51.25
CA LYS F 463 -15.73 37.37 -50.19
C LYS F 463 -16.06 38.28 -49.01
N VAL F 464 -17.29 38.17 -48.54
CA VAL F 464 -17.85 39.11 -47.57
C VAL F 464 -18.17 38.35 -46.28
N TYR F 465 -17.68 38.85 -45.15
CA TYR F 465 -17.86 38.24 -43.84
C TYR F 465 -18.40 39.29 -42.88
N LEU F 466 -19.61 39.07 -42.39
CA LEU F 466 -20.37 40.06 -41.66
C LEU F 466 -20.62 39.71 -40.18
N THR F 467 -20.35 40.66 -39.28
CA THR F 467 -20.75 40.57 -37.87
C THR F 467 -21.80 41.64 -37.54
N THR F 468 -22.95 41.20 -37.00
CA THR F 468 -24.06 42.07 -36.66
C THR F 468 -24.71 41.54 -35.38
N ILE F 469 -25.76 42.19 -34.89
CA ILE F 469 -26.58 41.71 -33.76
C ILE F 469 -26.93 40.19 -33.80
N ASP F 470 -27.09 39.66 -35.02
CA ASP F 470 -27.59 38.35 -35.45
C ASP F 470 -26.53 37.39 -36.03
N LYS F 471 -25.32 37.91 -36.31
CA LYS F 471 -24.33 37.21 -37.12
C LYS F 471 -22.97 37.27 -36.47
N ASN F 472 -22.35 36.11 -36.34
CA ASN F 472 -20.99 36.01 -35.80
C ASN F 472 -20.06 35.76 -36.97
N LEU F 473 -19.44 36.82 -37.49
CA LEU F 473 -18.63 36.76 -38.70
C LEU F 473 -19.12 35.69 -39.72
N ARG F 474 -20.38 35.84 -40.15
CA ARG F 474 -20.95 34.93 -41.14
C ARG F 474 -20.40 35.17 -42.56
N TYR F 475 -19.97 34.10 -43.23
CA TYR F 475 -19.63 34.16 -44.64
C TYR F 475 -20.90 34.41 -45.45
N MET F 476 -20.87 35.48 -46.24
CA MET F 476 -22.06 35.95 -46.94
C MET F 476 -22.02 35.64 -48.43
N GLY F 477 -20.97 34.95 -48.86
CA GLY F 477 -20.75 34.67 -50.24
C GLY F 477 -19.87 35.71 -50.93
N GLU F 478 -19.57 35.44 -52.19
CA GLU F 478 -18.91 36.39 -53.05
C GLU F 478 -19.91 37.45 -53.49
N GLN F 479 -19.42 38.68 -53.48
CA GLN F 479 -20.26 39.83 -53.67
C GLN F 479 -19.62 40.86 -54.61
N PRO F 480 -20.46 41.54 -55.46
CA PRO F 480 -19.91 42.52 -56.41
C PRO F 480 -19.40 43.73 -55.69
N LEU F 481 -18.11 44.01 -55.85
CA LEU F 481 -17.50 45.16 -55.21
C LEU F 481 -18.22 46.47 -55.51
N LYS F 482 -18.90 46.54 -56.65
CA LYS F 482 -19.58 47.77 -57.07
C LYS F 482 -20.81 48.10 -56.23
N LYS F 483 -21.43 47.08 -55.67
CA LYS F 483 -22.63 47.26 -54.84
C LYS F 483 -22.55 46.41 -53.51
N LEU F 484 -21.78 46.94 -52.57
CA LEU F 484 -21.56 46.28 -51.28
C LEU F 484 -22.48 46.81 -50.22
N GLN F 485 -23.28 45.89 -49.71
CA GLN F 485 -24.38 46.14 -48.81
C GLN F 485 -23.85 46.09 -47.36
N LEU F 486 -23.81 47.23 -46.66
CA LEU F 486 -23.30 47.30 -45.28
C LEU F 486 -24.41 47.66 -44.30
N PRO F 487 -24.94 46.64 -43.58
CA PRO F 487 -26.05 46.85 -42.66
C PRO F 487 -25.70 47.84 -41.53
N ALA F 488 -26.72 48.49 -40.99
CA ALA F 488 -26.60 49.32 -39.83
C ALA F 488 -25.89 48.52 -38.73
N ARG F 489 -24.98 49.17 -38.00
CA ARG F 489 -24.40 48.60 -36.76
C ARG F 489 -23.76 47.24 -37.03
N SER F 490 -22.81 47.22 -37.95
CA SER F 490 -22.20 45.99 -38.42
C SER F 490 -20.72 46.18 -38.70
N VAL F 491 -20.01 45.06 -38.84
CA VAL F 491 -18.62 45.08 -39.30
C VAL F 491 -18.54 44.06 -40.42
N ALA F 492 -17.93 44.46 -41.54
CA ALA F 492 -17.81 43.59 -42.71
C ALA F 492 -16.37 43.54 -43.17
N THR F 493 -15.90 42.34 -43.45
CA THR F 493 -14.58 42.16 -44.01
C THR F 493 -14.82 41.64 -45.42
N ILE F 494 -14.12 42.25 -46.37
CA ILE F 494 -14.22 41.94 -47.80
C ILE F 494 -12.86 41.54 -48.27
N VAL F 495 -12.74 40.31 -48.73
CA VAL F 495 -11.48 39.77 -49.16
C VAL F 495 -11.50 39.59 -50.69
N VAL F 496 -10.50 40.17 -51.36
CA VAL F 496 -10.39 40.17 -52.82
C VAL F 496 -9.21 39.31 -53.28
#